data_7UYI
#
_entry.id   7UYI
#
_cell.length_a   264.849
_cell.length_b   77.560
_cell.length_c   222.523
_cell.angle_alpha   90.000
_cell.angle_beta   93.773
_cell.angle_gamma   90.000
#
_symmetry.space_group_name_H-M   'C 1 2 1'
#
loop_
_entity.id
_entity.type
_entity.pdbx_description
1 polymer 'COBRA P1 HA'
2 branched alpha-D-mannopyranose-(1-3)-beta-D-mannopyranose-(1-4)-2-acetamido-2-deoxy-beta-D-glucopyranose-(1-4)-2-acetamido-2-deoxy-beta-D-glucopyranose
3 branched 2-acetamido-2-deoxy-beta-D-glucopyranose-(1-4)-2-acetamido-2-deoxy-beta-D-glucopyranose
4 branched beta-D-mannopyranose-(1-4)-2-acetamido-2-deoxy-beta-D-glucopyranose-(1-4)-2-acetamido-2-deoxy-beta-D-glucopyranose
5 branched alpha-D-mannopyranose-(1-3)-[alpha-D-mannopyranose-(1-6)]beta-D-mannopyranose-(1-4)-2-acetamido-2-deoxy-beta-D-glucopyranose-(1-4)-2-acetamido-2-deoxy-beta-D-glucopyranose
6 non-polymer 2-acetamido-2-deoxy-beta-D-glucopyranose
7 water water
#
_entity_poly.entity_id   1
_entity_poly.type   'polypeptide(L)'
_entity_poly.pdbx_seq_one_letter_code
;ATDADTICIGYHANNSTDTVDTVLEKNVTVTHSVNLLEDSHNGKLCKLKGIAPLQLGKCNIAGWLLGNPECESLLSARSW
SYIVETPNSENGTCYPGDFIDYEELREQLSSVSSFERFEIFPKESSWPNHNTTKGVTAACSHAGKSSFYRNLLWLTKKGG
SYPKLSKSYVNNKGKEVLVLWGVHHPSTSTDQQSLYQNENAYVSVVSSNYNRRFTPEIAERPKVRGQAGRMNYYWTLLEP
GDTIIFEATGNLIAPWYAFALSRGSGSGIITSNASMHECNTKCQTPQGAINSSLPFQNIHPVTIGECPKYVRSTKLRMVT
GLRNIPSIQSRGLFGAIAGFIEGGWTGMIDGWYGYHHQNEQGSGYAADQKSTQNAINGITNKVNSVIEKMNTQFTAVGKE
FNNLEKRMENLNKKVDDGFLDIWTYNAELLVLLENERTLDFHDSNVKNLYEKVKSQLRNNAKEIGNGCFEFYHKCDNECM
ESVKNGTYDYPKYSEESKLNREKIDGVKLLVPR
;
_entity_poly.pdbx_strand_id   A,B,C,E,F,D
#
loop_
_chem_comp.id
_chem_comp.type
_chem_comp.name
_chem_comp.formula
BMA D-saccharide, beta linking beta-D-mannopyranose 'C6 H12 O6'
MAN D-saccharide, alpha linking alpha-D-mannopyranose 'C6 H12 O6'
NAG D-saccharide, beta linking 2-acetamido-2-deoxy-beta-D-glucopyranose 'C8 H15 N O6'
#
# COMPACT_ATOMS: atom_id res chain seq x y z
N ALA A 4 -12.81 -1.29 74.02
CA ALA A 4 -12.51 0.06 73.55
C ALA A 4 -13.65 0.62 72.71
N ASP A 5 -13.96 1.89 72.92
CA ASP A 5 -15.02 2.54 72.15
C ASP A 5 -14.61 2.65 70.68
N THR A 6 -15.55 2.38 69.79
CA THR A 6 -15.27 2.31 68.36
C THR A 6 -16.34 3.07 67.58
N ILE A 7 -15.91 3.77 66.53
CA ILE A 7 -16.80 4.41 65.58
C ILE A 7 -16.38 3.98 64.18
N CYS A 8 -17.36 3.68 63.32
CA CYS A 8 -17.12 3.18 61.99
C CYS A 8 -17.79 4.08 60.95
N ILE A 9 -17.30 3.98 59.72
CA ILE A 9 -17.85 4.69 58.57
C ILE A 9 -18.14 3.67 57.47
N GLY A 10 -19.36 3.69 56.95
CA GLY A 10 -19.76 2.73 55.94
C GLY A 10 -20.86 3.24 55.03
N TYR A 11 -21.39 2.37 54.18
CA TYR A 11 -22.43 2.74 53.23
C TYR A 11 -23.62 1.81 53.37
N HIS A 12 -24.71 2.18 52.69
CA HIS A 12 -25.99 1.51 52.82
C HIS A 12 -26.00 0.19 52.04
N ALA A 13 -26.83 -0.74 52.51
CA ALA A 13 -27.05 -2.00 51.82
C ALA A 13 -28.49 -2.43 52.03
N ASN A 14 -28.99 -3.22 51.09
CA ASN A 14 -30.38 -3.67 51.11
C ASN A 14 -30.46 -5.03 50.41
N ASN A 15 -31.68 -5.44 50.08
CA ASN A 15 -31.94 -6.72 49.41
C ASN A 15 -32.24 -6.53 47.94
N SER A 16 -31.45 -5.73 47.23
CA SER A 16 -31.80 -5.34 45.87
C SER A 16 -30.92 -6.08 44.88
N THR A 17 -31.57 -6.81 43.98
CA THR A 17 -30.89 -7.60 42.97
C THR A 17 -30.78 -6.86 41.63
N ASP A 18 -31.14 -5.58 41.61
CA ASP A 18 -31.03 -4.80 40.39
C ASP A 18 -29.57 -4.68 39.98
N THR A 19 -29.30 -4.93 38.69
CA THR A 19 -27.96 -4.89 38.15
C THR A 19 -27.86 -3.80 37.09
N VAL A 20 -26.70 -3.14 37.06
CA VAL A 20 -26.43 -2.08 36.11
C VAL A 20 -25.09 -2.37 35.43
N ASP A 21 -24.87 -1.70 34.31
CA ASP A 21 -23.65 -1.87 33.53
C ASP A 21 -22.89 -0.54 33.46
N THR A 22 -21.57 -0.63 33.51
CA THR A 22 -20.68 0.49 33.31
C THR A 22 -19.70 0.18 32.19
N VAL A 23 -18.83 1.16 31.89
CA VAL A 23 -17.81 0.95 30.87
C VAL A 23 -16.75 -0.02 31.38
N LEU A 24 -16.38 0.10 32.66
CA LEU A 24 -15.29 -0.69 33.21
C LEU A 24 -15.74 -2.10 33.60
N GLU A 25 -16.96 -2.23 34.11
CA GLU A 25 -17.44 -3.52 34.61
C GLU A 25 -18.92 -3.67 34.29
N LYS A 26 -19.38 -4.91 34.28
CA LYS A 26 -20.76 -5.25 33.91
C LYS A 26 -21.46 -5.93 35.08
N ASN A 27 -22.80 -5.89 35.03
CA ASN A 27 -23.66 -6.55 36.00
C ASN A 27 -23.29 -6.21 37.44
N VAL A 28 -23.15 -4.91 37.70
CA VAL A 28 -22.90 -4.39 39.04
C VAL A 28 -24.22 -4.25 39.77
N THR A 29 -24.38 -4.99 40.86
CA THR A 29 -25.58 -4.87 41.68
C THR A 29 -25.54 -3.57 42.47
N VAL A 30 -26.65 -2.83 42.46
CA VAL A 30 -26.72 -1.52 43.11
C VAL A 30 -27.91 -1.52 44.06
N THR A 31 -27.83 -0.63 45.06
CA THR A 31 -28.90 -0.54 46.06
C THR A 31 -30.14 0.13 45.48
N HIS A 32 -29.98 1.19 44.72
CA HIS A 32 -31.10 1.93 44.15
C HIS A 32 -30.82 2.26 42.70
N SER A 33 -31.86 2.20 41.87
CA SER A 33 -31.74 2.48 40.46
C SER A 33 -33.10 2.89 39.91
N VAL A 34 -33.08 3.49 38.73
CA VAL A 34 -34.29 3.93 38.04
C VAL A 34 -34.24 3.38 36.61
N ASN A 35 -35.40 2.95 36.12
CA ASN A 35 -35.53 2.41 34.77
C ASN A 35 -35.97 3.52 33.83
N LEU A 36 -35.18 3.78 32.80
CA LEU A 36 -35.51 4.77 31.78
C LEU A 36 -36.18 4.17 30.56
N LEU A 37 -36.34 2.85 30.51
CA LEU A 37 -36.93 2.16 29.37
C LEU A 37 -38.30 1.63 29.75
N GLU A 38 -39.30 1.98 28.94
CA GLU A 38 -40.66 1.53 29.16
C GLU A 38 -40.95 0.34 28.24
N ASP A 39 -41.37 -0.78 28.82
CA ASP A 39 -41.66 -1.98 28.05
C ASP A 39 -43.05 -2.53 28.32
N SER A 40 -43.92 -1.77 28.99
CA SER A 40 -45.25 -2.22 29.36
C SER A 40 -46.30 -1.36 28.67
N HIS A 41 -47.29 -2.02 28.08
CA HIS A 41 -48.41 -1.34 27.44
C HIS A 41 -49.69 -2.08 27.80
N ASN A 42 -50.82 -1.37 27.72
CA ASN A 42 -52.11 -1.95 28.09
C ASN A 42 -52.60 -2.97 27.08
N GLY A 43 -52.09 -2.94 25.85
CA GLY A 43 -52.49 -3.91 24.85
C GLY A 43 -53.82 -3.64 24.20
N LYS A 44 -54.36 -2.43 24.31
CA LYS A 44 -55.65 -2.11 23.74
C LYS A 44 -55.56 -0.84 22.90
N LEU A 45 -56.48 -0.71 21.94
CA LEU A 45 -56.62 0.51 21.16
C LEU A 45 -57.47 1.48 21.97
N CYS A 46 -56.87 2.58 22.42
CA CYS A 46 -57.54 3.53 23.28
C CYS A 46 -57.97 4.78 22.51
N LYS A 47 -58.87 5.53 23.12
CA LYS A 47 -59.27 6.82 22.57
C LYS A 47 -58.17 7.85 22.79
N LEU A 48 -58.01 8.75 21.83
CA LEU A 48 -57.04 9.84 21.94
C LEU A 48 -57.82 11.14 22.15
N LYS A 49 -57.53 11.82 23.25
CA LYS A 49 -58.24 13.06 23.63
C LYS A 49 -59.74 12.83 23.73
N GLY A 50 -60.15 11.63 24.13
CA GLY A 50 -61.56 11.30 24.21
C GLY A 50 -62.25 11.11 22.87
N ILE A 51 -61.50 10.99 21.78
CA ILE A 51 -62.04 10.81 20.45
C ILE A 51 -61.66 9.42 19.96
N ALA A 52 -62.66 8.64 19.55
CA ALA A 52 -62.42 7.26 19.14
C ALA A 52 -61.72 7.21 17.78
N PRO A 53 -60.82 6.26 17.58
CA PRO A 53 -60.20 6.09 16.27
C PRO A 53 -61.18 5.41 15.30
N LEU A 54 -60.92 5.61 14.01
CA LEU A 54 -61.73 5.01 12.96
C LEU A 54 -61.13 3.66 12.59
N GLN A 55 -61.87 2.58 12.85
CA GLN A 55 -61.40 1.23 12.56
C GLN A 55 -62.04 0.77 11.25
N LEU A 56 -61.20 0.58 10.23
CA LEU A 56 -61.70 0.18 8.92
C LEU A 56 -62.14 -1.28 8.88
N GLY A 57 -61.56 -2.12 9.74
CA GLY A 57 -61.93 -3.52 9.72
C GLY A 57 -61.38 -4.20 8.48
N LYS A 58 -62.25 -4.91 7.76
CA LYS A 58 -61.86 -5.63 6.56
C LYS A 58 -61.74 -4.74 5.33
N CYS A 59 -61.65 -3.43 5.52
CA CYS A 59 -61.58 -2.48 4.41
C CYS A 59 -60.29 -1.69 4.48
N ASN A 60 -59.74 -1.34 3.32
CA ASN A 60 -58.58 -0.46 3.23
C ASN A 60 -59.03 0.97 2.96
N ILE A 61 -58.05 1.86 2.81
CA ILE A 61 -58.36 3.27 2.54
C ILE A 61 -59.11 3.41 1.23
N ALA A 62 -58.68 2.67 0.19
CA ALA A 62 -59.35 2.76 -1.10
C ALA A 62 -60.81 2.35 -1.01
N GLY A 63 -61.09 1.20 -0.39
CA GLY A 63 -62.47 0.76 -0.25
C GLY A 63 -63.31 1.65 0.64
N TRP A 64 -62.68 2.28 1.63
CA TRP A 64 -63.43 3.14 2.54
C TRP A 64 -63.91 4.42 1.86
N LEU A 65 -63.03 5.10 1.13
CA LEU A 65 -63.41 6.35 0.50
C LEU A 65 -64.26 6.14 -0.75
N LEU A 66 -63.98 5.09 -1.53
CA LEU A 66 -64.73 4.84 -2.75
C LEU A 66 -66.16 4.41 -2.47
N GLY A 67 -66.45 3.90 -1.28
CA GLY A 67 -67.79 3.45 -0.96
C GLY A 67 -68.01 2.00 -1.34
N ASN A 68 -67.04 1.16 -1.01
CA ASN A 68 -67.15 -0.27 -1.30
C ASN A 68 -68.35 -0.85 -0.54
N PRO A 69 -69.12 -1.74 -1.17
CA PRO A 69 -70.33 -2.26 -0.51
C PRO A 69 -70.07 -2.95 0.83
N GLU A 70 -68.90 -3.60 0.99
CA GLU A 70 -68.56 -4.21 2.27
C GLU A 70 -68.18 -3.19 3.33
N CYS A 71 -67.98 -1.92 2.95
CA CYS A 71 -67.55 -0.87 3.86
C CYS A 71 -68.68 0.09 4.21
N GLU A 72 -69.92 -0.40 4.26
CA GLU A 72 -71.06 0.48 4.51
C GLU A 72 -71.12 0.98 5.94
N SER A 73 -70.46 0.32 6.89
CA SER A 73 -70.42 0.82 8.26
C SER A 73 -69.56 2.08 8.36
N LEU A 74 -68.61 2.25 7.44
CA LEU A 74 -67.72 3.40 7.45
C LEU A 74 -68.32 4.65 6.80
N LEU A 75 -69.50 4.52 6.18
CA LEU A 75 -70.11 5.67 5.52
C LEU A 75 -70.53 6.74 6.51
N SER A 76 -70.86 6.33 7.74
CA SER A 76 -71.33 7.23 8.78
C SER A 76 -70.20 7.82 9.62
N ALA A 77 -69.02 8.01 9.03
CA ALA A 77 -67.86 8.48 9.77
C ALA A 77 -67.70 9.97 9.58
N ARG A 78 -67.51 10.68 10.69
CA ARG A 78 -67.42 12.14 10.66
C ARG A 78 -66.17 12.65 11.34
N SER A 79 -65.71 11.97 12.38
CA SER A 79 -64.54 12.42 13.13
C SER A 79 -63.78 11.22 13.68
N TRP A 80 -62.46 11.37 13.79
CA TRP A 80 -61.62 10.32 14.35
C TRP A 80 -60.31 10.93 14.80
N SER A 81 -59.61 10.20 15.69
CA SER A 81 -58.28 10.60 16.15
C SER A 81 -57.17 9.98 15.30
N TYR A 82 -57.36 8.72 14.88
CA TYR A 82 -56.42 8.05 14.00
C TYR A 82 -57.14 6.90 13.32
N ILE A 83 -56.50 6.36 12.28
CA ILE A 83 -57.09 5.32 11.44
C ILE A 83 -56.36 4.01 11.71
N VAL A 84 -57.13 2.95 11.93
CA VAL A 84 -56.59 1.62 12.23
C VAL A 84 -56.96 0.68 11.10
N GLU A 85 -55.97 -0.08 10.61
CA GLU A 85 -56.18 -1.07 9.57
C GLU A 85 -55.81 -2.45 10.07
N THR A 86 -56.65 -3.42 9.73
CA THR A 86 -56.45 -4.81 10.10
C THR A 86 -55.49 -5.47 9.11
N PRO A 87 -54.81 -6.54 9.53
CA PRO A 87 -53.90 -7.22 8.59
C PRO A 87 -54.59 -7.77 7.35
N ASN A 88 -55.87 -8.11 7.43
CA ASN A 88 -56.58 -8.62 6.26
C ASN A 88 -57.61 -7.63 5.71
N SER A 89 -57.22 -6.37 5.54
CA SER A 89 -58.15 -5.37 4.99
C SER A 89 -58.10 -5.47 3.46
N GLU A 90 -58.77 -6.51 2.94
CA GLU A 90 -58.67 -6.85 1.54
C GLU A 90 -59.78 -6.26 0.66
N ASN A 91 -60.69 -5.47 1.21
CA ASN A 91 -61.83 -4.97 0.42
C ASN A 91 -61.50 -3.55 -0.05
N GLY A 92 -60.99 -3.45 -1.28
CA GLY A 92 -60.76 -2.18 -1.93
C GLY A 92 -60.81 -2.31 -3.44
N THR A 93 -61.43 -1.36 -4.13
CA THR A 93 -61.51 -1.33 -5.60
C THR A 93 -61.97 -2.69 -6.15
N CYS A 94 -63.23 -2.99 -5.85
CA CYS A 94 -63.80 -4.28 -6.25
C CYS A 94 -63.74 -4.48 -7.76
N TYR A 95 -63.96 -3.42 -8.53
CA TYR A 95 -63.72 -3.50 -9.97
C TYR A 95 -62.24 -3.32 -10.25
N PRO A 96 -61.61 -4.23 -10.98
CA PRO A 96 -60.16 -4.16 -11.17
C PRO A 96 -59.72 -2.87 -11.85
N GLY A 97 -58.56 -2.39 -11.44
CA GLY A 97 -58.01 -1.16 -11.97
C GLY A 97 -56.89 -0.65 -11.09
N ASP A 98 -56.46 0.58 -11.38
CA ASP A 98 -55.36 1.21 -10.67
C ASP A 98 -55.85 2.49 -10.00
N PHE A 99 -55.53 2.65 -8.71
CA PHE A 99 -55.87 3.85 -7.96
C PHE A 99 -54.68 4.80 -8.06
N ILE A 100 -54.81 5.83 -8.91
CA ILE A 100 -53.71 6.73 -9.17
C ILE A 100 -53.41 7.56 -7.92
N ASP A 101 -52.13 7.65 -7.58
CA ASP A 101 -51.67 8.41 -6.41
C ASP A 101 -52.35 7.95 -5.14
N TYR A 102 -52.54 6.62 -5.02
CA TYR A 102 -53.20 6.08 -3.84
C TYR A 102 -52.37 6.31 -2.59
N GLU A 103 -51.06 6.07 -2.66
CA GLU A 103 -50.20 6.29 -1.50
C GLU A 103 -50.17 7.77 -1.11
N GLU A 104 -50.19 8.66 -2.09
CA GLU A 104 -50.21 10.08 -1.79
C GLU A 104 -51.52 10.50 -1.12
N LEU A 105 -52.64 9.89 -1.53
CA LEU A 105 -53.91 10.19 -0.90
C LEU A 105 -53.91 9.76 0.56
N ARG A 106 -53.25 8.63 0.87
CA ARG A 106 -53.14 8.20 2.27
C ARG A 106 -52.37 9.23 3.09
N GLU A 107 -51.34 9.84 2.51
CA GLU A 107 -50.58 10.86 3.23
C GLU A 107 -51.45 12.07 3.55
N GLN A 108 -52.32 12.46 2.63
CA GLN A 108 -53.21 13.60 2.89
C GLN A 108 -54.15 13.31 4.05
N LEU A 109 -54.67 12.08 4.12
CA LEU A 109 -55.61 11.72 5.18
C LEU A 109 -54.93 11.68 6.54
N SER A 110 -53.61 11.45 6.58
CA SER A 110 -52.91 11.42 7.86
C SER A 110 -52.92 12.79 8.55
N SER A 111 -53.17 13.86 7.80
CA SER A 111 -53.35 15.19 8.36
C SER A 111 -54.81 15.62 8.43
N VAL A 112 -55.74 14.69 8.19
CA VAL A 112 -57.16 14.99 8.20
C VAL A 112 -57.75 14.48 9.51
N SER A 113 -58.36 15.37 10.28
CA SER A 113 -58.97 14.99 11.54
C SER A 113 -60.45 14.63 11.41
N SER A 114 -61.15 15.23 10.44
CA SER A 114 -62.58 14.98 10.28
C SER A 114 -63.02 15.49 8.91
N PHE A 115 -63.97 14.78 8.31
CA PHE A 115 -64.60 15.24 7.07
C PHE A 115 -66.11 15.09 7.18
N GLU A 116 -66.80 15.83 6.31
CA GLU A 116 -68.25 15.78 6.19
C GLU A 116 -68.59 15.19 4.83
N ARG A 117 -69.31 14.07 4.84
CA ARG A 117 -69.68 13.38 3.61
C ARG A 117 -70.98 13.98 3.09
N PHE A 118 -70.97 14.46 1.85
CA PHE A 118 -72.13 15.09 1.25
C PHE A 118 -72.27 14.61 -0.20
N GLU A 119 -73.50 14.71 -0.70
CA GLU A 119 -73.82 14.32 -2.07
C GLU A 119 -73.45 15.49 -3.00
N ILE A 120 -72.25 15.43 -3.56
CA ILE A 120 -71.79 16.50 -4.46
C ILE A 120 -72.67 16.57 -5.70
N PHE A 121 -73.02 15.43 -6.27
CA PHE A 121 -73.90 15.36 -7.43
C PHE A 121 -75.04 14.39 -7.14
N PRO A 122 -76.26 14.90 -6.90
CA PRO A 122 -77.38 13.99 -6.64
C PRO A 122 -77.61 13.03 -7.80
N LYS A 123 -77.92 11.78 -7.47
CA LYS A 123 -78.02 10.73 -8.48
C LYS A 123 -79.16 10.99 -9.45
N GLU A 124 -80.33 11.39 -8.94
CA GLU A 124 -81.49 11.54 -9.79
C GLU A 124 -81.55 12.89 -10.50
N SER A 125 -80.94 13.93 -9.92
CA SER A 125 -81.09 15.28 -10.44
C SER A 125 -79.98 15.69 -11.40
N SER A 126 -78.74 15.25 -11.15
CA SER A 126 -77.59 15.82 -11.86
C SER A 126 -77.57 15.43 -13.32
N TRP A 127 -77.97 14.21 -13.66
CA TRP A 127 -77.83 13.67 -15.01
C TRP A 127 -79.19 13.25 -15.55
N PRO A 128 -79.90 14.16 -16.24
CA PRO A 128 -81.19 13.76 -16.84
C PRO A 128 -81.05 13.07 -18.17
N ASN A 129 -79.93 13.27 -18.89
CA ASN A 129 -79.76 12.72 -20.22
C ASN A 129 -78.96 11.41 -20.22
N HIS A 130 -78.67 10.84 -19.05
CA HIS A 130 -77.88 9.62 -18.98
C HIS A 130 -78.54 8.65 -18.01
N ASN A 131 -78.25 7.36 -18.20
CA ASN A 131 -78.85 6.28 -17.41
C ASN A 131 -78.04 6.02 -16.15
N THR A 132 -78.64 6.30 -14.99
CA THR A 132 -78.03 6.10 -13.69
C THR A 132 -78.25 4.71 -13.08
N THR A 133 -79.11 3.87 -13.67
CA THR A 133 -79.42 2.57 -13.07
C THR A 133 -78.57 1.40 -13.56
N LYS A 134 -78.06 1.43 -14.79
CA LYS A 134 -77.37 0.27 -15.35
C LYS A 134 -76.03 -0.01 -14.70
N GLY A 135 -75.54 0.88 -13.84
CA GLY A 135 -74.24 0.76 -13.20
C GLY A 135 -74.01 -0.29 -12.11
N VAL A 136 -74.25 -1.56 -12.38
CA VAL A 136 -73.97 -2.62 -11.41
C VAL A 136 -73.08 -3.68 -12.06
N THR A 137 -72.10 -4.16 -11.29
CA THR A 137 -71.15 -5.16 -11.76
C THR A 137 -71.09 -6.33 -10.80
N ALA A 138 -70.69 -7.50 -11.33
CA ALA A 138 -70.62 -8.70 -10.50
C ALA A 138 -69.48 -8.64 -9.50
N ALA A 139 -68.40 -7.91 -9.83
CA ALA A 139 -67.27 -7.81 -8.92
C ALA A 139 -67.66 -7.06 -7.64
N CYS A 140 -68.45 -6.00 -7.78
CA CYS A 140 -68.92 -5.22 -6.64
C CYS A 140 -70.32 -5.68 -6.25
N SER A 141 -70.39 -6.91 -5.75
CA SER A 141 -71.66 -7.55 -5.43
C SER A 141 -71.93 -7.44 -3.94
N HIS A 142 -73.16 -7.06 -3.58
CA HIS A 142 -73.58 -6.97 -2.19
C HIS A 142 -74.90 -7.72 -2.04
N ALA A 143 -74.97 -8.56 -1.00
CA ALA A 143 -76.16 -9.36 -0.70
C ALA A 143 -76.56 -10.23 -1.89
N GLY A 144 -75.56 -10.81 -2.57
CA GLY A 144 -75.78 -11.70 -3.68
C GLY A 144 -76.15 -11.05 -5.00
N LYS A 145 -76.56 -9.78 -4.99
CA LYS A 145 -76.92 -9.08 -6.21
C LYS A 145 -75.82 -8.08 -6.58
N SER A 146 -75.67 -7.86 -7.89
CA SER A 146 -74.67 -6.92 -8.38
C SER A 146 -75.00 -5.50 -7.92
N SER A 147 -73.99 -4.80 -7.43
CA SER A 147 -74.14 -3.43 -6.93
C SER A 147 -72.93 -2.64 -7.39
N PHE A 148 -72.73 -1.46 -6.79
CA PHE A 148 -71.63 -0.59 -7.16
C PHE A 148 -71.19 0.21 -5.93
N TYR A 149 -70.18 1.05 -6.13
CA TYR A 149 -69.68 1.90 -5.06
C TYR A 149 -70.77 2.86 -4.59
N ARG A 150 -70.80 3.10 -3.28
CA ARG A 150 -71.79 4.01 -2.71
C ARG A 150 -71.45 5.48 -2.96
N ASN A 151 -70.19 5.79 -3.26
CA ASN A 151 -69.75 7.16 -3.50
C ASN A 151 -69.55 7.47 -4.98
N LEU A 152 -69.78 6.50 -5.86
CA LEU A 152 -69.60 6.68 -7.30
C LEU A 152 -70.86 6.28 -8.04
N LEU A 153 -71.08 6.90 -9.20
CA LEU A 153 -72.22 6.60 -10.06
C LEU A 153 -71.71 6.22 -11.44
N TRP A 154 -72.11 5.04 -11.91
CA TRP A 154 -71.73 4.54 -13.22
C TRP A 154 -72.75 5.05 -14.23
N LEU A 155 -72.33 5.99 -15.08
CA LEU A 155 -73.20 6.56 -16.10
C LEU A 155 -73.02 5.82 -17.41
N THR A 156 -74.13 5.41 -18.00
CA THR A 156 -74.14 4.70 -19.28
C THR A 156 -75.11 5.43 -20.22
N LYS A 157 -75.17 4.95 -21.46
CA LYS A 157 -76.00 5.61 -22.46
C LYS A 157 -77.49 5.42 -22.12
N LYS A 158 -78.27 6.46 -22.40
CA LYS A 158 -79.71 6.45 -22.15
C LYS A 158 -80.43 6.39 -23.50
N GLY A 159 -81.23 5.36 -23.71
CA GLY A 159 -81.93 5.20 -24.96
C GLY A 159 -81.01 5.03 -26.15
N GLY A 160 -79.87 4.37 -25.96
CA GLY A 160 -78.94 4.20 -27.05
C GLY A 160 -78.17 5.45 -27.44
N SER A 161 -78.14 6.45 -26.58
CA SER A 161 -77.46 7.71 -26.87
C SER A 161 -76.72 8.20 -25.63
N TYR A 162 -75.48 8.63 -25.82
CA TYR A 162 -74.66 9.23 -24.76
C TYR A 162 -74.34 10.66 -25.18
N PRO A 163 -75.15 11.63 -24.76
CA PRO A 163 -74.87 13.03 -25.12
C PRO A 163 -73.63 13.56 -24.42
N LYS A 164 -73.08 14.63 -24.98
CA LYS A 164 -71.95 15.30 -24.35
C LYS A 164 -72.34 15.82 -22.98
N LEU A 165 -71.51 15.52 -21.98
CA LEU A 165 -71.81 15.83 -20.59
C LEU A 165 -70.94 16.97 -20.09
N SER A 166 -71.55 17.92 -19.38
CA SER A 166 -70.83 19.05 -18.78
C SER A 166 -71.47 19.36 -17.44
N LYS A 167 -70.81 18.94 -16.36
CA LYS A 167 -71.27 19.14 -14.99
C LYS A 167 -70.21 19.87 -14.19
N SER A 168 -70.61 20.90 -13.45
CA SER A 168 -69.68 21.69 -12.64
C SER A 168 -70.17 21.75 -11.21
N TYR A 169 -69.21 21.90 -10.28
CA TYR A 169 -69.51 22.02 -8.86
C TYR A 169 -68.64 23.10 -8.25
N VAL A 170 -69.25 23.98 -7.44
CA VAL A 170 -68.56 25.05 -6.74
C VAL A 170 -68.49 24.68 -5.27
N ASN A 171 -67.31 24.85 -4.67
CA ASN A 171 -67.04 24.47 -3.28
C ASN A 171 -67.65 25.49 -2.34
N ASN A 172 -68.82 25.16 -1.77
CA ASN A 172 -69.48 26.01 -0.79
C ASN A 172 -69.13 25.65 0.65
N LYS A 173 -68.32 24.61 0.87
CA LYS A 173 -68.05 24.14 2.22
C LYS A 173 -67.03 24.99 2.97
N GLY A 174 -66.31 25.88 2.30
CA GLY A 174 -65.29 26.62 3.01
C GLY A 174 -64.15 25.75 3.48
N LYS A 175 -64.01 24.56 2.90
CA LYS A 175 -62.99 23.59 3.28
C LYS A 175 -62.46 22.94 2.02
N GLU A 176 -61.35 22.22 2.16
CA GLU A 176 -60.87 21.38 1.08
C GLU A 176 -61.88 20.27 0.83
N VAL A 177 -62.21 20.03 -0.44
CA VAL A 177 -63.19 19.02 -0.81
C VAL A 177 -62.47 17.93 -1.60
N LEU A 178 -62.56 16.70 -1.10
CA LEU A 178 -61.96 15.55 -1.77
C LEU A 178 -62.98 14.96 -2.75
N VAL A 179 -62.65 15.00 -4.04
CA VAL A 179 -63.53 14.52 -5.10
C VAL A 179 -62.92 13.26 -5.69
N LEU A 180 -63.72 12.20 -5.81
CA LEU A 180 -63.27 10.93 -6.35
C LEU A 180 -64.09 10.58 -7.58
N TRP A 181 -63.41 10.12 -8.62
CA TRP A 181 -64.07 9.72 -9.86
C TRP A 181 -63.28 8.61 -10.52
N GLY A 182 -63.91 7.97 -11.51
CA GLY A 182 -63.27 6.87 -12.21
C GLY A 182 -63.50 6.96 -13.71
N VAL A 183 -62.61 6.31 -14.44
CA VAL A 183 -62.69 6.19 -15.90
C VAL A 183 -62.69 4.70 -16.25
N HIS A 184 -63.72 4.26 -16.98
CA HIS A 184 -63.88 2.86 -17.30
C HIS A 184 -63.25 2.53 -18.65
N HIS A 185 -62.52 1.42 -18.70
CA HIS A 185 -61.85 0.96 -19.92
C HIS A 185 -62.43 -0.38 -20.36
N PRO A 186 -63.29 -0.41 -21.37
CA PRO A 186 -63.89 -1.68 -21.80
C PRO A 186 -62.87 -2.58 -22.48
N SER A 187 -63.17 -3.88 -22.48
CA SER A 187 -62.27 -4.86 -23.06
C SER A 187 -62.35 -4.92 -24.58
N THR A 188 -63.55 -4.74 -25.14
CA THR A 188 -63.74 -4.85 -26.58
C THR A 188 -64.59 -3.69 -27.06
N SER A 189 -64.46 -3.38 -28.36
CA SER A 189 -65.20 -2.26 -28.94
C SER A 189 -66.70 -2.47 -28.89
N THR A 190 -67.16 -3.72 -29.00
CA THR A 190 -68.60 -3.97 -28.89
C THR A 190 -69.12 -3.65 -27.50
N ASP A 191 -68.35 -3.99 -26.46
CA ASP A 191 -68.74 -3.65 -25.10
C ASP A 191 -68.69 -2.13 -24.87
N GLN A 192 -67.77 -1.45 -25.53
CA GLN A 192 -67.73 0.01 -25.42
C GLN A 192 -69.01 0.64 -25.96
N GLN A 193 -69.44 0.19 -27.15
CA GLN A 193 -70.67 0.72 -27.74
C GLN A 193 -71.90 0.32 -26.92
N SER A 194 -71.89 -0.88 -26.33
CA SER A 194 -73.04 -1.33 -25.55
C SER A 194 -73.27 -0.42 -24.34
N LEU A 195 -72.19 0.06 -23.73
CA LEU A 195 -72.31 0.94 -22.57
C LEU A 195 -72.31 2.41 -22.98
N TYR A 196 -71.48 2.76 -23.95
CA TYR A 196 -71.31 4.14 -24.42
C TYR A 196 -71.42 4.11 -25.94
N GLN A 197 -72.57 4.54 -26.45
CA GLN A 197 -72.85 4.51 -27.90
C GLN A 197 -71.71 5.05 -28.74
N ASN A 198 -70.91 5.96 -28.20
CA ASN A 198 -69.83 6.58 -28.96
C ASN A 198 -68.57 5.73 -28.83
N GLU A 199 -67.95 5.41 -29.96
CA GLU A 199 -66.78 4.54 -29.96
C GLU A 199 -65.57 5.28 -29.41
N ASN A 200 -65.20 6.40 -30.04
CA ASN A 200 -64.19 7.29 -29.51
C ASN A 200 -64.79 8.28 -28.50
N ALA A 201 -64.36 8.20 -27.24
CA ALA A 201 -64.83 9.07 -26.18
C ALA A 201 -63.64 9.62 -25.38
N TYR A 202 -63.88 10.76 -24.71
CA TYR A 202 -62.87 11.37 -23.85
C TYR A 202 -63.53 11.80 -22.55
N VAL A 203 -62.72 11.90 -21.50
CA VAL A 203 -63.15 12.39 -20.20
C VAL A 203 -62.22 13.53 -19.79
N SER A 204 -62.80 14.67 -19.40
CA SER A 204 -62.03 15.84 -19.03
C SER A 204 -62.43 16.31 -17.63
N VAL A 205 -61.45 16.44 -16.74
CA VAL A 205 -61.64 16.98 -15.41
C VAL A 205 -60.69 18.16 -15.25
N VAL A 206 -61.24 19.36 -15.09
CA VAL A 206 -60.45 20.58 -15.03
C VAL A 206 -60.90 21.42 -13.85
N SER A 207 -59.93 21.92 -13.07
CA SER A 207 -60.18 22.90 -12.03
C SER A 207 -59.16 24.02 -12.15
N SER A 208 -59.11 24.93 -11.17
CA SER A 208 -58.12 25.99 -11.21
C SER A 208 -56.71 25.47 -10.98
N ASN A 209 -56.57 24.43 -10.15
CA ASN A 209 -55.27 23.86 -9.84
C ASN A 209 -55.08 22.44 -10.41
N TYR A 210 -56.10 21.90 -11.09
CA TYR A 210 -56.04 20.53 -11.58
C TYR A 210 -56.58 20.50 -13.01
N ASN A 211 -55.82 19.89 -13.91
CA ASN A 211 -56.24 19.76 -15.31
C ASN A 211 -55.69 18.44 -15.84
N ARG A 212 -56.58 17.52 -16.21
CA ARG A 212 -56.17 16.25 -16.78
C ARG A 212 -57.28 15.72 -17.68
N ARG A 213 -56.87 15.11 -18.79
CA ARG A 213 -57.78 14.50 -19.74
C ARG A 213 -57.45 13.02 -19.87
N PHE A 214 -58.49 12.19 -19.89
CA PHE A 214 -58.35 10.74 -19.90
C PHE A 214 -58.91 10.17 -21.19
N THR A 215 -58.13 9.31 -21.84
CA THR A 215 -58.55 8.65 -23.07
C THR A 215 -58.73 7.16 -22.80
N PRO A 216 -59.94 6.62 -22.91
CA PRO A 216 -60.15 5.20 -22.63
C PRO A 216 -59.33 4.31 -23.55
N GLU A 217 -58.84 3.20 -22.99
CA GLU A 217 -58.03 2.22 -23.71
C GLU A 217 -58.80 0.92 -23.79
N ILE A 218 -58.92 0.37 -24.99
CA ILE A 218 -59.65 -0.87 -25.23
C ILE A 218 -58.66 -1.92 -25.71
N ALA A 219 -58.59 -3.03 -24.99
CA ALA A 219 -57.66 -4.11 -25.36
C ALA A 219 -58.09 -5.39 -24.65
N GLU A 220 -57.59 -6.51 -25.16
CA GLU A 220 -57.81 -7.80 -24.53
C GLU A 220 -57.00 -7.90 -23.24
N ARG A 221 -57.68 -8.17 -22.14
CA ARG A 221 -57.03 -8.20 -20.83
C ARG A 221 -57.41 -9.47 -20.08
N PRO A 222 -56.52 -9.96 -19.22
CA PRO A 222 -56.87 -11.10 -18.38
C PRO A 222 -57.97 -10.76 -17.39
N LYS A 223 -58.78 -11.75 -17.06
CA LYS A 223 -59.92 -11.54 -16.19
C LYS A 223 -59.47 -11.44 -14.74
N VAL A 224 -59.78 -10.32 -14.10
CA VAL A 224 -59.58 -10.14 -12.67
C VAL A 224 -60.96 -9.99 -12.04
N ARG A 225 -61.30 -10.90 -11.13
CA ARG A 225 -62.65 -10.99 -10.56
C ARG A 225 -63.68 -11.11 -11.67
N GLY A 226 -63.35 -11.90 -12.69
CA GLY A 226 -64.24 -12.13 -13.81
C GLY A 226 -64.54 -10.89 -14.63
N GLN A 227 -63.58 -9.98 -14.74
CA GLN A 227 -63.78 -8.74 -15.49
C GLN A 227 -62.54 -8.45 -16.31
N ALA A 228 -62.71 -8.42 -17.64
CA ALA A 228 -61.61 -8.05 -18.52
C ALA A 228 -61.41 -6.54 -18.62
N GLY A 229 -62.44 -5.75 -18.32
CA GLY A 229 -62.30 -4.31 -18.32
C GLY A 229 -61.60 -3.80 -17.07
N ARG A 230 -61.21 -2.53 -17.12
CA ARG A 230 -60.51 -1.89 -16.02
C ARG A 230 -61.13 -0.53 -15.73
N MET A 231 -61.13 -0.16 -14.45
CA MET A 231 -61.54 1.16 -13.99
C MET A 231 -60.38 1.82 -13.26
N ASN A 232 -59.95 2.97 -13.76
CA ASN A 232 -58.91 3.76 -13.11
C ASN A 232 -59.56 4.84 -12.26
N TYR A 233 -59.24 4.85 -10.97
CA TYR A 233 -59.83 5.77 -10.02
C TYR A 233 -58.89 6.94 -9.75
N TYR A 234 -59.45 8.15 -9.74
CA TYR A 234 -58.69 9.37 -9.58
C TYR A 234 -59.28 10.21 -8.45
N TRP A 235 -58.46 11.14 -7.94
CA TRP A 235 -58.88 12.02 -6.86
C TRP A 235 -58.19 13.37 -7.01
N THR A 236 -58.78 14.38 -6.38
CA THR A 236 -58.18 15.71 -6.32
C THR A 236 -58.76 16.44 -5.12
N LEU A 237 -58.06 17.49 -4.70
CA LEU A 237 -58.49 18.33 -3.59
C LEU A 237 -58.95 19.67 -4.14
N LEU A 238 -60.20 20.02 -3.87
CA LEU A 238 -60.79 21.26 -4.35
C LEU A 238 -60.69 22.32 -3.26
N GLU A 239 -59.95 23.39 -3.54
CA GLU A 239 -59.78 24.46 -2.58
C GLU A 239 -61.10 25.23 -2.41
N PRO A 240 -61.31 25.87 -1.25
CA PRO A 240 -62.55 26.61 -1.04
C PRO A 240 -62.74 27.70 -2.09
N GLY A 241 -63.97 27.80 -2.60
CA GLY A 241 -64.31 28.76 -3.63
C GLY A 241 -64.00 28.35 -5.05
N ASP A 242 -63.24 27.26 -5.25
CA ASP A 242 -62.88 26.83 -6.58
C ASP A 242 -64.01 26.04 -7.23
N THR A 243 -64.00 26.01 -8.56
CA THR A 243 -64.99 25.32 -9.35
C THR A 243 -64.32 24.20 -10.15
N ILE A 244 -64.91 23.02 -10.12
CA ILE A 244 -64.44 21.86 -10.88
C ILE A 244 -65.50 21.51 -11.92
N ILE A 245 -65.05 21.25 -13.14
CA ILE A 245 -65.93 21.00 -14.27
C ILE A 245 -65.64 19.62 -14.83
N PHE A 246 -66.68 18.81 -15.01
CA PHE A 246 -66.57 17.48 -15.58
C PHE A 246 -67.14 17.49 -16.99
N GLU A 247 -66.29 17.21 -17.97
CA GLU A 247 -66.68 17.13 -19.37
C GLU A 247 -66.31 15.74 -19.89
N ALA A 248 -67.31 15.00 -20.36
CA ALA A 248 -67.07 13.65 -20.83
C ALA A 248 -68.08 13.27 -21.89
N THR A 249 -67.66 12.42 -22.82
CA THR A 249 -68.52 11.84 -23.83
C THR A 249 -68.73 10.34 -23.62
N GLY A 250 -68.32 9.81 -22.49
CA GLY A 250 -68.48 8.39 -22.18
C GLY A 250 -67.36 7.92 -21.28
N ASN A 251 -67.53 6.68 -20.80
CA ASN A 251 -66.54 6.00 -19.97
C ASN A 251 -66.28 6.72 -18.64
N LEU A 252 -67.22 7.54 -18.18
CA LEU A 252 -67.04 8.31 -16.95
C LEU A 252 -67.79 7.65 -15.80
N ILE A 253 -67.10 7.48 -14.68
CA ILE A 253 -67.69 6.99 -13.44
C ILE A 253 -67.89 8.21 -12.55
N ALA A 254 -69.10 8.71 -12.49
CA ALA A 254 -69.36 10.02 -11.93
C ALA A 254 -69.24 10.01 -10.40
N PRO A 255 -68.80 11.12 -9.80
CA PRO A 255 -68.76 11.21 -8.34
C PRO A 255 -70.14 11.37 -7.71
N TRP A 256 -70.59 10.35 -7.00
CA TRP A 256 -71.89 10.45 -6.33
C TRP A 256 -71.78 11.25 -5.04
N TYR A 257 -70.74 11.00 -4.25
CA TYR A 257 -70.54 11.65 -2.97
C TYR A 257 -69.11 12.18 -2.85
N ALA A 258 -68.97 13.27 -2.11
CA ALA A 258 -67.68 13.89 -1.86
C ALA A 258 -67.54 14.17 -0.37
N PHE A 259 -66.34 14.60 0.02
CA PHE A 259 -66.02 14.83 1.43
C PHE A 259 -65.43 16.22 1.59
N ALA A 260 -65.95 16.97 2.55
CA ALA A 260 -65.39 18.27 2.92
C ALA A 260 -64.44 18.07 4.10
N LEU A 261 -63.16 18.32 3.88
CA LEU A 261 -62.13 17.95 4.84
C LEU A 261 -61.86 19.06 5.85
N SER A 262 -61.70 18.68 7.12
CA SER A 262 -61.25 19.56 8.17
C SER A 262 -59.93 19.00 8.69
N ARG A 263 -58.84 19.73 8.47
CA ARG A 263 -57.51 19.21 8.75
C ARG A 263 -57.14 19.39 10.22
N GLY A 264 -56.39 18.41 10.72
CA GLY A 264 -55.86 18.45 12.07
C GLY A 264 -54.40 18.05 12.09
N SER A 265 -53.82 17.86 13.26
CA SER A 265 -52.43 17.47 13.39
C SER A 265 -52.30 16.29 14.35
N GLY A 266 -51.31 15.44 14.09
CA GLY A 266 -51.04 14.29 14.93
C GLY A 266 -51.77 13.02 14.56
N SER A 267 -52.62 13.04 13.53
CA SER A 267 -53.33 11.85 13.11
C SER A 267 -52.45 11.00 12.19
N GLY A 268 -52.89 9.77 11.94
CA GLY A 268 -52.13 8.87 11.10
C GLY A 268 -52.87 7.58 10.87
N ILE A 269 -52.27 6.72 10.05
CA ILE A 269 -52.82 5.43 9.68
C ILE A 269 -51.86 4.35 10.17
N ILE A 270 -52.36 3.45 11.01
CA ILE A 270 -51.54 2.40 11.61
C ILE A 270 -52.19 1.04 11.34
N THR A 271 -51.36 0.00 11.38
CA THR A 271 -51.80 -1.38 11.24
C THR A 271 -51.64 -2.07 12.58
N SER A 272 -52.76 -2.45 13.18
CA SER A 272 -52.77 -3.09 14.49
C SER A 272 -53.78 -4.22 14.52
N ASN A 273 -53.45 -5.30 15.23
CA ASN A 273 -54.39 -6.38 15.47
C ASN A 273 -55.06 -6.27 16.83
N ALA A 274 -54.84 -5.17 17.52
CA ALA A 274 -55.39 -4.98 18.86
C ALA A 274 -56.87 -4.60 18.80
N SER A 275 -57.54 -4.74 19.94
CA SER A 275 -58.97 -4.52 20.05
C SER A 275 -59.26 -3.18 20.72
N MET A 276 -60.29 -2.51 20.23
CA MET A 276 -60.67 -1.22 20.76
C MET A 276 -61.38 -1.38 22.10
N HIS A 277 -60.94 -0.63 23.10
CA HIS A 277 -61.56 -0.64 24.42
C HIS A 277 -61.83 0.79 24.88
N GLU A 278 -62.78 0.92 25.81
CA GLU A 278 -63.19 2.22 26.33
C GLU A 278 -62.12 2.74 27.27
N CYS A 279 -61.04 3.23 26.68
CA CYS A 279 -59.93 3.81 27.42
C CYS A 279 -59.43 5.05 26.71
N ASN A 280 -58.80 5.94 27.46
CA ASN A 280 -58.22 7.15 26.92
C ASN A 280 -56.74 7.18 27.28
N THR A 281 -55.91 7.57 26.32
CA THR A 281 -54.47 7.61 26.51
C THR A 281 -53.89 8.81 25.75
N LYS A 282 -52.67 9.17 26.11
CA LYS A 282 -51.91 10.19 25.40
C LYS A 282 -50.89 9.58 24.43
N CYS A 283 -50.70 8.26 24.47
CA CYS A 283 -49.75 7.58 23.60
C CYS A 283 -50.37 6.28 23.13
N GLN A 284 -50.45 6.09 21.82
CA GLN A 284 -51.02 4.88 21.23
C GLN A 284 -50.04 4.27 20.25
N THR A 285 -49.84 2.97 20.35
CA THR A 285 -48.98 2.19 19.48
C THR A 285 -49.78 1.03 18.90
N PRO A 286 -49.32 0.43 17.79
CA PRO A 286 -50.05 -0.72 17.25
C PRO A 286 -50.15 -1.89 18.21
N GLN A 287 -49.22 -2.01 19.17
CA GLN A 287 -49.29 -3.08 20.15
C GLN A 287 -50.17 -2.74 21.35
N GLY A 288 -50.26 -1.46 21.70
CA GLY A 288 -51.08 -1.04 22.82
C GLY A 288 -50.78 0.39 23.20
N ALA A 289 -51.60 0.90 24.12
CA ALA A 289 -51.44 2.26 24.62
C ALA A 289 -50.38 2.30 25.72
N ILE A 290 -49.76 3.47 25.88
CA ILE A 290 -48.69 3.67 26.85
C ILE A 290 -49.06 4.82 27.78
N ASN A 291 -48.98 4.56 29.09
CA ASN A 291 -49.13 5.58 30.12
C ASN A 291 -47.80 5.59 30.88
N SER A 292 -46.84 6.40 30.42
CA SER A 292 -45.51 6.40 31.00
C SER A 292 -44.87 7.77 30.84
N SER A 293 -44.10 8.15 31.85
CA SER A 293 -43.30 9.37 31.81
C SER A 293 -41.83 9.08 31.52
N LEU A 294 -41.50 7.84 31.17
CA LEU A 294 -40.12 7.49 30.87
C LEU A 294 -39.70 8.08 29.53
N PRO A 295 -38.40 8.36 29.35
CA PRO A 295 -37.96 8.97 28.09
C PRO A 295 -37.92 8.00 26.93
N PHE A 296 -37.75 6.70 27.19
CA PHE A 296 -37.56 5.72 26.12
C PHE A 296 -38.54 4.56 26.28
N GLN A 297 -38.88 3.96 25.14
CA GLN A 297 -39.70 2.75 25.11
C GLN A 297 -39.20 1.86 23.99
N ASN A 298 -39.40 0.56 24.14
CA ASN A 298 -39.00 -0.43 23.14
C ASN A 298 -40.19 -1.22 22.64
N ILE A 299 -41.39 -0.63 22.69
CA ILE A 299 -42.60 -1.35 22.29
C ILE A 299 -42.77 -1.32 20.78
N HIS A 300 -42.84 -0.13 20.19
CA HIS A 300 -43.06 -0.03 18.75
C HIS A 300 -42.62 1.33 18.25
N PRO A 301 -42.01 1.41 17.06
CA PRO A 301 -41.64 2.73 16.52
C PRO A 301 -42.83 3.57 16.10
N VAL A 302 -43.94 2.95 15.71
CA VAL A 302 -45.12 3.70 15.28
C VAL A 302 -45.87 4.19 16.52
N THR A 303 -46.08 5.50 16.59
CA THR A 303 -46.69 6.13 17.76
C THR A 303 -47.72 7.15 17.32
N ILE A 304 -48.72 7.37 18.18
CA ILE A 304 -49.74 8.40 17.98
C ILE A 304 -49.84 9.21 19.27
N GLY A 305 -49.59 10.51 19.17
CA GLY A 305 -49.60 11.37 20.34
C GLY A 305 -48.21 11.60 20.91
N GLU A 306 -48.19 11.97 22.19
CA GLU A 306 -46.95 12.18 22.91
C GLU A 306 -46.47 10.84 23.48
N CYS A 307 -45.32 10.38 23.01
CA CYS A 307 -44.82 9.05 23.32
C CYS A 307 -43.33 9.11 23.63
N PRO A 308 -42.82 8.14 24.38
CA PRO A 308 -41.37 8.04 24.55
C PRO A 308 -40.69 7.64 23.24
N LYS A 309 -39.44 8.05 23.10
CA LYS A 309 -38.69 7.76 21.88
C LYS A 309 -38.39 6.27 21.79
N TYR A 310 -38.61 5.70 20.62
CA TYR A 310 -38.37 4.28 20.41
C TYR A 310 -36.87 4.00 20.27
N VAL A 311 -36.41 2.96 20.96
CA VAL A 311 -35.01 2.53 20.88
C VAL A 311 -34.98 1.01 20.83
N ARG A 312 -33.84 0.48 20.38
CA ARG A 312 -33.63 -0.95 20.30
C ARG A 312 -33.03 -1.54 21.57
N SER A 313 -32.83 -0.73 22.61
CA SER A 313 -32.19 -1.20 23.83
C SER A 313 -33.07 -2.23 24.54
N THR A 314 -32.43 -3.28 25.06
CA THR A 314 -33.17 -4.27 25.84
C THR A 314 -33.44 -3.76 27.26
N LYS A 315 -32.51 -3.01 27.83
CA LYS A 315 -32.68 -2.45 29.16
C LYS A 315 -31.90 -1.15 29.26
N LEU A 316 -32.46 -0.18 29.97
CA LEU A 316 -31.80 1.10 30.24
C LEU A 316 -32.04 1.44 31.70
N ARG A 317 -31.13 0.97 32.55
CA ARG A 317 -31.22 1.16 34.00
C ARG A 317 -30.07 2.05 34.46
N MET A 318 -30.42 3.13 35.14
CA MET A 318 -29.45 4.13 35.59
C MET A 318 -29.27 4.04 37.10
N VAL A 319 -28.04 4.21 37.56
CA VAL A 319 -27.72 4.07 38.98
C VAL A 319 -28.17 5.31 39.72
N THR A 320 -28.90 5.10 40.82
CA THR A 320 -29.25 6.17 41.75
C THR A 320 -28.76 5.90 43.16
N GLY A 321 -28.20 4.72 43.43
CA GLY A 321 -27.75 4.38 44.77
C GLY A 321 -26.32 3.89 44.81
N LEU A 322 -25.99 3.14 45.84
CA LEU A 322 -24.65 2.65 46.10
C LEU A 322 -24.49 1.22 45.58
N ARG A 323 -23.26 0.72 45.64
CA ARG A 323 -23.02 -0.68 45.33
C ARG A 323 -23.59 -1.54 46.46
N ASN A 324 -24.27 -2.62 46.08
CA ASN A 324 -24.91 -3.50 47.06
C ASN A 324 -23.94 -4.61 47.40
N ILE A 325 -23.20 -4.45 48.50
CA ILE A 325 -22.26 -5.46 48.96
C ILE A 325 -22.61 -5.89 50.39
N PRO A 326 -23.64 -6.72 50.58
CA PRO A 326 -23.92 -7.24 51.92
C PRO A 326 -22.79 -8.15 52.40
N SER A 327 -22.60 -8.18 53.71
CA SER A 327 -21.56 -9.00 54.32
C SER A 327 -21.99 -9.54 55.67
N PHE A 340 -11.39 0.12 52.14
CA PHE A 340 -12.32 0.79 53.05
C PHE A 340 -13.01 -0.24 53.94
N ILE A 341 -14.33 -0.22 53.96
CA ILE A 341 -15.12 -1.18 54.73
C ILE A 341 -15.39 -2.40 53.86
N GLU A 342 -15.39 -3.57 54.48
CA GLU A 342 -15.47 -4.81 53.72
C GLU A 342 -16.82 -4.99 53.05
N GLY A 343 -17.91 -4.65 53.74
CA GLY A 343 -19.23 -4.82 53.17
C GLY A 343 -20.18 -3.68 53.49
N GLY A 344 -21.41 -3.83 53.00
CA GLY A 344 -22.47 -2.86 53.22
C GLY A 344 -23.30 -3.18 54.45
N TRP A 345 -23.64 -2.13 55.21
CA TRP A 345 -24.40 -2.27 56.44
C TRP A 345 -25.89 -2.27 56.11
N THR A 346 -26.53 -3.43 56.24
CA THR A 346 -27.97 -3.53 56.04
C THR A 346 -28.76 -2.84 57.14
N GLY A 347 -28.18 -2.67 58.33
CA GLY A 347 -28.93 -2.06 59.43
C GLY A 347 -29.13 -0.58 59.27
N MET A 348 -28.18 0.12 58.65
CA MET A 348 -28.28 1.56 58.45
C MET A 348 -29.27 1.84 57.34
N ILE A 349 -30.55 2.02 57.71
CA ILE A 349 -31.62 2.23 56.74
C ILE A 349 -31.94 3.70 56.51
N ASP A 350 -31.38 4.61 57.30
CA ASP A 350 -31.77 6.02 57.21
C ASP A 350 -31.17 6.72 55.99
N GLY A 351 -29.96 6.35 55.57
CA GLY A 351 -29.34 7.07 54.47
C GLY A 351 -28.24 6.27 53.80
N TRP A 352 -27.66 6.88 52.76
CA TRP A 352 -26.61 6.22 52.00
C TRP A 352 -25.29 6.22 52.76
N TYR A 353 -24.96 7.33 53.43
CA TYR A 353 -23.73 7.45 54.18
C TYR A 353 -24.07 7.67 55.66
N GLY A 354 -23.27 7.06 56.53
CA GLY A 354 -23.52 7.20 57.95
C GLY A 354 -22.41 6.58 58.76
N TYR A 355 -22.68 6.44 60.06
CA TYR A 355 -21.68 5.94 60.99
C TYR A 355 -22.24 4.77 61.80
N HIS A 356 -21.32 3.98 62.33
CA HIS A 356 -21.59 2.92 63.28
C HIS A 356 -20.76 3.19 64.53
N HIS A 357 -21.22 2.70 65.68
CA HIS A 357 -20.55 3.06 66.92
C HIS A 357 -20.77 1.98 67.97
N GLN A 358 -19.73 1.73 68.77
CA GLN A 358 -19.71 0.71 69.81
C GLN A 358 -19.23 1.38 71.10
N ASN A 359 -20.16 1.92 71.87
CA ASN A 359 -19.82 2.52 73.15
C ASN A 359 -20.40 1.68 74.29
N GLU A 360 -20.14 2.13 75.52
CA GLU A 360 -20.52 1.39 76.71
C GLU A 360 -22.03 1.19 76.80
N GLN A 361 -22.81 2.16 76.31
CA GLN A 361 -24.26 2.13 76.45
C GLN A 361 -24.97 1.70 75.16
N GLY A 362 -24.36 0.81 74.39
CA GLY A 362 -25.01 0.21 73.24
C GLY A 362 -24.30 0.54 71.93
N SER A 363 -24.73 -0.17 70.89
CA SER A 363 -24.22 0.00 69.54
C SER A 363 -25.36 0.32 68.59
N GLY A 364 -25.04 0.95 67.48
CA GLY A 364 -26.10 1.30 66.54
C GLY A 364 -25.55 1.84 65.24
N TYR A 365 -26.44 1.94 64.26
CA TYR A 365 -26.15 2.50 62.94
C TYR A 365 -26.91 3.82 62.79
N ALA A 366 -26.20 4.89 62.48
CA ALA A 366 -26.79 6.19 62.23
C ALA A 366 -26.32 6.70 60.88
N ALA A 367 -27.05 7.66 60.33
CA ALA A 367 -26.79 8.18 59.00
C ALA A 367 -26.51 9.68 59.06
N ASP A 368 -25.58 10.14 58.22
CA ASP A 368 -25.26 11.56 58.11
C ASP A 368 -26.23 12.16 57.10
N GLN A 369 -27.25 12.85 57.61
CA GLN A 369 -28.29 13.39 56.72
C GLN A 369 -27.74 14.50 55.82
N LYS A 370 -26.84 15.33 56.36
CA LYS A 370 -26.34 16.46 55.58
C LYS A 370 -25.57 16.00 54.35
N SER A 371 -24.74 14.96 54.49
CA SER A 371 -24.00 14.44 53.35
C SER A 371 -24.90 13.64 52.41
N THR A 372 -25.86 12.89 52.97
CA THR A 372 -26.74 12.07 52.14
C THR A 372 -27.68 12.92 51.30
N GLN A 373 -28.25 13.97 51.89
CA GLN A 373 -29.20 14.82 51.16
C GLN A 373 -28.55 15.51 49.97
N ASN A 374 -27.29 15.92 50.12
CA ASN A 374 -26.61 16.55 49.00
C ASN A 374 -26.43 15.58 47.85
N ALA A 375 -26.14 14.31 48.16
CA ALA A 375 -26.01 13.31 47.10
C ALA A 375 -27.36 12.96 46.50
N ILE A 376 -28.41 12.89 47.32
CA ILE A 376 -29.74 12.57 46.81
C ILE A 376 -30.21 13.65 45.84
N ASN A 377 -30.02 14.92 46.22
CA ASN A 377 -30.41 16.02 45.34
C ASN A 377 -29.59 16.02 44.06
N GLY A 378 -28.29 15.72 44.17
CA GLY A 378 -27.46 15.67 42.98
C GLY A 378 -27.87 14.56 42.02
N ILE A 379 -28.21 13.40 42.56
CA ILE A 379 -28.65 12.29 41.72
C ILE A 379 -30.01 12.59 41.11
N THR A 380 -30.91 13.19 41.90
CA THR A 380 -32.23 13.54 41.38
C THR A 380 -32.13 14.54 40.24
N ASN A 381 -31.25 15.53 40.39
CA ASN A 381 -31.03 16.50 39.32
C ASN A 381 -30.40 15.83 38.09
N LYS A 382 -29.51 14.86 38.32
CA LYS A 382 -28.89 14.14 37.19
C LYS A 382 -29.92 13.34 36.41
N VAL A 383 -30.80 12.61 37.09
CA VAL A 383 -31.80 11.82 36.40
C VAL A 383 -32.78 12.70 35.65
N ASN A 384 -33.23 13.80 36.29
CA ASN A 384 -34.16 14.71 35.63
C ASN A 384 -33.53 15.41 34.44
N SER A 385 -32.23 15.73 34.52
CA SER A 385 -31.55 16.37 33.39
C SER A 385 -31.49 15.44 32.19
N VAL A 386 -31.24 14.15 32.41
CA VAL A 386 -31.20 13.20 31.31
C VAL A 386 -32.57 13.07 30.66
N ILE A 387 -33.63 12.97 31.47
CA ILE A 387 -34.97 12.84 30.93
C ILE A 387 -35.38 14.09 30.15
N GLU A 388 -34.97 15.26 30.62
CA GLU A 388 -35.29 16.50 29.92
C GLU A 388 -34.64 16.54 28.54
N LYS A 389 -33.41 16.05 28.42
CA LYS A 389 -32.71 16.08 27.14
C LYS A 389 -33.40 15.20 26.11
N MET A 390 -33.92 14.05 26.53
CA MET A 390 -34.61 13.12 25.63
C MET A 390 -36.00 13.69 25.36
N ASN A 391 -36.20 14.21 24.15
CA ASN A 391 -37.47 14.83 23.80
C ASN A 391 -38.56 13.77 23.62
N THR A 392 -39.80 14.22 23.79
CA THR A 392 -40.95 13.35 23.60
C THR A 392 -41.16 13.10 22.11
N GLN A 393 -41.32 11.83 21.74
CA GLN A 393 -41.61 11.49 20.36
C GLN A 393 -43.08 11.75 20.06
N PHE A 394 -43.35 12.53 19.02
CA PHE A 394 -44.70 12.83 18.63
C PHE A 394 -45.19 11.79 17.60
N THR A 395 -46.31 12.07 16.95
CA THR A 395 -46.91 11.08 16.05
C THR A 395 -45.95 10.72 14.92
N ALA A 396 -45.65 9.42 14.81
CA ALA A 396 -44.79 8.89 13.77
C ALA A 396 -45.51 7.73 13.09
N VAL A 397 -45.84 7.91 11.81
CA VAL A 397 -46.64 6.95 11.06
C VAL A 397 -45.86 6.50 9.84
N GLY A 398 -45.99 5.22 9.50
CA GLY A 398 -45.31 4.67 8.35
C GLY A 398 -45.88 5.20 7.04
N LYS A 399 -45.07 5.12 5.99
CA LYS A 399 -45.42 5.58 4.67
C LYS A 399 -45.52 4.40 3.72
N GLU A 400 -46.36 4.54 2.70
CA GLU A 400 -46.60 3.49 1.72
C GLU A 400 -46.06 3.90 0.36
N PHE A 401 -45.58 2.91 -0.40
CA PHE A 401 -44.98 3.14 -1.70
C PHE A 401 -45.44 2.07 -2.68
N ASN A 402 -45.55 2.45 -3.94
CA ASN A 402 -45.98 1.51 -4.98
C ASN A 402 -44.78 0.70 -5.48
N ASN A 403 -45.03 -0.16 -6.47
CA ASN A 403 -43.99 -1.05 -6.97
C ASN A 403 -42.90 -0.32 -7.74
N LEU A 404 -43.18 0.91 -8.21
CA LEU A 404 -42.18 1.73 -8.88
C LEU A 404 -41.59 2.80 -7.95
N GLU A 405 -41.66 2.58 -6.64
CA GLU A 405 -41.11 3.51 -5.66
C GLU A 405 -40.22 2.79 -4.66
N LYS A 406 -39.50 1.77 -5.13
CA LYS A 406 -38.63 1.00 -4.23
C LYS A 406 -37.49 1.87 -3.70
N ARG A 407 -36.97 2.76 -4.55
CA ARG A 407 -35.90 3.65 -4.11
C ARG A 407 -36.38 4.57 -2.99
N MET A 408 -37.57 5.15 -3.16
CA MET A 408 -38.14 5.97 -2.09
C MET A 408 -38.43 5.12 -0.86
N GLU A 409 -38.92 3.90 -1.06
CA GLU A 409 -39.15 3.00 0.06
C GLU A 409 -37.85 2.69 0.80
N ASN A 410 -36.78 2.42 0.04
CA ASN A 410 -35.50 2.14 0.67
C ASN A 410 -34.89 3.38 1.31
N LEU A 411 -35.03 4.54 0.66
CA LEU A 411 -34.51 5.78 1.25
C LEU A 411 -35.21 6.10 2.56
N ASN A 412 -36.54 5.91 2.60
CA ASN A 412 -37.28 6.11 3.84
C ASN A 412 -36.80 5.12 4.90
N LYS A 413 -36.53 3.88 4.50
CA LYS A 413 -36.06 2.88 5.45
C LYS A 413 -34.70 3.25 6.01
N LYS A 414 -33.82 3.82 5.18
CA LYS A 414 -32.51 4.24 5.67
C LYS A 414 -32.64 5.33 6.74
N VAL A 415 -33.57 6.27 6.53
CA VAL A 415 -33.75 7.35 7.50
C VAL A 415 -34.21 6.79 8.83
N ASP A 416 -35.21 5.90 8.82
CA ASP A 416 -35.71 5.33 10.06
C ASP A 416 -34.64 4.49 10.75
N ASP A 417 -33.94 3.65 10.00
CA ASP A 417 -32.92 2.79 10.60
C ASP A 417 -31.72 3.61 11.05
N GLY A 418 -31.33 4.62 10.27
CA GLY A 418 -30.18 5.42 10.64
C GLY A 418 -30.39 6.22 11.91
N PHE A 419 -31.56 6.86 12.03
CA PHE A 419 -31.87 7.62 13.24
C PHE A 419 -32.05 6.71 14.44
N LEU A 420 -32.65 5.54 14.24
CA LEU A 420 -32.84 4.60 15.34
C LEU A 420 -31.50 4.10 15.87
N ASP A 421 -30.54 3.87 14.97
CA ASP A 421 -29.22 3.43 15.40
C ASP A 421 -28.54 4.49 16.27
N ILE A 422 -28.67 5.77 15.89
CA ILE A 422 -28.01 6.83 16.63
C ILE A 422 -28.64 7.02 18.00
N TRP A 423 -29.97 7.05 18.06
CA TRP A 423 -30.64 7.29 19.33
C TRP A 423 -30.45 6.12 20.29
N THR A 424 -30.46 4.90 19.77
CA THR A 424 -30.15 3.75 20.63
C THR A 424 -28.72 3.82 21.14
N TYR A 425 -27.79 4.23 20.28
CA TYR A 425 -26.41 4.44 20.71
C TYR A 425 -26.31 5.55 21.74
N ASN A 426 -27.03 6.66 21.52
CA ASN A 426 -26.97 7.78 22.45
C ASN A 426 -27.54 7.41 23.81
N ALA A 427 -28.65 6.67 23.82
CA ALA A 427 -29.28 6.30 25.09
C ALA A 427 -28.39 5.33 25.88
N GLU A 428 -27.90 4.28 25.21
CA GLU A 428 -27.10 3.29 25.91
C GLU A 428 -25.77 3.85 26.39
N LEU A 429 -25.12 4.66 25.55
CA LEU A 429 -23.81 5.19 25.90
C LEU A 429 -23.91 6.18 27.07
N LEU A 430 -24.93 7.03 27.07
CA LEU A 430 -25.08 8.00 28.15
C LEU A 430 -25.29 7.30 29.49
N VAL A 431 -26.07 6.22 29.50
CA VAL A 431 -26.31 5.49 30.74
C VAL A 431 -25.00 4.91 31.28
N LEU A 432 -24.18 4.33 30.40
CA LEU A 432 -22.92 3.74 30.85
C LEU A 432 -21.98 4.80 31.42
N LEU A 433 -21.92 5.96 30.78
CA LEU A 433 -21.02 7.01 31.26
C LEU A 433 -21.46 7.55 32.62
N GLU A 434 -22.76 7.79 32.80
CA GLU A 434 -23.25 8.30 34.08
C GLU A 434 -23.23 7.23 35.17
N ASN A 435 -23.43 5.96 34.80
CA ASN A 435 -23.36 4.89 35.80
C ASN A 435 -21.96 4.78 36.39
N GLU A 436 -20.94 4.87 35.54
CA GLU A 436 -19.56 4.87 36.04
C GLU A 436 -19.28 6.12 36.86
N ARG A 437 -19.81 7.27 36.43
CA ARG A 437 -19.62 8.51 37.18
C ARG A 437 -20.36 8.46 38.50
N THR A 438 -21.57 7.89 38.52
CA THR A 438 -22.34 7.82 39.75
C THR A 438 -21.64 6.97 40.80
N LEU A 439 -21.08 5.83 40.39
CA LEU A 439 -20.40 4.96 41.34
C LEU A 439 -19.15 5.63 41.90
N ASP A 440 -18.40 6.33 41.05
CA ASP A 440 -17.24 7.08 41.54
C ASP A 440 -17.66 8.28 42.39
N PHE A 441 -18.84 8.85 42.10
CA PHE A 441 -19.34 9.96 42.90
C PHE A 441 -19.62 9.52 44.34
N HIS A 442 -20.13 8.29 44.50
CA HIS A 442 -20.44 7.80 45.85
C HIS A 442 -19.16 7.51 46.64
N ASP A 443 -18.15 6.93 45.98
CA ASP A 443 -16.89 6.64 46.65
C ASP A 443 -16.21 7.91 47.13
N SER A 444 -16.32 9.00 46.37
CA SER A 444 -15.72 10.26 46.79
C SER A 444 -16.41 10.80 48.05
N ASN A 445 -17.73 10.68 48.12
CA ASN A 445 -18.45 11.20 49.29
C ASN A 445 -18.12 10.40 50.54
N VAL A 446 -18.05 9.07 50.43
CA VAL A 446 -17.74 8.25 51.60
C VAL A 446 -16.30 8.47 52.05
N LYS A 447 -15.38 8.70 51.11
CA LYS A 447 -14.00 8.97 51.48
C LYS A 447 -13.87 10.32 52.20
N ASN A 448 -14.60 11.33 51.73
CA ASN A 448 -14.56 12.63 52.38
C ASN A 448 -15.17 12.56 53.78
N LEU A 449 -16.21 11.76 53.96
CA LEU A 449 -16.78 11.57 55.29
C LEU A 449 -15.78 10.90 56.22
N TYR A 450 -15.02 9.92 55.72
CA TYR A 450 -14.00 9.27 56.52
C TYR A 450 -12.92 10.24 56.94
N GLU A 451 -12.47 11.11 56.02
CA GLU A 451 -11.43 12.07 56.36
C GLU A 451 -11.94 13.13 57.33
N LYS A 452 -13.23 13.50 57.25
CA LYS A 452 -13.78 14.47 58.18
C LYS A 452 -13.72 13.95 59.62
N VAL A 453 -14.10 12.69 59.83
CA VAL A 453 -13.99 12.09 61.15
C VAL A 453 -12.53 11.94 61.55
N LYS A 454 -11.68 11.51 60.62
CA LYS A 454 -10.26 11.31 60.92
C LYS A 454 -9.60 12.63 61.30
N SER A 455 -9.96 13.72 60.62
CA SER A 455 -9.36 15.02 60.93
C SER A 455 -9.70 15.46 62.34
N GLN A 456 -10.94 15.25 62.77
CA GLN A 456 -11.34 15.66 64.11
C GLN A 456 -10.59 14.87 65.18
N LEU A 457 -10.41 13.56 64.96
CA LEU A 457 -9.72 12.70 65.93
C LEU A 457 -8.22 12.68 65.64
N ARG A 458 -7.59 13.85 65.82
CA ARG A 458 -6.19 14.05 65.43
C ARG A 458 -5.30 12.95 65.99
N ASN A 459 -5.22 12.86 67.31
CA ASN A 459 -4.41 11.84 67.96
C ASN A 459 -5.18 11.02 68.99
N ASN A 460 -6.40 11.41 69.33
CA ASN A 460 -7.19 10.73 70.36
C ASN A 460 -7.71 9.37 69.91
N ALA A 461 -7.59 9.03 68.63
CA ALA A 461 -8.13 7.79 68.10
C ALA A 461 -7.08 7.09 67.24
N LYS A 462 -7.23 5.78 67.12
CA LYS A 462 -6.36 4.96 66.30
C LYS A 462 -7.06 4.59 65.01
N GLU A 463 -6.32 4.66 63.90
CA GLU A 463 -6.85 4.33 62.58
C GLU A 463 -6.70 2.83 62.38
N ILE A 464 -7.81 2.10 62.51
CA ILE A 464 -7.79 0.65 62.35
C ILE A 464 -7.47 0.28 60.91
N GLY A 465 -7.98 1.07 59.95
CA GLY A 465 -7.74 0.83 58.55
C GLY A 465 -8.87 0.11 57.83
N ASN A 466 -9.89 -0.36 58.55
CA ASN A 466 -11.04 -1.01 57.97
C ASN A 466 -12.24 -0.07 57.84
N GLY A 467 -12.01 1.25 57.94
CA GLY A 467 -13.08 2.21 57.96
C GLY A 467 -13.57 2.59 59.35
N CYS A 468 -13.02 1.99 60.39
CA CYS A 468 -13.41 2.25 61.77
C CYS A 468 -12.28 2.95 62.53
N PHE A 469 -12.67 3.61 63.61
CA PHE A 469 -11.73 4.30 64.50
C PHE A 469 -11.88 3.75 65.91
N GLU A 470 -10.75 3.43 66.54
CA GLU A 470 -10.73 2.92 67.91
C GLU A 470 -10.36 4.05 68.85
N PHE A 471 -11.28 4.42 69.74
CA PHE A 471 -11.08 5.51 70.67
C PHE A 471 -10.15 5.10 71.80
N TYR A 472 -9.09 5.88 72.01
CA TYR A 472 -8.24 5.65 73.18
C TYR A 472 -8.91 6.10 74.47
N HIS A 473 -9.84 7.05 74.39
CA HIS A 473 -10.59 7.53 75.54
C HIS A 473 -12.02 7.01 75.48
N LYS A 474 -12.79 7.31 76.52
CA LYS A 474 -14.18 6.91 76.58
C LYS A 474 -15.03 8.01 75.96
N CYS A 475 -15.81 7.64 74.95
CA CYS A 475 -16.65 8.59 74.21
C CYS A 475 -18.09 8.14 74.38
N ASP A 476 -18.86 8.89 75.18
CA ASP A 476 -20.24 8.52 75.48
C ASP A 476 -21.14 8.88 74.31
N ASN A 477 -22.46 8.71 74.50
CA ASN A 477 -23.41 8.96 73.43
C ASN A 477 -23.36 10.42 72.98
N GLU A 478 -23.31 11.36 73.92
CA GLU A 478 -23.19 12.77 73.56
C GLU A 478 -21.87 13.08 72.88
N CYS A 479 -20.78 12.45 73.34
CA CYS A 479 -19.47 12.64 72.71
C CYS A 479 -19.47 12.18 71.26
N MET A 480 -20.06 11.01 70.99
CA MET A 480 -20.09 10.50 69.61
C MET A 480 -20.91 11.41 68.72
N GLU A 481 -22.03 11.93 69.23
CA GLU A 481 -22.84 12.85 68.42
C GLU A 481 -22.03 14.06 67.99
N SER A 482 -21.10 14.51 68.83
CA SER A 482 -20.25 15.65 68.47
C SER A 482 -19.38 15.33 67.26
N VAL A 483 -18.81 14.11 67.21
CA VAL A 483 -18.00 13.73 66.07
C VAL A 483 -18.84 13.70 64.80
N LYS A 484 -20.05 13.11 64.89
CA LYS A 484 -20.96 13.13 63.76
C LYS A 484 -21.41 14.54 63.42
N ASN A 485 -21.61 15.36 64.46
CA ASN A 485 -22.00 16.76 64.28
C ASN A 485 -20.87 17.60 63.71
N GLY A 486 -19.63 17.14 63.83
CA GLY A 486 -18.47 17.90 63.42
C GLY A 486 -17.87 18.74 64.52
N THR A 487 -18.60 18.93 65.62
CA THR A 487 -18.16 19.78 66.74
C THR A 487 -17.57 18.93 67.86
N TYR A 488 -16.48 18.25 67.55
CA TYR A 488 -15.78 17.42 68.51
C TYR A 488 -14.59 18.20 69.07
N ASP A 489 -14.50 18.25 70.40
CA ASP A 489 -13.44 18.99 71.07
C ASP A 489 -12.28 18.04 71.40
N TYR A 490 -11.19 18.19 70.65
CA TYR A 490 -9.97 17.43 70.93
C TYR A 490 -9.38 17.71 72.32
N PRO A 491 -9.27 18.95 72.79
CA PRO A 491 -8.71 19.16 74.15
C PRO A 491 -9.47 18.48 75.26
N LYS A 492 -10.79 18.33 75.15
CA LYS A 492 -11.57 17.72 76.23
C LYS A 492 -11.10 16.30 76.53
N TYR A 493 -10.70 15.57 75.50
CA TYR A 493 -10.23 14.20 75.62
C TYR A 493 -8.79 14.08 75.10
N SER A 494 -7.95 15.05 75.43
CA SER A 494 -6.54 15.02 75.02
C SER A 494 -5.78 14.22 76.09
N GLU A 495 -5.53 12.96 75.77
CA GLU A 495 -5.01 12.00 76.73
C GLU A 495 -4.14 10.99 75.99
N GLU A 496 -2.94 10.73 76.52
CA GLU A 496 -2.01 9.84 75.84
C GLU A 496 -2.60 8.43 75.72
N SER A 497 -2.84 7.78 76.86
CA SER A 497 -3.39 6.42 76.89
C SER A 497 -2.49 5.42 76.15
N LYS A 498 -1.18 5.60 76.30
CA LYS A 498 -0.20 4.68 75.71
C LYS A 498 0.89 4.34 76.70
N ALA B 4 68.21 22.86 39.75
CA ALA B 4 66.94 22.26 39.38
C ALA B 4 67.11 21.37 38.15
N ASP B 5 67.61 20.15 38.34
CA ASP B 5 67.79 19.23 37.24
C ASP B 5 66.45 18.81 36.68
N THR B 6 66.37 18.70 35.36
CA THR B 6 65.12 18.42 34.66
C THR B 6 65.32 17.27 33.67
N ILE B 7 64.40 16.32 33.68
CA ILE B 7 64.34 15.26 32.68
C ILE B 7 62.94 15.25 32.09
N CYS B 8 62.85 15.03 30.78
CA CYS B 8 61.58 15.11 30.06
C CYS B 8 61.37 13.86 29.24
N ILE B 9 60.12 13.62 28.87
CA ILE B 9 59.71 12.51 28.02
C ILE B 9 58.90 13.07 26.86
N GLY B 10 59.29 12.70 25.65
CA GLY B 10 58.64 13.20 24.46
C GLY B 10 58.72 12.26 23.27
N TYR B 11 58.28 12.72 22.10
CA TYR B 11 58.26 11.91 20.90
C TYR B 11 58.96 12.63 19.75
N HIS B 12 59.16 11.89 18.67
CA HIS B 12 59.96 12.34 17.54
C HIS B 12 59.20 13.34 16.67
N ALA B 13 59.94 14.22 16.01
CA ALA B 13 59.39 15.16 15.05
C ALA B 13 60.42 15.39 13.94
N ASN B 14 59.93 15.75 12.76
CA ASN B 14 60.80 15.92 11.60
C ASN B 14 60.16 16.96 10.67
N ASN B 15 60.63 17.01 9.43
CA ASN B 15 60.14 17.96 8.45
C ASN B 15 59.30 17.25 7.40
N SER B 16 58.29 16.51 7.81
CA SER B 16 57.55 15.65 6.90
C SER B 16 56.16 16.22 6.68
N THR B 17 55.82 16.44 5.41
CA THR B 17 54.53 16.98 5.02
C THR B 17 53.54 15.89 4.63
N ASP B 18 53.89 14.63 4.84
CA ASP B 18 52.98 13.54 4.52
C ASP B 18 51.76 13.60 5.43
N THR B 19 50.58 13.50 4.82
CA THR B 19 49.32 13.56 5.54
C THR B 19 48.58 12.23 5.37
N VAL B 20 47.93 11.79 6.45
CA VAL B 20 47.18 10.54 6.44
C VAL B 20 45.81 10.82 7.03
N ASP B 21 44.86 9.93 6.76
CA ASP B 21 43.49 10.05 7.21
C ASP B 21 43.14 8.86 8.12
N THR B 22 42.33 9.13 9.14
CA THR B 22 41.81 8.10 10.03
C THR B 22 40.28 8.19 10.04
N VAL B 23 39.67 7.28 10.80
CA VAL B 23 38.21 7.30 10.93
C VAL B 23 37.75 8.49 11.75
N LEU B 24 38.49 8.83 12.81
CA LEU B 24 38.06 9.90 13.71
C LEU B 24 38.44 11.27 13.18
N GLU B 25 39.60 11.38 12.52
CA GLU B 25 40.09 12.65 12.04
C GLU B 25 40.76 12.45 10.69
N LYS B 26 40.87 13.55 9.94
CA LYS B 26 41.41 13.53 8.59
C LYS B 26 42.64 14.44 8.50
N ASN B 27 43.45 14.19 7.48
CA ASN B 27 44.62 15.02 7.16
C ASN B 27 45.53 15.20 8.38
N VAL B 28 45.86 14.09 9.03
CA VAL B 28 46.78 14.08 10.15
C VAL B 28 48.20 13.98 9.60
N THR B 29 49.02 15.00 9.86
CA THR B 29 50.41 14.97 9.45
C THR B 29 51.20 14.01 10.34
N VAL B 30 52.01 13.15 9.71
CA VAL B 30 52.76 12.13 10.42
C VAL B 30 54.23 12.25 10.08
N THR B 31 55.07 11.74 10.98
CA THR B 31 56.52 11.80 10.78
C THR B 31 56.97 10.80 9.73
N HIS B 32 56.43 9.58 9.76
CA HIS B 32 56.82 8.53 8.84
C HIS B 32 55.58 7.83 8.31
N SER B 33 55.61 7.45 7.04
CA SER B 33 54.49 6.75 6.42
C SER B 33 55.01 5.96 5.22
N VAL B 34 54.19 5.02 4.76
CA VAL B 34 54.50 4.20 3.61
C VAL B 34 53.31 4.24 2.66
N ASN B 35 53.59 4.29 1.36
CA ASN B 35 52.57 4.33 0.33
C ASN B 35 52.32 2.92 -0.19
N LEU B 36 51.08 2.47 -0.08
CA LEU B 36 50.67 1.16 -0.58
C LEU B 36 50.09 1.22 -1.98
N LEU B 37 49.97 2.40 -2.56
CA LEU B 37 49.39 2.60 -3.89
C LEU B 37 50.49 3.01 -4.86
N GLU B 38 50.60 2.27 -5.96
CA GLU B 38 51.59 2.56 -6.99
C GLU B 38 50.92 3.32 -8.13
N ASP B 39 51.48 4.49 -8.46
CA ASP B 39 50.93 5.34 -9.52
C ASP B 39 51.96 5.70 -10.58
N SER B 40 53.11 5.02 -10.60
CA SER B 40 54.19 5.35 -11.52
C SER B 40 54.44 4.17 -12.46
N HIS B 41 54.53 4.46 -13.75
CA HIS B 41 54.86 3.47 -14.77
C HIS B 41 55.84 4.09 -15.76
N ASN B 42 56.59 3.23 -16.45
CA ASN B 42 57.60 3.71 -17.38
C ASN B 42 57.00 4.29 -18.66
N GLY B 43 55.75 3.96 -18.97
CA GLY B 43 55.10 4.50 -20.14
C GLY B 43 55.50 3.86 -21.45
N LYS B 44 56.13 2.69 -21.42
CA LYS B 44 56.59 2.02 -22.62
C LYS B 44 56.12 0.57 -22.63
N LEU B 45 56.02 0.00 -23.83
CA LEU B 45 55.71 -1.41 -23.99
C LEU B 45 57.01 -2.20 -23.85
N CYS B 46 57.13 -2.98 -22.78
CA CYS B 46 58.34 -3.72 -22.48
C CYS B 46 58.19 -5.19 -22.83
N LYS B 47 59.32 -5.87 -22.92
CA LYS B 47 59.32 -7.31 -23.10
C LYS B 47 58.94 -8.01 -21.79
N LEU B 48 58.20 -9.10 -21.91
CA LEU B 48 57.80 -9.91 -20.77
C LEU B 48 58.56 -11.23 -20.79
N LYS B 49 59.27 -11.52 -19.70
CA LYS B 49 60.09 -12.71 -19.58
C LYS B 49 61.16 -12.77 -20.68
N GLY B 50 61.61 -11.60 -21.13
CA GLY B 50 62.57 -11.55 -22.21
C GLY B 50 62.02 -11.90 -23.58
N ILE B 51 60.70 -11.95 -23.72
CA ILE B 51 60.04 -12.28 -24.98
C ILE B 51 59.29 -11.06 -25.47
N ALA B 52 59.56 -10.66 -26.71
CA ALA B 52 58.94 -9.46 -27.26
C ALA B 52 57.47 -9.72 -27.56
N PRO B 53 56.60 -8.75 -27.32
CA PRO B 53 55.19 -8.90 -27.68
C PRO B 53 54.97 -8.78 -29.18
N LEU B 54 53.85 -9.34 -29.63
CA LEU B 54 53.47 -9.27 -31.04
C LEU B 54 52.58 -8.03 -31.22
N GLN B 55 53.07 -7.07 -32.00
CA GLN B 55 52.34 -5.83 -32.24
C GLN B 55 51.68 -5.93 -33.62
N LEU B 56 50.34 -5.96 -33.63
CA LEU B 56 49.62 -6.10 -34.89
C LEU B 56 49.65 -4.81 -35.70
N GLY B 57 49.79 -3.66 -35.04
CA GLY B 57 49.83 -2.40 -35.76
C GLY B 57 48.45 -2.05 -36.30
N LYS B 58 48.38 -1.73 -37.60
CA LYS B 58 47.14 -1.35 -38.24
C LYS B 58 46.27 -2.54 -38.62
N CYS B 59 46.53 -3.71 -38.04
CA CYS B 59 45.79 -4.92 -38.34
C CYS B 59 45.13 -5.44 -37.07
N ASN B 60 43.96 -6.06 -37.24
CA ASN B 60 43.28 -6.72 -36.15
C ASN B 60 43.61 -8.21 -36.15
N ILE B 61 43.01 -8.94 -35.21
CA ILE B 61 43.26 -10.38 -35.12
C ILE B 61 42.79 -11.08 -36.39
N ALA B 62 41.62 -10.69 -36.90
CA ALA B 62 41.10 -11.30 -38.12
C ALA B 62 42.04 -11.09 -39.30
N GLY B 63 42.48 -9.85 -39.50
CA GLY B 63 43.39 -9.57 -40.60
C GLY B 63 44.74 -10.24 -40.45
N TRP B 64 45.19 -10.43 -39.20
CA TRP B 64 46.48 -11.06 -38.96
C TRP B 64 46.45 -12.54 -39.32
N LEU B 65 45.43 -13.26 -38.88
CA LEU B 65 45.36 -14.70 -39.14
C LEU B 65 44.92 -14.99 -40.57
N LEU B 66 44.01 -14.19 -41.12
CA LEU B 66 43.53 -14.42 -42.48
C LEU B 66 44.60 -14.17 -43.53
N GLY B 67 45.62 -13.38 -43.22
CA GLY B 67 46.65 -13.07 -44.18
C GLY B 67 46.33 -11.87 -45.04
N ASN B 68 45.86 -10.80 -44.41
CA ASN B 68 45.55 -9.58 -45.13
C ASN B 68 46.82 -9.01 -45.76
N PRO B 69 46.75 -8.51 -47.00
CA PRO B 69 47.98 -8.02 -47.67
C PRO B 69 48.69 -6.92 -46.90
N GLU B 70 47.96 -6.06 -46.19
CA GLU B 70 48.60 -5.03 -45.38
C GLU B 70 49.27 -5.58 -44.13
N CYS B 71 49.02 -6.84 -43.78
CA CYS B 71 49.57 -7.47 -42.59
C CYS B 71 50.69 -8.45 -42.92
N GLU B 72 51.46 -8.17 -43.97
CA GLU B 72 52.49 -9.11 -44.41
C GLU B 72 53.69 -9.15 -43.47
N SER B 73 53.88 -8.11 -42.64
CA SER B 73 54.95 -8.15 -41.65
C SER B 73 54.67 -9.14 -40.53
N LEU B 74 53.40 -9.46 -40.28
CA LEU B 74 53.02 -10.38 -39.22
C LEU B 74 53.17 -11.85 -39.61
N LEU B 75 53.44 -12.15 -40.88
CA LEU B 75 53.53 -13.54 -41.31
C LEU B 75 54.77 -14.23 -40.74
N SER B 76 55.85 -13.49 -40.52
CA SER B 76 57.10 -14.07 -40.03
C SER B 76 57.18 -14.09 -38.50
N ALA B 77 56.05 -14.11 -37.81
CA ALA B 77 56.01 -14.11 -36.36
C ALA B 77 55.64 -15.50 -35.86
N ARG B 78 56.41 -16.00 -34.88
CA ARG B 78 56.16 -17.35 -34.36
C ARG B 78 55.98 -17.38 -32.86
N SER B 79 56.57 -16.45 -32.12
CA SER B 79 56.48 -16.46 -30.66
C SER B 79 56.39 -15.04 -30.13
N TRP B 80 55.65 -14.90 -29.02
CA TRP B 80 55.46 -13.60 -28.38
C TRP B 80 55.00 -13.83 -26.95
N SER B 81 55.12 -12.77 -26.14
CA SER B 81 54.63 -12.81 -24.77
C SER B 81 53.18 -12.33 -24.65
N TYR B 82 52.80 -11.33 -25.45
CA TYR B 82 51.42 -10.86 -25.47
C TYR B 82 51.16 -10.13 -26.78
N ILE B 83 49.88 -9.89 -27.06
CA ILE B 83 49.44 -9.30 -28.32
C ILE B 83 48.96 -7.88 -28.05
N VAL B 84 49.45 -6.93 -28.85
CA VAL B 84 49.11 -5.51 -28.70
C VAL B 84 48.36 -5.05 -29.94
N GLU B 85 47.24 -4.36 -29.74
CA GLU B 85 46.45 -3.79 -30.81
C GLU B 85 46.39 -2.27 -30.68
N THR B 86 46.54 -1.58 -31.81
CA THR B 86 46.47 -0.13 -31.85
C THR B 86 45.01 0.31 -31.91
N PRO B 87 44.71 1.53 -31.46
CA PRO B 87 43.31 1.99 -31.52
C PRO B 87 42.74 2.02 -32.94
N ASN B 88 43.57 2.24 -33.95
CA ASN B 88 43.12 2.27 -35.35
C ASN B 88 43.41 0.96 -36.10
N SER B 89 43.15 -0.20 -35.50
CA SER B 89 43.42 -1.48 -36.15
C SER B 89 42.27 -1.79 -37.10
N GLU B 90 42.31 -1.15 -38.27
CA GLU B 90 41.21 -1.18 -39.22
C GLU B 90 41.32 -2.26 -40.30
N ASN B 91 42.49 -2.86 -40.51
CA ASN B 91 42.67 -3.77 -41.63
C ASN B 91 42.33 -5.19 -41.19
N GLY B 92 41.10 -5.59 -41.47
CA GLY B 92 40.68 -6.97 -41.28
C GLY B 92 39.55 -7.27 -42.24
N THR B 93 39.48 -8.51 -42.70
CA THR B 93 38.44 -8.99 -43.61
C THR B 93 38.21 -7.99 -44.76
N CYS B 94 39.23 -7.90 -45.62
CA CYS B 94 39.19 -6.94 -46.72
C CYS B 94 38.00 -7.21 -47.62
N TYR B 95 37.66 -8.47 -47.86
CA TYR B 95 36.41 -8.80 -48.54
C TYR B 95 35.28 -8.80 -47.53
N PRO B 96 34.20 -8.05 -47.77
CA PRO B 96 33.13 -7.94 -46.76
C PRO B 96 32.51 -9.28 -46.42
N GLY B 97 32.13 -9.40 -45.15
CA GLY B 97 31.54 -10.63 -44.66
C GLY B 97 31.55 -10.66 -43.14
N ASP B 98 31.20 -11.83 -42.61
CA ASP B 98 31.13 -12.04 -41.16
C ASP B 98 32.09 -13.14 -40.76
N PHE B 99 32.90 -12.87 -39.74
CA PHE B 99 33.85 -13.85 -39.19
C PHE B 99 33.15 -14.56 -38.04
N ILE B 100 32.70 -15.79 -38.28
CA ILE B 100 31.92 -16.52 -37.29
C ILE B 100 32.79 -16.87 -36.09
N ASP B 101 32.26 -16.64 -34.89
CA ASP B 101 32.94 -16.91 -33.63
C ASP B 101 34.28 -16.18 -33.55
N TYR B 102 34.30 -14.94 -34.05
CA TYR B 102 35.52 -14.14 -34.02
C TYR B 102 35.95 -13.83 -32.60
N GLU B 103 35.00 -13.43 -31.74
CA GLU B 103 35.34 -13.13 -30.36
C GLU B 103 35.85 -14.36 -29.63
N GLU B 104 35.27 -15.52 -29.93
CA GLU B 104 35.72 -16.76 -29.31
C GLU B 104 37.13 -17.14 -29.76
N LEU B 105 37.46 -16.86 -31.02
CA LEU B 105 38.81 -17.12 -31.52
C LEU B 105 39.83 -16.26 -30.81
N ARG B 106 39.47 -15.01 -30.49
CA ARG B 106 40.38 -14.15 -29.72
C ARG B 106 40.67 -14.74 -28.34
N GLU B 107 39.66 -15.33 -27.71
CA GLU B 107 39.86 -15.95 -26.41
C GLU B 107 40.83 -17.13 -26.50
N GLN B 108 40.73 -17.93 -27.56
CA GLN B 108 41.65 -19.05 -27.73
C GLN B 108 43.08 -18.59 -27.91
N LEU B 109 43.27 -17.51 -28.68
CA LEU B 109 44.63 -17.02 -28.93
C LEU B 109 45.24 -16.41 -27.67
N SER B 110 44.41 -15.92 -26.75
CA SER B 110 44.92 -15.38 -25.50
C SER B 110 45.61 -16.45 -24.65
N SER B 111 45.37 -17.73 -24.94
CA SER B 111 46.04 -18.84 -24.29
C SER B 111 47.13 -19.45 -25.17
N VAL B 112 47.48 -18.80 -26.27
CA VAL B 112 48.50 -19.30 -27.19
C VAL B 112 49.78 -18.50 -26.98
N SER B 113 50.87 -19.19 -26.68
CA SER B 113 52.16 -18.54 -26.48
C SER B 113 52.98 -18.48 -27.77
N SER B 114 52.78 -19.42 -28.68
CA SER B 114 53.54 -19.46 -29.92
C SER B 114 52.83 -20.40 -30.89
N PHE B 115 52.87 -20.06 -32.18
CA PHE B 115 52.33 -20.91 -33.22
C PHE B 115 53.31 -21.01 -34.38
N GLU B 116 53.16 -22.08 -35.15
CA GLU B 116 53.98 -22.33 -36.34
C GLU B 116 53.08 -22.29 -37.57
N ARG B 117 53.38 -21.37 -38.49
CA ARG B 117 52.61 -21.21 -39.71
C ARG B 117 53.16 -22.14 -40.79
N PHE B 118 52.29 -22.98 -41.35
CA PHE B 118 52.70 -23.95 -42.36
C PHE B 118 51.67 -23.97 -43.48
N GLU B 119 52.11 -24.41 -44.65
CA GLU B 119 51.25 -24.52 -45.82
C GLU B 119 50.48 -25.83 -45.73
N ILE B 120 49.25 -25.77 -45.21
CA ILE B 120 48.44 -26.97 -45.05
C ILE B 120 48.12 -27.58 -46.41
N PHE B 121 47.75 -26.74 -47.38
CA PHE B 121 47.47 -27.18 -48.74
C PHE B 121 48.28 -26.36 -49.72
N PRO B 122 49.33 -26.91 -50.33
CA PRO B 122 50.11 -26.14 -51.32
C PRO B 122 49.21 -25.66 -52.45
N LYS B 123 49.47 -24.42 -52.89
CA LYS B 123 48.56 -23.79 -53.86
C LYS B 123 48.56 -24.53 -55.19
N GLU B 124 49.74 -24.89 -55.71
CA GLU B 124 49.82 -25.52 -57.01
C GLU B 124 49.64 -27.03 -56.98
N SER B 125 49.94 -27.67 -55.84
CA SER B 125 49.95 -29.13 -55.77
C SER B 125 48.64 -29.72 -55.29
N SER B 126 47.95 -29.04 -54.38
CA SER B 126 46.80 -29.64 -53.71
C SER B 126 45.60 -29.79 -54.63
N TRP B 127 45.40 -28.85 -55.55
CA TRP B 127 44.20 -28.77 -56.38
C TRP B 127 44.58 -28.80 -57.85
N PRO B 128 44.63 -30.00 -58.47
CA PRO B 128 44.97 -30.05 -59.90
C PRO B 128 43.78 -29.79 -60.82
N ASN B 129 42.55 -29.98 -60.36
CA ASN B 129 41.36 -29.83 -61.19
C ASN B 129 40.69 -28.47 -61.04
N HIS B 130 41.32 -27.53 -60.34
CA HIS B 130 40.73 -26.23 -60.07
C HIS B 130 41.74 -25.12 -60.35
N ASN B 131 41.22 -23.92 -60.57
CA ASN B 131 42.05 -22.78 -60.94
C ASN B 131 42.65 -22.17 -59.67
N THR B 132 43.96 -22.28 -59.51
CA THR B 132 44.65 -21.68 -58.37
C THR B 132 45.00 -20.24 -58.61
N THR B 133 44.87 -19.78 -59.85
CA THR B 133 45.05 -18.38 -60.23
C THR B 133 43.65 -17.77 -60.15
N LYS B 134 43.43 -16.59 -60.74
CA LYS B 134 42.15 -15.89 -60.61
C LYS B 134 42.05 -15.48 -59.14
N GLY B 135 40.89 -15.69 -58.52
CA GLY B 135 40.67 -15.37 -57.13
C GLY B 135 41.31 -14.11 -56.59
N VAL B 136 41.09 -12.99 -57.28
CA VAL B 136 41.59 -11.70 -56.83
C VAL B 136 40.42 -10.72 -56.83
N THR B 137 40.36 -9.89 -55.80
CA THR B 137 39.28 -8.92 -55.65
C THR B 137 39.87 -7.54 -55.46
N ALA B 138 39.09 -6.52 -55.83
CA ALA B 138 39.56 -5.15 -55.71
C ALA B 138 39.64 -4.71 -54.25
N ALA B 139 38.81 -5.30 -53.39
CA ALA B 139 38.82 -4.93 -51.97
C ALA B 139 40.14 -5.30 -51.31
N CYS B 140 40.69 -6.47 -51.65
CA CYS B 140 41.97 -6.90 -51.09
C CYS B 140 43.09 -6.57 -52.07
N SER B 141 43.34 -5.28 -52.22
CA SER B 141 44.31 -4.77 -53.17
C SER B 141 45.61 -4.43 -52.46
N HIS B 142 46.73 -4.84 -53.05
CA HIS B 142 48.05 -4.52 -52.56
C HIS B 142 48.89 -3.99 -53.72
N ALA B 143 49.58 -2.87 -53.49
CA ALA B 143 50.42 -2.24 -54.51
C ALA B 143 49.61 -1.89 -55.76
N GLY B 144 48.39 -1.41 -55.55
CA GLY B 144 47.53 -0.99 -56.63
C GLY B 144 46.84 -2.09 -57.42
N LYS B 145 47.29 -3.34 -57.29
CA LYS B 145 46.70 -4.45 -58.01
C LYS B 145 45.86 -5.30 -57.09
N SER B 146 44.81 -5.90 -57.65
CA SER B 146 43.95 -6.78 -56.87
C SER B 146 44.70 -8.02 -56.41
N SER B 147 44.53 -8.38 -55.14
CA SER B 147 45.19 -9.52 -54.54
C SER B 147 44.18 -10.25 -53.65
N PHE B 148 44.67 -11.14 -52.80
CA PHE B 148 43.81 -11.91 -51.91
C PHE B 148 44.58 -12.22 -50.63
N TYR B 149 43.89 -12.91 -49.72
CA TYR B 149 44.49 -13.29 -48.44
C TYR B 149 45.69 -14.20 -48.65
N ARG B 150 46.70 -14.01 -47.80
CA ARG B 150 47.91 -14.83 -47.87
C ARG B 150 47.71 -16.22 -47.30
N ASN B 151 46.70 -16.41 -46.44
CA ASN B 151 46.43 -17.70 -45.81
C ASN B 151 45.23 -18.41 -46.41
N LEU B 152 44.58 -17.83 -47.42
CA LEU B 152 43.43 -18.43 -48.06
C LEU B 152 43.67 -18.48 -49.57
N LEU B 153 43.07 -19.48 -50.22
CA LEU B 153 43.18 -19.64 -51.66
C LEU B 153 41.78 -19.67 -52.26
N TRP B 154 41.52 -18.78 -53.22
CA TRP B 154 40.23 -18.69 -53.88
C TRP B 154 40.22 -19.65 -55.08
N LEU B 155 39.47 -20.73 -54.97
CA LEU B 155 39.35 -21.71 -56.04
C LEU B 155 38.14 -21.40 -56.91
N THR B 156 38.35 -21.37 -58.22
CA THR B 156 37.30 -21.10 -59.18
C THR B 156 37.28 -22.22 -60.22
N LYS B 157 36.33 -22.13 -61.14
CA LYS B 157 36.15 -23.18 -62.13
C LYS B 157 37.34 -23.23 -63.08
N LYS B 158 37.71 -24.45 -63.46
CA LYS B 158 38.81 -24.69 -64.40
C LYS B 158 38.23 -25.16 -65.72
N GLY B 159 38.51 -24.40 -66.79
CA GLY B 159 37.96 -24.74 -68.09
C GLY B 159 36.45 -24.71 -68.14
N GLY B 160 35.83 -23.81 -67.38
CA GLY B 160 34.38 -23.76 -67.35
C GLY B 160 33.71 -24.89 -66.60
N SER B 161 34.46 -25.62 -65.76
CA SER B 161 33.92 -26.74 -65.02
C SER B 161 34.49 -26.75 -63.61
N TYR B 162 33.60 -26.97 -62.63
CA TYR B 162 33.99 -27.09 -61.22
C TYR B 162 33.61 -28.49 -60.74
N PRO B 163 34.53 -29.44 -60.81
CA PRO B 163 34.24 -30.79 -60.32
C PRO B 163 34.10 -30.82 -58.81
N LYS B 164 33.44 -31.87 -58.32
CA LYS B 164 33.31 -32.07 -56.89
C LYS B 164 34.69 -32.24 -56.26
N LEU B 165 34.94 -31.52 -55.18
CA LEU B 165 36.23 -31.46 -54.52
C LEU B 165 36.23 -32.22 -53.21
N SER B 166 37.26 -33.02 -52.99
CA SER B 166 37.41 -33.78 -51.74
C SER B 166 38.89 -33.76 -51.36
N LYS B 167 39.24 -32.92 -50.39
CA LYS B 167 40.61 -32.77 -49.90
C LYS B 167 40.63 -33.03 -48.41
N SER B 168 41.60 -33.83 -47.96
CA SER B 168 41.74 -34.19 -46.57
C SER B 168 43.14 -33.87 -46.07
N TYR B 169 43.23 -33.57 -44.77
CA TYR B 169 44.51 -33.30 -44.13
C TYR B 169 44.53 -33.98 -42.77
N VAL B 170 45.64 -34.66 -42.47
CA VAL B 170 45.84 -35.34 -41.20
C VAL B 170 46.83 -34.53 -40.37
N ASN B 171 46.50 -34.29 -39.11
CA ASN B 171 47.33 -33.48 -38.23
C ASN B 171 48.50 -34.30 -37.74
N ASN B 172 49.65 -34.15 -38.41
CA ASN B 172 50.89 -34.79 -38.00
C ASN B 172 51.77 -33.91 -37.14
N LYS B 173 51.33 -32.68 -36.84
CA LYS B 173 52.14 -31.74 -36.08
C LYS B 173 52.20 -32.04 -34.59
N GLY B 174 51.35 -32.94 -34.09
CA GLY B 174 51.33 -33.23 -32.67
C GLY B 174 50.84 -32.10 -31.80
N LYS B 175 50.17 -31.10 -32.38
CA LYS B 175 49.63 -29.97 -31.65
C LYS B 175 48.28 -29.60 -32.24
N GLU B 176 47.54 -28.76 -31.53
CA GLU B 176 46.30 -28.23 -32.08
C GLU B 176 46.60 -27.37 -33.30
N VAL B 177 45.83 -27.58 -34.36
CA VAL B 177 46.01 -26.88 -35.62
C VAL B 177 44.80 -25.99 -35.85
N LEU B 178 45.04 -24.69 -36.02
CA LEU B 178 43.99 -23.73 -36.31
C LEU B 178 43.81 -23.66 -37.83
N VAL B 179 42.63 -24.04 -38.30
CA VAL B 179 42.33 -24.07 -39.73
C VAL B 179 41.30 -23.00 -40.03
N LEU B 180 41.58 -22.20 -41.06
CA LEU B 180 40.71 -21.10 -41.46
C LEU B 180 40.23 -21.32 -42.89
N TRP B 181 38.94 -21.12 -43.13
CA TRP B 181 38.38 -21.26 -44.46
C TRP B 181 37.21 -20.30 -44.62
N GLY B 182 36.78 -20.11 -45.86
CA GLY B 182 35.67 -19.21 -46.14
C GLY B 182 34.71 -19.81 -47.15
N VAL B 183 33.48 -19.29 -47.11
CA VAL B 183 32.43 -19.65 -48.05
C VAL B 183 31.95 -18.37 -48.71
N HIS B 184 32.00 -18.33 -50.04
CA HIS B 184 31.67 -17.13 -50.79
C HIS B 184 30.22 -17.15 -51.22
N HIS B 185 29.55 -16.01 -51.06
CA HIS B 185 28.15 -15.85 -51.42
C HIS B 185 28.00 -14.82 -52.54
N PRO B 186 27.84 -15.25 -53.78
CA PRO B 186 27.74 -14.30 -54.89
C PRO B 186 26.43 -13.51 -54.85
N SER B 187 26.46 -12.35 -55.49
CA SER B 187 25.30 -11.46 -55.51
C SER B 187 24.24 -11.91 -56.52
N THR B 188 24.65 -12.49 -57.64
CA THR B 188 23.73 -12.87 -58.70
C THR B 188 24.07 -14.27 -59.19
N SER B 189 23.06 -14.98 -59.72
CA SER B 189 23.28 -16.32 -60.24
C SER B 189 24.23 -16.33 -61.42
N THR B 190 24.20 -15.28 -62.25
CA THR B 190 25.15 -15.18 -63.34
C THR B 190 26.57 -15.04 -62.80
N ASP B 191 26.75 -14.26 -61.74
CA ASP B 191 28.06 -14.16 -61.11
C ASP B 191 28.44 -15.48 -60.44
N GLN B 192 27.46 -16.21 -59.91
CA GLN B 192 27.73 -17.53 -59.34
C GLN B 192 28.23 -18.48 -60.42
N GLN B 193 27.55 -18.53 -61.55
CA GLN B 193 27.99 -19.39 -62.65
C GLN B 193 29.30 -18.92 -63.24
N SER B 194 29.53 -17.61 -63.27
CA SER B 194 30.78 -17.08 -63.83
C SER B 194 31.99 -17.55 -63.02
N LEU B 195 31.83 -17.67 -61.70
CA LEU B 195 32.92 -18.12 -60.85
C LEU B 195 32.86 -19.62 -60.62
N TYR B 196 31.67 -20.18 -60.46
CA TYR B 196 31.46 -21.59 -60.18
C TYR B 196 30.40 -22.09 -61.15
N GLN B 197 30.82 -22.91 -62.12
CA GLN B 197 29.89 -23.40 -63.14
C GLN B 197 28.64 -24.05 -62.57
N ASN B 198 28.72 -24.61 -61.36
CA ASN B 198 27.57 -25.29 -60.77
C ASN B 198 26.76 -24.28 -59.98
N GLU B 199 25.47 -24.20 -60.29
CA GLU B 199 24.59 -23.24 -59.64
C GLU B 199 24.26 -23.67 -58.22
N ASN B 200 23.67 -24.85 -58.07
CA ASN B 200 23.46 -25.40 -56.74
C ASN B 200 24.75 -26.09 -56.31
N ALA B 201 25.47 -25.47 -55.38
CA ALA B 201 26.75 -25.97 -54.89
C ALA B 201 26.71 -25.92 -53.38
N TYR B 202 27.54 -26.75 -52.74
CA TYR B 202 27.60 -26.81 -51.30
C TYR B 202 29.06 -26.91 -50.86
N VAL B 203 29.30 -26.51 -49.62
CA VAL B 203 30.61 -26.63 -48.98
C VAL B 203 30.43 -27.42 -47.69
N SER B 204 31.25 -28.46 -47.53
CA SER B 204 31.18 -29.34 -46.37
C SER B 204 32.56 -29.43 -45.73
N VAL B 205 32.63 -29.13 -44.44
CA VAL B 205 33.84 -29.29 -43.65
C VAL B 205 33.48 -30.18 -42.47
N VAL B 206 34.09 -31.37 -42.43
CA VAL B 206 33.73 -32.38 -41.44
C VAL B 206 35.00 -32.91 -40.78
N SER B 207 34.97 -33.00 -39.45
CA SER B 207 36.04 -33.68 -38.71
C SER B 207 35.43 -34.64 -37.69
N SER B 208 36.28 -35.21 -36.83
CA SER B 208 35.79 -36.07 -35.76
C SER B 208 35.05 -35.25 -34.71
N ASN B 209 35.48 -34.01 -34.49
CA ASN B 209 34.89 -33.12 -33.50
C ASN B 209 34.14 -31.95 -34.12
N TYR B 210 34.11 -31.85 -35.45
CA TYR B 210 33.49 -30.72 -36.14
C TYR B 210 32.71 -31.24 -37.34
N ASN B 211 31.49 -30.74 -37.51
CA ASN B 211 30.67 -31.12 -38.65
C ASN B 211 29.73 -29.96 -38.97
N ARG B 212 29.91 -29.36 -40.14
CA ARG B 212 29.04 -28.28 -40.59
C ARG B 212 29.03 -28.23 -42.10
N ARG B 213 27.86 -27.94 -42.66
CA ARG B 213 27.67 -27.80 -44.10
C ARG B 213 27.17 -26.40 -44.40
N PHE B 214 27.73 -25.79 -45.44
CA PHE B 214 27.44 -24.40 -45.79
C PHE B 214 26.74 -24.34 -47.13
N THR B 215 25.62 -23.60 -47.19
CA THR B 215 24.87 -23.41 -48.41
C THR B 215 24.96 -21.95 -48.84
N PRO B 216 25.54 -21.66 -50.01
CA PRO B 216 25.67 -20.27 -50.44
C PRO B 216 24.30 -19.59 -50.60
N GLU B 217 24.26 -18.31 -50.25
CA GLU B 217 23.06 -17.49 -50.32
C GLU B 217 23.28 -16.39 -51.35
N ILE B 218 22.35 -16.26 -52.29
CA ILE B 218 22.43 -15.28 -53.37
C ILE B 218 21.29 -14.29 -53.22
N ALA B 219 21.63 -13.01 -53.10
CA ALA B 219 20.62 -11.97 -52.93
C ALA B 219 21.24 -10.61 -53.26
N GLU B 220 20.38 -9.63 -53.50
CA GLU B 220 20.82 -8.26 -53.73
C GLU B 220 21.29 -7.65 -52.42
N ARG B 221 22.52 -7.15 -52.39
CA ARG B 221 23.11 -6.63 -51.17
C ARG B 221 23.73 -5.27 -51.43
N PRO B 222 23.76 -4.41 -50.41
CA PRO B 222 24.46 -3.13 -50.56
C PRO B 222 25.97 -3.35 -50.68
N LYS B 223 26.61 -2.44 -51.41
CA LYS B 223 28.04 -2.56 -51.69
C LYS B 223 28.84 -2.14 -50.46
N VAL B 224 29.67 -3.06 -49.97
CA VAL B 224 30.63 -2.77 -48.92
C VAL B 224 32.02 -2.92 -49.52
N ARG B 225 32.80 -1.85 -49.49
CA ARG B 225 34.09 -1.79 -50.18
C ARG B 225 33.93 -2.14 -51.66
N GLY B 226 32.85 -1.66 -52.26
CA GLY B 226 32.57 -1.91 -53.66
C GLY B 226 32.33 -3.36 -53.99
N GLN B 227 31.73 -4.12 -53.07
CA GLN B 227 31.48 -5.54 -53.27
C GLN B 227 30.07 -5.89 -52.81
N ALA B 228 29.24 -6.37 -53.73
CA ALA B 228 27.91 -6.82 -53.38
C ALA B 228 27.90 -8.23 -52.80
N GLY B 229 28.93 -9.03 -53.09
CA GLY B 229 29.03 -10.35 -52.52
C GLY B 229 29.54 -10.33 -51.09
N ARG B 230 29.44 -11.49 -50.44
CA ARG B 230 29.87 -11.65 -49.07
C ARG B 230 30.68 -12.93 -48.92
N MET B 231 31.69 -12.88 -48.05
CA MET B 231 32.49 -14.04 -47.68
C MET B 231 32.37 -14.27 -46.17
N ASN B 232 31.89 -15.45 -45.79
CA ASN B 232 31.78 -15.85 -44.40
C ASN B 232 33.03 -16.65 -44.03
N TYR B 233 33.75 -16.20 -43.00
CA TYR B 233 35.00 -16.82 -42.60
C TYR B 233 34.76 -17.72 -41.39
N TYR B 234 35.34 -18.91 -41.43
CA TYR B 234 35.15 -19.92 -40.40
C TYR B 234 36.50 -20.41 -39.90
N TRP B 235 36.49 -21.02 -38.71
CA TRP B 235 37.69 -21.56 -38.11
C TRP B 235 37.34 -22.76 -37.25
N THR B 236 38.34 -23.59 -37.00
CA THR B 236 38.19 -24.74 -36.10
C THR B 236 39.56 -25.14 -35.59
N LEU B 237 39.56 -25.90 -34.50
CA LEU B 237 40.79 -26.41 -33.90
C LEU B 237 40.87 -27.91 -34.17
N LEU B 238 41.93 -28.33 -34.84
CA LEU B 238 42.14 -29.73 -35.20
C LEU B 238 43.03 -30.37 -34.14
N GLU B 239 42.48 -31.35 -33.43
CA GLU B 239 43.24 -32.03 -32.41
C GLU B 239 44.34 -32.89 -33.04
N PRO B 240 45.42 -33.15 -32.31
CA PRO B 240 46.51 -33.99 -32.87
C PRO B 240 45.99 -35.36 -33.28
N GLY B 241 46.40 -35.80 -34.47
CA GLY B 241 45.98 -37.07 -35.00
C GLY B 241 44.64 -37.07 -35.71
N ASP B 242 43.86 -36.00 -35.60
CA ASP B 242 42.56 -35.94 -36.24
C ASP B 242 42.69 -35.57 -37.71
N THR B 243 41.68 -35.95 -38.48
CA THR B 243 41.63 -35.67 -39.91
C THR B 243 40.45 -34.76 -40.21
N ILE B 244 40.69 -33.72 -41.01
CA ILE B 244 39.65 -32.81 -41.45
C ILE B 244 39.49 -32.96 -42.96
N ILE B 245 38.24 -33.03 -43.41
CA ILE B 245 37.91 -33.29 -44.81
C ILE B 245 37.12 -32.12 -45.36
N PHE B 246 37.56 -31.59 -46.50
CA PHE B 246 36.86 -30.51 -47.18
C PHE B 246 36.19 -31.07 -48.44
N GLU B 247 34.86 -30.99 -48.47
CA GLU B 247 34.07 -31.44 -49.60
C GLU B 247 33.23 -30.26 -50.08
N ALA B 248 33.39 -29.89 -51.35
CA ALA B 248 32.70 -28.72 -51.87
C ALA B 248 32.40 -28.90 -53.34
N THR B 249 31.30 -28.28 -53.78
CA THR B 249 30.93 -28.23 -55.19
C THR B 249 31.05 -26.80 -55.73
N GLY B 250 31.63 -25.90 -54.95
CA GLY B 250 31.79 -24.52 -55.37
C GLY B 250 31.68 -23.59 -54.17
N ASN B 251 32.00 -22.32 -54.44
CA ASN B 251 31.90 -21.24 -53.46
C ASN B 251 32.78 -21.46 -52.23
N LEU B 252 33.84 -22.24 -52.37
CA LEU B 252 34.73 -22.55 -51.26
C LEU B 252 35.99 -21.70 -51.34
N ILE B 253 36.35 -21.08 -50.23
CA ILE B 253 37.60 -20.33 -50.09
C ILE B 253 38.55 -21.25 -49.32
N ALA B 254 39.45 -21.91 -50.04
CA ALA B 254 40.21 -23.01 -49.48
C ALA B 254 41.27 -22.52 -48.50
N PRO B 255 41.60 -23.33 -47.49
CA PRO B 255 42.67 -22.98 -46.55
C PRO B 255 44.04 -23.14 -47.17
N TRP B 256 44.73 -22.02 -47.43
CA TRP B 256 46.07 -22.10 -47.98
C TRP B 256 47.11 -22.37 -46.89
N TYR B 257 46.99 -21.69 -45.76
CA TYR B 257 47.95 -21.83 -44.66
C TYR B 257 47.21 -22.08 -43.36
N ALA B 258 47.86 -22.83 -42.47
CA ALA B 258 47.32 -23.14 -41.15
C ALA B 258 48.40 -22.89 -40.11
N PHE B 259 47.99 -22.98 -38.84
CA PHE B 259 48.88 -22.69 -37.73
C PHE B 259 48.84 -23.84 -36.72
N ALA B 260 50.02 -24.29 -36.30
CA ALA B 260 50.15 -25.28 -35.25
C ALA B 260 50.40 -24.56 -33.94
N LEU B 261 49.45 -24.68 -33.01
CA LEU B 261 49.45 -23.86 -31.80
C LEU B 261 50.19 -24.56 -30.66
N SER B 262 50.98 -23.78 -29.93
CA SER B 262 51.61 -24.22 -28.69
C SER B 262 51.08 -23.31 -27.58
N ARG B 263 50.29 -23.88 -26.67
CA ARG B 263 49.58 -23.07 -25.69
C ARG B 263 50.46 -22.73 -24.49
N GLY B 264 50.23 -21.53 -23.95
CA GLY B 264 50.89 -21.07 -22.75
C GLY B 264 49.90 -20.45 -21.80
N SER B 265 50.39 -19.82 -20.73
CA SER B 265 49.51 -19.18 -19.76
C SER B 265 49.99 -17.76 -19.50
N GLY B 266 49.03 -16.88 -19.18
CA GLY B 266 49.33 -15.50 -18.89
C GLY B 266 49.34 -14.57 -20.07
N SER B 267 49.10 -15.07 -21.28
CA SER B 267 49.07 -14.22 -22.45
C SER B 267 47.69 -13.57 -22.60
N GLY B 268 47.63 -12.56 -23.45
CA GLY B 268 46.38 -11.85 -23.66
C GLY B 268 46.52 -10.83 -24.76
N ILE B 269 45.40 -10.19 -25.07
CA ILE B 269 45.31 -9.17 -26.11
C ILE B 269 44.91 -7.86 -25.45
N ILE B 270 45.72 -6.83 -25.62
CA ILE B 270 45.47 -5.54 -25.00
C ILE B 270 45.53 -4.46 -26.09
N THR B 271 44.88 -3.34 -25.80
CA THR B 271 44.87 -2.17 -26.66
C THR B 271 45.68 -1.07 -25.99
N SER B 272 46.80 -0.69 -26.61
CA SER B 272 47.71 0.30 -26.05
C SER B 272 48.20 1.23 -27.15
N ASN B 273 48.35 2.51 -26.81
CA ASN B 273 48.94 3.49 -27.71
C ASN B 273 50.42 3.73 -27.42
N ALA B 274 51.00 2.93 -26.52
CA ALA B 274 52.40 3.08 -26.13
C ALA B 274 53.33 2.46 -27.17
N SER B 275 54.60 2.83 -27.08
CA SER B 275 55.63 2.40 -28.02
C SER B 275 56.51 1.33 -27.41
N MET B 276 56.90 0.35 -28.23
CA MET B 276 57.76 -0.72 -27.77
C MET B 276 59.20 -0.23 -27.59
N HIS B 277 59.78 -0.54 -26.43
CA HIS B 277 61.17 -0.19 -26.14
C HIS B 277 61.90 -1.43 -25.62
N GLU B 278 63.22 -1.42 -25.77
CA GLU B 278 64.06 -2.55 -25.34
C GLU B 278 64.18 -2.51 -23.83
N CYS B 279 63.13 -2.97 -23.17
CA CYS B 279 63.08 -3.08 -21.72
C CYS B 279 62.41 -4.39 -21.37
N ASN B 280 62.72 -4.90 -20.17
CA ASN B 280 62.13 -6.13 -19.68
C ASN B 280 61.42 -5.83 -18.37
N THR B 281 60.22 -6.39 -18.21
CA THR B 281 59.41 -6.15 -17.04
C THR B 281 58.67 -7.44 -16.68
N LYS B 282 58.19 -7.48 -15.44
CA LYS B 282 57.33 -8.56 -14.97
C LYS B 282 55.86 -8.15 -14.96
N CYS B 283 55.55 -6.88 -15.21
CA CYS B 283 54.19 -6.38 -15.23
C CYS B 283 54.05 -5.37 -16.37
N GLN B 284 53.10 -5.60 -17.27
CA GLN B 284 52.86 -4.72 -18.40
C GLN B 284 51.40 -4.33 -18.42
N THR B 285 51.14 -3.04 -18.60
CA THR B 285 49.81 -2.46 -18.69
C THR B 285 49.69 -1.68 -19.99
N PRO B 286 48.46 -1.41 -20.45
CA PRO B 286 48.30 -0.62 -21.67
C PRO B 286 48.92 0.78 -21.57
N GLN B 287 49.04 1.32 -20.36
CA GLN B 287 49.66 2.63 -20.19
C GLN B 287 51.19 2.54 -20.08
N GLY B 288 51.71 1.45 -19.54
CA GLY B 288 53.15 1.28 -19.40
C GLY B 288 53.46 0.13 -18.49
N ALA B 289 54.74 -0.19 -18.41
CA ALA B 289 55.20 -1.27 -17.55
C ALA B 289 55.37 -0.80 -16.11
N ILE B 290 55.24 -1.73 -15.17
CA ILE B 290 55.30 -1.43 -13.75
C ILE B 290 56.39 -2.27 -13.11
N ASN B 291 57.29 -1.62 -12.38
CA ASN B 291 58.32 -2.26 -11.57
C ASN B 291 58.08 -1.83 -10.13
N SER B 292 57.23 -2.57 -9.43
CA SER B 292 56.82 -2.17 -8.08
C SER B 292 56.46 -3.41 -7.27
N SER B 293 56.78 -3.36 -5.98
CA SER B 293 56.38 -4.40 -5.04
C SER B 293 55.18 -3.99 -4.18
N LEU B 294 54.53 -2.87 -4.52
CA LEU B 294 53.38 -2.42 -3.75
C LEU B 294 52.18 -3.33 -4.01
N PRO B 295 51.27 -3.44 -3.04
CA PRO B 295 50.11 -4.33 -3.23
C PRO B 295 49.08 -3.78 -4.18
N PHE B 296 48.98 -2.46 -4.33
CA PHE B 296 47.92 -1.84 -5.11
C PHE B 296 48.50 -0.88 -6.14
N GLN B 297 47.76 -0.73 -7.25
CA GLN B 297 48.09 0.25 -8.28
C GLN B 297 46.79 0.81 -8.84
N ASN B 298 46.87 2.03 -9.34
CA ASN B 298 45.72 2.71 -9.94
C ASN B 298 46.00 3.09 -11.40
N ILE B 299 46.86 2.34 -12.06
CA ILE B 299 47.24 2.66 -13.44
C ILE B 299 46.17 2.17 -14.42
N HIS B 300 45.91 0.86 -14.42
CA HIS B 300 44.96 0.30 -15.37
C HIS B 300 44.48 -1.05 -14.86
N PRO B 301 43.19 -1.38 -15.03
CA PRO B 301 42.72 -2.70 -14.60
C PRO B 301 43.26 -3.85 -15.45
N VAL B 302 43.56 -3.61 -16.72
CA VAL B 302 44.08 -4.65 -17.59
C VAL B 302 45.57 -4.82 -17.31
N THR B 303 45.98 -6.04 -16.98
CA THR B 303 47.36 -6.32 -16.60
C THR B 303 47.84 -7.59 -17.27
N ILE B 304 49.15 -7.67 -17.49
CA ILE B 304 49.80 -8.85 -18.05
C ILE B 304 51.00 -9.17 -17.17
N GLY B 305 51.02 -10.37 -16.61
CA GLY B 305 52.07 -10.78 -15.70
C GLY B 305 51.68 -10.60 -14.24
N GLU B 306 52.71 -10.53 -13.39
CA GLU B 306 52.52 -10.32 -11.96
C GLU B 306 52.44 -8.81 -11.68
N CYS B 307 51.27 -8.36 -11.24
CA CYS B 307 50.96 -6.95 -11.07
C CYS B 307 50.22 -6.71 -9.77
N PRO B 308 50.29 -5.49 -9.24
CA PRO B 308 49.44 -5.14 -8.10
C PRO B 308 47.97 -5.06 -8.49
N LYS B 309 47.11 -5.34 -7.53
CA LYS B 309 45.68 -5.27 -7.79
CA LYS B 309 45.67 -5.26 -7.78
C LYS B 309 45.27 -3.83 -8.10
N TYR B 310 44.45 -3.67 -9.14
CA TYR B 310 43.92 -2.36 -9.48
C TYR B 310 42.85 -1.95 -8.49
N VAL B 311 42.91 -0.69 -8.05
CA VAL B 311 41.90 -0.12 -7.16
C VAL B 311 41.57 1.29 -7.64
N ARG B 312 40.43 1.79 -7.22
CA ARG B 312 39.99 3.13 -7.57
C ARG B 312 40.46 4.19 -6.58
N SER B 313 41.22 3.81 -5.56
CA SER B 313 41.66 4.76 -4.56
C SER B 313 42.65 5.76 -5.16
N THR B 314 42.51 7.02 -4.76
CA THR B 314 43.47 8.03 -5.20
C THR B 314 44.78 7.94 -4.42
N LYS B 315 44.71 7.57 -3.14
CA LYS B 315 45.90 7.43 -2.32
C LYS B 315 45.62 6.36 -1.27
N LEU B 316 46.66 5.57 -0.96
CA LEU B 316 46.58 4.55 0.08
C LEU B 316 47.88 4.67 0.88
N ARG B 317 47.85 5.50 1.92
CA ARG B 317 49.02 5.77 2.75
C ARG B 317 48.79 5.24 4.16
N MET B 318 49.72 4.42 4.63
CA MET B 318 49.64 3.79 5.94
C MET B 318 50.66 4.43 6.87
N VAL B 319 50.27 4.65 8.11
CA VAL B 319 51.13 5.32 9.09
C VAL B 319 52.18 4.36 9.61
N THR B 320 53.43 4.81 9.62
CA THR B 320 54.51 4.10 10.28
C THR B 320 55.18 4.90 11.39
N GLY B 321 54.81 6.17 11.57
CA GLY B 321 55.40 6.99 12.61
C GLY B 321 54.39 7.68 13.49
N LEU B 322 54.81 8.74 14.17
CA LEU B 322 53.98 9.48 15.10
C LEU B 322 53.42 10.75 14.46
N ARG B 323 52.57 11.45 15.20
CA ARG B 323 52.07 12.73 14.74
C ARG B 323 53.17 13.77 14.75
N ASN B 324 53.23 14.57 13.68
CA ASN B 324 54.27 15.59 13.50
C ASN B 324 53.77 16.96 13.97
N ILE B 325 53.35 17.01 15.24
CA ILE B 325 52.85 18.26 15.83
C ILE B 325 53.77 19.46 15.60
N PRO B 326 55.07 19.39 15.90
CA PRO B 326 55.89 20.60 15.86
C PRO B 326 56.25 21.03 14.44
N SER B 327 56.75 22.25 14.35
CA SER B 327 57.18 22.82 13.08
C SER B 327 58.69 22.66 12.91
N ILE B 341 52.23 15.97 27.34
CA ILE B 341 53.38 16.18 26.46
C ILE B 341 53.01 17.13 25.33
N GLU B 342 53.30 18.41 25.53
CA GLU B 342 52.92 19.45 24.57
C GLU B 342 54.01 19.58 23.52
N GLY B 343 53.84 18.88 22.40
CA GLY B 343 54.79 19.03 21.31
C GLY B 343 55.94 18.02 21.27
N GLY B 344 56.32 17.61 20.07
CA GLY B 344 57.43 16.71 19.88
C GLY B 344 58.77 17.40 19.72
N TRP B 345 59.83 16.62 19.88
CA TRP B 345 61.21 17.09 19.84
C TRP B 345 61.82 16.94 18.45
N THR B 346 62.08 18.07 17.79
CA THR B 346 62.83 18.02 16.53
C THR B 346 64.27 17.58 16.75
N GLY B 347 64.81 17.78 17.96
CA GLY B 347 66.18 17.43 18.24
C GLY B 347 66.43 15.95 18.38
N MET B 348 65.43 15.19 18.85
CA MET B 348 65.60 13.76 19.03
C MET B 348 65.56 13.05 17.68
N ILE B 349 66.72 12.85 17.07
CA ILE B 349 66.78 12.22 15.74
C ILE B 349 67.07 10.72 15.82
N ASP B 350 67.41 10.20 16.99
CA ASP B 350 67.82 8.80 17.10
C ASP B 350 66.63 7.84 17.06
N GLY B 351 65.49 8.22 17.62
CA GLY B 351 64.37 7.29 17.69
C GLY B 351 63.05 7.99 17.89
N TRP B 352 61.99 7.18 17.92
CA TRP B 352 60.64 7.69 18.08
C TRP B 352 60.37 8.14 19.52
N TYR B 353 60.85 7.38 20.49
CA TYR B 353 60.65 7.70 21.91
C TYR B 353 62.01 7.95 22.55
N GLY B 354 62.06 8.90 23.46
CA GLY B 354 63.32 9.21 24.11
C GLY B 354 63.14 10.21 25.23
N TYR B 355 64.27 10.72 25.71
CA TYR B 355 64.30 11.62 26.86
C TYR B 355 65.09 12.88 26.52
N HIS B 356 64.83 13.92 27.29
CA HIS B 356 65.61 15.14 27.28
C HIS B 356 66.14 15.35 28.70
N HIS B 357 67.30 15.98 28.81
CA HIS B 357 67.95 16.10 30.11
C HIS B 357 68.64 17.45 30.22
N GLN B 358 68.48 18.08 31.37
CA GLN B 358 69.06 19.39 31.64
C GLN B 358 69.89 19.28 32.91
N ASN B 359 71.22 19.35 32.76
CA ASN B 359 72.14 19.22 33.87
C ASN B 359 73.18 20.33 33.78
N GLU B 360 73.84 20.60 34.91
CA GLU B 360 74.94 21.56 34.89
C GLU B 360 76.05 21.12 33.95
N GLN B 361 76.28 19.80 33.84
CA GLN B 361 77.25 19.30 32.88
C GLN B 361 76.80 19.56 31.44
N GLY B 362 75.51 19.38 31.16
CA GLY B 362 75.03 19.65 29.81
C GLY B 362 73.56 19.35 29.68
N SER B 363 73.06 19.56 28.45
CA SER B 363 71.66 19.36 28.12
C SER B 363 71.55 18.78 26.72
N GLY B 364 70.71 17.76 26.55
CA GLY B 364 70.61 17.12 25.25
C GLY B 364 69.37 16.27 25.10
N TYR B 365 69.17 15.82 23.85
CA TYR B 365 68.06 14.95 23.48
C TYR B 365 68.60 13.56 23.19
N ALA B 366 68.08 12.56 23.89
CA ALA B 366 68.47 11.17 23.72
C ALA B 366 67.23 10.32 23.47
N ALA B 367 67.46 9.11 22.94
CA ALA B 367 66.38 8.23 22.54
C ALA B 367 66.45 6.91 23.30
N ASP B 368 65.29 6.38 23.65
CA ASP B 368 65.16 5.09 24.33
C ASP B 368 65.15 4.01 23.26
N GLN B 369 66.29 3.31 23.10
CA GLN B 369 66.41 2.33 22.02
C GLN B 369 65.47 1.14 22.22
N LYS B 370 65.32 0.67 23.46
CA LYS B 370 64.51 -0.52 23.70
C LYS B 370 63.05 -0.30 23.34
N SER B 371 62.50 0.87 23.67
CA SER B 371 61.11 1.14 23.32
C SER B 371 60.94 1.42 21.83
N THR B 372 61.90 2.13 21.23
CA THR B 372 61.76 2.47 19.82
C THR B 372 61.93 1.24 18.93
N GLN B 373 62.91 0.39 19.22
CA GLN B 373 63.13 -0.80 18.40
C GLN B 373 61.95 -1.77 18.48
N ASN B 374 61.35 -1.89 19.67
CA ASN B 374 60.16 -2.76 19.80
C ASN B 374 59.00 -2.21 19.00
N ALA B 375 58.83 -0.88 18.97
CA ALA B 375 57.77 -0.29 18.17
C ALA B 375 58.04 -0.46 16.67
N ILE B 376 59.31 -0.35 16.27
CA ILE B 376 59.66 -0.51 14.86
C ILE B 376 59.33 -1.92 14.39
N ASN B 377 59.65 -2.93 15.21
CA ASN B 377 59.37 -4.31 14.82
C ASN B 377 57.88 -4.55 14.68
N GLY B 378 57.07 -4.00 15.59
CA GLY B 378 55.63 -4.17 15.49
C GLY B 378 55.03 -3.49 14.28
N ILE B 379 55.49 -2.27 13.98
CA ILE B 379 54.96 -1.54 12.84
C ILE B 379 55.42 -2.19 11.53
N THR B 380 56.68 -2.62 11.48
CA THR B 380 57.18 -3.27 10.26
C THR B 380 56.43 -4.57 9.99
N ASN B 381 56.13 -5.34 11.03
CA ASN B 381 55.36 -6.56 10.85
C ASN B 381 53.94 -6.26 10.40
N LYS B 382 53.36 -5.15 10.89
CA LYS B 382 52.01 -4.78 10.48
C LYS B 382 51.96 -4.43 8.99
N VAL B 383 52.92 -3.66 8.52
CA VAL B 383 52.92 -3.26 7.10
C VAL B 383 53.17 -4.48 6.22
N ASN B 384 54.11 -5.34 6.60
CA ASN B 384 54.39 -6.53 5.80
C ASN B 384 53.23 -7.50 5.80
N SER B 385 52.49 -7.59 6.91
CA SER B 385 51.33 -8.48 6.96
C SER B 385 50.25 -8.02 6.00
N VAL B 386 50.02 -6.71 5.91
CA VAL B 386 49.00 -6.19 5.01
C VAL B 386 49.36 -6.46 3.55
N ILE B 387 50.63 -6.22 3.19
CA ILE B 387 51.05 -6.46 1.81
C ILE B 387 50.99 -7.94 1.47
N GLU B 388 51.31 -8.80 2.43
CA GLU B 388 51.23 -10.24 2.20
C GLU B 388 49.80 -10.69 1.94
N LYS B 389 48.84 -10.10 2.66
CA LYS B 389 47.44 -10.51 2.50
C LYS B 389 46.94 -10.20 1.10
N MET B 390 47.33 -9.06 0.54
CA MET B 390 46.90 -8.67 -0.79
C MET B 390 47.71 -9.45 -1.82
N ASN B 391 47.07 -10.43 -2.45
CA ASN B 391 47.75 -11.28 -3.40
C ASN B 391 48.03 -10.52 -4.70
N THR B 392 49.05 -11.00 -5.42
CA THR B 392 49.42 -10.37 -6.68
C THR B 392 48.37 -10.69 -7.73
N GLN B 393 47.93 -9.66 -8.46
CA GLN B 393 46.98 -9.84 -9.54
C GLN B 393 47.71 -10.37 -10.77
N PHE B 394 47.20 -11.46 -11.33
CA PHE B 394 47.79 -12.07 -12.50
C PHE B 394 47.17 -11.47 -13.75
N THR B 395 47.40 -12.09 -14.91
CA THR B 395 46.94 -11.52 -16.17
C THR B 395 45.42 -11.40 -16.19
N ALA B 396 44.95 -10.17 -16.43
CA ALA B 396 43.52 -9.87 -16.56
C ALA B 396 43.32 -9.12 -17.87
N VAL B 397 42.61 -9.75 -18.81
CA VAL B 397 42.46 -9.22 -20.15
C VAL B 397 40.97 -9.05 -20.43
N GLY B 398 40.63 -7.97 -21.14
CA GLY B 398 39.25 -7.74 -21.51
C GLY B 398 38.76 -8.72 -22.56
N LYS B 399 37.45 -8.91 -22.59
CA LYS B 399 36.81 -9.82 -23.52
C LYS B 399 35.95 -9.03 -24.50
N GLU B 400 35.76 -9.59 -25.68
CA GLU B 400 34.98 -8.94 -26.73
C GLU B 400 33.68 -9.67 -26.97
N PHE B 401 32.65 -8.91 -27.33
CA PHE B 401 31.31 -9.45 -27.52
C PHE B 401 30.70 -8.82 -28.77
N ASN B 402 29.87 -9.58 -29.47
CA ASN B 402 29.21 -9.10 -30.66
C ASN B 402 27.95 -8.32 -30.29
N ASN B 403 27.21 -7.87 -31.32
CA ASN B 403 26.03 -7.04 -31.08
C ASN B 403 24.87 -7.84 -30.49
N LEU B 404 24.88 -9.17 -30.61
CA LEU B 404 23.87 -10.01 -29.98
C LEU B 404 24.37 -10.64 -28.70
N GLU B 405 25.37 -10.05 -28.06
CA GLU B 405 25.93 -10.53 -26.81
C GLU B 405 26.02 -9.40 -25.80
N LYS B 406 25.06 -8.46 -25.85
CA LYS B 406 25.09 -7.32 -24.94
C LYS B 406 24.86 -7.76 -23.50
N ARG B 407 23.99 -8.74 -23.28
CA ARG B 407 23.74 -9.21 -21.92
C ARG B 407 25.00 -9.80 -21.30
N MET B 408 25.72 -10.63 -22.06
CA MET B 408 26.99 -11.16 -21.56
C MET B 408 28.00 -10.03 -21.38
N GLU B 409 28.00 -9.07 -22.30
CA GLU B 409 28.89 -7.92 -22.17
C GLU B 409 28.58 -7.14 -20.90
N ASN B 410 27.30 -6.93 -20.61
CA ASN B 410 26.92 -6.20 -19.40
C ASN B 410 27.22 -7.03 -18.16
N LEU B 411 26.98 -8.35 -18.22
CA LEU B 411 27.30 -9.20 -17.08
C LEU B 411 28.80 -9.22 -16.79
N ASN B 412 29.62 -9.29 -17.83
CA ASN B 412 31.07 -9.23 -17.64
C ASN B 412 31.47 -7.89 -17.05
N LYS B 413 30.87 -6.80 -17.52
CA LYS B 413 31.18 -5.49 -16.98
C LYS B 413 30.75 -5.37 -15.54
N LYS B 414 29.60 -5.95 -15.19
CA LYS B 414 29.12 -5.93 -13.81
C LYS B 414 30.08 -6.67 -12.88
N VAL B 415 30.61 -7.81 -13.33
CA VAL B 415 31.51 -8.60 -12.50
C VAL B 415 32.78 -7.80 -12.20
N ASP B 416 33.35 -7.17 -13.24
CA ASP B 416 34.57 -6.39 -13.03
C ASP B 416 34.32 -5.21 -12.12
N ASP B 417 33.22 -4.50 -12.32
CA ASP B 417 32.91 -3.35 -11.47
C ASP B 417 32.59 -3.78 -10.05
N GLY B 418 31.89 -4.90 -9.90
CA GLY B 418 31.55 -5.37 -8.57
C GLY B 418 32.77 -5.76 -7.75
N PHE B 419 33.70 -6.49 -8.37
CA PHE B 419 34.93 -6.86 -7.67
C PHE B 419 35.80 -5.64 -7.40
N LEU B 420 35.85 -4.71 -8.35
CA LEU B 420 36.64 -3.49 -8.15
C LEU B 420 36.10 -2.65 -7.01
N ASP B 421 34.77 -2.58 -6.88
CA ASP B 421 34.18 -1.82 -5.78
C ASP B 421 34.52 -2.43 -4.42
N ILE B 422 34.49 -3.76 -4.33
CA ILE B 422 34.75 -4.42 -3.06
C ILE B 422 36.21 -4.27 -2.66
N TRP B 423 37.14 -4.49 -3.60
CA TRP B 423 38.55 -4.45 -3.26
C TRP B 423 39.00 -3.03 -2.91
N THR B 424 38.46 -2.02 -3.60
CA THR B 424 38.76 -0.64 -3.22
C THR B 424 38.24 -0.34 -1.83
N TYR B 425 37.03 -0.82 -1.50
CA TYR B 425 36.49 -0.63 -0.16
C TYR B 425 37.34 -1.36 0.88
N ASN B 426 37.78 -2.57 0.58
CA ASN B 426 38.58 -3.33 1.54
C ASN B 426 39.94 -2.68 1.77
N ALA B 427 40.56 -2.16 0.71
CA ALA B 427 41.87 -1.55 0.85
C ALA B 427 41.80 -0.27 1.66
N GLU B 428 40.84 0.60 1.34
CA GLU B 428 40.72 1.87 2.04
C GLU B 428 40.31 1.67 3.50
N LEU B 429 39.37 0.76 3.75
CA LEU B 429 38.89 0.55 5.11
C LEU B 429 39.98 -0.02 6.01
N LEU B 430 40.75 -0.98 5.50
CA LEU B 430 41.82 -1.57 6.30
C LEU B 430 42.88 -0.53 6.65
N VAL B 431 43.22 0.34 5.69
CA VAL B 431 44.22 1.37 5.94
C VAL B 431 43.73 2.34 7.02
N LEU B 432 42.48 2.77 6.93
CA LEU B 432 41.94 3.72 7.91
C LEU B 432 41.89 3.10 9.30
N LEU B 433 41.49 1.83 9.40
CA LEU B 433 41.39 1.19 10.70
C LEU B 433 42.76 1.02 11.36
N GLU B 434 43.77 0.61 10.58
CA GLU B 434 45.09 0.42 11.17
C GLU B 434 45.77 1.76 11.47
N ASN B 435 45.49 2.79 10.69
CA ASN B 435 46.05 4.10 10.96
C ASN B 435 45.54 4.66 12.29
N GLU B 436 44.25 4.51 12.56
CA GLU B 436 43.72 4.92 13.86
C GLU B 436 44.29 4.06 14.97
N ARG B 437 44.46 2.76 14.72
CA ARG B 437 45.05 1.88 15.71
C ARG B 437 46.53 2.19 15.90
N THR B 438 47.24 2.52 14.82
CA THR B 438 48.66 2.81 14.92
C THR B 438 48.90 4.08 15.76
N LEU B 439 48.08 5.11 15.56
CA LEU B 439 48.24 6.33 16.33
C LEU B 439 47.95 6.09 17.80
N ASP B 440 46.94 5.26 18.10
CA ASP B 440 46.67 4.89 19.49
C ASP B 440 47.78 4.00 20.05
N PHE B 441 48.43 3.21 19.18
CA PHE B 441 49.55 2.38 19.61
C PHE B 441 50.72 3.23 20.08
N HIS B 442 50.97 4.35 19.40
CA HIS B 442 52.10 5.21 19.78
C HIS B 442 51.83 5.90 21.10
N ASP B 443 50.60 6.36 21.34
CA ASP B 443 50.26 7.01 22.59
C ASP B 443 50.41 6.05 23.76
N SER B 444 50.09 4.77 23.56
CA SER B 444 50.24 3.79 24.63
C SER B 444 51.70 3.58 24.99
N ASN B 445 52.59 3.54 24.00
CA ASN B 445 54.00 3.32 24.28
C ASN B 445 54.62 4.51 25.00
N VAL B 446 54.28 5.73 24.58
CA VAL B 446 54.85 6.91 25.22
C VAL B 446 54.28 7.09 26.62
N LYS B 447 53.03 6.71 26.85
CA LYS B 447 52.46 6.77 28.20
C LYS B 447 53.11 5.75 29.12
N ASN B 448 53.37 4.54 28.61
CA ASN B 448 54.03 3.52 29.42
C ASN B 448 55.48 3.92 29.73
N LEU B 449 56.15 4.55 28.78
CA LEU B 449 57.51 5.02 29.03
C LEU B 449 57.52 6.12 30.09
N TYR B 450 56.55 7.01 30.07
CA TYR B 450 56.46 8.06 31.08
C TYR B 450 56.24 7.47 32.46
N GLU B 451 55.39 6.44 32.57
CA GLU B 451 55.15 5.81 33.87
C GLU B 451 56.39 5.09 34.39
N LYS B 452 57.22 4.56 33.49
CA LYS B 452 58.44 3.91 33.93
C LYS B 452 59.36 4.90 34.63
N VAL B 453 59.49 6.11 34.08
CA VAL B 453 60.27 7.16 34.73
C VAL B 453 59.62 7.57 36.05
N LYS B 454 58.30 7.72 36.05
CA LYS B 454 57.59 8.14 37.25
C LYS B 454 57.74 7.13 38.38
N SER B 455 57.73 5.83 38.04
CA SER B 455 57.85 4.80 39.06
C SER B 455 59.17 4.90 39.80
N GLN B 456 60.27 5.09 39.06
CA GLN B 456 61.58 5.15 39.69
C GLN B 456 61.75 6.43 40.50
N LEU B 457 61.23 7.55 40.00
CA LEU B 457 61.43 8.85 40.63
C LEU B 457 60.35 9.15 41.66
N ARG B 458 59.75 8.13 42.26
CA ARG B 458 58.74 8.33 43.28
C ARG B 458 59.33 9.04 44.49
N ASN B 459 58.64 10.08 44.93
CA ASN B 459 58.97 10.84 46.14
C ASN B 459 60.31 11.57 46.05
N ASN B 460 61.01 11.45 44.93
CA ASN B 460 62.30 12.11 44.76
C ASN B 460 62.29 13.23 43.73
N ALA B 461 61.34 13.24 42.80
CA ALA B 461 61.25 14.27 41.78
C ALA B 461 59.84 14.86 41.77
N LYS B 462 59.75 16.10 41.31
CA LYS B 462 58.48 16.79 41.20
C LYS B 462 57.87 16.55 39.82
N GLU B 463 56.63 16.07 39.80
CA GLU B 463 55.90 15.87 38.55
C GLU B 463 55.38 17.23 38.08
N ILE B 464 56.04 17.80 37.08
CA ILE B 464 55.64 19.11 36.57
C ILE B 464 54.28 19.01 35.90
N GLY B 465 53.99 17.89 35.23
CA GLY B 465 52.73 17.69 34.54
C GLY B 465 52.78 17.95 33.06
N ASN B 466 53.88 18.48 32.53
CA ASN B 466 54.04 18.72 31.11
C ASN B 466 54.85 17.63 30.43
N GLY B 467 55.00 16.47 31.07
CA GLY B 467 55.86 15.42 30.57
C GLY B 467 57.27 15.44 31.12
N CYS B 468 57.62 16.43 31.93
CA CYS B 468 58.95 16.58 32.50
C CYS B 468 58.93 16.33 34.00
N PHE B 469 60.10 16.02 34.54
CA PHE B 469 60.29 15.80 35.97
C PHE B 469 61.36 16.76 36.49
N GLU B 470 61.07 17.42 37.60
CA GLU B 470 62.00 18.34 38.24
C GLU B 470 62.63 17.63 39.44
N PHE B 471 63.94 17.44 39.38
CA PHE B 471 64.65 16.70 40.41
C PHE B 471 64.81 17.56 41.66
N TYR B 472 64.37 17.02 42.82
CA TYR B 472 64.63 17.69 44.08
C TYR B 472 66.09 17.57 44.50
N HIS B 473 66.78 16.53 44.04
CA HIS B 473 68.20 16.33 44.31
C HIS B 473 69.00 16.62 43.05
N LYS B 474 70.32 16.55 43.17
CA LYS B 474 71.21 16.77 42.04
C LYS B 474 71.45 15.43 41.35
N CYS B 475 71.14 15.37 40.07
CA CYS B 475 71.23 14.13 39.28
C CYS B 475 72.24 14.37 38.16
N ASP B 476 73.42 13.77 38.29
CA ASP B 476 74.49 13.97 37.32
C ASP B 476 74.22 13.15 36.06
N ASN B 477 75.17 13.16 35.13
CA ASN B 477 75.01 12.44 33.87
C ASN B 477 74.81 10.95 34.11
N GLU B 478 75.62 10.35 34.98
CA GLU B 478 75.46 8.93 35.29
C GLU B 478 74.13 8.67 35.99
N CYS B 479 73.71 9.58 36.87
CA CYS B 479 72.39 9.46 37.50
C CYS B 479 71.27 9.51 36.47
N MET B 480 71.36 10.44 35.52
CA MET B 480 70.34 10.54 34.49
C MET B 480 70.32 9.30 33.61
N GLU B 481 71.51 8.79 33.26
CA GLU B 481 71.59 7.59 32.44
C GLU B 481 70.94 6.40 33.15
N SER B 482 71.02 6.38 34.48
CA SER B 482 70.38 5.31 35.24
C SER B 482 68.87 5.29 35.05
N VAL B 483 68.25 6.47 35.03
CA VAL B 483 66.81 6.55 34.79
C VAL B 483 66.48 6.01 33.40
N LYS B 484 67.28 6.38 32.40
CA LYS B 484 67.13 5.80 31.07
C LYS B 484 67.41 4.31 31.09
N ASN B 485 68.40 3.90 31.88
CA ASN B 485 68.77 2.50 32.02
C ASN B 485 67.69 1.71 32.76
N GLY B 486 66.84 2.38 33.52
CA GLY B 486 65.90 1.71 34.37
C GLY B 486 66.46 1.45 35.75
N THR B 487 67.77 1.59 35.90
CA THR B 487 68.46 1.29 37.15
C THR B 487 68.70 2.56 37.96
N TYR B 488 67.64 3.23 38.38
CA TYR B 488 67.76 4.39 39.24
C TYR B 488 67.52 3.94 40.66
N ASP B 489 68.45 4.27 41.56
CA ASP B 489 68.39 3.82 42.94
C ASP B 489 67.72 4.89 43.79
N TYR B 490 66.49 4.61 44.22
CA TYR B 490 65.79 5.51 45.14
C TYR B 490 66.53 5.67 46.47
N PRO B 491 67.04 4.62 47.12
CA PRO B 491 67.79 4.84 48.37
C PRO B 491 69.02 5.72 48.22
N LYS B 492 69.72 5.68 47.08
CA LYS B 492 70.96 6.43 46.94
C LYS B 492 70.72 7.94 47.06
N TYR B 493 69.61 8.43 46.54
CA TYR B 493 69.27 9.85 46.60
C TYR B 493 67.95 10.01 47.34
N SER B 494 68.01 10.05 48.66
CA SER B 494 66.84 10.29 49.50
C SER B 494 66.67 11.76 49.87
N GLU B 495 67.50 12.65 49.35
CA GLU B 495 67.44 14.06 49.71
C GLU B 495 66.11 14.66 49.28
N GLU B 496 65.47 15.38 50.20
CA GLU B 496 64.14 15.94 49.97
C GLU B 496 64.16 17.32 49.33
N SER B 497 65.33 17.97 49.25
CA SER B 497 65.43 19.27 48.61
C SER B 497 66.88 19.60 48.25
N ALA C 4 1.76 32.13 64.69
CA ALA C 4 2.96 32.69 64.11
C ALA C 4 2.79 32.95 62.62
N ASP C 5 3.80 32.59 61.84
CA ASP C 5 3.72 32.77 60.39
C ASP C 5 2.74 31.79 59.78
N THR C 6 2.13 32.20 58.66
CA THR C 6 1.06 31.40 58.05
C THR C 6 1.12 31.51 56.53
N ILE C 7 1.00 30.37 55.87
CA ILE C 7 0.79 30.29 54.42
C ILE C 7 -0.52 29.58 54.16
N CYS C 8 -1.39 30.20 53.37
CA CYS C 8 -2.65 29.61 52.97
C CYS C 8 -2.63 29.25 51.48
N ILE C 9 -3.53 28.36 51.10
CA ILE C 9 -3.68 27.95 49.71
C ILE C 9 -5.14 28.13 49.30
N GLY C 10 -5.36 28.82 48.19
CA GLY C 10 -6.69 29.12 47.72
C GLY C 10 -6.77 29.30 46.22
N TYR C 11 -7.93 29.73 45.72
CA TYR C 11 -8.15 29.91 44.30
C TYR C 11 -8.68 31.31 44.02
N HIS C 12 -8.73 31.65 42.74
CA HIS C 12 -9.06 33.00 42.31
C HIS C 12 -10.56 33.25 42.41
N ALA C 13 -10.91 34.52 42.62
CA ALA C 13 -12.30 34.96 42.59
C ALA C 13 -12.34 36.38 42.06
N ASN C 14 -13.47 36.73 41.44
CA ASN C 14 -13.65 38.04 40.83
C ASN C 14 -15.14 38.37 40.84
N ASN C 15 -15.52 39.40 40.08
CA ASN C 15 -16.92 39.78 39.96
C ASN C 15 -17.41 39.33 38.60
N SER C 16 -18.11 38.20 38.56
CA SER C 16 -18.55 37.61 37.31
C SER C 16 -19.89 36.95 37.55
N THR C 17 -20.91 37.35 36.78
CA THR C 17 -22.25 36.82 36.91
C THR C 17 -22.54 35.69 35.94
N ASP C 18 -21.52 35.21 35.21
CA ASP C 18 -21.72 34.12 34.28
C ASP C 18 -22.14 32.86 35.02
N THR C 19 -23.21 32.22 34.53
CA THR C 19 -23.73 31.01 35.13
C THR C 19 -23.66 29.87 34.13
N VAL C 20 -23.33 28.67 34.63
CA VAL C 20 -23.20 27.49 33.79
C VAL C 20 -24.01 26.37 34.42
N ASP C 21 -24.27 25.34 33.63
CA ASP C 21 -25.04 24.19 34.06
C ASP C 21 -24.19 22.93 33.98
N THR C 22 -24.36 22.04 34.95
CA THR C 22 -23.74 20.73 34.97
C THR C 22 -24.82 19.67 35.12
N VAL C 23 -24.41 18.40 35.12
CA VAL C 23 -25.36 17.32 35.31
C VAL C 23 -25.87 17.31 36.75
N LEU C 24 -24.99 17.57 37.71
CA LEU C 24 -25.36 17.48 39.12
C LEU C 24 -26.06 18.73 39.62
N GLU C 25 -25.66 19.91 39.15
CA GLU C 25 -26.21 21.16 39.64
C GLU C 25 -26.34 22.16 38.50
N LYS C 26 -27.22 23.15 38.69
CA LYS C 26 -27.52 24.14 37.69
C LYS C 26 -27.18 25.53 38.21
N ASN C 27 -27.00 26.46 37.27
CA ASN C 27 -26.72 27.87 37.56
C ASN C 27 -25.55 28.02 38.53
N VAL C 28 -24.44 27.36 38.21
CA VAL C 28 -23.22 27.48 38.99
C VAL C 28 -22.47 28.71 38.52
N THR C 29 -22.27 29.67 39.43
CA THR C 29 -21.52 30.87 39.09
C THR C 29 -20.03 30.53 38.99
N VAL C 30 -19.40 30.97 37.90
CA VAL C 30 -18.00 30.67 37.63
C VAL C 30 -17.25 31.97 37.35
N THR C 31 -15.93 31.90 37.54
CA THR C 31 -15.09 33.07 37.32
C THR C 31 -14.93 33.38 35.84
N HIS C 32 -14.73 32.36 35.01
CA HIS C 32 -14.51 32.55 33.58
C HIS C 32 -15.33 31.54 32.80
N SER C 33 -15.84 31.97 31.65
CA SER C 33 -16.63 31.11 30.78
C SER C 33 -16.58 31.68 29.36
N VAL C 34 -16.95 30.83 28.41
CA VAL C 34 -16.98 31.20 26.99
C VAL C 34 -18.32 30.78 26.41
N ASN C 35 -18.88 31.61 25.54
CA ASN C 35 -20.14 31.35 24.87
C ASN C 35 -19.87 30.70 23.52
N LEU C 36 -20.40 29.51 23.31
CA LEU C 36 -20.26 28.79 22.04
C LEU C 36 -21.46 29.01 21.11
N LEU C 37 -22.47 29.75 21.54
CA LEU C 37 -23.68 29.98 20.76
C LEU C 37 -23.69 31.42 20.26
N GLU C 38 -23.85 31.59 18.95
CA GLU C 38 -23.92 32.90 18.33
C GLU C 38 -25.38 33.25 18.07
N ASP C 39 -25.81 34.41 18.59
CA ASP C 39 -27.20 34.84 18.46
C ASP C 39 -27.34 36.23 17.85
N SER C 40 -26.28 36.78 17.29
CA SER C 40 -26.28 38.14 16.76
C SER C 40 -26.07 38.12 15.26
N HIS C 41 -26.90 38.87 14.54
CA HIS C 41 -26.78 39.03 13.10
C HIS C 41 -27.05 40.49 12.75
N ASN C 42 -26.50 40.91 11.61
CA ASN C 42 -26.64 42.31 11.20
C ASN C 42 -28.03 42.64 10.69
N GLY C 43 -28.82 41.63 10.32
CA GLY C 43 -30.16 41.87 9.85
C GLY C 43 -30.25 42.39 8.43
N LYS C 44 -29.19 42.25 7.64
CA LYS C 44 -29.13 42.76 6.28
C LYS C 44 -28.67 41.65 5.35
N LEU C 45 -29.04 41.79 4.08
CA LEU C 45 -28.56 40.90 3.03
C LEU C 45 -27.20 41.42 2.56
N CYS C 46 -26.15 40.66 2.85
CA CYS C 46 -24.79 41.07 2.55
C CYS C 46 -24.26 40.34 1.33
N LYS C 47 -23.18 40.86 0.76
CA LYS C 47 -22.50 40.19 -0.33
C LYS C 47 -21.73 38.97 0.19
N LEU C 48 -21.71 37.91 -0.60
CA LEU C 48 -20.97 36.70 -0.26
C LEU C 48 -19.78 36.61 -1.20
N LYS C 49 -18.58 36.52 -0.62
CA LYS C 49 -17.32 36.47 -1.38
C LYS C 49 -17.19 37.70 -2.27
N GLY C 50 -17.75 38.84 -1.85
CA GLY C 50 -17.72 40.03 -2.67
C GLY C 50 -18.64 39.99 -3.87
N ILE C 51 -19.56 39.05 -3.93
CA ILE C 51 -20.49 38.91 -5.05
C ILE C 51 -21.89 39.20 -4.56
N ALA C 52 -22.57 40.13 -5.24
CA ALA C 52 -23.90 40.52 -4.83
C ALA C 52 -24.91 39.42 -5.17
N PRO C 53 -25.88 39.16 -4.30
CA PRO C 53 -26.92 38.19 -4.61
C PRO C 53 -27.95 38.74 -5.59
N LEU C 54 -28.64 37.82 -6.27
CA LEU C 54 -29.70 38.17 -7.20
C LEU C 54 -31.02 38.18 -6.44
N GLN C 55 -31.62 39.36 -6.31
CA GLN C 55 -32.89 39.52 -5.61
C GLN C 55 -34.01 39.62 -6.64
N LEU C 56 -34.92 38.64 -6.60
CA LEU C 56 -36.01 38.63 -7.57
C LEU C 56 -37.03 39.72 -7.29
N GLY C 57 -37.15 40.15 -6.04
CA GLY C 57 -38.10 41.21 -5.72
C GLY C 57 -39.52 40.72 -5.83
N LYS C 58 -40.34 41.45 -6.59
CA LYS C 58 -41.75 41.13 -6.77
C LYS C 58 -41.96 40.02 -7.80
N CYS C 59 -40.93 39.26 -8.11
CA CYS C 59 -40.96 38.23 -9.14
C CYS C 59 -40.68 36.86 -8.55
N ASN C 60 -41.29 35.85 -9.16
CA ASN C 60 -41.00 34.47 -8.82
C ASN C 60 -39.89 33.95 -9.74
N ILE C 61 -39.44 32.72 -9.48
CA ILE C 61 -38.41 32.13 -10.32
C ILE C 61 -38.94 31.90 -11.73
N ALA C 62 -40.18 31.44 -11.84
CA ALA C 62 -40.77 31.21 -13.16
C ALA C 62 -40.80 32.50 -13.97
N GLY C 63 -41.28 33.59 -13.36
CA GLY C 63 -41.35 34.86 -14.06
C GLY C 63 -39.98 35.39 -14.45
N TRP C 64 -38.97 35.10 -13.64
CA TRP C 64 -37.61 35.57 -13.95
C TRP C 64 -37.06 34.88 -15.19
N LEU C 65 -37.17 33.55 -15.25
CA LEU C 65 -36.63 32.83 -16.40
C LEU C 65 -37.56 32.95 -17.61
N LEU C 66 -38.87 32.93 -17.40
CA LEU C 66 -39.80 33.03 -18.52
C LEU C 66 -39.78 34.41 -19.16
N GLY C 67 -39.35 35.44 -18.42
CA GLY C 67 -39.33 36.78 -18.96
C GLY C 67 -40.63 37.53 -18.73
N ASN C 68 -41.17 37.44 -17.52
CA ASN C 68 -42.40 38.16 -17.20
C ASN C 68 -42.15 39.66 -17.34
N PRO C 69 -43.10 40.41 -17.91
CA PRO C 69 -42.87 41.84 -18.13
C PRO C 69 -42.55 42.61 -16.86
N GLU C 70 -43.10 42.20 -15.72
CA GLU C 70 -42.74 42.83 -14.46
C GLU C 70 -41.34 42.46 -14.00
N CYS C 71 -40.71 41.47 -14.63
CA CYS C 71 -39.39 40.99 -14.24
C CYS C 71 -38.31 41.44 -15.22
N GLU C 72 -38.50 42.60 -15.85
CA GLU C 72 -37.54 43.04 -16.85
C GLU C 72 -36.24 43.55 -16.25
N SER C 73 -36.23 43.92 -14.98
CA SER C 73 -34.98 44.35 -14.34
C SER C 73 -34.03 43.18 -14.12
N LEU C 74 -34.56 41.97 -14.01
CA LEU C 74 -33.74 40.78 -13.79
C LEU C 74 -33.13 40.23 -15.08
N LEU C 75 -33.52 40.77 -16.24
CA LEU C 75 -33.03 40.24 -17.51
C LEU C 75 -31.55 40.50 -17.71
N SER C 76 -31.03 41.61 -17.18
CA SER C 76 -29.63 41.99 -17.37
C SER C 76 -28.71 41.39 -16.31
N ALA C 77 -29.10 40.27 -15.72
CA ALA C 77 -28.32 39.64 -14.65
C ALA C 77 -27.56 38.45 -15.20
N ARG C 78 -26.27 38.37 -14.88
CA ARG C 78 -25.40 37.31 -15.37
C ARG C 78 -24.70 36.53 -14.28
N SER C 79 -24.45 37.14 -13.12
CA SER C 79 -23.72 36.48 -12.04
C SER C 79 -24.30 36.87 -10.69
N TRP C 80 -24.25 35.95 -9.75
CA TRP C 80 -24.74 36.18 -8.40
C TRP C 80 -24.11 35.16 -7.45
N SER C 81 -24.16 35.48 -6.17
CA SER C 81 -23.69 34.55 -5.14
C SER C 81 -24.80 33.64 -4.64
N TYR C 82 -26.01 34.17 -4.51
CA TYR C 82 -27.18 33.38 -4.13
C TYR C 82 -28.42 34.12 -4.59
N ILE C 83 -29.55 33.43 -4.56
CA ILE C 83 -30.82 33.94 -5.06
C ILE C 83 -31.73 34.23 -3.87
N VAL C 84 -32.33 35.42 -3.86
CA VAL C 84 -33.22 35.86 -2.79
C VAL C 84 -34.62 36.00 -3.36
N GLU C 85 -35.60 35.42 -2.67
CA GLU C 85 -36.99 35.54 -3.07
C GLU C 85 -37.78 36.21 -1.95
N THR C 86 -38.63 37.16 -2.32
CA THR C 86 -39.44 37.91 -1.38
C THR C 86 -40.71 37.14 -1.04
N PRO C 87 -41.27 37.32 0.17
CA PRO C 87 -42.56 36.69 0.46
C PRO C 87 -43.68 37.19 -0.45
N ASN C 88 -43.58 38.43 -0.93
CA ASN C 88 -44.57 39.02 -1.86
C ASN C 88 -44.17 38.85 -3.32
N SER C 89 -43.46 37.79 -3.67
CA SER C 89 -43.01 37.54 -5.05
C SER C 89 -44.05 36.73 -5.83
N GLU C 90 -45.09 37.42 -6.31
CA GLU C 90 -46.23 36.75 -6.93
C GLU C 90 -46.16 36.69 -8.45
N ASN C 91 -45.22 37.38 -9.09
CA ASN C 91 -45.20 37.51 -10.55
C ASN C 91 -44.41 36.36 -11.17
N GLY C 92 -45.13 35.43 -11.78
CA GLY C 92 -44.58 34.28 -12.48
C GLY C 92 -45.35 33.95 -13.74
N THR C 93 -45.93 32.76 -13.80
CA THR C 93 -46.69 32.28 -14.94
C THR C 93 -48.00 33.08 -15.06
N CYS C 94 -47.86 34.33 -15.54
CA CYS C 94 -49.00 35.23 -15.62
C CYS C 94 -50.12 34.64 -16.49
N TYR C 95 -49.77 33.95 -17.55
CA TYR C 95 -50.80 33.20 -18.28
C TYR C 95 -51.09 31.89 -17.57
N PRO C 96 -52.35 31.59 -17.27
CA PRO C 96 -52.65 30.39 -16.47
C PRO C 96 -52.17 29.12 -17.16
N GLY C 97 -51.72 28.18 -16.35
CA GLY C 97 -51.21 26.93 -16.86
C GLY C 97 -50.41 26.21 -15.79
N ASP C 98 -49.73 25.15 -16.21
CA ASP C 98 -48.95 24.30 -15.32
C ASP C 98 -47.49 24.34 -15.75
N PHE C 99 -46.61 24.62 -14.80
CA PHE C 99 -45.16 24.63 -15.05
C PHE C 99 -44.64 23.24 -14.70
N ILE C 100 -44.39 22.44 -15.73
CA ILE C 100 -43.98 21.05 -15.51
C ILE C 100 -42.57 21.01 -14.93
N ASP C 101 -42.40 20.22 -13.88
CA ASP C 101 -41.11 20.06 -13.19
C ASP C 101 -40.57 21.42 -12.73
N TYR C 102 -41.45 22.29 -12.25
CA TYR C 102 -41.04 23.61 -11.80
C TYR C 102 -40.12 23.53 -10.59
N GLU C 103 -40.48 22.70 -9.61
CA GLU C 103 -39.63 22.54 -8.43
C GLU C 103 -38.28 21.94 -8.78
N GLU C 104 -38.26 21.01 -9.74
CA GLU C 104 -37.00 20.42 -10.16
C GLU C 104 -36.10 21.43 -10.84
N LEU C 105 -36.69 22.35 -11.61
CA LEU C 105 -35.89 23.40 -12.25
C LEU C 105 -35.30 24.34 -11.20
N ARG C 106 -36.05 24.60 -10.12
CA ARG C 106 -35.51 25.42 -9.03
C ARG C 106 -34.27 24.77 -8.42
N GLU C 107 -34.27 23.44 -8.29
CA GLU C 107 -33.11 22.74 -7.76
C GLU C 107 -31.91 22.92 -8.67
N GLN C 108 -32.13 22.90 -9.98
CA GLN C 108 -31.02 23.07 -10.92
C GLN C 108 -30.38 24.46 -10.77
N LEU C 109 -31.21 25.49 -10.58
CA LEU C 109 -30.67 26.84 -10.45
C LEU C 109 -29.87 27.02 -9.16
N SER C 110 -30.19 26.25 -8.12
CA SER C 110 -29.44 26.34 -6.88
C SER C 110 -27.99 25.89 -7.05
N SER C 111 -27.69 25.15 -8.11
CA SER C 111 -26.32 24.76 -8.44
C SER C 111 -25.75 25.58 -9.58
N VAL C 112 -26.43 26.65 -9.98
CA VAL C 112 -25.98 27.52 -11.05
C VAL C 112 -25.41 28.79 -10.44
N SER C 113 -24.15 29.09 -10.77
CA SER C 113 -23.49 30.29 -10.24
C SER C 113 -23.65 31.48 -11.17
N SER C 114 -23.78 31.24 -12.48
CA SER C 114 -23.89 32.31 -13.45
C SER C 114 -24.42 31.72 -14.75
N PHE C 115 -25.22 32.50 -15.47
CA PHE C 115 -25.70 32.09 -16.78
C PHE C 115 -25.54 33.24 -17.77
N GLU C 116 -25.49 32.88 -19.05
CA GLU C 116 -25.39 33.82 -20.15
C GLU C 116 -26.67 33.74 -20.97
N ARG C 117 -27.40 34.86 -21.04
CA ARG C 117 -28.65 34.93 -21.77
C ARG C 117 -28.37 35.28 -23.23
N PHE C 118 -28.85 34.45 -24.15
CA PHE C 118 -28.63 34.66 -25.57
C PHE C 118 -29.92 34.39 -26.32
N GLU C 119 -30.04 35.00 -27.50
CA GLU C 119 -31.20 34.81 -28.35
C GLU C 119 -30.97 33.53 -29.15
N ILE C 120 -31.53 32.41 -28.64
CA ILE C 120 -31.35 31.13 -29.31
C ILE C 120 -31.97 31.17 -30.70
N PHE C 121 -33.15 31.76 -30.83
CA PHE C 121 -33.83 31.92 -32.12
C PHE C 121 -34.19 33.39 -32.28
N PRO C 122 -33.49 34.15 -33.13
CA PRO C 122 -33.87 35.55 -33.35
C PRO C 122 -35.31 35.67 -33.81
N LYS C 123 -36.01 36.67 -33.28
CA LYS C 123 -37.44 36.79 -33.53
C LYS C 123 -37.74 37.05 -35.01
N GLU C 124 -36.96 37.94 -35.64
CA GLU C 124 -37.24 38.31 -37.02
C GLU C 124 -36.67 37.32 -38.02
N SER C 125 -35.61 36.60 -37.65
CA SER C 125 -34.90 35.75 -38.61
C SER C 125 -35.39 34.31 -38.59
N SER C 126 -35.73 33.78 -37.42
CA SER C 126 -35.97 32.34 -37.30
C SER C 126 -37.28 31.93 -37.96
N TRP C 127 -38.32 32.74 -37.83
CA TRP C 127 -39.66 32.38 -38.27
C TRP C 127 -40.18 33.41 -39.26
N PRO C 128 -39.94 33.21 -40.56
CA PRO C 128 -40.46 34.15 -41.56
C PRO C 128 -41.90 33.86 -42.00
N ASN C 129 -42.38 32.63 -41.82
CA ASN C 129 -43.68 32.22 -42.30
C ASN C 129 -44.78 32.30 -41.25
N HIS C 130 -44.52 32.90 -40.09
CA HIS C 130 -45.49 32.96 -39.01
C HIS C 130 -45.58 34.38 -38.45
N ASN C 131 -46.72 34.68 -37.83
CA ASN C 131 -47.00 36.02 -37.31
C ASN C 131 -46.40 36.17 -35.92
N THR C 132 -45.38 37.00 -35.81
CA THR C 132 -44.72 37.29 -34.54
C THR C 132 -45.30 38.48 -33.79
N THR C 133 -46.18 39.28 -34.40
CA THR C 133 -46.70 40.48 -33.77
C THR C 133 -48.04 40.30 -33.04
N LYS C 134 -48.65 39.13 -33.06
CA LYS C 134 -49.98 38.95 -32.47
C LYS C 134 -49.94 38.25 -31.12
N GLY C 135 -48.75 37.96 -30.60
CA GLY C 135 -48.58 37.26 -29.35
C GLY C 135 -48.80 38.06 -28.07
N VAL C 136 -49.98 38.66 -27.89
CA VAL C 136 -50.27 39.43 -26.69
C VAL C 136 -51.55 38.93 -26.04
N THR C 137 -51.52 38.83 -24.70
CA THR C 137 -52.65 38.35 -23.91
C THR C 137 -52.99 39.35 -22.82
N ALA C 138 -54.25 39.32 -22.39
CA ALA C 138 -54.70 40.26 -21.36
C ALA C 138 -54.14 39.92 -19.98
N ALA C 139 -53.86 38.65 -19.71
CA ALA C 139 -53.35 38.26 -18.40
C ALA C 139 -51.94 38.81 -18.15
N CYS C 140 -51.10 38.78 -19.18
CA CYS C 140 -49.73 39.28 -19.07
C CYS C 140 -49.64 40.70 -19.62
N SER C 141 -50.20 41.63 -18.87
CA SER C 141 -50.33 43.02 -19.30
C SER C 141 -49.19 43.86 -18.72
N HIS C 142 -48.56 44.66 -19.57
CA HIS C 142 -47.50 45.58 -19.18
C HIS C 142 -47.79 46.97 -19.74
N ALA C 143 -47.64 47.98 -18.89
CA ALA C 143 -47.86 49.38 -19.28
C ALA C 143 -49.25 49.60 -19.85
N GLY C 144 -50.25 48.96 -19.23
CA GLY C 144 -51.63 49.10 -19.63
C GLY C 144 -52.04 48.36 -20.87
N LYS C 145 -51.08 47.92 -21.69
CA LYS C 145 -51.35 47.19 -22.91
C LYS C 145 -51.01 45.73 -22.74
N SER C 146 -51.71 44.87 -23.48
CA SER C 146 -51.43 43.44 -23.43
C SER C 146 -50.02 43.17 -23.94
N SER C 147 -49.30 42.31 -23.23
CA SER C 147 -47.92 41.99 -23.57
C SER C 147 -47.72 40.49 -23.43
N PHE C 148 -46.45 40.06 -23.44
CA PHE C 148 -46.11 38.65 -23.35
C PHE C 148 -44.75 38.51 -22.69
N TYR C 149 -44.32 37.26 -22.50
CA TYR C 149 -43.02 36.98 -21.92
C TYR C 149 -41.92 37.49 -22.82
N ARG C 150 -40.85 38.01 -22.20
CA ARG C 150 -39.72 38.54 -22.95
C ARG C 150 -38.81 37.45 -23.49
N ASN C 151 -38.85 36.25 -22.93
CA ASN C 151 -37.99 35.15 -23.37
C ASN C 151 -38.73 34.12 -24.21
N LEU C 152 -40.02 34.31 -24.45
CA LEU C 152 -40.82 33.39 -25.24
C LEU C 152 -41.51 34.18 -26.36
N LEU C 153 -41.77 33.51 -27.47
CA LEU C 153 -42.45 34.12 -28.61
C LEU C 153 -43.68 33.30 -28.96
N TRP C 154 -44.83 33.96 -29.01
CA TRP C 154 -46.10 33.32 -29.33
C TRP C 154 -46.29 33.35 -30.84
N LEU C 155 -46.18 32.19 -31.48
CA LEU C 155 -46.39 32.09 -32.92
C LEU C 155 -47.83 31.73 -33.19
N THR C 156 -48.47 32.51 -34.04
CA THR C 156 -49.88 32.34 -34.41
C THR C 156 -50.00 32.30 -35.93
N LYS C 157 -51.24 32.17 -36.39
CA LYS C 157 -51.51 32.04 -37.81
C LYS C 157 -51.12 33.31 -38.55
N LYS C 158 -50.47 33.14 -39.70
CA LYS C 158 -50.09 34.25 -40.56
C LYS C 158 -50.83 34.15 -41.89
N GLY C 159 -51.61 35.18 -42.21
CA GLY C 159 -52.35 35.19 -43.46
C GLY C 159 -53.32 34.05 -43.63
N GLY C 160 -53.93 33.58 -42.54
CA GLY C 160 -54.85 32.47 -42.62
C GLY C 160 -54.20 31.13 -42.88
N SER C 161 -52.89 31.02 -42.69
CA SER C 161 -52.18 29.77 -42.95
C SER C 161 -51.12 29.55 -41.89
N TYR C 162 -51.06 28.33 -41.35
CA TYR C 162 -50.02 27.93 -40.41
C TYR C 162 -49.23 26.78 -41.05
N PRO C 163 -48.13 27.08 -41.74
CA PRO C 163 -47.34 26.01 -42.34
C PRO C 163 -46.63 25.18 -41.27
N LYS C 164 -46.23 23.98 -41.67
CA LYS C 164 -45.50 23.10 -40.77
C LYS C 164 -44.18 23.76 -40.37
N LEU C 165 -43.89 23.74 -39.08
CA LEU C 165 -42.74 24.44 -38.52
C LEU C 165 -41.69 23.42 -38.09
N SER C 166 -40.44 23.67 -38.47
CA SER C 166 -39.30 22.80 -38.13
C SER C 166 -38.10 23.70 -37.84
N LYS C 167 -37.77 23.86 -36.57
CA LYS C 167 -36.66 24.70 -36.13
C LYS C 167 -35.68 23.88 -35.32
N SER C 168 -34.39 24.01 -35.63
CA SER C 168 -33.33 23.29 -34.96
C SER C 168 -32.29 24.26 -34.41
N TYR C 169 -31.65 23.86 -33.32
CA TYR C 169 -30.58 24.65 -32.71
C TYR C 169 -29.44 23.75 -32.28
N VAL C 170 -28.21 24.14 -32.59
CA VAL C 170 -27.01 23.41 -32.21
C VAL C 170 -26.34 24.17 -31.07
N ASN C 171 -26.00 23.46 -30.00
CA ASN C 171 -25.41 24.09 -28.82
C ASN C 171 -23.93 24.35 -29.09
N ASN C 172 -23.60 25.57 -29.51
CA ASN C 172 -22.23 25.99 -29.74
C ASN C 172 -21.64 26.73 -28.54
N LYS C 173 -22.41 26.90 -27.47
CA LYS C 173 -21.97 27.68 -26.32
C LYS C 173 -20.97 26.93 -25.44
N GLY C 174 -20.79 25.62 -25.65
CA GLY C 174 -19.89 24.84 -24.82
C GLY C 174 -20.33 24.69 -23.38
N LYS C 175 -21.60 24.94 -23.10
CA LYS C 175 -22.14 24.82 -21.75
C LYS C 175 -23.55 24.27 -21.85
N GLU C 176 -24.12 23.87 -20.71
CA GLU C 176 -25.51 23.46 -20.68
C GLU C 176 -26.39 24.65 -21.05
N VAL C 177 -27.34 24.42 -21.95
CA VAL C 177 -28.26 25.46 -22.41
C VAL C 177 -29.65 25.12 -21.92
N LEU C 178 -30.24 26.04 -21.16
CA LEU C 178 -31.59 25.88 -20.66
C LEU C 178 -32.57 26.46 -21.68
N VAL C 179 -33.42 25.61 -22.24
CA VAL C 179 -34.38 26.00 -23.26
C VAL C 179 -35.78 25.94 -22.65
N LEU C 180 -36.54 27.01 -22.84
CA LEU C 180 -37.88 27.14 -22.31
C LEU C 180 -38.88 27.31 -23.44
N TRP C 181 -39.99 26.59 -23.36
CA TRP C 181 -41.05 26.69 -24.36
C TRP C 181 -42.38 26.41 -23.69
N GLY C 182 -43.46 26.73 -24.41
CA GLY C 182 -44.79 26.51 -23.89
C GLY C 182 -45.69 25.95 -24.97
N VAL C 183 -46.74 25.27 -24.51
CA VAL C 183 -47.77 24.71 -25.38
C VAL C 183 -49.10 25.30 -24.94
N HIS C 184 -49.80 25.93 -25.87
CA HIS C 184 -51.04 26.63 -25.56
C HIS C 184 -52.24 25.71 -25.81
N HIS C 185 -53.17 25.70 -24.86
CA HIS C 185 -54.38 24.88 -24.95
C HIS C 185 -55.60 25.80 -25.02
N PRO C 186 -56.19 25.97 -26.20
CA PRO C 186 -57.30 26.91 -26.35
C PRO C 186 -58.58 26.43 -25.67
N SER C 187 -59.47 27.39 -25.42
CA SER C 187 -60.74 27.11 -24.74
C SER C 187 -61.77 26.52 -25.69
N THR C 188 -61.80 26.95 -26.95
CA THR C 188 -62.81 26.50 -27.90
C THR C 188 -62.17 26.19 -29.24
N SER C 189 -62.83 25.32 -30.01
CA SER C 189 -62.33 24.96 -31.33
C SER C 189 -62.29 26.17 -32.25
N THR C 190 -63.25 27.09 -32.11
CA THR C 190 -63.22 28.32 -32.89
C THR C 190 -62.00 29.16 -32.53
N ASP C 191 -61.66 29.22 -31.24
CA ASP C 191 -60.46 29.94 -30.81
C ASP C 191 -59.21 29.24 -31.30
N GLN C 192 -59.21 27.91 -31.37
CA GLN C 192 -58.07 27.19 -31.91
C GLN C 192 -57.87 27.51 -33.38
N GLN C 193 -58.94 27.45 -34.18
CA GLN C 193 -58.83 27.72 -35.60
C GLN C 193 -58.49 29.18 -35.86
N SER C 194 -59.02 30.09 -35.03
CA SER C 194 -58.73 31.52 -35.21
C SER C 194 -57.25 31.83 -34.99
N LEU C 195 -56.61 31.14 -34.05
CA LEU C 195 -55.21 31.41 -33.74
C LEU C 195 -54.26 30.54 -34.56
N TYR C 196 -54.61 29.29 -34.79
CA TYR C 196 -53.79 28.34 -35.55
C TYR C 196 -54.69 27.67 -36.58
N GLN C 197 -54.23 27.63 -37.84
CA GLN C 197 -55.07 27.12 -38.92
C GLN C 197 -55.50 25.68 -38.74
N ASN C 198 -54.62 24.83 -38.21
CA ASN C 198 -54.91 23.40 -38.14
C ASN C 198 -55.59 23.05 -36.83
N GLU C 199 -56.71 22.33 -36.93
CA GLU C 199 -57.50 21.98 -35.76
C GLU C 199 -56.82 20.89 -34.94
N ASN C 200 -56.55 19.74 -35.55
CA ASN C 200 -55.75 18.72 -34.86
C ASN C 200 -54.29 19.10 -35.04
N ALA C 201 -53.73 19.72 -34.02
CA ALA C 201 -52.37 20.24 -34.07
C ALA C 201 -51.51 19.52 -33.05
N TYR C 202 -50.20 19.53 -33.30
CA TYR C 202 -49.25 18.88 -32.42
C TYR C 202 -47.99 19.73 -32.33
N VAL C 203 -47.29 19.56 -31.20
CA VAL C 203 -45.99 20.17 -30.97
C VAL C 203 -45.03 19.06 -30.59
N SER C 204 -43.89 18.99 -31.27
CA SER C 204 -42.89 17.97 -31.03
C SER C 204 -41.56 18.67 -30.73
N VAL C 205 -40.98 18.34 -29.58
CA VAL C 205 -39.67 18.84 -29.18
C VAL C 205 -38.79 17.63 -28.93
N VAL C 206 -37.74 17.47 -29.74
CA VAL C 206 -36.90 16.30 -29.69
C VAL C 206 -35.44 16.73 -29.63
N SER C 207 -34.68 16.11 -28.74
CA SER C 207 -33.24 16.27 -28.68
C SER C 207 -32.59 14.89 -28.60
N SER C 208 -31.28 14.83 -28.35
CA SER C 208 -30.62 13.53 -28.23
C SER C 208 -31.06 12.77 -26.99
N ASN C 209 -31.33 13.49 -25.89
CA ASN C 209 -31.74 12.87 -24.64
C ASN C 209 -33.18 13.19 -24.25
N TYR C 210 -33.90 13.94 -25.09
CA TYR C 210 -35.25 14.39 -24.79
C TYR C 210 -36.14 14.17 -26.00
N ASN C 211 -37.29 13.53 -25.78
N ASN C 211 -37.32 13.58 -25.76
CA ASN C 211 -38.28 13.35 -26.85
CA ASN C 211 -38.28 13.31 -26.83
C ASN C 211 -39.66 13.34 -26.21
C ASN C 211 -39.67 13.33 -26.20
N ARG C 212 -40.48 14.32 -26.58
CA ARG C 212 -41.83 14.45 -26.03
C ARG C 212 -42.72 15.11 -27.06
N ARG C 213 -43.97 14.66 -27.12
CA ARG C 213 -44.97 15.22 -28.02
C ARG C 213 -46.15 15.73 -27.21
N PHE C 214 -46.63 16.93 -27.57
CA PHE C 214 -47.70 17.60 -26.85
C PHE C 214 -48.91 17.75 -27.75
N THR C 215 -50.08 17.34 -27.27
CA THR C 215 -51.33 17.46 -28.00
C THR C 215 -52.24 18.46 -27.30
N PRO C 216 -52.59 19.58 -27.92
CA PRO C 216 -53.47 20.54 -27.27
C PRO C 216 -54.83 19.93 -26.92
N GLU C 217 -55.36 20.31 -25.77
CA GLU C 217 -56.63 19.84 -25.27
C GLU C 217 -57.59 21.03 -25.18
N ILE C 218 -58.80 20.86 -25.72
CA ILE C 218 -59.81 21.90 -25.75
C ILE C 218 -60.97 21.47 -24.87
N ALA C 219 -61.29 22.30 -23.88
CA ALA C 219 -62.38 21.98 -22.94
C ALA C 219 -62.81 23.26 -22.23
N GLU C 220 -63.99 23.20 -21.63
CA GLU C 220 -64.49 24.31 -20.83
C GLU C 220 -63.71 24.41 -19.52
N ARG C 221 -63.14 25.57 -19.25
CA ARG C 221 -62.31 25.76 -18.07
C ARG C 221 -62.72 27.04 -17.34
N PRO C 222 -62.57 27.06 -16.02
CA PRO C 222 -62.81 28.30 -15.27
C PRO C 222 -61.76 29.35 -15.62
N LYS C 223 -62.18 30.61 -15.55
CA LYS C 223 -61.30 31.72 -15.92
C LYS C 223 -60.31 31.99 -14.79
N VAL C 224 -59.02 31.94 -15.12
CA VAL C 224 -57.95 32.35 -14.21
C VAL C 224 -57.28 33.56 -14.83
N ARG C 225 -57.29 34.68 -14.09
CA ARG C 225 -56.83 35.96 -14.61
C ARG C 225 -57.55 36.33 -15.90
N GLY C 226 -58.85 36.04 -15.95
CA GLY C 226 -59.67 36.35 -17.10
C GLY C 226 -59.28 35.60 -18.36
N GLN C 227 -58.78 34.38 -18.24
CA GLN C 227 -58.35 33.58 -19.38
C GLN C 227 -58.82 32.15 -19.19
N ALA C 228 -59.66 31.68 -20.12
CA ALA C 228 -60.11 30.30 -20.08
C ALA C 228 -59.09 29.32 -20.65
N GLY C 229 -58.18 29.78 -21.50
CA GLY C 229 -57.13 28.92 -22.01
C GLY C 229 -56.01 28.71 -21.02
N ARG C 230 -55.17 27.73 -21.33
CA ARG C 230 -54.04 27.37 -20.48
C ARG C 230 -52.77 27.22 -21.31
N MET C 231 -51.65 27.62 -20.74
CA MET C 231 -50.33 27.43 -21.32
C MET C 231 -49.48 26.60 -20.37
N ASN C 232 -49.02 25.44 -20.84
CA ASN C 232 -48.14 24.58 -20.07
C ASN C 232 -46.70 24.87 -20.47
N TYR C 233 -45.86 25.21 -19.48
CA TYR C 233 -44.48 25.59 -19.71
C TYR C 233 -43.56 24.41 -19.43
N TYR C 234 -42.61 24.19 -20.33
CA TYR C 234 -41.68 23.08 -20.24
C TYR C 234 -40.25 23.60 -20.37
N TRP C 235 -39.29 22.78 -19.94
CA TRP C 235 -37.89 23.15 -20.01
C TRP C 235 -37.04 21.90 -20.21
N THR C 236 -35.82 22.12 -20.70
CA THR C 236 -34.85 21.05 -20.85
C THR C 236 -33.45 21.65 -20.86
N LEU C 237 -32.46 20.79 -20.61
CA LEU C 237 -31.06 21.17 -20.65
C LEU C 237 -30.41 20.54 -21.87
N LEU C 238 -29.84 21.36 -22.75
CA LEU C 238 -29.20 20.90 -23.97
C LEU C 238 -27.70 20.78 -23.72
N GLU C 239 -27.17 19.57 -23.87
CA GLU C 239 -25.76 19.34 -23.65
C GLU C 239 -24.93 20.02 -24.74
N PRO C 240 -23.68 20.37 -24.46
CA PRO C 240 -22.84 21.01 -25.47
C PRO C 240 -22.71 20.15 -26.71
N GLY C 241 -22.87 20.77 -27.88
CA GLY C 241 -22.80 20.06 -29.14
C GLY C 241 -24.07 19.37 -29.56
N ASP C 242 -25.06 19.26 -28.67
CA ASP C 242 -26.30 18.58 -28.98
C ASP C 242 -27.23 19.50 -29.77
N THR C 243 -28.14 18.87 -30.52
CA THR C 243 -29.11 19.58 -31.33
C THR C 243 -30.52 19.29 -30.83
N ILE C 244 -31.32 20.35 -30.69
CA ILE C 244 -32.71 20.24 -30.31
C ILE C 244 -33.56 20.71 -31.49
N ILE C 245 -34.62 19.96 -31.80
CA ILE C 245 -35.45 20.21 -32.96
C ILE C 245 -36.87 20.48 -32.48
N PHE C 246 -37.45 21.59 -32.93
CA PHE C 246 -38.83 21.97 -32.63
C PHE C 246 -39.68 21.75 -33.87
N GLU C 247 -40.64 20.85 -33.78
CA GLU C 247 -41.56 20.55 -34.87
C GLU C 247 -42.98 20.78 -34.37
N ALA C 248 -43.70 21.68 -35.04
CA ALA C 248 -45.04 22.03 -34.59
C ALA C 248 -45.89 22.47 -35.77
N THR C 249 -47.20 22.19 -35.67
CA THR C 249 -48.19 22.69 -36.62
C THR C 249 -49.11 23.72 -35.99
N GLY C 250 -48.79 24.19 -34.80
CA GLY C 250 -49.61 25.17 -34.11
C GLY C 250 -49.50 25.00 -32.62
N ASN C 251 -50.05 25.99 -31.90
CA ASN C 251 -50.12 26.00 -30.44
C ASN C 251 -48.75 25.96 -29.78
N LEU C 252 -47.70 26.39 -30.49
CA LEU C 252 -46.35 26.37 -29.96
C LEU C 252 -45.93 27.77 -29.51
N ILE C 253 -45.39 27.86 -28.30
CA ILE C 253 -44.83 29.10 -27.77
C ILE C 253 -43.32 28.96 -27.93
N ALA C 254 -42.78 29.60 -28.96
CA ALA C 254 -41.42 29.33 -29.37
C ALA C 254 -40.41 29.91 -28.38
N PRO C 255 -39.25 29.27 -28.23
CA PRO C 255 -38.20 29.81 -27.37
C PRO C 255 -37.51 31.01 -28.00
N TRP C 256 -37.76 32.20 -27.45
CA TRP C 256 -37.12 33.40 -27.95
C TRP C 256 -35.70 33.55 -27.42
N TYR C 257 -35.50 33.29 -26.13
CA TYR C 257 -34.20 33.44 -25.49
C TYR C 257 -33.87 32.19 -24.68
N ALA C 258 -32.58 31.89 -24.59
CA ALA C 258 -32.09 30.76 -23.83
C ALA C 258 -30.95 31.20 -22.92
N PHE C 259 -30.50 30.29 -22.06
CA PHE C 259 -29.48 30.58 -21.06
C PHE C 259 -28.40 29.51 -21.10
N ALA C 260 -27.15 29.94 -21.15
CA ALA C 260 -25.99 29.04 -21.06
C ALA C 260 -25.51 29.00 -19.61
N LEU C 261 -25.61 27.82 -19.00
CA LEU C 261 -25.41 27.69 -17.55
C LEU C 261 -23.95 27.42 -17.22
N SER C 262 -23.47 28.08 -16.16
CA SER C 262 -22.17 27.82 -15.57
C SER C 262 -22.37 27.40 -14.13
N ARG C 263 -21.99 26.16 -13.81
CA ARG C 263 -22.28 25.58 -12.50
C ARG C 263 -21.30 26.05 -11.45
N GLY C 264 -21.79 26.24 -10.22
CA GLY C 264 -20.95 26.59 -9.09
C GLY C 264 -21.31 25.78 -7.86
N SER C 265 -20.74 26.11 -6.72
CA SER C 265 -21.01 25.41 -5.48
C SER C 265 -21.32 26.42 -4.38
N GLY C 266 -22.19 26.01 -3.45
CA GLY C 266 -22.56 26.85 -2.33
C GLY C 266 -23.73 27.79 -2.57
N SER C 267 -24.30 27.81 -3.77
CA SER C 267 -25.43 28.68 -4.03
C SER C 267 -26.73 28.04 -3.56
N GLY C 268 -27.77 28.86 -3.51
CA GLY C 268 -29.07 28.38 -3.05
C GLY C 268 -30.11 29.46 -3.21
N ILE C 269 -31.35 29.09 -2.90
CA ILE C 269 -32.51 29.96 -3.02
C ILE C 269 -33.10 30.12 -1.63
N ILE C 270 -33.18 31.36 -1.15
CA ILE C 270 -33.69 31.65 0.18
C ILE C 270 -34.81 32.69 0.09
N THR C 271 -35.65 32.68 1.12
CA THR C 271 -36.75 33.64 1.26
C THR C 271 -36.41 34.55 2.44
N SER C 272 -36.20 35.84 2.16
CA SER C 272 -35.81 36.80 3.17
C SER C 272 -36.55 38.11 2.98
N ASN C 273 -36.90 38.76 4.09
CA ASN C 273 -37.50 40.08 4.09
C ASN C 273 -36.48 41.18 4.33
N ALA C 274 -35.19 40.83 4.38
CA ALA C 274 -34.16 41.82 4.64
C ALA C 274 -33.82 42.59 3.37
N SER C 275 -33.18 43.73 3.56
CA SER C 275 -32.83 44.64 2.47
C SER C 275 -31.34 44.54 2.15
N MET C 276 -31.02 44.63 0.87
CA MET C 276 -29.63 44.54 0.45
C MET C 276 -28.87 45.82 0.81
N HIS C 277 -27.73 45.65 1.48
CA HIS C 277 -26.85 46.75 1.85
C HIS C 277 -25.42 46.39 1.44
N GLU C 278 -24.60 47.43 1.25
CA GLU C 278 -23.22 47.26 0.77
C GLU C 278 -22.35 46.74 1.90
N CYS C 279 -22.45 45.43 2.13
CA CYS C 279 -21.65 44.74 3.13
C CYS C 279 -21.19 43.41 2.56
N ASN C 280 -20.11 42.88 3.12
CA ASN C 280 -19.56 41.60 2.71
C ASN C 280 -19.51 40.67 3.92
N THR C 281 -19.92 39.41 3.71
CA THR C 281 -19.98 38.44 4.79
C THR C 281 -19.59 37.07 4.25
N LYS C 282 -19.23 36.18 5.19
CA LYS C 282 -18.99 34.78 4.87
C LYS C 282 -20.16 33.87 5.25
N CYS C 283 -21.16 34.40 5.95
CA CYS C 283 -22.33 33.62 6.36
C CYS C 283 -23.57 34.48 6.21
N GLN C 284 -24.55 33.99 5.44
CA GLN C 284 -25.78 34.72 5.21
C GLN C 284 -26.98 33.84 5.55
N THR C 285 -27.93 34.40 6.28
CA THR C 285 -29.17 33.76 6.67
C THR C 285 -30.33 34.64 6.25
N PRO C 286 -31.54 34.07 6.13
CA PRO C 286 -32.70 34.91 5.79
C PRO C 286 -32.95 36.03 6.78
N GLN C 287 -32.51 35.88 8.03
CA GLN C 287 -32.69 36.94 9.02
C GLN C 287 -31.57 37.99 8.95
N GLY C 288 -30.38 37.58 8.55
CA GLY C 288 -29.27 38.52 8.44
C GLY C 288 -27.96 37.78 8.29
N ALA C 289 -26.92 38.56 8.04
CA ALA C 289 -25.57 38.01 7.88
C ALA C 289 -24.90 37.79 9.24
N ILE C 290 -23.99 36.85 9.27
CA ILE C 290 -23.29 36.46 10.50
C ILE C 290 -21.79 36.60 10.29
N ASN C 291 -21.12 37.31 11.20
CA ASN C 291 -19.67 37.41 11.26
C ASN C 291 -19.26 36.85 12.62
N SER C 292 -19.03 35.53 12.68
CA SER C 292 -18.76 34.86 13.94
C SER C 292 -17.89 33.63 13.69
N SER C 293 -16.99 33.36 14.63
CA SER C 293 -16.17 32.16 14.62
C SER C 293 -16.68 31.10 15.59
N LEU C 294 -17.87 31.30 16.15
CA LEU C 294 -18.42 30.34 17.10
C LEU C 294 -18.89 29.08 16.37
N PRO C 295 -18.87 27.94 17.06
CA PRO C 295 -19.27 26.69 16.39
C PRO C 295 -20.77 26.57 16.17
N PHE C 296 -21.60 27.22 16.98
CA PHE C 296 -23.04 27.05 16.92
C PHE C 296 -23.74 28.39 16.81
N GLN C 297 -24.91 28.38 16.18
CA GLN C 297 -25.77 29.55 16.08
C GLN C 297 -27.23 29.12 16.18
N ASN C 298 -28.07 30.02 16.68
CA ASN C 298 -29.51 29.76 16.79
C ASN C 298 -30.32 30.80 16.02
N ILE C 299 -29.72 31.39 14.99
CA ILE C 299 -30.41 32.44 14.24
C ILE C 299 -31.37 31.83 13.22
N HIS C 300 -30.84 30.99 12.31
CA HIS C 300 -31.69 30.41 11.27
C HIS C 300 -31.06 29.14 10.73
N PRO C 301 -31.86 28.11 10.46
CA PRO C 301 -31.28 26.88 9.88
C PRO C 301 -30.80 27.06 8.44
N VAL C 302 -31.40 27.96 7.68
CA VAL C 302 -31.02 28.19 6.30
C VAL C 302 -29.76 29.03 6.27
N THR C 303 -28.71 28.52 5.61
CA THR C 303 -27.41 29.17 5.59
C THR C 303 -26.85 29.17 4.18
N ILE C 304 -26.03 30.17 3.89
CA ILE C 304 -25.32 30.27 2.62
C ILE C 304 -23.87 30.58 2.94
N GLY C 305 -22.96 29.70 2.50
CA GLY C 305 -21.55 29.87 2.80
C GLY C 305 -21.11 29.06 4.00
N GLU C 306 -20.00 29.50 4.60
CA GLU C 306 -19.47 28.89 5.81
C GLU C 306 -20.17 29.50 7.01
N CYS C 307 -20.92 28.69 7.75
CA CYS C 307 -21.76 29.16 8.83
C CYS C 307 -21.63 28.24 10.03
N PRO C 308 -21.91 28.73 11.23
CA PRO C 308 -22.00 27.84 12.39
C PRO C 308 -23.21 26.93 12.29
N LYS C 309 -23.11 25.77 12.93
CA LYS C 309 -24.20 24.81 12.90
C LYS C 309 -25.42 25.34 13.67
N TYR C 310 -26.60 25.17 13.08
CA TYR C 310 -27.83 25.60 13.72
C TYR C 310 -28.25 24.62 14.79
N VAL C 311 -28.64 25.14 15.95
CA VAL C 311 -29.14 24.33 17.05
C VAL C 311 -30.33 25.04 17.68
N ARG C 312 -31.13 24.27 18.44
CA ARG C 312 -32.27 24.82 19.15
C ARG C 312 -31.93 25.32 20.54
N SER C 313 -30.65 25.27 20.92
CA SER C 313 -30.26 25.64 22.27
C SER C 313 -30.47 27.12 22.54
N THR C 314 -31.00 27.44 23.72
CA THR C 314 -31.13 28.83 24.15
C THR C 314 -29.80 29.37 24.66
N LYS C 315 -28.98 28.52 25.29
CA LYS C 315 -27.70 28.93 25.85
C LYS C 315 -26.72 27.77 25.73
N LEU C 316 -25.47 28.11 25.37
CA LEU C 316 -24.38 27.13 25.32
C LEU C 316 -23.14 27.82 25.90
N ARG C 317 -22.96 27.70 27.22
CA ARG C 317 -21.86 28.33 27.92
C ARG C 317 -20.96 27.24 28.51
N MET C 318 -19.67 27.30 28.18
CA MET C 318 -18.70 26.31 28.62
C MET C 318 -17.77 26.94 29.65
N VAL C 319 -17.42 26.15 30.67
CA VAL C 319 -16.60 26.65 31.77
C VAL C 319 -15.14 26.71 31.33
N THR C 320 -14.50 27.84 31.58
CA THR C 320 -13.05 27.97 31.42
C THR C 320 -12.33 28.36 32.69
N GLY C 321 -13.06 28.66 33.77
CA GLY C 321 -12.45 29.07 35.02
C GLY C 321 -12.93 28.27 36.22
N LEU C 322 -12.78 28.84 37.41
CA LEU C 322 -13.14 28.18 38.67
C LEU C 322 -14.49 28.69 39.17
N ARG C 323 -14.96 28.07 40.25
CA ARG C 323 -16.18 28.55 40.90
C ARG C 323 -15.94 29.89 41.59
N ASN C 324 -16.88 30.81 41.41
CA ASN C 324 -16.78 32.16 41.97
C ASN C 324 -17.53 32.30 43.30
N ILE C 325 -17.16 31.50 44.28
CA ILE C 325 -17.77 31.62 45.61
C ILE C 325 -16.91 32.47 46.54
N PRO C 326 -17.28 33.72 46.81
CA PRO C 326 -16.52 34.52 47.78
C PRO C 326 -16.72 34.01 49.20
N SER C 327 -15.68 34.17 50.01
CA SER C 327 -15.67 33.76 51.42
C SER C 327 -16.10 32.31 51.59
N ILE C 341 -10.02 25.08 52.71
CA ILE C 341 -10.34 26.12 51.73
C ILE C 341 -11.84 26.37 51.72
N GLU C 342 -12.26 27.44 52.40
CA GLU C 342 -13.67 27.79 52.53
C GLU C 342 -14.11 28.87 51.57
N GLY C 343 -13.26 29.28 50.64
CA GLY C 343 -13.66 30.31 49.68
C GLY C 343 -12.46 30.79 48.89
N GLY C 344 -12.79 31.54 47.83
CA GLY C 344 -11.78 32.12 46.97
C GLY C 344 -11.34 33.52 47.37
N TRP C 345 -10.10 33.84 46.99
CA TRP C 345 -9.51 35.14 47.30
C TRP C 345 -9.84 36.12 46.19
N THR C 346 -10.70 37.09 46.48
CA THR C 346 -11.00 38.13 45.50
C THR C 346 -9.79 39.04 45.24
N GLY C 347 -8.88 39.15 46.21
CA GLY C 347 -7.73 40.02 46.04
C GLY C 347 -6.68 39.47 45.09
N MET C 348 -6.54 38.16 45.04
CA MET C 348 -5.52 37.52 44.19
C MET C 348 -5.92 37.55 42.73
N ILE C 349 -5.45 38.58 42.00
CA ILE C 349 -5.80 38.75 40.59
C ILE C 349 -4.74 38.16 39.66
N ASP C 350 -3.61 37.70 40.19
CA ASP C 350 -2.51 37.29 39.33
C ASP C 350 -2.75 35.94 38.66
N GLY C 351 -3.43 35.01 39.32
CA GLY C 351 -3.59 33.70 38.73
C GLY C 351 -4.74 32.93 39.34
N TRP C 352 -4.95 31.72 38.80
CA TRP C 352 -6.04 30.87 39.29
C TRP C 352 -5.70 30.25 40.64
N TYR C 353 -4.46 29.80 40.81
CA TYR C 353 -4.01 29.18 42.06
C TYR C 353 -2.88 29.99 42.67
N GLY C 354 -2.84 30.04 43.99
CA GLY C 354 -1.78 30.79 44.64
C GLY C 354 -1.75 30.58 46.15
N TYR C 355 -0.93 31.40 46.80
CA TYR C 355 -0.64 31.32 48.22
C TYR C 355 -0.81 32.68 48.90
N HIS C 356 -0.78 32.66 50.23
CA HIS C 356 -0.80 33.86 51.05
C HIS C 356 0.50 33.97 51.84
N HIS C 357 0.92 35.22 52.08
CA HIS C 357 2.22 35.54 52.66
C HIS C 357 2.04 36.28 53.98
N GLN C 358 2.64 35.75 55.05
CA GLN C 358 2.54 36.37 56.38
C GLN C 358 3.89 36.31 57.12
N ASN C 359 4.96 36.74 56.47
CA ASN C 359 6.28 36.68 57.11
C ASN C 359 6.61 37.90 57.96
N GLU C 360 5.70 38.88 58.05
CA GLU C 360 5.87 40.11 58.81
C GLU C 360 6.87 41.05 58.17
N GLN C 361 7.58 40.57 57.15
CA GLN C 361 8.44 41.44 56.36
C GLN C 361 7.66 42.06 55.21
N GLY C 362 6.81 41.27 54.56
CA GLY C 362 5.87 41.76 53.57
C GLY C 362 4.74 40.76 53.38
N SER C 363 3.51 41.16 53.65
CA SER C 363 2.37 40.31 53.34
C SER C 363 2.09 40.38 51.86
N GLY C 364 1.39 39.36 51.35
CA GLY C 364 1.08 39.35 49.94
C GLY C 364 0.17 38.24 49.47
N TYR C 365 -0.72 38.56 48.54
CA TYR C 365 -1.49 37.57 47.82
C TYR C 365 -0.71 37.26 46.55
N ALA C 366 -0.30 36.01 46.37
CA ALA C 366 0.50 35.63 45.22
C ALA C 366 -0.11 34.44 44.50
N ALA C 367 0.33 34.24 43.26
CA ALA C 367 -0.19 33.19 42.39
C ALA C 367 0.93 32.26 41.95
N ASP C 368 0.62 30.97 41.86
CA ASP C 368 1.55 29.95 41.39
C ASP C 368 1.45 29.87 39.87
N GLN C 369 2.44 30.45 39.18
CA GLN C 369 2.38 30.52 37.72
C GLN C 369 2.49 29.14 37.08
N LYS C 370 3.34 28.26 37.62
CA LYS C 370 3.57 26.96 36.99
C LYS C 370 2.29 26.12 37.01
N SER C 371 1.55 26.15 38.10
CA SER C 371 0.30 25.37 38.16
C SER C 371 -0.79 26.04 37.32
N THR C 372 -0.83 27.37 37.30
CA THR C 372 -1.84 28.07 36.52
C THR C 372 -1.59 27.92 35.02
N GLN C 373 -0.33 28.02 34.60
CA GLN C 373 -0.02 27.92 33.17
C GLN C 373 -0.36 26.54 32.63
N ASN C 374 -0.10 25.49 33.43
CA ASN C 374 -0.45 24.14 33.02
C ASN C 374 -1.96 23.96 32.91
N ALA C 375 -2.71 24.57 33.84
CA ALA C 375 -4.17 24.48 33.78
C ALA C 375 -4.73 25.26 32.59
N ILE C 376 -4.13 26.40 32.26
CA ILE C 376 -4.60 27.20 31.13
C ILE C 376 -4.44 26.42 29.83
N ASN C 377 -3.30 25.74 29.66
CA ASN C 377 -3.07 24.97 28.45
C ASN C 377 -4.09 23.85 28.31
N GLY C 378 -4.42 23.17 29.41
CA GLY C 378 -5.40 22.11 29.35
C GLY C 378 -6.80 22.62 29.01
N ILE C 379 -7.19 23.76 29.58
CA ILE C 379 -8.51 24.31 29.30
C ILE C 379 -8.58 24.83 27.86
N THR C 380 -7.51 25.47 27.39
CA THR C 380 -7.51 25.99 26.01
C THR C 380 -7.64 24.85 25.00
N ASN C 381 -6.95 23.73 25.24
CA ASN C 381 -7.08 22.59 24.35
C ASN C 381 -8.48 22.00 24.40
N LYS C 382 -9.13 22.02 25.56
CA LYS C 382 -10.49 21.50 25.67
C LYS C 382 -11.47 22.29 24.81
N VAL C 383 -11.39 23.61 24.86
CA VAL C 383 -12.28 24.44 24.05
C VAL C 383 -11.97 24.28 22.57
N ASN C 384 -10.68 24.25 22.22
CA ASN C 384 -10.29 24.10 20.82
C ASN C 384 -10.67 22.73 20.27
N SER C 385 -10.58 21.68 21.09
CA SER C 385 -10.95 20.34 20.63
C SER C 385 -12.44 20.26 20.31
N VAL C 386 -13.28 20.90 21.13
CA VAL C 386 -14.72 20.88 20.87
C VAL C 386 -15.05 21.62 19.59
N ILE C 387 -14.44 22.79 19.38
CA ILE C 387 -14.71 23.56 18.17
C ILE C 387 -14.21 22.82 16.93
N GLU C 388 -13.07 22.11 17.06
CA GLU C 388 -12.55 21.35 15.93
C GLU C 388 -13.51 20.23 15.53
N LYS C 389 -14.11 19.57 16.53
CA LYS C 389 -15.03 18.47 16.25
C LYS C 389 -16.29 18.98 15.54
N MET C 390 -16.78 20.14 15.94
CA MET C 390 -17.98 20.72 15.32
C MET C 390 -17.57 21.35 13.98
N ASN C 391 -17.93 20.68 12.89
CA ASN C 391 -17.58 21.18 11.57
C ASN C 391 -18.41 22.41 11.21
N THR C 392 -17.87 23.22 10.31
CA THR C 392 -18.56 24.41 9.85
C THR C 392 -19.75 23.99 8.97
N GLN C 393 -20.91 24.57 9.23
CA GLN C 393 -22.08 24.26 8.42
C GLN C 393 -21.96 24.96 7.08
N PHE C 394 -22.10 24.19 6.01
CA PHE C 394 -22.01 24.71 4.66
C PHE C 394 -23.40 25.13 4.18
N THR C 395 -23.53 25.36 2.89
CA THR C 395 -24.79 25.83 2.32
C THR C 395 -25.89 24.80 2.58
N ALA C 396 -27.01 25.28 3.13
CA ALA C 396 -28.18 24.47 3.42
C ALA C 396 -29.35 25.06 2.66
N VAL C 397 -29.93 24.26 1.76
CA VAL C 397 -30.91 24.76 0.81
C VAL C 397 -32.25 24.10 1.06
N GLY C 398 -33.30 24.92 1.10
CA GLY C 398 -34.64 24.40 1.21
C GLY C 398 -35.12 23.83 -0.12
N LYS C 399 -36.05 22.87 -0.03
CA LYS C 399 -36.61 22.27 -1.23
C LYS C 399 -38.11 22.55 -1.30
N GLU C 400 -38.62 22.62 -2.52
CA GLU C 400 -40.03 22.85 -2.76
C GLU C 400 -40.66 21.61 -3.38
N PHE C 401 -41.93 21.39 -3.05
CA PHE C 401 -42.65 20.21 -3.50
C PHE C 401 -44.06 20.60 -3.94
N ASN C 402 -44.57 19.89 -4.94
CA ASN C 402 -45.91 20.16 -5.44
C ASN C 402 -46.96 19.45 -4.58
N ASN C 403 -48.23 19.58 -4.96
CA ASN C 403 -49.32 19.05 -4.15
C ASN C 403 -49.38 17.53 -4.16
N LEU C 404 -48.75 16.88 -5.14
CA LEU C 404 -48.69 15.42 -5.18
C LEU C 404 -47.34 14.89 -4.69
N GLU C 405 -46.62 15.67 -3.88
CA GLU C 405 -45.32 15.24 -3.36
C GLU C 405 -45.26 15.41 -1.85
N LYS C 406 -46.38 15.20 -1.15
CA LYS C 406 -46.40 15.36 0.30
C LYS C 406 -45.52 14.33 0.99
N ARG C 407 -45.47 13.10 0.48
CA ARG C 407 -44.62 12.09 1.08
C ARG C 407 -43.15 12.50 1.00
N MET C 408 -42.73 13.01 -0.16
CA MET C 408 -41.38 13.54 -0.28
C MET C 408 -41.16 14.75 0.63
N GLU C 409 -42.16 15.62 0.72
CA GLU C 409 -42.04 16.78 1.60
C GLU C 409 -41.89 16.37 3.05
N ASN C 410 -42.67 15.37 3.49
CA ASN C 410 -42.58 14.91 4.87
C ASN C 410 -41.28 14.16 5.14
N LEU C 411 -40.81 13.37 4.17
CA LEU C 411 -39.54 12.68 4.34
C LEU C 411 -38.39 13.66 4.49
N ASN C 412 -38.40 14.73 3.68
CA ASN C 412 -37.39 15.78 3.82
C ASN C 412 -37.46 16.44 5.19
N LYS C 413 -38.67 16.65 5.70
CA LYS C 413 -38.83 17.27 7.02
C LYS C 413 -38.26 16.38 8.12
N LYS C 414 -38.43 15.06 8.02
CA LYS C 414 -37.85 14.17 9.03
C LYS C 414 -36.34 14.28 9.05
N VAL C 415 -35.71 14.38 7.87
CA VAL C 415 -34.26 14.48 7.81
C VAL C 415 -33.79 15.77 8.47
N ASP C 416 -34.44 16.89 8.13
CA ASP C 416 -34.04 18.17 8.72
C ASP C 416 -34.30 18.20 10.21
N ASP C 417 -35.48 17.74 10.64
CA ASP C 417 -35.82 17.74 12.06
C ASP C 417 -35.02 16.68 12.82
N GLY C 418 -34.81 15.52 12.21
CA GLY C 418 -34.08 14.46 12.90
C GLY C 418 -32.63 14.82 13.17
N PHE C 419 -31.95 15.38 12.17
CA PHE C 419 -30.56 15.79 12.35
C PHE C 419 -30.45 16.97 13.31
N LEU C 420 -31.40 17.91 13.24
CA LEU C 420 -31.37 19.06 14.14
C LEU C 420 -31.56 18.63 15.59
N ASP C 421 -32.43 17.65 15.83
CA ASP C 421 -32.63 17.17 17.20
C ASP C 421 -31.36 16.54 17.76
N ILE C 422 -30.65 15.76 16.93
CA ILE C 422 -29.46 15.07 17.42
C ILE C 422 -28.34 16.07 17.69
N TRP C 423 -28.11 17.00 16.76
CA TRP C 423 -27.01 17.95 16.93
C TRP C 423 -27.28 18.92 18.08
N THR C 424 -28.54 19.33 18.26
CA THR C 424 -28.89 20.12 19.44
C THR C 424 -28.66 19.30 20.70
N TYR C 425 -29.01 18.02 20.67
CA TYR C 425 -28.75 17.13 21.80
C TYR C 425 -27.26 16.99 22.05
N ASN C 426 -26.47 16.84 20.98
CA ASN C 426 -25.02 16.67 21.13
C ASN C 426 -24.38 17.93 21.69
N ALA C 427 -24.82 19.11 21.23
CA ALA C 427 -24.22 20.36 21.69
C ALA C 427 -24.51 20.60 23.17
N GLU C 428 -25.77 20.42 23.58
CA GLU C 428 -26.13 20.66 24.97
C GLU C 428 -25.49 19.62 25.90
N LEU C 429 -25.49 18.35 25.49
CA LEU C 429 -24.97 17.30 26.35
C LEU C 429 -23.46 17.41 26.53
N LEU C 430 -22.73 17.71 25.46
CA LEU C 430 -21.28 17.80 25.56
C LEU C 430 -20.87 18.92 26.50
N VAL C 431 -21.57 20.06 26.45
CA VAL C 431 -21.23 21.18 27.32
C VAL C 431 -21.44 20.81 28.78
N LEU C 432 -22.54 20.13 29.09
CA LEU C 432 -22.82 19.78 30.48
C LEU C 432 -21.78 18.82 31.03
N LEU C 433 -21.36 17.83 30.24
CA LEU C 433 -20.38 16.87 30.72
C LEU C 433 -19.02 17.52 30.93
N GLU C 434 -18.59 18.38 30.01
CA GLU C 434 -17.30 19.04 30.16
C GLU C 434 -17.34 20.10 31.24
N ASN C 435 -18.48 20.75 31.46
CA ASN C 435 -18.60 21.73 32.53
C ASN C 435 -18.40 21.07 33.89
N GLU C 436 -19.01 19.91 34.10
CA GLU C 436 -18.80 19.18 35.36
C GLU C 436 -17.36 18.69 35.47
N ARG C 437 -16.78 18.24 34.36
CA ARG C 437 -15.41 17.76 34.37
C ARG C 437 -14.42 18.89 34.64
N THR C 438 -14.68 20.07 34.07
CA THR C 438 -13.78 21.21 34.29
C THR C 438 -13.78 21.63 35.74
N LEU C 439 -14.95 21.68 36.38
CA LEU C 439 -15.03 22.07 37.78
C LEU C 439 -14.34 21.03 38.66
N ASP C 440 -14.51 19.75 38.35
CA ASP C 440 -13.82 18.71 39.09
C ASP C 440 -12.31 18.74 38.80
N PHE C 441 -11.94 19.19 37.59
CA PHE C 441 -10.52 19.30 37.25
C PHE C 441 -9.82 20.35 38.11
N HIS C 442 -10.51 21.46 38.42
CA HIS C 442 -9.91 22.51 39.24
C HIS C 442 -9.75 22.06 40.68
N ASP C 443 -10.74 21.35 41.22
CA ASP C 443 -10.65 20.89 42.60
C ASP C 443 -9.49 19.91 42.79
N SER C 444 -9.22 19.08 41.78
CA SER C 444 -8.09 18.17 41.86
C SER C 444 -6.75 18.93 41.86
N ASN C 445 -6.66 19.98 41.05
CA ASN C 445 -5.42 20.74 40.96
C ASN C 445 -5.12 21.47 42.27
N VAL C 446 -6.13 22.06 42.90
CA VAL C 446 -5.91 22.77 44.15
C VAL C 446 -5.55 21.78 45.25
N LYS C 447 -6.11 20.57 45.21
CA LYS C 447 -5.73 19.55 46.18
C LYS C 447 -4.29 19.09 45.97
N ASN C 448 -3.88 18.94 44.71
CA ASN C 448 -2.49 18.55 44.44
C ASN C 448 -1.52 19.64 44.84
N LEU C 449 -1.90 20.90 44.64
CA LEU C 449 -1.06 22.02 45.08
C LEU C 449 -0.94 22.04 46.60
N TYR C 450 -2.02 21.75 47.31
CA TYR C 450 -1.97 21.71 48.77
C TYR C 450 -1.04 20.61 49.26
N GLU C 451 -1.09 19.43 48.63
CA GLU C 451 -0.20 18.34 49.04
C GLU C 451 1.25 18.64 48.71
N LYS C 452 1.51 19.39 47.63
CA LYS C 452 2.88 19.74 47.29
C LYS C 452 3.54 20.58 48.38
N VAL C 453 2.80 21.55 48.93
CA VAL C 453 3.32 22.33 50.04
C VAL C 453 3.52 21.45 51.27
N LYS C 454 2.56 20.57 51.54
CA LYS C 454 2.64 19.69 52.71
C LYS C 454 3.84 18.75 52.62
N SER C 455 4.14 18.26 51.42
CA SER C 455 5.28 17.36 51.25
C SER C 455 6.59 18.03 51.61
N GLN C 456 6.84 19.23 51.06
CA GLN C 456 8.08 19.93 51.37
C GLN C 456 8.11 20.36 52.84
N LEU C 457 6.97 20.80 53.36
CA LEU C 457 6.85 21.14 54.78
C LEU C 457 6.43 19.92 55.61
N ARG C 458 7.20 18.84 55.50
CA ARG C 458 6.78 17.56 56.06
C ARG C 458 6.52 17.66 57.56
N ASN C 459 7.45 18.27 58.30
CA ASN C 459 7.30 18.34 59.74
C ASN C 459 7.40 19.75 60.30
N ASN C 460 8.09 20.66 59.61
CA ASN C 460 8.36 21.98 60.18
C ASN C 460 7.06 22.75 60.44
N ALA C 461 6.12 22.68 59.52
CA ALA C 461 4.88 23.45 59.61
C ALA C 461 3.72 22.58 60.12
N LYS C 462 2.78 23.24 60.79
CA LYS C 462 1.56 22.59 61.25
C LYS C 462 0.48 22.68 60.17
N GLU C 463 -0.41 21.68 60.15
CA GLU C 463 -1.48 21.59 59.16
C GLU C 463 -2.81 21.87 59.87
N ILE C 464 -3.32 23.08 59.66
CA ILE C 464 -4.59 23.46 60.28
C ILE C 464 -5.75 22.66 59.67
N GLY C 465 -5.67 22.39 58.36
CA GLY C 465 -6.71 21.66 57.67
C GLY C 465 -7.71 22.52 56.92
N ASN C 466 -7.63 23.83 57.05
CA ASN C 466 -8.52 24.76 56.36
C ASN C 466 -7.88 25.35 55.11
N GLY C 467 -6.82 24.72 54.60
CA GLY C 467 -6.07 25.26 53.49
C GLY C 467 -4.89 26.13 53.87
N CYS C 468 -4.68 26.37 55.17
CA CYS C 468 -3.58 27.18 55.66
C CYS C 468 -2.60 26.32 56.42
N PHE C 469 -1.37 26.82 56.55
CA PHE C 469 -0.32 26.16 57.30
C PHE C 469 0.19 27.09 58.39
N GLU C 470 0.30 26.56 59.61
CA GLU C 470 0.81 27.31 60.74
C GLU C 470 2.26 26.90 60.94
N PHE C 471 3.18 27.82 60.71
CA PHE C 471 4.60 27.52 60.81
C PHE C 471 5.02 27.48 62.26
N TYR C 472 5.64 26.36 62.67
CA TYR C 472 6.24 26.32 64.00
C TYR C 472 7.51 27.15 64.03
N HIS C 473 8.16 27.31 62.88
CA HIS C 473 9.36 28.10 62.70
C HIS C 473 9.04 29.38 61.92
N LYS C 474 10.07 30.22 61.76
CA LYS C 474 9.96 31.47 61.03
C LYS C 474 10.35 31.29 59.57
N CYS C 475 9.48 31.76 58.66
CA CYS C 475 9.68 31.61 57.22
C CYS C 475 9.85 33.00 56.59
N ASP C 476 11.08 33.34 56.21
CA ASP C 476 11.39 34.63 55.61
C ASP C 476 11.01 34.62 54.13
N ASN C 477 11.31 35.72 53.44
CA ASN C 477 11.00 35.81 52.01
C ASN C 477 11.72 34.72 51.23
N GLU C 478 12.99 34.48 51.56
CA GLU C 478 13.72 33.39 50.91
C GLU C 478 13.08 32.05 51.24
N CYS C 479 12.66 31.86 52.49
CA CYS C 479 11.96 30.63 52.87
C CYS C 479 10.62 30.51 52.15
N MET C 480 9.84 31.61 52.10
CA MET C 480 8.54 31.56 51.45
C MET C 480 8.67 31.30 49.95
N GLU C 481 9.60 32.01 49.28
CA GLU C 481 9.81 31.77 47.87
C GLU C 481 10.33 30.37 47.61
N SER C 482 11.12 29.83 48.52
CA SER C 482 11.63 28.47 48.35
C SER C 482 10.50 27.45 48.33
N VAL C 483 9.51 27.60 49.22
CA VAL C 483 8.36 26.70 49.21
C VAL C 483 7.55 26.89 47.94
N LYS C 484 7.31 28.14 47.55
CA LYS C 484 6.56 28.41 46.32
C LYS C 484 7.32 27.94 45.08
N ASN C 485 8.63 28.19 45.04
CA ASN C 485 9.44 27.72 43.92
C ASN C 485 9.65 26.21 43.97
N GLY C 486 9.41 25.58 45.11
CA GLY C 486 9.65 24.17 45.30
C GLY C 486 11.00 23.82 45.89
N THR C 487 11.92 24.78 45.97
CA THR C 487 13.27 24.50 46.46
C THR C 487 13.40 24.90 47.93
N TYR C 488 12.62 24.23 48.78
CA TYR C 488 12.66 24.46 50.21
C TYR C 488 13.50 23.37 50.88
N ASP C 489 14.50 23.78 51.66
CA ASP C 489 15.34 22.84 52.38
C ASP C 489 14.78 22.76 53.79
N TYR C 490 14.09 21.66 54.08
CA TYR C 490 13.60 21.46 55.44
C TYR C 490 14.73 21.37 56.46
N PRO C 491 15.88 20.72 56.20
CA PRO C 491 16.94 20.75 57.21
C PRO C 491 17.36 22.16 57.59
N LYS C 492 17.32 23.09 56.65
CA LYS C 492 17.77 24.45 56.92
C LYS C 492 16.89 25.11 57.98
N TYR C 493 15.60 24.73 58.05
CA TYR C 493 14.70 25.21 59.09
C TYR C 493 14.11 24.06 59.92
N SER C 494 14.84 22.97 60.09
CA SER C 494 14.32 21.87 60.89
C SER C 494 14.73 21.95 62.35
N GLU C 495 15.94 22.44 62.63
CA GLU C 495 16.38 22.60 64.01
C GLU C 495 15.51 23.58 64.79
N GLU C 496 15.02 24.63 64.13
CA GLU C 496 14.19 25.63 64.79
C GLU C 496 12.88 25.01 65.23
N SER C 497 12.68 24.87 66.54
CA SER C 497 11.48 24.24 67.08
C SER C 497 10.83 25.14 68.13
N THR D 6 14.70 -0.23 51.66
CA THR D 6 14.06 0.69 50.74
C THR D 6 13.09 -0.04 49.81
N ILE D 7 11.84 0.42 49.76
CA ILE D 7 10.84 -0.11 48.85
C ILE D 7 10.23 1.06 48.08
N CYS D 8 10.09 0.88 46.77
CA CYS D 8 9.57 1.93 45.90
C CYS D 8 8.32 1.43 45.18
N ILE D 9 7.53 2.38 44.69
CA ILE D 9 6.33 2.09 43.91
C ILE D 9 6.39 2.89 42.61
N GLY D 10 6.17 2.22 41.49
CA GLY D 10 6.23 2.86 40.19
C GLY D 10 5.38 2.19 39.14
N TYR D 11 5.49 2.65 37.90
CA TYR D 11 4.70 2.11 36.80
C TYR D 11 5.61 1.71 35.65
N HIS D 12 5.02 1.02 34.67
CA HIS D 12 5.75 0.41 33.57
C HIS D 12 6.13 1.44 32.51
N ALA D 13 7.23 1.16 31.81
CA ALA D 13 7.66 1.94 30.66
C ALA D 13 8.31 1.00 29.65
N ASN D 14 8.28 1.39 28.38
CA ASN D 14 8.80 0.51 27.34
C ASN D 14 9.30 1.36 26.18
N ASN D 15 9.59 0.72 25.05
CA ASN D 15 10.05 1.40 23.85
C ASN D 15 8.90 1.61 22.87
N SER D 16 7.86 2.33 23.27
CA SER D 16 6.66 2.44 22.45
C SER D 16 6.47 3.88 22.00
N THR D 17 6.36 4.08 20.69
CA THR D 17 6.18 5.40 20.11
C THR D 17 4.71 5.71 19.82
N ASP D 18 3.79 4.87 20.30
CA ASP D 18 2.37 5.11 20.07
C ASP D 18 1.94 6.41 20.72
N THR D 19 1.23 7.24 19.95
CA THR D 19 0.75 8.53 20.42
C THR D 19 -0.77 8.55 20.39
N VAL D 20 -1.37 9.17 21.41
CA VAL D 20 -2.82 9.27 21.53
C VAL D 20 -3.18 10.73 21.81
N ASP D 21 -4.45 11.05 21.60
CA ASP D 21 -4.98 12.38 21.84
C ASP D 21 -6.05 12.32 22.91
N THR D 22 -6.07 13.34 23.77
CA THR D 22 -7.10 13.50 24.78
C THR D 22 -7.73 14.88 24.63
N VAL D 23 -8.72 15.15 25.48
CA VAL D 23 -9.35 16.47 25.47
C VAL D 23 -8.40 17.53 26.03
N LEU D 24 -7.65 17.18 27.08
CA LEU D 24 -6.79 18.15 27.76
C LEU D 24 -5.44 18.30 27.04
N GLU D 25 -4.90 17.21 26.51
CA GLU D 25 -3.57 17.23 25.93
C GLU D 25 -3.54 16.35 24.69
N LYS D 26 -2.55 16.60 23.83
CA LYS D 26 -2.42 15.93 22.55
C LYS D 26 -1.09 15.19 22.48
N ASN D 27 -1.03 14.19 21.59
CA ASN D 27 0.18 13.43 21.30
C ASN D 27 0.83 12.88 22.57
N VAL D 28 0.02 12.22 23.40
CA VAL D 28 0.53 11.59 24.61
C VAL D 28 1.10 10.22 24.26
N THR D 29 2.39 10.03 24.51
CA THR D 29 3.01 8.75 24.27
C THR D 29 2.56 7.75 25.34
N VAL D 30 2.14 6.56 24.90
CA VAL D 30 1.60 5.56 25.80
C VAL D 30 2.33 4.24 25.60
N THR D 31 2.30 3.40 26.63
CA THR D 31 2.99 2.12 26.57
C THR D 31 2.25 1.13 25.67
N HIS D 32 0.93 1.07 25.77
CA HIS D 32 0.14 0.14 24.98
C HIS D 32 -1.09 0.87 24.43
N SER D 33 -1.46 0.50 23.21
CA SER D 33 -2.63 1.09 22.55
C SER D 33 -3.13 0.14 21.48
N VAL D 34 -4.36 0.37 21.04
CA VAL D 34 -4.99 -0.42 19.99
C VAL D 34 -5.59 0.54 18.96
N ASN D 35 -5.48 0.18 17.69
CA ASN D 35 -6.02 0.99 16.60
C ASN D 35 -7.42 0.50 16.27
N LEU D 36 -8.40 1.41 16.34
CA LEU D 36 -9.77 1.09 16.00
C LEU D 36 -10.13 1.42 14.56
N LEU D 37 -9.21 1.98 13.79
CA LEU D 37 -9.44 2.35 12.40
C LEU D 37 -8.65 1.43 11.49
N GLU D 38 -9.35 0.81 10.53
CA GLU D 38 -8.72 -0.08 9.57
C GLU D 38 -8.51 0.69 8.27
N ASP D 39 -7.26 0.72 7.79
CA ASP D 39 -6.91 1.45 6.58
C ASP D 39 -6.22 0.59 5.53
N SER D 40 -6.25 -0.74 5.70
CA SER D 40 -5.57 -1.65 4.79
C SER D 40 -6.59 -2.54 4.10
N HIS D 41 -6.47 -2.66 2.78
CA HIS D 41 -7.31 -3.54 1.98
C HIS D 41 -6.44 -4.24 0.95
N ASN D 42 -6.91 -5.42 0.50
CA ASN D 42 -6.13 -6.21 -0.43
C ASN D 42 -6.12 -5.63 -1.84
N GLY D 43 -7.07 -4.75 -2.16
CA GLY D 43 -7.10 -4.14 -3.48
C GLY D 43 -7.64 -5.02 -4.57
N LYS D 44 -8.34 -6.10 -4.24
CA LYS D 44 -8.85 -7.04 -5.22
C LYS D 44 -10.34 -7.28 -4.99
N LEU D 45 -11.03 -7.66 -6.06
CA LEU D 45 -12.43 -8.08 -5.97
C LEU D 45 -12.46 -9.55 -5.56
N CYS D 46 -12.95 -9.83 -4.36
CA CYS D 46 -12.93 -11.18 -3.82
C CYS D 46 -14.31 -11.82 -3.92
N LYS D 47 -14.33 -13.14 -3.78
CA LYS D 47 -15.60 -13.87 -3.74
C LYS D 47 -16.29 -13.64 -2.40
N LEU D 48 -17.61 -13.50 -2.44
CA LEU D 48 -18.43 -13.31 -1.25
C LEU D 48 -19.25 -14.57 -1.01
N LYS D 49 -19.12 -15.14 0.19
CA LYS D 49 -19.81 -16.38 0.56
C LYS D 49 -19.47 -17.52 -0.38
N GLY D 50 -18.26 -17.50 -0.94
CA GLY D 50 -17.89 -18.51 -1.91
C GLY D 50 -18.57 -18.38 -3.25
N ILE D 51 -19.23 -17.26 -3.51
CA ILE D 51 -19.94 -17.02 -4.76
C ILE D 51 -19.26 -15.87 -5.50
N ALA D 52 -18.93 -16.10 -6.75
CA ALA D 52 -18.21 -15.11 -7.53
C ALA D 52 -19.14 -13.96 -7.91
N PRO D 53 -18.65 -12.72 -7.89
CA PRO D 53 -19.46 -11.59 -8.35
C PRO D 53 -19.57 -11.56 -9.87
N LEU D 54 -20.61 -10.88 -10.33
CA LEU D 54 -20.86 -10.72 -11.76
C LEU D 54 -20.20 -9.42 -12.24
N GLN D 55 -19.23 -9.55 -13.14
CA GLN D 55 -18.50 -8.40 -13.68
C GLN D 55 -19.08 -8.04 -15.03
N LEU D 56 -19.67 -6.84 -15.13
CA LEU D 56 -20.30 -6.42 -16.37
C LEU D 56 -19.27 -6.05 -17.43
N GLY D 57 -18.08 -5.61 -17.03
CA GLY D 57 -17.08 -5.23 -18.00
C GLY D 57 -17.46 -3.93 -18.70
N LYS D 58 -17.44 -3.95 -20.03
CA LYS D 58 -17.75 -2.78 -20.84
C LYS D 58 -19.25 -2.55 -20.97
N CYS D 59 -20.07 -3.17 -20.13
CA CYS D 59 -21.52 -3.09 -20.23
C CYS D 59 -22.12 -2.50 -18.96
N ASN D 60 -23.24 -1.80 -19.14
CA ASN D 60 -24.03 -1.31 -18.01
C ASN D 60 -25.15 -2.30 -17.70
N ILE D 61 -25.99 -1.94 -16.72
CA ILE D 61 -27.10 -2.81 -16.35
C ILE D 61 -28.05 -3.00 -17.52
N ALA D 62 -28.34 -1.92 -18.25
CA ALA D 62 -29.27 -1.99 -19.37
C ALA D 62 -28.79 -2.96 -20.45
N GLY D 63 -27.52 -2.83 -20.86
CA GLY D 63 -27.00 -3.69 -21.90
C GLY D 63 -26.95 -5.16 -21.50
N TRP D 64 -26.75 -5.43 -20.21
CA TRP D 64 -26.69 -6.82 -19.75
C TRP D 64 -28.06 -7.49 -19.83
N LEU D 65 -29.10 -6.82 -19.35
CA LEU D 65 -30.43 -7.41 -19.38
C LEU D 65 -31.05 -7.37 -20.77
N LEU D 66 -30.84 -6.29 -21.51
CA LEU D 66 -31.42 -6.18 -22.84
C LEU D 66 -30.80 -7.16 -23.83
N GLY D 67 -29.58 -7.63 -23.56
CA GLY D 67 -28.91 -8.55 -24.46
C GLY D 67 -28.10 -7.85 -25.53
N ASN D 68 -27.35 -6.83 -25.13
CA ASN D 68 -26.52 -6.11 -26.08
C ASN D 68 -25.48 -7.07 -26.68
N PRO D 69 -25.22 -6.97 -27.99
CA PRO D 69 -24.30 -7.93 -28.63
C PRO D 69 -22.91 -7.95 -28.01
N GLU D 70 -22.43 -6.81 -27.52
CA GLU D 70 -21.14 -6.79 -26.84
C GLU D 70 -21.18 -7.43 -25.46
N CYS D 71 -22.37 -7.69 -24.92
CA CYS D 71 -22.52 -8.27 -23.59
C CYS D 71 -22.95 -9.73 -23.63
N GLU D 72 -22.56 -10.46 -24.68
CA GLU D 72 -22.98 -11.84 -24.81
C GLU D 72 -22.25 -12.75 -23.83
N SER D 73 -21.11 -12.31 -23.29
CA SER D 73 -20.43 -13.10 -22.29
C SER D 73 -21.22 -13.15 -20.98
N LEU D 74 -22.05 -12.14 -20.74
CA LEU D 74 -22.86 -12.09 -19.53
C LEU D 74 -24.13 -12.93 -19.63
N LEU D 75 -24.45 -13.44 -20.82
CA LEU D 75 -25.68 -14.21 -20.98
C LEU D 75 -25.61 -15.56 -20.27
N SER D 76 -24.43 -16.15 -20.18
CA SER D 76 -24.26 -17.46 -19.57
C SER D 76 -24.01 -17.37 -18.06
N ALA D 77 -24.47 -16.31 -17.42
CA ALA D 77 -24.30 -16.09 -15.99
C ALA D 77 -25.62 -16.39 -15.29
N ARG D 78 -25.54 -17.15 -14.20
CA ARG D 78 -26.73 -17.58 -13.49
C ARG D 78 -26.76 -17.18 -12.02
N SER D 79 -25.62 -17.04 -11.35
CA SER D 79 -25.58 -16.74 -9.93
C SER D 79 -24.41 -15.82 -9.64
N TRP D 80 -24.60 -14.95 -8.64
CA TRP D 80 -23.56 -14.02 -8.23
C TRP D 80 -23.83 -13.57 -6.81
N SER D 81 -22.79 -13.04 -6.16
CA SER D 81 -22.91 -12.46 -4.84
C SER D 81 -23.20 -10.97 -4.89
N TYR D 82 -22.61 -10.27 -5.85
CA TYR D 82 -22.86 -8.85 -6.06
C TYR D 82 -22.49 -8.52 -7.50
N ILE D 83 -22.90 -7.33 -7.94
CA ILE D 83 -22.71 -6.89 -9.32
C ILE D 83 -21.65 -5.80 -9.34
N VAL D 84 -20.68 -5.95 -10.24
CA VAL D 84 -19.58 -5.00 -10.39
C VAL D 84 -19.69 -4.36 -11.77
N GLU D 85 -19.63 -3.03 -11.80
CA GLU D 85 -19.66 -2.27 -13.04
C GLU D 85 -18.37 -1.45 -13.15
N THR D 86 -17.78 -1.46 -14.34
CA THR D 86 -16.54 -0.72 -14.55
C THR D 86 -16.85 0.76 -14.81
N PRO D 87 -15.89 1.66 -14.53
CA PRO D 87 -16.15 3.08 -14.80
C PRO D 87 -16.43 3.39 -16.26
N ASN D 88 -15.80 2.69 -17.19
CA ASN D 88 -16.10 2.88 -18.61
C ASN D 88 -17.07 1.81 -19.12
N SER D 89 -18.28 1.79 -18.55
CA SER D 89 -19.31 0.82 -18.94
C SER D 89 -20.29 1.48 -19.91
N GLU D 90 -19.88 1.58 -21.18
CA GLU D 90 -20.67 2.32 -22.15
C GLU D 90 -21.63 1.47 -22.99
N ASN D 91 -21.61 0.15 -22.88
CA ASN D 91 -22.41 -0.66 -23.81
C ASN D 91 -23.77 -0.95 -23.18
N GLY D 92 -24.73 -0.10 -23.54
CA GLY D 92 -26.13 -0.32 -23.22
C GLY D 92 -26.97 0.41 -24.23
N THR D 93 -28.13 -0.17 -24.56
CA THR D 93 -29.09 0.42 -25.49
C THR D 93 -28.40 0.95 -26.75
N CYS D 94 -27.89 0.00 -27.55
CA CYS D 94 -27.17 0.37 -28.76
C CYS D 94 -28.06 1.19 -29.70
N TYR D 95 -29.34 0.85 -29.78
CA TYR D 95 -30.28 1.70 -30.50
C TYR D 95 -30.73 2.86 -29.61
N PRO D 96 -30.62 4.10 -30.09
CA PRO D 96 -30.93 5.25 -29.22
C PRO D 96 -32.37 5.23 -28.73
N GLY D 97 -32.56 5.70 -27.51
CA GLY D 97 -33.87 5.74 -26.91
C GLY D 97 -33.78 5.97 -25.41
N ASP D 98 -34.91 5.85 -24.75
CA ASP D 98 -35.02 6.09 -23.32
C ASP D 98 -35.48 4.81 -22.62
N PHE D 99 -34.78 4.43 -21.56
CA PHE D 99 -35.14 3.26 -20.77
C PHE D 99 -36.03 3.69 -19.61
N ILE D 100 -37.33 3.43 -19.74
CA ILE D 100 -38.29 3.88 -18.75
C ILE D 100 -38.07 3.13 -17.44
N ASP D 101 -38.05 3.88 -16.33
CA ASP D 101 -37.85 3.32 -14.99
C ASP D 101 -36.57 2.50 -14.92
N TYR D 102 -35.51 2.99 -15.58
CA TYR D 102 -34.24 2.29 -15.59
C TYR D 102 -33.62 2.24 -14.20
N GLU D 103 -33.61 3.37 -13.49
CA GLU D 103 -33.04 3.40 -12.15
C GLU D 103 -33.82 2.50 -11.21
N GLU D 104 -35.13 2.43 -11.37
CA GLU D 104 -35.94 1.53 -10.55
C GLU D 104 -35.62 0.08 -10.83
N LEU D 105 -35.34 -0.26 -12.09
CA LEU D 105 -34.94 -1.62 -12.43
C LEU D 105 -33.61 -1.99 -11.79
N ARG D 106 -32.68 -1.03 -11.72
CA ARG D 106 -31.41 -1.29 -11.03
C ARG D 106 -31.64 -1.58 -9.56
N GLU D 107 -32.57 -0.86 -8.93
CA GLU D 107 -32.88 -1.12 -7.52
C GLU D 107 -33.46 -2.52 -7.34
N GLN D 108 -34.33 -2.94 -8.27
CA GLN D 108 -34.90 -4.28 -8.17
C GLN D 108 -33.84 -5.36 -8.30
N LEU D 109 -32.88 -5.17 -9.21
CA LEU D 109 -31.84 -6.18 -9.41
C LEU D 109 -30.88 -6.25 -8.24
N SER D 110 -30.71 -5.15 -7.50
CA SER D 110 -29.82 -5.16 -6.35
C SER D 110 -30.30 -6.11 -5.26
N SER D 111 -31.57 -6.51 -5.28
CA SER D 111 -32.10 -7.51 -4.37
C SER D 111 -32.28 -8.87 -5.02
N VAL D 112 -31.70 -9.07 -6.21
CA VAL D 112 -31.80 -10.33 -6.93
C VAL D 112 -30.47 -11.07 -6.77
N SER D 113 -30.53 -12.30 -6.25
CA SER D 113 -29.32 -13.09 -6.04
C SER D 113 -29.00 -13.99 -7.23
N SER D 114 -30.02 -14.43 -7.97
CA SER D 114 -29.83 -15.32 -9.11
C SER D 114 -31.12 -15.33 -9.92
N PHE D 115 -30.97 -15.44 -11.23
CA PHE D 115 -32.11 -15.57 -12.13
C PHE D 115 -31.88 -16.69 -13.13
N GLU D 116 -32.97 -17.18 -13.69
CA GLU D 116 -32.93 -18.22 -14.71
C GLU D 116 -33.42 -17.60 -16.01
N ARG D 117 -32.56 -17.59 -17.03
CA ARG D 117 -32.89 -17.00 -18.33
C ARG D 117 -33.56 -18.07 -19.19
N PHE D 118 -34.75 -17.77 -19.68
CA PHE D 118 -35.52 -18.72 -20.47
C PHE D 118 -36.13 -18.01 -21.68
N GLU D 119 -36.40 -18.79 -22.72
CA GLU D 119 -37.01 -18.28 -23.94
C GLU D 119 -38.51 -18.19 -23.72
N ILE D 120 -38.98 -17.00 -23.33
CA ILE D 120 -40.41 -16.83 -23.08
C ILE D 120 -41.22 -17.05 -24.35
N PHE D 121 -40.76 -16.49 -25.46
CA PHE D 121 -41.40 -16.67 -26.75
C PHE D 121 -40.36 -17.12 -27.78
N PRO D 122 -40.35 -18.40 -28.16
CA PRO D 122 -39.42 -18.84 -29.21
C PRO D 122 -39.66 -18.06 -30.49
N LYS D 123 -38.56 -17.68 -31.15
CA LYS D 123 -38.67 -16.82 -32.32
C LYS D 123 -39.40 -17.49 -33.48
N GLU D 124 -39.14 -18.78 -33.71
CA GLU D 124 -39.72 -19.46 -34.86
C GLU D 124 -41.15 -19.93 -34.61
N SER D 125 -41.51 -20.16 -33.36
CA SER D 125 -42.81 -20.75 -33.06
C SER D 125 -43.86 -19.69 -32.74
N SER D 126 -43.47 -18.61 -32.05
CA SER D 126 -44.45 -17.68 -31.51
C SER D 126 -45.11 -16.84 -32.61
N TRP D 127 -44.34 -16.44 -33.62
CA TRP D 127 -44.82 -15.48 -34.63
C TRP D 127 -44.71 -16.07 -36.02
N PRO D 128 -45.75 -16.76 -36.50
CA PRO D 128 -45.72 -17.29 -37.87
C PRO D 128 -46.14 -16.28 -38.92
N ASN D 129 -46.92 -15.25 -38.56
CA ASN D 129 -47.47 -14.29 -39.50
C ASN D 129 -46.63 -13.03 -39.60
N HIS D 130 -45.46 -13.00 -38.98
CA HIS D 130 -44.59 -11.84 -38.97
C HIS D 130 -43.17 -12.26 -39.31
N ASN D 131 -42.38 -11.32 -39.83
CA ASN D 131 -41.02 -11.60 -40.26
C ASN D 131 -40.09 -11.46 -39.06
N THR D 132 -39.50 -12.58 -38.64
CA THR D 132 -38.56 -12.56 -37.52
C THR D 132 -37.15 -12.20 -37.96
N THR D 133 -36.89 -12.20 -39.26
CA THR D 133 -35.62 -11.76 -39.81
C THR D 133 -35.80 -10.29 -40.17
N LYS D 134 -34.77 -9.64 -40.72
CA LYS D 134 -34.75 -8.21 -41.04
C LYS D 134 -34.72 -7.35 -39.79
N GLY D 135 -34.80 -7.95 -38.60
CA GLY D 135 -34.79 -7.20 -37.36
C GLY D 135 -33.39 -6.91 -36.87
N VAL D 136 -32.56 -6.36 -37.76
CA VAL D 136 -31.19 -5.97 -37.44
C VAL D 136 -30.99 -4.53 -37.86
N THR D 137 -30.26 -3.78 -37.04
CA THR D 137 -30.03 -2.36 -37.29
C THR D 137 -28.53 -2.07 -37.32
N ALA D 138 -28.18 -0.98 -38.01
CA ALA D 138 -26.77 -0.62 -38.16
C ALA D 138 -26.18 -0.13 -36.86
N ALA D 139 -27.00 0.43 -35.97
CA ALA D 139 -26.48 0.93 -34.70
C ALA D 139 -25.99 -0.22 -33.83
N CYS D 140 -26.71 -1.34 -33.83
CA CYS D 140 -26.34 -2.52 -33.04
C CYS D 140 -25.55 -3.50 -33.90
N SER D 141 -24.33 -3.10 -34.25
CA SER D 141 -23.48 -3.88 -35.13
C SER D 141 -22.50 -4.70 -34.31
N HIS D 142 -22.36 -5.98 -34.64
CA HIS D 142 -21.44 -6.88 -33.97
C HIS D 142 -20.59 -7.59 -35.02
N ALA D 143 -19.27 -7.61 -34.80
CA ALA D 143 -18.33 -8.28 -35.69
C ALA D 143 -18.47 -7.78 -37.12
N GLY D 144 -18.66 -6.47 -37.28
CA GLY D 144 -18.79 -5.86 -38.58
C GLY D 144 -20.15 -6.02 -39.24
N LYS D 145 -20.99 -6.93 -38.75
CA LYS D 145 -22.31 -7.16 -39.31
C LYS D 145 -23.37 -6.57 -38.39
N SER D 146 -24.46 -6.09 -39.00
CA SER D 146 -25.57 -5.57 -38.23
C SER D 146 -26.23 -6.69 -37.42
N SER D 147 -26.50 -6.42 -36.15
CA SER D 147 -27.10 -7.42 -35.28
C SER D 147 -28.18 -6.72 -34.44
N PHE D 148 -28.66 -7.40 -33.41
CA PHE D 148 -29.70 -6.85 -32.55
C PHE D 148 -29.54 -7.44 -31.16
N TYR D 149 -30.41 -7.01 -30.24
CA TYR D 149 -30.38 -7.51 -28.88
C TYR D 149 -30.66 -9.01 -28.85
N ARG D 150 -29.96 -9.71 -27.96
CA ARG D 150 -30.13 -11.16 -27.84
C ARG D 150 -31.40 -11.55 -27.11
N ASN D 151 -31.98 -10.65 -26.32
CA ASN D 151 -33.20 -10.95 -25.58
C ASN D 151 -34.44 -10.31 -26.17
N LEU D 152 -34.31 -9.57 -27.26
CA LEU D 152 -35.43 -8.90 -27.91
C LEU D 152 -35.48 -9.29 -29.37
N LEU D 153 -36.69 -9.31 -29.93
CA LEU D 153 -36.90 -9.64 -31.34
C LEU D 153 -37.64 -8.52 -32.03
N TRP D 154 -37.07 -8.01 -33.11
CA TRP D 154 -37.67 -6.93 -33.90
C TRP D 154 -38.59 -7.56 -34.95
N LEU D 155 -39.90 -7.38 -34.76
CA LEU D 155 -40.90 -7.92 -35.68
C LEU D 155 -41.27 -6.86 -36.71
N THR D 156 -41.24 -7.25 -37.99
CA THR D 156 -41.61 -6.38 -39.09
C THR D 156 -42.67 -7.08 -39.94
N LYS D 157 -43.16 -6.37 -40.96
CA LYS D 157 -44.22 -6.90 -41.81
C LYS D 157 -43.72 -8.07 -42.64
N LYS D 158 -44.58 -9.06 -42.83
CA LYS D 158 -44.28 -10.24 -43.63
C LYS D 158 -45.13 -10.18 -44.90
N GLY D 159 -44.46 -10.22 -46.06
CA GLY D 159 -45.15 -10.13 -47.32
C GLY D 159 -45.90 -8.83 -47.52
N GLY D 160 -45.38 -7.73 -46.99
CA GLY D 160 -46.04 -6.45 -47.10
C GLY D 160 -47.26 -6.28 -46.24
N SER D 161 -47.45 -7.16 -45.25
CA SER D 161 -48.61 -7.10 -44.37
C SER D 161 -48.19 -7.39 -42.95
N TYR D 162 -48.68 -6.59 -42.01
CA TYR D 162 -48.44 -6.76 -40.58
C TYR D 162 -49.78 -7.01 -39.91
N PRO D 163 -50.17 -8.27 -39.72
CA PRO D 163 -51.44 -8.58 -39.08
C PRO D 163 -51.43 -8.21 -37.60
N LYS D 164 -52.63 -8.05 -37.05
CA LYS D 164 -52.78 -7.78 -35.63
C LYS D 164 -52.19 -8.91 -34.81
N LEU D 165 -51.37 -8.56 -33.82
CA LEU D 165 -50.62 -9.53 -33.02
C LEU D 165 -51.22 -9.62 -31.63
N SER D 166 -51.41 -10.86 -31.15
CA SER D 166 -51.95 -11.11 -29.82
C SER D 166 -51.21 -12.31 -29.24
N LYS D 167 -50.26 -12.05 -28.34
CA LYS D 167 -49.46 -13.09 -27.71
C LYS D 167 -49.60 -13.00 -26.20
N SER D 168 -49.84 -14.14 -25.55
CA SER D 168 -50.01 -14.21 -24.11
C SER D 168 -49.03 -15.21 -23.51
N TYR D 169 -48.63 -14.96 -22.27
CA TYR D 169 -47.73 -15.86 -21.54
C TYR D 169 -48.19 -15.99 -20.10
N VAL D 170 -48.22 -17.23 -19.60
CA VAL D 170 -48.59 -17.52 -18.22
C VAL D 170 -47.32 -17.91 -17.46
N ASN D 171 -47.14 -17.30 -16.29
CA ASN D 171 -45.94 -17.52 -15.47
C ASN D 171 -46.07 -18.85 -14.74
N ASN D 172 -45.47 -19.90 -15.30
CA ASN D 172 -45.41 -21.21 -14.68
C ASN D 172 -44.14 -21.45 -13.89
N LYS D 173 -43.22 -20.48 -13.84
CA LYS D 173 -41.93 -20.67 -13.19
C LYS D 173 -42.00 -20.60 -11.67
N GLY D 174 -43.11 -20.17 -11.11
CA GLY D 174 -43.20 -20.04 -9.66
C GLY D 174 -42.31 -18.96 -9.08
N LYS D 175 -41.86 -18.03 -9.90
CA LYS D 175 -41.00 -16.93 -9.46
C LYS D 175 -41.42 -15.67 -10.20
N GLU D 176 -40.92 -14.53 -9.72
CA GLU D 176 -41.11 -13.29 -10.45
C GLU D 176 -40.41 -13.38 -11.79
N VAL D 177 -41.10 -12.98 -12.85
CA VAL D 177 -40.56 -13.02 -14.21
C VAL D 177 -40.40 -11.59 -14.70
N LEU D 178 -39.16 -11.23 -15.05
CA LEU D 178 -38.86 -9.91 -15.59
C LEU D 178 -38.98 -9.97 -17.11
N VAL D 179 -39.92 -9.20 -17.66
CA VAL D 179 -40.19 -9.17 -19.09
C VAL D 179 -39.76 -7.83 -19.64
N LEU D 180 -39.02 -7.85 -20.74
CA LEU D 180 -38.52 -6.63 -21.37
C LEU D 180 -39.08 -6.54 -22.78
N TRP D 181 -39.53 -5.35 -23.16
CA TRP D 181 -40.03 -5.10 -24.50
C TRP D 181 -39.73 -3.66 -24.87
N GLY D 182 -39.86 -3.36 -26.17
CA GLY D 182 -39.59 -2.04 -26.66
C GLY D 182 -40.63 -1.59 -27.66
N VAL D 183 -40.73 -0.27 -27.83
CA VAL D 183 -41.62 0.34 -28.80
C VAL D 183 -40.77 1.21 -29.71
N HIS D 184 -40.85 0.96 -31.02
CA HIS D 184 -40.02 1.66 -31.99
C HIS D 184 -40.75 2.87 -32.56
N HIS D 185 -40.04 3.99 -32.65
CA HIS D 185 -40.59 5.24 -33.18
C HIS D 185 -39.85 5.58 -34.46
N PRO D 186 -40.43 5.35 -35.64
CA PRO D 186 -39.74 5.62 -36.89
C PRO D 186 -39.57 7.11 -37.14
N SER D 187 -38.59 7.43 -37.97
CA SER D 187 -38.27 8.82 -38.27
C SER D 187 -39.25 9.43 -39.28
N THR D 188 -39.71 8.64 -40.24
CA THR D 188 -40.58 9.14 -41.30
C THR D 188 -41.74 8.16 -41.50
N SER D 189 -42.85 8.68 -42.04
CA SER D 189 -44.01 7.84 -42.28
C SER D 189 -43.71 6.74 -43.29
N THR D 190 -42.84 7.01 -44.26
CA THR D 190 -42.45 5.97 -45.22
C THR D 190 -41.70 4.84 -44.52
N ASP D 191 -40.85 5.16 -43.54
CA ASP D 191 -40.16 4.13 -42.78
C ASP D 191 -41.14 3.32 -41.94
N GLN D 192 -42.20 3.95 -41.45
CA GLN D 192 -43.22 3.21 -40.70
C GLN D 192 -43.92 2.18 -41.57
N GLN D 193 -44.34 2.59 -42.77
CA GLN D 193 -45.01 1.66 -43.68
C GLN D 193 -44.05 0.58 -44.18
N SER D 194 -42.79 0.94 -44.39
CA SER D 194 -41.81 -0.04 -44.87
C SER D 194 -41.59 -1.14 -43.86
N LEU D 195 -41.62 -0.81 -42.57
CA LEU D 195 -41.35 -1.78 -41.52
C LEU D 195 -42.61 -2.46 -40.97
N TYR D 196 -43.72 -1.73 -40.85
CA TYR D 196 -44.91 -2.28 -40.21
C TYR D 196 -46.19 -2.16 -41.03
N GLN D 197 -46.15 -1.51 -42.18
CA GLN D 197 -47.26 -1.42 -43.14
C GLN D 197 -48.43 -0.57 -42.66
N ASN D 198 -48.59 -0.42 -41.35
CA ASN D 198 -49.67 0.37 -40.78
C ASN D 198 -49.12 1.74 -40.38
N GLU D 199 -49.76 2.80 -40.86
CA GLU D 199 -49.29 4.14 -40.53
C GLU D 199 -49.65 4.47 -39.08
N ASN D 200 -50.93 4.41 -38.75
CA ASN D 200 -51.41 4.50 -37.37
C ASN D 200 -51.36 3.12 -36.72
N ALA D 201 -50.50 2.96 -35.70
CA ALA D 201 -50.33 1.69 -35.00
C ALA D 201 -50.37 1.94 -33.50
N TYR D 202 -50.69 0.88 -32.75
CA TYR D 202 -50.72 0.94 -31.29
C TYR D 202 -50.03 -0.30 -30.75
N VAL D 203 -49.49 -0.18 -29.53
CA VAL D 203 -48.90 -1.29 -28.80
C VAL D 203 -49.54 -1.37 -27.42
N SER D 204 -50.02 -2.55 -27.04
CA SER D 204 -50.69 -2.74 -25.76
C SER D 204 -50.04 -3.89 -25.00
N VAL D 205 -49.60 -3.61 -23.78
CA VAL D 205 -49.08 -4.63 -22.86
C VAL D 205 -49.91 -4.55 -21.59
N VAL D 206 -50.68 -5.58 -21.30
CA VAL D 206 -51.60 -5.58 -20.17
C VAL D 206 -51.44 -6.87 -19.39
N SER D 207 -51.38 -6.75 -18.07
CA SER D 207 -51.41 -7.89 -17.15
C SER D 207 -52.45 -7.60 -16.07
N SER D 208 -52.48 -8.42 -15.02
CA SER D 208 -53.43 -8.16 -13.94
C SER D 208 -53.08 -6.90 -13.16
N ASN D 209 -51.80 -6.60 -13.01
CA ASN D 209 -51.35 -5.42 -12.27
C ASN D 209 -50.71 -4.36 -13.15
N TYR D 210 -50.62 -4.57 -14.46
CA TYR D 210 -49.93 -3.65 -15.35
C TYR D 210 -50.77 -3.42 -16.59
N ASN D 211 -50.98 -2.15 -16.93
CA ASN D 211 -51.79 -1.78 -18.10
C ASN D 211 -51.20 -0.50 -18.68
N ARG D 212 -50.67 -0.60 -19.90
CA ARG D 212 -50.12 0.56 -20.58
C ARG D 212 -50.23 0.37 -22.09
N ARG D 213 -50.54 1.46 -22.79
CA ARG D 213 -50.64 1.47 -24.24
C ARG D 213 -49.64 2.47 -24.80
N PHE D 214 -48.95 2.08 -25.87
CA PHE D 214 -47.89 2.88 -26.47
C PHE D 214 -48.28 3.28 -27.89
N THR D 215 -48.18 4.57 -28.18
CA THR D 215 -48.47 5.10 -29.50
C THR D 215 -47.19 5.62 -30.13
N PRO D 216 -46.73 5.04 -31.24
CA PRO D 216 -45.50 5.51 -31.88
C PRO D 216 -45.59 6.97 -32.29
N GLU D 217 -44.48 7.69 -32.12
CA GLU D 217 -44.38 9.09 -32.48
C GLU D 217 -43.37 9.24 -33.61
N ILE D 218 -43.77 9.95 -34.67
CA ILE D 218 -42.94 10.14 -35.84
C ILE D 218 -42.61 11.62 -35.94
N ALA D 219 -41.31 11.93 -35.95
CA ALA D 219 -40.86 13.31 -36.01
C ALA D 219 -39.41 13.35 -36.47
N GLU D 220 -38.98 14.53 -36.89
CA GLU D 220 -37.58 14.75 -37.24
C GLU D 220 -36.74 14.77 -35.98
N ARG D 221 -35.72 13.91 -35.93
CA ARG D 221 -34.91 13.78 -34.73
C ARG D 221 -33.43 13.83 -35.09
N PRO D 222 -32.59 14.34 -34.20
CA PRO D 222 -31.15 14.29 -34.43
C PRO D 222 -30.64 12.86 -34.40
N LYS D 223 -29.61 12.61 -35.20
CA LYS D 223 -29.06 11.26 -35.34
C LYS D 223 -28.18 10.92 -34.14
N VAL D 224 -28.53 9.84 -33.45
CA VAL D 224 -27.71 9.27 -32.39
C VAL D 224 -27.25 7.90 -32.86
N ARG D 225 -25.93 7.71 -32.95
CA ARG D 225 -25.34 6.51 -33.54
C ARG D 225 -25.89 6.28 -34.94
N GLY D 226 -26.05 7.36 -35.70
CA GLY D 226 -26.54 7.27 -37.06
C GLY D 226 -27.96 6.76 -37.17
N GLN D 227 -28.82 7.07 -36.19
CA GLN D 227 -30.20 6.60 -36.20
C GLN D 227 -31.12 7.73 -35.79
N ALA D 228 -32.01 8.13 -36.68
CA ALA D 228 -33.01 9.15 -36.36
C ALA D 228 -34.19 8.59 -35.58
N GLY D 229 -34.44 7.27 -35.68
CA GLY D 229 -35.50 6.66 -34.91
C GLY D 229 -35.11 6.44 -33.46
N ARG D 230 -36.12 6.11 -32.65
CA ARG D 230 -35.93 5.88 -31.23
C ARG D 230 -36.66 4.62 -30.80
N MET D 231 -36.06 3.91 -29.85
CA MET D 231 -36.67 2.74 -29.22
C MET D 231 -36.78 3.00 -27.73
N ASN D 232 -38.01 2.98 -27.21
CA ASN D 232 -38.28 3.12 -25.79
C ASN D 232 -38.42 1.73 -25.17
N TYR D 233 -37.60 1.46 -24.16
CA TYR D 233 -37.55 0.15 -23.53
C TYR D 233 -38.36 0.16 -22.23
N TYR D 234 -39.17 -0.88 -22.03
CA TYR D 234 -40.05 -1.00 -20.88
C TYR D 234 -39.84 -2.34 -20.21
N TRP D 235 -40.26 -2.44 -18.96
CA TRP D 235 -40.13 -3.68 -18.21
C TRP D 235 -41.28 -3.79 -17.21
N THR D 236 -41.52 -5.02 -16.77
CA THR D 236 -42.51 -5.28 -15.73
C THR D 236 -42.16 -6.60 -15.05
N LEU D 237 -42.71 -6.79 -13.86
CA LEU D 237 -42.53 -8.01 -13.09
C LEU D 237 -43.83 -8.79 -13.10
N LEU D 238 -43.79 -10.02 -13.60
CA LEU D 238 -44.95 -10.89 -13.68
C LEU D 238 -44.97 -11.81 -12.46
N GLU D 239 -45.99 -11.66 -11.62
CA GLU D 239 -46.12 -12.50 -10.45
C GLU D 239 -46.49 -13.93 -10.86
N PRO D 240 -46.18 -14.91 -10.01
CA PRO D 240 -46.52 -16.29 -10.35
C PRO D 240 -48.01 -16.47 -10.59
N GLY D 241 -48.35 -17.19 -11.66
CA GLY D 241 -49.71 -17.41 -12.04
C GLY D 241 -50.34 -16.31 -12.88
N ASP D 242 -49.69 -15.16 -13.00
CA ASP D 242 -50.26 -14.06 -13.75
C ASP D 242 -50.02 -14.25 -15.25
N THR D 243 -50.87 -13.62 -16.05
CA THR D 243 -50.80 -13.69 -17.51
C THR D 243 -50.53 -12.30 -18.05
N ILE D 244 -49.59 -12.20 -18.99
CA ILE D 244 -49.27 -10.95 -19.68
C ILE D 244 -49.63 -11.12 -21.15
N ILE D 245 -50.31 -10.12 -21.72
CA ILE D 245 -50.80 -10.18 -23.08
C ILE D 245 -50.19 -9.02 -23.87
N PHE D 246 -49.61 -9.33 -25.01
CA PHE D 246 -49.04 -8.33 -25.90
C PHE D 246 -49.94 -8.21 -27.12
N GLU D 247 -50.52 -7.02 -27.30
CA GLU D 247 -51.40 -6.71 -28.42
C GLU D 247 -50.82 -5.52 -29.17
N ALA D 248 -50.47 -5.72 -30.43
CA ALA D 248 -49.83 -4.67 -31.21
C ALA D 248 -50.16 -4.83 -32.69
N THR D 249 -50.20 -3.70 -33.39
CA THR D 249 -50.34 -3.67 -34.84
C THR D 249 -49.08 -3.20 -35.53
N GLY D 250 -47.98 -3.11 -34.81
CA GLY D 250 -46.72 -2.67 -35.38
C GLY D 250 -45.88 -1.94 -34.34
N ASN D 251 -44.63 -1.68 -34.73
CA ASN D 251 -43.66 -0.93 -33.92
C ASN D 251 -43.38 -1.59 -32.59
N LEU D 252 -43.60 -2.91 -32.49
CA LEU D 252 -43.40 -3.64 -31.24
C LEU D 252 -42.09 -4.40 -31.30
N ILE D 253 -41.29 -4.29 -30.24
CA ILE D 253 -40.06 -5.06 -30.09
C ILE D 253 -40.38 -6.18 -29.11
N ALA D 254 -40.60 -7.37 -29.65
CA ALA D 254 -41.17 -8.46 -28.87
C ALA D 254 -40.15 -9.03 -27.89
N PRO D 255 -40.61 -9.53 -26.74
CA PRO D 255 -39.71 -10.17 -25.77
C PRO D 255 -39.30 -11.57 -26.23
N TRP D 256 -38.03 -11.71 -26.61
CA TRP D 256 -37.52 -13.01 -27.00
C TRP D 256 -37.14 -13.86 -25.78
N TYR D 257 -36.49 -13.26 -24.80
CA TYR D 257 -36.04 -13.97 -23.60
C TYR D 257 -36.46 -13.20 -22.36
N ALA D 258 -36.73 -13.95 -21.29
CA ALA D 258 -37.13 -13.37 -20.01
C ALA D 258 -36.31 -14.01 -18.90
N PHE D 259 -36.48 -13.49 -17.68
CA PHE D 259 -35.70 -13.93 -16.53
C PHE D 259 -36.64 -14.27 -15.38
N ALA D 260 -36.45 -15.44 -14.79
CA ALA D 260 -37.16 -15.84 -13.58
C ALA D 260 -36.31 -15.50 -12.37
N LEU D 261 -36.78 -14.58 -11.54
CA LEU D 261 -35.97 -13.99 -10.50
C LEU D 261 -36.07 -14.77 -9.19
N SER D 262 -34.92 -14.95 -8.54
CA SER D 262 -34.85 -15.51 -7.19
C SER D 262 -34.22 -14.45 -6.29
N ARG D 263 -34.99 -13.97 -5.32
CA ARG D 263 -34.57 -12.83 -4.52
C ARG D 263 -33.62 -13.26 -3.40
N GLY D 264 -32.65 -12.40 -3.12
CA GLY D 264 -31.73 -12.62 -2.02
C GLY D 264 -31.51 -11.36 -1.19
N SER D 265 -30.58 -11.41 -0.26
CA SER D 265 -30.26 -10.28 0.59
C SER D 265 -28.76 -10.06 0.63
N GLY D 266 -28.36 -8.80 0.77
CA GLY D 266 -26.96 -8.42 0.85
C GLY D 266 -26.29 -8.14 -0.48
N SER D 267 -27.00 -8.28 -1.59
CA SER D 267 -26.43 -7.99 -2.89
C SER D 267 -26.50 -6.49 -3.18
N GLY D 268 -25.78 -6.07 -4.21
CA GLY D 268 -25.76 -4.67 -4.60
C GLY D 268 -24.99 -4.46 -5.87
N ILE D 269 -25.01 -3.23 -6.34
CA ILE D 269 -24.35 -2.83 -7.58
C ILE D 269 -23.31 -1.77 -7.23
N ILE D 270 -22.05 -2.04 -7.53
CA ILE D 270 -20.96 -1.13 -7.21
C ILE D 270 -20.15 -0.84 -8.47
N THR D 271 -19.47 0.29 -8.44
CA THR D 271 -18.56 0.71 -9.51
C THR D 271 -17.15 0.58 -8.95
N SER D 272 -16.38 -0.33 -9.54
CA SER D 272 -15.04 -0.61 -9.04
C SER D 272 -14.06 -0.74 -10.19
N ASN D 273 -12.85 -0.22 -9.99
CA ASN D 273 -11.77 -0.35 -10.94
C ASN D 273 -10.82 -1.48 -10.59
N ALA D 274 -11.14 -2.27 -9.56
CA ALA D 274 -10.29 -3.36 -9.14
C ALA D 274 -10.50 -4.59 -10.02
N SER D 275 -9.54 -5.51 -9.95
CA SER D 275 -9.57 -6.72 -10.77
C SER D 275 -9.96 -7.90 -9.90
N MET D 276 -10.77 -8.79 -10.46
CA MET D 276 -11.21 -9.97 -9.71
C MET D 276 -10.09 -10.98 -9.58
N HIS D 277 -9.85 -11.43 -8.35
CA HIS D 277 -8.85 -12.45 -8.04
C HIS D 277 -9.50 -13.51 -7.16
N GLU D 278 -8.90 -14.71 -7.17
CA GLU D 278 -9.44 -15.86 -6.45
C GLU D 278 -9.17 -15.70 -4.95
N CYS D 279 -10.01 -14.88 -4.31
CA CYS D 279 -9.94 -14.65 -2.88
C CYS D 279 -11.36 -14.61 -2.33
N ASN D 280 -11.49 -14.89 -1.03
CA ASN D 280 -12.77 -14.86 -0.34
C ASN D 280 -12.71 -13.88 0.82
N THR D 281 -13.77 -13.08 0.96
CA THR D 281 -13.85 -12.07 2.00
C THR D 281 -15.28 -11.96 2.50
N LYS D 282 -15.43 -11.36 3.69
CA LYS D 282 -16.73 -11.01 4.23
C LYS D 282 -17.07 -9.54 4.03
N CYS D 283 -16.12 -8.73 3.57
CA CYS D 283 -16.32 -7.30 3.35
C CYS D 283 -15.62 -6.92 2.06
N GLN D 284 -16.36 -6.33 1.13
CA GLN D 284 -15.83 -5.92 -0.16
C GLN D 284 -16.15 -4.45 -0.42
N THR D 285 -15.15 -3.71 -0.86
CA THR D 285 -15.29 -2.31 -1.22
C THR D 285 -14.80 -2.11 -2.65
N PRO D 286 -15.21 -1.03 -3.32
CA PRO D 286 -14.72 -0.79 -4.69
C PRO D 286 -13.21 -0.68 -4.79
N GLN D 287 -12.53 -0.27 -3.73
CA GLN D 287 -11.08 -0.20 -3.74
C GLN D 287 -10.42 -1.53 -3.40
N GLY D 288 -11.08 -2.38 -2.61
CA GLY D 288 -10.54 -3.67 -2.26
C GLY D 288 -11.32 -4.30 -1.15
N ALA D 289 -10.99 -5.57 -0.89
CA ALA D 289 -11.65 -6.32 0.18
C ALA D 289 -11.01 -6.04 1.53
N ILE D 290 -11.81 -6.18 2.58
CA ILE D 290 -11.37 -5.93 3.95
C ILE D 290 -11.63 -7.18 4.77
N ASN D 291 -10.59 -7.65 5.47
CA ASN D 291 -10.69 -8.74 6.43
C ASN D 291 -10.26 -8.19 7.78
N SER D 292 -11.23 -7.64 8.52
CA SER D 292 -10.93 -6.96 9.78
C SER D 292 -12.13 -7.07 10.71
N SER D 293 -11.85 -7.21 12.00
CA SER D 293 -12.86 -7.17 13.04
C SER D 293 -12.91 -5.81 13.74
N LEU D 294 -12.22 -4.81 13.21
CA LEU D 294 -12.22 -3.50 13.82
C LEU D 294 -13.57 -2.81 13.62
N PRO D 295 -13.94 -1.90 14.53
CA PRO D 295 -15.26 -1.26 14.41
C PRO D 295 -15.36 -0.22 13.31
N PHE D 296 -14.24 0.41 12.92
CA PHE D 296 -14.26 1.51 11.98
C PHE D 296 -13.29 1.26 10.83
N GLN D 297 -13.64 1.82 9.68
CA GLN D 297 -12.77 1.80 8.51
C GLN D 297 -12.94 3.12 7.76
N ASN D 298 -11.89 3.53 7.06
CA ASN D 298 -11.90 4.75 6.26
C ASN D 298 -11.56 4.46 4.80
N ILE D 299 -11.85 3.25 4.33
CA ILE D 299 -11.49 2.86 2.96
C ILE D 299 -12.50 3.41 1.97
N HIS D 300 -13.77 3.06 2.13
CA HIS D 300 -14.80 3.48 1.20
C HIS D 300 -16.15 3.42 1.88
N PRO D 301 -17.05 4.37 1.65
CA PRO D 301 -18.39 4.29 2.26
C PRO D 301 -19.23 3.16 1.71
N VAL D 302 -19.03 2.78 0.45
CA VAL D 302 -19.81 1.70 -0.16
C VAL D 302 -19.25 0.36 0.31
N THR D 303 -20.11 -0.46 0.89
CA THR D 303 -19.70 -1.75 1.45
C THR D 303 -20.68 -2.82 1.04
N ILE D 304 -20.19 -4.06 0.97
CA ILE D 304 -21.00 -5.23 0.68
C ILE D 304 -20.66 -6.32 1.69
N GLY D 305 -21.66 -6.77 2.42
CA GLY D 305 -21.46 -7.75 3.48
C GLY D 305 -21.35 -7.12 4.85
N GLU D 306 -20.72 -7.86 5.76
CA GLU D 306 -20.49 -7.40 7.12
C GLU D 306 -19.20 -6.58 7.13
N CYS D 307 -19.32 -5.28 7.40
CA CYS D 307 -18.21 -4.36 7.28
C CYS D 307 -18.19 -3.42 8.48
N PRO D 308 -17.04 -2.84 8.79
CA PRO D 308 -16.98 -1.78 9.80
C PRO D 308 -17.65 -0.50 9.29
N LYS D 309 -18.13 0.30 10.23
CA LYS D 309 -18.77 1.57 9.88
C LYS D 309 -17.74 2.53 9.28
N TYR D 310 -18.13 3.17 8.19
CA TYR D 310 -17.25 4.13 7.52
C TYR D 310 -17.25 5.46 8.26
N VAL D 311 -16.05 6.02 8.45
CA VAL D 311 -15.87 7.32 9.08
C VAL D 311 -14.80 8.10 8.31
N ARG D 312 -14.82 9.42 8.50
CA ARG D 312 -13.85 10.31 7.87
C ARG D 312 -12.61 10.53 8.73
N SER D 313 -12.51 9.86 9.87
CA SER D 313 -11.41 10.11 10.80
C SER D 313 -10.07 9.68 10.20
N THR D 314 -9.05 10.51 10.40
CA THR D 314 -7.70 10.15 9.99
C THR D 314 -7.04 9.19 10.96
N LYS D 315 -7.36 9.28 12.25
CA LYS D 315 -6.78 8.41 13.25
C LYS D 315 -7.80 8.18 14.36
N LEU D 316 -7.88 6.93 14.84
CA LEU D 316 -8.72 6.58 15.99
C LEU D 316 -7.93 5.59 16.85
N ARG D 317 -7.13 6.12 17.77
CA ARG D 317 -6.29 5.31 18.64
C ARG D 317 -6.72 5.52 20.08
N MET D 318 -7.05 4.42 20.77
CA MET D 318 -7.51 4.48 22.15
C MET D 318 -6.45 3.87 23.07
N VAL D 319 -6.31 4.46 24.25
CA VAL D 319 -5.27 4.05 25.19
C VAL D 319 -5.66 2.73 25.86
N THR D 320 -4.72 1.79 25.89
CA THR D 320 -4.87 0.57 26.67
C THR D 320 -3.78 0.38 27.72
N GLY D 321 -2.77 1.25 27.75
CA GLY D 321 -1.70 1.14 28.71
C GLY D 321 -1.46 2.45 29.44
N LEU D 322 -0.28 2.63 30.01
CA LEU D 322 0.05 3.82 30.76
C LEU D 322 0.84 4.80 29.90
N ARG D 323 1.06 5.99 30.44
CA ARG D 323 1.91 6.97 29.78
C ARG D 323 3.36 6.53 29.82
N ASN D 324 4.08 6.72 28.72
CA ASN D 324 5.46 6.27 28.60
C ASN D 324 6.41 7.39 29.01
N ILE D 325 6.71 7.46 30.29
CA ILE D 325 7.71 8.38 30.82
C ILE D 325 8.98 7.59 31.12
N PRO D 326 9.85 7.35 30.13
CA PRO D 326 11.06 6.57 30.41
C PRO D 326 12.07 7.31 31.27
N SER D 327 11.93 8.63 31.43
CA SER D 327 12.82 9.40 32.26
C SER D 327 12.20 9.68 33.63
N ILE D 341 6.05 9.56 42.70
CA ILE D 341 6.34 8.79 41.49
C ILE D 341 6.53 9.75 40.31
N GLU D 342 7.79 9.97 39.92
CA GLU D 342 8.12 10.82 38.80
C GLU D 342 8.92 10.07 37.74
N GLY D 343 8.49 8.84 37.43
CA GLY D 343 9.17 8.08 36.40
C GLY D 343 8.80 6.62 36.26
N GLY D 344 8.70 6.17 35.02
CA GLY D 344 8.39 4.78 34.71
C GLY D 344 9.66 3.95 34.56
N TRP D 345 9.65 2.76 35.18
CA TRP D 345 10.78 1.86 35.13
C TRP D 345 10.68 1.01 33.87
N THR D 346 11.58 1.26 32.91
CA THR D 346 11.63 0.46 31.69
C THR D 346 12.06 -0.97 31.96
N GLY D 347 12.81 -1.21 33.04
CA GLY D 347 13.26 -2.56 33.32
C GLY D 347 12.16 -3.48 33.80
N MET D 348 11.17 -2.93 34.50
CA MET D 348 10.07 -3.75 35.03
C MET D 348 9.12 -4.14 33.91
N ILE D 349 9.37 -5.30 33.29
CA ILE D 349 8.58 -5.77 32.15
C ILE D 349 7.46 -6.72 32.56
N ASP D 350 7.39 -7.13 33.82
CA ASP D 350 6.43 -8.15 34.22
C ASP D 350 5.01 -7.61 34.29
N GLY D 351 4.84 -6.35 34.68
CA GLY D 351 3.49 -5.82 34.81
C GLY D 351 3.47 -4.32 34.77
N TRP D 352 2.26 -3.76 34.82
CA TRP D 352 2.08 -2.32 34.78
C TRP D 352 2.43 -1.66 36.11
N TYR D 353 2.05 -2.27 37.23
CA TYR D 353 2.31 -1.74 38.55
C TYR D 353 3.19 -2.71 39.33
N GLY D 354 4.10 -2.17 40.12
CA GLY D 354 5.00 -3.02 40.87
C GLY D 354 5.82 -2.24 41.86
N TYR D 355 6.84 -2.90 42.38
CA TYR D 355 7.70 -2.34 43.41
C TYR D 355 9.15 -2.43 42.97
N HIS D 356 10.01 -1.62 43.60
CA HIS D 356 11.43 -1.64 43.36
C HIS D 356 12.20 -1.94 44.65
N HIS D 357 13.33 -2.60 44.50
CA HIS D 357 14.16 -3.07 45.62
C HIS D 357 13.35 -3.91 46.59
N TYR D 365 13.48 -4.79 40.99
CA TYR D 365 12.08 -4.38 40.79
C TYR D 365 11.19 -5.55 40.35
N ALA D 366 10.10 -5.74 41.09
CA ALA D 366 9.13 -6.78 40.84
C ALA D 366 7.75 -6.13 40.68
N ALA D 367 6.81 -6.89 40.13
CA ALA D 367 5.51 -6.36 39.75
C ALA D 367 4.39 -7.01 40.54
N ASP D 368 3.39 -6.20 40.89
CA ASP D 368 2.19 -6.65 41.61
C ASP D 368 1.17 -7.13 40.58
N GLN D 369 1.08 -8.45 40.42
CA GLN D 369 0.20 -9.02 39.40
C GLN D 369 -1.28 -8.81 39.73
N LYS D 370 -1.65 -8.92 41.00
CA LYS D 370 -3.07 -8.84 41.37
C LYS D 370 -3.66 -7.48 41.05
N SER D 371 -2.91 -6.40 41.27
CA SER D 371 -3.41 -5.08 40.93
C SER D 371 -3.44 -4.88 39.42
N THR D 372 -2.46 -5.44 38.70
CA THR D 372 -2.41 -5.31 37.26
C THR D 372 -3.56 -6.09 36.60
N GLN D 373 -3.86 -7.28 37.13
CA GLN D 373 -4.91 -8.10 36.53
C GLN D 373 -6.27 -7.42 36.60
N ASN D 374 -6.55 -6.73 37.70
CA ASN D 374 -7.81 -5.99 37.81
C ASN D 374 -7.88 -4.86 36.80
N ALA D 375 -6.76 -4.16 36.58
CA ALA D 375 -6.74 -3.10 35.59
C ALA D 375 -6.87 -3.65 34.17
N ILE D 376 -6.26 -4.81 33.91
CA ILE D 376 -6.36 -5.42 32.59
C ILE D 376 -7.81 -5.80 32.29
N ASN D 377 -8.50 -6.38 33.27
CA ASN D 377 -9.90 -6.75 33.07
C ASN D 377 -10.76 -5.53 32.83
N GLY D 378 -10.51 -4.43 33.55
CA GLY D 378 -11.28 -3.22 33.35
C GLY D 378 -11.08 -2.61 31.99
N ILE D 379 -9.82 -2.60 31.51
CA ILE D 379 -9.54 -2.04 30.19
C ILE D 379 -10.12 -2.94 29.09
N THR D 380 -10.02 -4.26 29.26
CA THR D 380 -10.58 -5.17 28.27
C THR D 380 -12.08 -5.02 28.16
N ASN D 381 -12.76 -4.85 29.30
CA ASN D 381 -14.20 -4.62 29.26
C ASN D 381 -14.54 -3.29 28.61
N LYS D 382 -13.69 -2.27 28.82
CA LYS D 382 -13.92 -0.97 28.20
C LYS D 382 -13.80 -1.04 26.68
N VAL D 383 -12.80 -1.75 26.17
CA VAL D 383 -12.61 -1.88 24.73
C VAL D 383 -13.77 -2.67 24.12
N ASN D 384 -14.20 -3.74 24.79
CA ASN D 384 -15.31 -4.54 24.28
C ASN D 384 -16.61 -3.76 24.25
N SER D 385 -16.81 -2.86 25.21
CA SER D 385 -18.02 -2.04 25.24
C SER D 385 -18.08 -1.11 24.03
N VAL D 386 -16.94 -0.55 23.62
CA VAL D 386 -16.91 0.32 22.45
C VAL D 386 -17.27 -0.47 21.19
N ILE D 387 -16.70 -1.67 21.05
CA ILE D 387 -17.02 -2.49 19.88
C ILE D 387 -18.47 -2.92 19.91
N GLU D 388 -19.01 -3.17 21.10
CA GLU D 388 -20.43 -3.55 21.21
C GLU D 388 -21.34 -2.42 20.73
N LYS D 389 -21.00 -1.17 21.06
CA LYS D 389 -21.83 -0.05 20.66
C LYS D 389 -21.84 0.13 19.14
N MET D 390 -20.68 -0.03 18.50
CA MET D 390 -20.58 0.12 17.05
C MET D 390 -21.03 -1.18 16.39
N ASN D 391 -22.25 -1.16 15.84
CA ASN D 391 -22.78 -2.34 15.17
C ASN D 391 -22.11 -2.50 13.80
N THR D 392 -22.13 -3.74 13.31
CA THR D 392 -21.53 -4.00 12.00
C THR D 392 -22.41 -3.42 10.90
N GLN D 393 -21.79 -2.68 9.98
CA GLN D 393 -22.50 -2.13 8.85
C GLN D 393 -22.72 -3.20 7.79
N PHE D 394 -23.96 -3.37 7.37
CA PHE D 394 -24.29 -4.35 6.35
C PHE D 394 -24.21 -3.69 4.97
N THR D 395 -24.73 -4.34 3.94
CA THR D 395 -24.57 -3.85 2.58
C THR D 395 -25.21 -2.48 2.42
N ALA D 396 -24.39 -1.51 2.01
CA ALA D 396 -24.85 -0.14 1.72
C ALA D 396 -24.36 0.22 0.33
N VAL D 397 -25.29 0.39 -0.60
CA VAL D 397 -24.97 0.58 -2.01
C VAL D 397 -25.60 1.89 -2.48
N GLY D 398 -24.88 2.61 -3.35
CA GLY D 398 -25.39 3.86 -3.88
C GLY D 398 -26.56 3.66 -4.82
N LYS D 399 -27.33 4.73 -4.97
CA LYS D 399 -28.53 4.76 -5.80
C LYS D 399 -28.31 5.68 -7.00
N GLU D 400 -29.04 5.41 -8.07
CA GLU D 400 -28.94 6.19 -9.30
C GLU D 400 -30.23 6.96 -9.53
N PHE D 401 -30.10 8.14 -10.13
CA PHE D 401 -31.23 9.04 -10.34
C PHE D 401 -31.14 9.65 -11.73
N ASN D 402 -32.30 9.92 -12.33
CA ASN D 402 -32.35 10.51 -13.66
C ASN D 402 -32.22 12.03 -13.58
N ASN D 403 -32.29 12.69 -14.74
CA ASN D 403 -32.06 14.13 -14.81
C ASN D 403 -33.20 14.95 -14.18
N LEU D 404 -34.38 14.36 -14.02
CA LEU D 404 -35.49 15.01 -13.34
C LEU D 404 -35.67 14.52 -11.92
N GLU D 405 -34.62 13.99 -11.31
CA GLU D 405 -34.66 13.48 -9.94
C GLU D 405 -33.52 14.05 -9.11
N LYS D 406 -33.14 15.30 -9.38
CA LYS D 406 -32.03 15.92 -8.65
C LYS D 406 -32.37 16.12 -7.17
N ARG D 407 -33.63 16.46 -6.87
CA ARG D 407 -34.02 16.67 -5.49
C ARG D 407 -33.84 15.41 -4.65
N MET D 408 -34.28 14.27 -5.18
CA MET D 408 -34.05 13.01 -4.48
C MET D 408 -32.57 12.70 -4.38
N GLU D 409 -31.82 12.99 -5.44
CA GLU D 409 -30.37 12.77 -5.41
C GLU D 409 -29.74 13.62 -4.30
N ASN D 410 -30.17 14.88 -4.19
CA ASN D 410 -29.64 15.74 -3.13
C ASN D 410 -30.12 15.30 -1.77
N LEU D 411 -31.39 14.88 -1.67
CA LEU D 411 -31.90 14.37 -0.40
C LEU D 411 -31.16 13.10 0.02
N ASN D 412 -30.89 12.21 -0.95
CA ASN D 412 -30.11 11.02 -0.64
C ASN D 412 -28.70 11.40 -0.20
N LYS D 413 -28.10 12.39 -0.85
CA LYS D 413 -26.76 12.83 -0.47
C LYS D 413 -26.74 13.44 0.92
N LYS D 414 -27.78 14.21 1.27
CA LYS D 414 -27.86 14.78 2.60
C LYS D 414 -27.96 13.70 3.67
N VAL D 415 -28.73 12.66 3.39
CA VAL D 415 -28.87 11.57 4.36
C VAL D 415 -27.55 10.85 4.56
N ASP D 416 -26.86 10.54 3.46
CA ASP D 416 -25.58 9.84 3.56
C ASP D 416 -24.54 10.69 4.28
N ASP D 417 -24.45 11.97 3.89
CA ASP D 417 -23.48 12.85 4.53
C ASP D 417 -23.86 13.15 5.97
N GLY D 418 -25.15 13.29 6.25
CA GLY D 418 -25.58 13.59 7.61
C GLY D 418 -25.25 12.47 8.59
N PHE D 419 -25.52 11.23 8.19
CA PHE D 419 -25.19 10.10 9.06
C PHE D 419 -23.69 9.94 9.20
N LEU D 420 -22.95 10.14 8.10
CA LEU D 420 -21.49 10.08 8.16
C LEU D 420 -20.93 11.19 9.03
N ASP D 421 -21.54 12.38 8.97
CA ASP D 421 -21.09 13.49 9.80
C ASP D 421 -21.27 13.18 11.28
N ILE D 422 -22.39 12.57 11.65
CA ILE D 422 -22.66 12.28 13.05
C ILE D 422 -21.74 11.16 13.55
N TRP D 423 -21.60 10.09 12.75
CA TRP D 423 -20.81 8.94 13.20
C TRP D 423 -19.33 9.29 13.32
N THR D 424 -18.81 10.12 12.41
CA THR D 424 -17.43 10.59 12.54
C THR D 424 -17.27 11.40 13.82
N TYR D 425 -18.25 12.25 14.13
CA TYR D 425 -18.21 13.01 15.37
C TYR D 425 -18.28 12.08 16.59
N ASN D 426 -19.15 11.07 16.53
CA ASN D 426 -19.30 10.16 17.67
C ASN D 426 -18.04 9.33 17.90
N ALA D 427 -17.41 8.86 16.83
CA ALA D 427 -16.24 8.01 16.97
C ALA D 427 -15.06 8.79 17.55
N GLU D 428 -14.79 9.98 17.02
CA GLU D 428 -13.67 10.77 17.49
C GLU D 428 -13.87 11.25 18.93
N LEU D 429 -15.09 11.69 19.25
CA LEU D 429 -15.35 12.23 20.59
C LEU D 429 -15.21 11.15 21.67
N LEU D 430 -15.73 9.95 21.39
CA LEU D 430 -15.65 8.88 22.38
C LEU D 430 -14.20 8.50 22.66
N VAL D 431 -13.36 8.46 21.62
CA VAL D 431 -11.96 8.10 21.81
C VAL D 431 -11.26 9.11 22.70
N LEU D 432 -11.49 10.40 22.47
CA LEU D 432 -10.84 11.42 23.29
C LEU D 432 -11.30 11.33 24.74
N LEU D 433 -12.60 11.11 24.96
CA LEU D 433 -13.10 11.00 26.32
C LEU D 433 -12.56 9.77 27.03
N GLU D 434 -12.50 8.63 26.31
CA GLU D 434 -11.99 7.42 26.94
C GLU D 434 -10.48 7.49 27.16
N ASN D 435 -9.76 8.22 26.30
CA ASN D 435 -8.32 8.38 26.49
C ASN D 435 -8.03 9.12 27.79
N GLU D 436 -8.77 10.19 28.06
CA GLU D 436 -8.62 10.90 29.33
C GLU D 436 -9.08 10.04 30.50
N ARG D 437 -10.16 9.27 30.31
CA ARG D 437 -10.66 8.41 31.37
C ARG D 437 -9.69 7.26 31.64
N THR D 438 -9.08 6.69 30.60
CA THR D 438 -8.14 5.59 30.79
C THR D 438 -6.91 6.03 31.56
N LEU D 439 -6.37 7.22 31.24
CA LEU D 439 -5.18 7.69 31.93
C LEU D 439 -5.46 7.99 33.40
N ASP D 440 -6.62 8.54 33.71
CA ASP D 440 -6.98 8.77 35.11
C ASP D 440 -7.22 7.46 35.84
N PHE D 441 -7.67 6.42 35.13
CA PHE D 441 -7.83 5.12 35.74
C PHE D 441 -6.50 4.55 36.20
N HIS D 442 -5.44 4.78 35.42
CA HIS D 442 -4.12 4.27 35.79
C HIS D 442 -3.51 5.07 36.95
N ASP D 443 -3.63 6.40 36.94
CA ASP D 443 -3.05 7.20 38.01
C ASP D 443 -3.72 6.92 39.35
N SER D 444 -5.03 6.73 39.35
CA SER D 444 -5.73 6.46 40.61
C SER D 444 -5.33 5.11 41.19
N ASN D 445 -5.16 4.10 40.33
CA ASN D 445 -4.81 2.77 40.81
C ASN D 445 -3.40 2.74 41.39
N VAL D 446 -2.44 3.42 40.75
CA VAL D 446 -1.08 3.40 41.25
C VAL D 446 -0.96 4.17 42.57
N LYS D 447 -1.74 5.24 42.74
CA LYS D 447 -1.72 5.95 44.01
C LYS D 447 -2.31 5.11 45.13
N ASN D 448 -3.36 4.34 44.83
CA ASN D 448 -3.97 3.49 45.84
C ASN D 448 -3.02 2.37 46.27
N LEU D 449 -2.21 1.84 45.34
CA LEU D 449 -1.24 0.83 45.73
C LEU D 449 -0.19 1.39 46.67
N TYR D 450 0.29 2.60 46.39
CA TYR D 450 1.24 3.26 47.28
C TYR D 450 0.60 3.58 48.63
N GLU D 451 -0.64 4.06 48.61
CA GLU D 451 -1.34 4.37 49.85
C GLU D 451 -1.65 3.10 50.65
N LYS D 452 -1.88 1.98 49.96
CA LYS D 452 -2.08 0.72 50.64
C LYS D 452 -0.84 0.33 51.45
N VAL D 453 0.34 0.54 50.87
CA VAL D 453 1.58 0.29 51.59
C VAL D 453 1.72 1.24 52.76
N LYS D 454 1.34 2.52 52.57
CA LYS D 454 1.44 3.48 53.65
C LYS D 454 0.56 3.09 54.83
N SER D 455 -0.65 2.59 54.55
CA SER D 455 -1.53 2.14 55.62
C SER D 455 -0.93 0.94 56.35
N GLN D 456 -0.20 0.08 55.62
CA GLN D 456 0.50 -1.03 56.26
C GLN D 456 1.67 -0.56 57.10
N LEU D 457 2.33 0.53 56.68
CA LEU D 457 3.55 1.01 57.32
C LEU D 457 3.25 2.33 58.04
N ARG D 458 2.89 2.22 59.32
CA ARG D 458 2.67 3.39 60.16
C ARG D 458 3.94 3.64 60.98
N ASN D 459 4.75 4.59 60.52
CA ASN D 459 5.98 5.06 61.16
C ASN D 459 7.12 4.03 61.09
N ASN D 460 6.88 2.83 60.56
CA ASN D 460 7.98 1.89 60.37
C ASN D 460 8.88 2.29 59.21
N ALA D 461 8.36 3.07 58.26
CA ALA D 461 9.11 3.50 57.09
C ALA D 461 9.00 5.01 56.94
N LYS D 462 10.10 5.65 56.61
CA LYS D 462 10.11 7.08 56.33
C LYS D 462 9.51 7.34 54.95
N GLU D 463 8.65 8.35 54.86
CA GLU D 463 8.01 8.71 53.61
C GLU D 463 8.92 9.65 52.84
N ILE D 464 9.63 9.11 51.85
CA ILE D 464 10.53 9.94 51.04
C ILE D 464 9.74 10.92 50.19
N GLY D 465 8.58 10.50 49.69
CA GLY D 465 7.72 11.34 48.89
C GLY D 465 7.86 11.16 47.39
N ASN D 466 8.86 10.40 46.93
CA ASN D 466 9.06 10.14 45.52
C ASN D 466 8.51 8.78 45.10
N GLY D 467 7.64 8.19 45.90
CA GLY D 467 7.17 6.85 45.66
C GLY D 467 7.96 5.77 46.36
N CYS D 468 9.01 6.12 47.09
CA CYS D 468 9.84 5.17 47.80
C CYS D 468 9.66 5.32 49.30
N PHE D 469 9.96 4.25 50.02
CA PHE D 469 9.90 4.21 51.48
C PHE D 469 11.25 3.77 52.03
N GLU D 470 11.74 4.48 53.04
CA GLU D 470 13.00 4.13 53.70
C GLU D 470 12.66 3.38 54.98
N PHE D 471 13.00 2.09 55.02
CA PHE D 471 12.69 1.26 56.17
C PHE D 471 13.67 1.55 57.30
N TYR D 472 13.14 1.85 58.49
CA TYR D 472 13.98 2.00 59.67
C TYR D 472 14.52 0.67 60.17
N HIS D 473 13.85 -0.43 59.85
CA HIS D 473 14.32 -1.76 60.23
C HIS D 473 14.88 -2.46 59.00
N LYS D 474 15.45 -3.64 59.21
CA LYS D 474 16.03 -4.42 58.13
C LYS D 474 14.96 -5.35 57.56
N CYS D 475 14.77 -5.28 56.26
CA CYS D 475 13.72 -6.01 55.57
C CYS D 475 14.34 -7.00 54.60
N ASP D 476 14.25 -8.29 54.93
CA ASP D 476 14.81 -9.35 54.11
C ASP D 476 13.91 -9.57 52.90
N ASN D 477 14.28 -10.55 52.06
CA ASN D 477 13.46 -10.87 50.90
C ASN D 477 12.07 -11.34 51.33
N GLU D 478 12.01 -12.19 52.35
CA GLU D 478 10.73 -12.65 52.87
C GLU D 478 9.93 -11.50 53.48
N CYS D 479 10.63 -10.56 54.13
CA CYS D 479 9.95 -9.39 54.68
C CYS D 479 9.26 -8.58 53.59
N MET D 480 9.95 -8.37 52.47
CA MET D 480 9.35 -7.61 51.36
C MET D 480 8.15 -8.35 50.78
N GLU D 481 8.26 -9.67 50.61
CA GLU D 481 7.18 -10.46 50.04
C GLU D 481 5.90 -10.39 50.87
N SER D 482 6.03 -10.29 52.20
CA SER D 482 4.86 -10.19 53.06
C SER D 482 4.04 -8.94 52.78
N VAL D 483 4.72 -7.80 52.59
CA VAL D 483 4.02 -6.55 52.30
C VAL D 483 3.29 -6.64 50.97
N LYS D 484 3.94 -7.20 49.95
CA LYS D 484 3.30 -7.37 48.65
C LYS D 484 2.10 -8.31 48.75
N ASN D 485 2.21 -9.35 49.57
CA ASN D 485 1.10 -10.27 49.77
C ASN D 485 -0.04 -9.62 50.54
N GLY D 486 0.23 -8.50 51.22
CA GLY D 486 -0.75 -7.80 52.05
C GLY D 486 -0.73 -8.15 53.52
N THR D 487 -0.02 -9.21 53.92
CA THR D 487 -0.01 -9.68 55.30
C THR D 487 1.26 -9.18 56.01
N TYR D 488 1.34 -7.87 56.20
CA TYR D 488 2.47 -7.26 56.90
C TYR D 488 2.13 -6.94 58.35
N ASP D 489 3.00 -7.39 59.26
CA ASP D 489 2.84 -7.16 60.71
C ASP D 489 3.68 -5.96 61.14
N TYR D 490 3.00 -4.85 61.46
CA TYR D 490 3.70 -3.69 62.01
C TYR D 490 4.36 -3.98 63.36
N PRO D 491 3.70 -4.64 64.32
CA PRO D 491 4.39 -4.92 65.60
C PRO D 491 5.67 -5.71 65.44
N LYS D 492 5.76 -6.61 64.46
CA LYS D 492 6.95 -7.45 64.31
C LYS D 492 8.21 -6.61 64.09
N TYR D 493 8.09 -5.49 63.37
CA TYR D 493 9.24 -4.64 63.13
C TYR D 493 9.05 -3.24 63.71
N SER D 494 8.34 -3.15 64.83
CA SER D 494 8.23 -1.91 65.57
C SER D 494 9.26 -1.82 66.68
N GLU D 495 9.89 -2.95 67.01
CA GLU D 495 10.92 -2.98 68.04
C GLU D 495 12.13 -2.16 67.65
N GLU D 496 12.51 -2.19 66.37
CA GLU D 496 13.69 -1.48 65.91
C GLU D 496 13.37 -0.01 65.68
N SER D 497 12.79 0.64 66.68
CA SER D 497 12.59 2.09 66.61
C SER D 497 13.94 2.78 66.80
N LYS D 498 14.26 3.68 65.89
CA LYS D 498 15.58 4.30 65.84
C LYS D 498 15.43 5.81 65.78
N LEU D 499 16.55 6.49 66.02
CA LEU D 499 16.61 7.95 66.07
C LEU D 499 15.69 8.51 67.15
N ALA E 4 33.38 21.43 52.78
CA ALA E 4 33.24 20.16 52.10
C ALA E 4 32.75 20.36 50.67
N ASP E 5 33.32 21.34 49.98
CA ASP E 5 32.94 21.60 48.60
C ASP E 5 33.28 20.41 47.73
N THR E 6 32.44 20.15 46.73
CA THR E 6 32.52 18.92 45.95
C THR E 6 32.54 19.24 44.47
N ILE E 7 33.34 18.48 43.72
CA ILE E 7 33.40 18.57 42.26
C ILE E 7 33.41 17.16 41.70
N CYS E 8 32.38 16.80 40.95
CA CYS E 8 32.22 15.47 40.38
C CYS E 8 32.40 15.52 38.87
N ILE E 9 32.69 14.34 38.29
CA ILE E 9 32.82 14.19 36.85
C ILE E 9 31.94 13.01 36.42
N GLY E 10 31.09 13.24 35.41
CA GLY E 10 30.20 12.22 34.93
C GLY E 10 29.81 12.43 33.48
N TYR E 11 28.89 11.61 32.96
CA TYR E 11 28.47 11.71 31.57
C TYR E 11 26.95 11.82 31.48
N HIS E 12 26.49 12.08 30.26
CA HIS E 12 25.09 12.41 30.00
C HIS E 12 24.20 11.17 29.99
N ALA E 13 22.93 11.39 30.33
CA ALA E 13 21.88 10.37 30.23
C ALA E 13 20.58 11.05 29.88
N ASN E 14 19.68 10.31 29.23
CA ASN E 14 18.42 10.88 28.75
C ASN E 14 17.36 9.78 28.72
N ASN E 15 16.25 10.06 28.03
CA ASN E 15 15.15 9.11 27.91
C ASN E 15 15.22 8.40 26.55
N SER E 16 16.32 7.69 26.29
CA SER E 16 16.56 7.12 24.97
C SER E 16 16.53 5.60 25.07
N THR E 17 15.63 4.98 24.30
CA THR E 17 15.48 3.55 24.24
C THR E 17 16.22 2.92 23.06
N ASP E 18 17.04 3.70 22.36
CA ASP E 18 17.78 3.17 21.22
C ASP E 18 18.74 2.09 21.69
N THR E 19 18.73 0.95 21.01
CA THR E 19 19.58 -0.18 21.34
C THR E 19 20.51 -0.49 20.18
N VAL E 20 21.75 -0.84 20.50
CA VAL E 20 22.77 -1.16 19.51
C VAL E 20 23.42 -2.48 19.91
N ASP E 21 24.11 -3.08 18.94
CA ASP E 21 24.81 -4.33 19.16
C ASP E 21 26.30 -4.12 18.91
N THR E 22 27.11 -4.78 19.74
CA THR E 22 28.57 -4.79 19.59
C THR E 22 29.04 -6.23 19.51
N VAL E 23 30.35 -6.40 19.33
CA VAL E 23 30.93 -7.74 19.28
C VAL E 23 30.89 -8.38 20.66
N LEU E 24 31.18 -7.61 21.71
CA LEU E 24 31.27 -8.16 23.05
C LEU E 24 29.90 -8.30 23.71
N GLU E 25 28.99 -7.36 23.46
CA GLU E 25 27.69 -7.37 24.12
C GLU E 25 26.61 -6.95 23.15
N LYS E 26 25.38 -7.32 23.47
CA LYS E 26 24.22 -7.07 22.62
C LYS E 26 23.20 -6.21 23.36
N ASN E 27 22.34 -5.57 22.57
CA ASN E 27 21.23 -4.76 23.08
C ASN E 27 21.72 -3.71 24.09
N VAL E 28 22.75 -2.96 23.69
CA VAL E 28 23.28 -1.89 24.51
C VAL E 28 22.45 -0.63 24.28
N THR E 29 21.80 -0.15 25.34
CA THR E 29 21.04 1.09 25.24
C THR E 29 21.99 2.29 25.20
N VAL E 30 21.76 3.19 24.25
CA VAL E 30 22.63 4.34 24.06
C VAL E 30 21.79 5.61 24.07
N THR E 31 22.44 6.73 24.38
CA THR E 31 21.76 8.02 24.42
C THR E 31 21.44 8.54 23.03
N HIS E 32 22.39 8.41 22.10
CA HIS E 32 22.22 8.91 20.75
C HIS E 32 22.69 7.87 19.75
N SER E 33 21.99 7.78 18.62
CA SER E 33 22.32 6.83 17.56
C SER E 33 21.74 7.33 16.25
N VAL E 34 22.23 6.77 15.15
CA VAL E 34 21.74 7.09 13.82
C VAL E 34 21.43 5.80 13.08
N ASN E 35 20.36 5.81 12.31
CA ASN E 35 19.94 4.64 11.53
C ASN E 35 20.49 4.78 10.12
N LEU E 36 21.26 3.79 9.69
CA LEU E 36 21.84 3.75 8.35
C LEU E 36 21.02 2.93 7.37
N LEU E 37 19.92 2.32 7.83
CA LEU E 37 19.09 1.47 6.99
C LEU E 37 17.77 2.17 6.72
N GLU E 38 17.41 2.27 5.45
CA GLU E 38 16.16 2.89 5.03
C GLU E 38 15.13 1.80 4.76
N ASP E 39 13.98 1.90 5.43
CA ASP E 39 12.93 0.90 5.31
C ASP E 39 11.58 1.51 4.92
N SER E 40 11.55 2.77 4.49
CA SER E 40 10.31 3.45 4.16
C SER E 40 10.30 3.83 2.69
N HIS E 41 9.19 3.52 2.01
CA HIS E 41 8.99 3.91 0.62
C HIS E 41 7.55 4.38 0.45
N ASN E 42 7.34 5.23 -0.56
CA ASN E 42 6.01 5.79 -0.78
C ASN E 42 5.03 4.79 -1.38
N GLY E 43 5.52 3.72 -1.99
CA GLY E 43 4.64 2.72 -2.56
C GLY E 43 4.00 3.11 -3.86
N LYS E 44 4.52 4.13 -4.55
CA LYS E 44 3.93 4.62 -5.79
C LYS E 44 5.02 4.71 -6.86
N LEU E 45 4.58 4.64 -8.11
CA LEU E 45 5.48 4.85 -9.26
C LEU E 45 5.61 6.35 -9.50
N CYS E 46 6.81 6.88 -9.27
CA CYS E 46 7.05 8.32 -9.37
C CYS E 46 7.77 8.65 -10.67
N LYS E 47 7.73 9.93 -11.03
CA LYS E 47 8.49 10.41 -12.17
C LYS E 47 9.96 10.50 -11.82
N LEU E 48 10.81 10.18 -12.79
CA LEU E 48 12.27 10.25 -12.62
C LEU E 48 12.81 11.39 -13.45
N LYS E 49 13.53 12.32 -12.80
CA LYS E 49 14.10 13.50 -13.45
C LYS E 49 13.03 14.34 -14.14
N GLY E 50 11.82 14.33 -13.59
CA GLY E 50 10.72 15.06 -14.19
C GLY E 50 10.17 14.44 -15.46
N ILE E 51 10.56 13.21 -15.78
CA ILE E 51 10.11 12.50 -16.97
C ILE E 51 9.28 11.30 -16.53
N ALA E 52 8.07 11.19 -17.05
CA ALA E 52 7.19 10.11 -16.66
C ALA E 52 7.66 8.79 -17.26
N PRO E 53 7.57 7.70 -16.52
CA PRO E 53 7.93 6.39 -17.08
C PRO E 53 6.86 5.87 -18.03
N LEU E 54 7.28 4.97 -18.90
CA LEU E 54 6.38 4.32 -19.85
C LEU E 54 5.87 3.04 -19.21
N GLN E 55 4.56 2.98 -18.93
CA GLN E 55 3.95 1.84 -18.29
C GLN E 55 3.27 0.98 -19.35
N LEU E 56 3.78 -0.25 -19.52
CA LEU E 56 3.24 -1.13 -20.55
C LEU E 56 1.87 -1.68 -20.17
N GLY E 57 1.59 -1.77 -18.88
CA GLY E 57 0.29 -2.29 -18.45
C GLY E 57 0.16 -3.77 -18.74
N LYS E 58 -0.94 -4.15 -19.39
CA LYS E 58 -1.22 -5.54 -19.73
C LYS E 58 -0.48 -6.01 -20.98
N CYS E 59 0.54 -5.28 -21.41
CA CYS E 59 1.30 -5.60 -22.60
C CYS E 59 2.75 -5.85 -22.22
N ASN E 60 3.41 -6.75 -22.94
CA ASN E 60 4.84 -6.96 -22.78
C ASN E 60 5.59 -6.13 -23.81
N ILE E 61 6.92 -6.24 -23.77
CA ILE E 61 7.75 -5.47 -24.70
C ILE E 61 7.51 -5.91 -26.14
N ALA E 62 7.34 -7.21 -26.36
CA ALA E 62 7.10 -7.71 -27.71
C ALA E 62 5.84 -7.11 -28.31
N GLY E 63 4.74 -7.14 -27.55
CA GLY E 63 3.49 -6.57 -28.04
C GLY E 63 3.57 -5.07 -28.25
N TRP E 64 4.38 -4.38 -27.44
CA TRP E 64 4.49 -2.93 -27.58
C TRP E 64 5.20 -2.54 -28.87
N LEU E 65 6.34 -3.17 -29.16
CA LEU E 65 7.08 -2.81 -30.38
C LEU E 65 6.44 -3.40 -31.62
N LEU E 66 5.91 -4.63 -31.53
CA LEU E 66 5.32 -5.26 -32.70
C LEU E 66 4.04 -4.57 -33.14
N GLY E 67 3.39 -3.83 -32.25
CA GLY E 67 2.15 -3.16 -32.58
C GLY E 67 0.93 -4.03 -32.34
N ASN E 68 0.90 -4.70 -31.19
CA ASN E 68 -0.23 -5.53 -30.85
C ASN E 68 -1.47 -4.65 -30.72
N PRO E 69 -2.63 -5.10 -31.22
CA PRO E 69 -3.83 -4.24 -31.18
C PRO E 69 -4.24 -3.83 -29.77
N GLU E 70 -4.01 -4.68 -28.77
CA GLU E 70 -4.31 -4.32 -27.39
C GLU E 70 -3.33 -3.31 -26.81
N CYS E 71 -2.21 -3.06 -27.48
CA CYS E 71 -1.18 -2.13 -27.00
C CYS E 71 -1.22 -0.81 -27.77
N GLU E 72 -2.41 -0.36 -28.15
CA GLU E 72 -2.56 0.83 -28.98
C GLU E 72 -2.28 2.12 -28.22
N SER E 73 -2.35 2.11 -26.88
CA SER E 73 -2.01 3.31 -26.13
C SER E 73 -0.51 3.58 -26.13
N LEU E 74 0.31 2.53 -26.29
CA LEU E 74 1.76 2.68 -26.22
C LEU E 74 2.40 3.16 -27.50
N LEU E 75 1.68 3.21 -28.62
CA LEU E 75 2.31 3.65 -29.87
C LEU E 75 2.58 5.14 -29.87
N SER E 76 1.75 5.94 -29.19
CA SER E 76 1.91 7.38 -29.20
C SER E 76 2.84 7.88 -28.12
N ALA E 77 3.74 7.03 -27.63
CA ALA E 77 4.70 7.40 -26.60
C ALA E 77 6.08 7.50 -27.23
N ARG E 78 6.79 8.59 -26.93
CA ARG E 78 8.10 8.83 -27.53
C ARG E 78 9.22 9.00 -26.52
N SER E 79 8.92 9.39 -25.27
CA SER E 79 9.96 9.61 -24.28
C SER E 79 9.51 9.07 -22.93
N TRP E 80 10.48 8.56 -22.17
CA TRP E 80 10.21 7.98 -20.86
C TRP E 80 11.51 7.93 -20.07
N SER E 81 11.39 7.80 -18.76
CA SER E 81 12.55 7.62 -17.90
C SER E 81 12.88 6.15 -17.67
N TYR E 82 11.86 5.30 -17.56
CA TYR E 82 12.06 3.86 -17.41
C TYR E 82 10.77 3.16 -17.81
N ILE E 83 10.87 1.84 -18.00
CA ILE E 83 9.77 1.02 -18.50
C ILE E 83 9.24 0.15 -17.37
N VAL E 84 7.93 0.17 -17.18
CA VAL E 84 7.25 -0.62 -16.16
C VAL E 84 6.30 -1.60 -16.84
N GLU E 85 6.40 -2.87 -16.47
CA GLU E 85 5.51 -3.91 -16.96
C GLU E 85 4.80 -4.57 -15.78
N THR E 86 3.50 -4.87 -15.95
CA THR E 86 2.73 -5.43 -14.86
C THR E 86 3.03 -6.93 -14.70
N PRO E 87 3.00 -7.45 -13.47
CA PRO E 87 3.19 -8.89 -13.27
C PRO E 87 2.14 -9.78 -13.92
N ASN E 88 0.92 -9.29 -14.09
CA ASN E 88 -0.13 -10.10 -14.71
C ASN E 88 0.25 -10.50 -16.13
N SER E 89 -0.56 -11.39 -16.71
CA SER E 89 -0.27 -11.95 -18.02
C SER E 89 -0.34 -10.86 -19.09
N GLU E 90 0.76 -10.70 -19.82
CA GLU E 90 0.95 -9.61 -20.75
C GLU E 90 0.55 -10.01 -22.17
N ASN E 91 0.14 -9.01 -22.95
CA ASN E 91 -0.29 -9.20 -24.33
C ASN E 91 0.91 -8.97 -25.25
N GLY E 92 1.25 -9.97 -26.05
CA GLY E 92 2.37 -9.83 -26.97
C GLY E 92 2.15 -10.41 -28.35
N THR E 93 2.97 -11.41 -28.70
CA THR E 93 2.92 -12.05 -30.02
C THR E 93 1.62 -12.83 -30.16
N CYS E 94 0.54 -12.09 -30.45
CA CYS E 94 -0.78 -12.69 -30.55
C CYS E 94 -0.81 -13.82 -31.58
N TYR E 95 -0.08 -13.67 -32.68
CA TYR E 95 0.09 -14.80 -33.58
C TYR E 95 1.21 -15.70 -33.05
N PRO E 96 0.97 -16.99 -32.87
CA PRO E 96 1.98 -17.86 -32.27
C PRO E 96 3.26 -17.90 -33.09
N GLY E 97 4.38 -18.02 -32.38
CA GLY E 97 5.67 -18.06 -33.03
C GLY E 97 6.78 -17.81 -32.02
N ASP E 98 7.99 -17.64 -32.55
CA ASP E 98 9.18 -17.44 -31.74
C ASP E 98 9.80 -16.09 -32.07
N PHE E 99 10.08 -15.30 -31.04
CA PHE E 99 10.74 -14.01 -31.20
C PHE E 99 12.24 -14.22 -31.01
N ILE E 100 12.98 -14.26 -32.11
CA ILE E 100 14.40 -14.55 -32.06
C ILE E 100 15.14 -13.37 -31.43
N ASP E 101 16.05 -13.69 -30.49
CA ASP E 101 16.86 -12.69 -29.78
C ASP E 101 15.96 -11.68 -29.07
N TYR E 102 14.86 -12.15 -28.49
CA TYR E 102 13.94 -11.27 -27.78
C TYR E 102 14.59 -10.69 -26.53
N GLU E 103 15.30 -11.52 -25.77
CA GLU E 103 15.94 -11.02 -24.55
C GLU E 103 17.01 -9.98 -24.87
N GLU E 104 17.73 -10.16 -25.99
CA GLU E 104 18.71 -9.16 -26.39
C GLU E 104 18.05 -7.85 -26.77
N LEU E 105 16.86 -7.92 -27.40
CA LEU E 105 16.13 -6.71 -27.74
C LEU E 105 15.68 -5.98 -26.47
N ARG E 106 15.30 -6.72 -25.44
CA ARG E 106 14.96 -6.10 -24.16
C ARG E 106 16.17 -5.39 -23.57
N GLU E 107 17.35 -6.00 -23.68
CA GLU E 107 18.57 -5.37 -23.19
C GLU E 107 18.89 -4.10 -23.95
N GLN E 108 18.68 -4.11 -25.27
CA GLN E 108 18.97 -2.92 -26.07
C GLN E 108 18.05 -1.77 -25.69
N LEU E 109 16.76 -2.05 -25.45
CA LEU E 109 15.83 -1.00 -25.09
C LEU E 109 16.11 -0.44 -23.71
N SER E 110 16.72 -1.22 -22.83
CA SER E 110 17.03 -0.75 -21.49
C SER E 110 18.01 0.42 -21.51
N SER E 111 18.75 0.61 -22.61
CA SER E 111 19.63 1.74 -22.80
C SER E 111 19.04 2.80 -23.73
N VAL E 112 17.75 2.70 -24.05
CA VAL E 112 17.09 3.64 -24.95
C VAL E 112 16.25 4.59 -24.11
N SER E 113 16.51 5.89 -24.27
CA SER E 113 15.78 6.91 -23.52
C SER E 113 14.55 7.41 -24.27
N SER E 114 14.58 7.38 -25.61
CA SER E 114 13.48 7.87 -26.42
C SER E 114 13.63 7.32 -27.82
N PHE E 115 12.49 7.03 -28.46
CA PHE E 115 12.47 6.59 -29.84
C PHE E 115 11.44 7.37 -30.63
N GLU E 116 11.64 7.42 -31.94
CA GLU E 116 10.72 8.07 -32.86
C GLU E 116 10.11 7.03 -33.78
N ARG E 117 8.79 6.90 -33.72
CA ARG E 117 8.07 5.94 -34.55
C ARG E 117 7.74 6.59 -35.89
N PHE E 118 8.17 5.98 -36.98
CA PHE E 118 7.96 6.53 -38.31
C PHE E 118 7.55 5.41 -39.27
N GLU E 119 6.87 5.80 -40.34
CA GLU E 119 6.44 4.87 -41.37
C GLU E 119 7.61 4.61 -42.30
N ILE E 120 8.36 3.55 -42.00
CA ILE E 120 9.53 3.20 -42.81
C ILE E 120 9.12 2.86 -44.23
N PHE E 121 8.05 2.09 -44.39
CA PHE E 121 7.52 1.73 -45.69
C PHE E 121 6.04 2.11 -45.73
N PRO E 122 5.66 3.16 -46.47
CA PRO E 122 4.24 3.52 -46.55
C PRO E 122 3.41 2.35 -47.06
N LYS E 123 2.23 2.17 -46.45
CA LYS E 123 1.40 1.01 -46.74
C LYS E 123 0.90 1.01 -48.18
N GLU E 124 0.45 2.17 -48.66
CA GLU E 124 -0.14 2.23 -50.00
C GLU E 124 0.90 2.39 -51.10
N SER E 125 2.06 2.96 -50.78
CA SER E 125 3.04 3.30 -51.80
C SER E 125 4.08 2.21 -52.04
N SER E 126 4.48 1.50 -50.98
CA SER E 126 5.65 0.63 -51.08
C SER E 126 5.37 -0.60 -51.94
N TRP E 127 4.16 -1.17 -51.84
CA TRP E 127 3.85 -2.45 -52.48
C TRP E 127 2.66 -2.32 -53.41
N PRO E 128 2.89 -1.99 -54.69
CA PRO E 128 1.77 -1.93 -55.65
C PRO E 128 1.41 -3.26 -56.26
N ASN E 129 2.33 -4.22 -56.29
CA ASN E 129 2.12 -5.51 -56.94
C ASN E 129 1.69 -6.61 -55.97
N HIS E 130 1.38 -6.25 -54.73
CA HIS E 130 1.01 -7.22 -53.71
C HIS E 130 -0.25 -6.75 -52.99
N ASN E 131 -0.93 -7.70 -52.36
CA ASN E 131 -2.20 -7.42 -51.70
C ASN E 131 -1.93 -6.84 -50.33
N THR E 132 -2.15 -5.53 -50.17
CA THR E 132 -1.96 -4.85 -48.90
C THR E 132 -3.21 -4.91 -48.03
N THR E 133 -4.33 -5.34 -48.59
CA THR E 133 -5.56 -5.50 -47.83
C THR E 133 -5.56 -6.94 -47.34
N LYS E 134 -6.63 -7.35 -46.66
CA LYS E 134 -6.66 -8.68 -46.02
C LYS E 134 -5.50 -8.69 -45.02
N GLY E 135 -4.70 -9.76 -44.97
CA GLY E 135 -3.60 -9.86 -44.04
C GLY E 135 -4.05 -9.59 -42.61
N VAL E 136 -5.15 -10.21 -42.24
CA VAL E 136 -5.72 -10.13 -40.90
C VAL E 136 -6.00 -11.55 -40.43
N THR E 137 -5.74 -11.81 -39.16
CA THR E 137 -5.92 -13.14 -38.60
C THR E 137 -6.85 -13.08 -37.40
N ALA E 138 -7.51 -14.21 -37.14
CA ALA E 138 -8.46 -14.27 -36.03
C ALA E 138 -7.77 -14.21 -34.68
N ALA E 139 -6.51 -14.67 -34.61
CA ALA E 139 -5.79 -14.66 -33.33
C ALA E 139 -5.54 -13.23 -32.85
N CYS E 140 -5.19 -12.33 -33.78
CA CYS E 140 -4.95 -10.93 -33.42
C CYS E 140 -6.20 -10.11 -33.73
N SER E 141 -7.23 -10.34 -32.91
CA SER E 141 -8.54 -9.74 -33.12
C SER E 141 -8.72 -8.52 -32.22
N HIS E 142 -9.25 -7.45 -32.80
CA HIS E 142 -9.55 -6.22 -32.07
C HIS E 142 -10.98 -5.81 -32.35
N ALA E 143 -11.72 -5.47 -31.29
CA ALA E 143 -13.11 -5.05 -31.40
C ALA E 143 -13.97 -6.10 -32.10
N GLY E 144 -13.71 -7.37 -31.80
CA GLY E 144 -14.47 -8.47 -32.37
C GLY E 144 -14.11 -8.83 -33.80
N LYS E 145 -13.38 -7.97 -34.50
CA LYS E 145 -12.99 -8.19 -35.88
C LYS E 145 -11.51 -8.57 -35.96
N SER E 146 -11.19 -9.40 -36.95
CA SER E 146 -9.80 -9.81 -37.16
C SER E 146 -8.95 -8.61 -37.56
N SER E 147 -7.77 -8.52 -36.96
CA SER E 147 -6.84 -7.42 -37.22
C SER E 147 -5.44 -7.99 -37.30
N PHE E 148 -4.44 -7.11 -37.25
CA PHE E 148 -3.04 -7.49 -37.34
C PHE E 148 -2.20 -6.49 -36.56
N TYR E 149 -0.90 -6.72 -36.54
CA TYR E 149 0.01 -5.80 -35.86
C TYR E 149 -0.03 -4.43 -36.53
N ARG E 150 0.06 -3.38 -35.70
CA ARG E 150 0.02 -2.02 -36.22
C ARG E 150 1.34 -1.60 -36.88
N ASN E 151 2.44 -2.28 -36.55
CA ASN E 151 3.74 -1.95 -37.11
C ASN E 151 4.18 -2.94 -38.18
N LEU E 152 3.38 -3.95 -38.48
CA LEU E 152 3.72 -4.95 -39.47
C LEU E 152 2.59 -5.05 -40.49
N LEU E 153 2.95 -5.41 -41.71
CA LEU E 153 1.97 -5.59 -42.79
C LEU E 153 2.10 -6.98 -43.38
N TRP E 154 1.00 -7.71 -43.41
CA TRP E 154 0.97 -9.06 -43.98
C TRP E 154 0.71 -8.95 -45.47
N LEU E 155 1.73 -9.24 -46.28
CA LEU E 155 1.61 -9.17 -47.73
C LEU E 155 1.23 -10.53 -48.29
N THR E 156 0.21 -10.55 -49.14
CA THR E 156 -0.27 -11.76 -49.78
C THR E 156 -0.33 -11.54 -51.29
N LYS E 157 -0.68 -12.61 -52.01
CA LYS E 157 -0.69 -12.56 -53.47
C LYS E 157 -1.80 -11.64 -53.97
N LYS E 158 -1.51 -10.95 -55.07
CA LYS E 158 -2.47 -10.07 -55.74
C LYS E 158 -2.87 -10.70 -57.06
N GLY E 159 -4.16 -10.96 -57.21
CA GLY E 159 -4.66 -11.58 -58.44
C GLY E 159 -4.09 -12.95 -58.70
N GLY E 160 -3.82 -13.72 -57.65
CA GLY E 160 -3.23 -15.03 -57.83
C GLY E 160 -1.77 -15.04 -58.21
N SER E 161 -1.06 -13.93 -58.02
CA SER E 161 0.34 -13.82 -58.39
C SER E 161 1.09 -13.07 -57.31
N TYR E 162 2.25 -13.61 -56.93
CA TYR E 162 3.16 -12.98 -55.97
C TYR E 162 4.47 -12.72 -56.69
N PRO E 163 4.65 -11.53 -57.26
CA PRO E 163 5.91 -11.22 -57.95
C PRO E 163 7.05 -11.09 -56.96
N LYS E 164 8.26 -11.21 -57.50
CA LYS E 164 9.46 -11.04 -56.68
C LYS E 164 9.49 -9.63 -56.10
N LEU E 165 9.73 -9.54 -54.80
CA LEU E 165 9.68 -8.29 -54.07
C LEU E 165 11.09 -7.86 -53.70
N SER E 166 11.40 -6.59 -53.95
CA SER E 166 12.72 -6.02 -53.61
C SER E 166 12.47 -4.60 -53.12
N LYS E 167 12.53 -4.41 -51.81
CA LYS E 167 12.30 -3.12 -51.18
C LYS E 167 13.52 -2.74 -50.36
N SER E 168 13.99 -1.51 -50.53
CA SER E 168 15.16 -1.02 -49.83
C SER E 168 14.82 0.26 -49.09
N TYR E 169 15.53 0.50 -47.99
CA TYR E 169 15.35 1.70 -47.19
C TYR E 169 16.72 2.22 -46.77
N VAL E 170 16.92 3.52 -46.92
CA VAL E 170 18.17 4.19 -46.53
C VAL E 170 17.89 4.98 -45.26
N ASN E 171 18.76 4.82 -44.26
CA ASN E 171 18.60 5.49 -42.97
C ASN E 171 19.02 6.94 -43.10
N ASN E 172 18.05 7.83 -43.29
CA ASN E 172 18.33 9.26 -43.34
C ASN E 172 18.16 9.94 -41.99
N LYS E 173 17.78 9.18 -40.94
CA LYS E 173 17.55 9.76 -39.63
C LYS E 173 18.84 10.06 -38.88
N GLY E 174 19.98 9.56 -39.34
CA GLY E 174 21.23 9.76 -38.64
C GLY E 174 21.31 9.10 -37.29
N LYS E 175 20.45 8.12 -37.02
CA LYS E 175 20.42 7.42 -35.75
C LYS E 175 20.15 5.94 -35.99
N GLU E 176 20.33 5.14 -34.94
CA GLU E 176 19.98 3.73 -35.02
C GLU E 176 18.49 3.57 -35.26
N VAL E 177 18.14 2.71 -36.22
CA VAL E 177 16.75 2.44 -36.59
C VAL E 177 16.44 0.98 -36.26
N LEU E 178 15.42 0.76 -35.44
CA LEU E 178 14.97 -0.58 -35.10
C LEU E 178 13.93 -1.03 -36.12
N VAL E 179 14.26 -2.08 -36.87
CA VAL E 179 13.39 -2.61 -37.92
C VAL E 179 12.90 -3.99 -37.48
N LEU E 180 11.60 -4.21 -37.57
CA LEU E 180 10.98 -5.48 -37.19
C LEU E 180 10.27 -6.10 -38.39
N TRP E 181 10.45 -7.41 -38.56
CA TRP E 181 9.78 -8.14 -39.63
C TRP E 181 9.52 -9.56 -39.16
N GLY E 182 8.68 -10.26 -39.92
CA GLY E 182 8.32 -11.63 -39.57
C GLY E 182 8.33 -12.52 -40.79
N VAL E 183 8.46 -13.83 -40.53
CA VAL E 183 8.41 -14.85 -41.56
C VAL E 183 7.30 -15.83 -41.19
N HIS E 184 6.35 -16.03 -42.11
CA HIS E 184 5.19 -16.86 -41.86
C HIS E 184 5.41 -18.29 -42.31
N HIS E 185 5.03 -19.24 -41.47
CA HIS E 185 5.16 -20.67 -41.76
C HIS E 185 3.78 -21.30 -41.84
N PRO E 186 3.25 -21.54 -43.03
CA PRO E 186 1.90 -22.11 -43.13
C PRO E 186 1.86 -23.56 -42.68
N SER E 187 0.66 -23.99 -42.31
CA SER E 187 0.46 -25.35 -41.82
C SER E 187 0.42 -26.38 -42.94
N THR E 188 -0.13 -26.01 -44.10
CA THR E 188 -0.29 -26.93 -45.22
C THR E 188 0.15 -26.24 -46.51
N SER E 189 0.54 -27.06 -47.48
CA SER E 189 0.96 -26.53 -48.78
C SER E 189 -0.16 -25.80 -49.49
N THR E 190 -1.41 -26.23 -49.30
CA THR E 190 -2.54 -25.54 -49.91
C THR E 190 -2.67 -24.12 -49.35
N ASP E 191 -2.44 -23.94 -48.06
CA ASP E 191 -2.46 -22.59 -47.48
C ASP E 191 -1.32 -21.74 -48.01
N GLN E 192 -0.17 -22.34 -48.29
CA GLN E 192 0.94 -21.61 -48.87
C GLN E 192 0.58 -21.06 -50.24
N GLN E 193 0.01 -21.90 -51.10
CA GLN E 193 -0.39 -21.44 -52.44
C GLN E 193 -1.53 -20.43 -52.35
N SER E 194 -2.44 -20.62 -51.40
CA SER E 194 -3.57 -19.70 -51.26
C SER E 194 -3.11 -18.30 -50.87
N LEU E 195 -2.07 -18.20 -50.05
CA LEU E 195 -1.60 -16.91 -49.56
C LEU E 195 -0.48 -16.32 -50.41
N TYR E 196 0.42 -17.15 -50.94
CA TYR E 196 1.59 -16.63 -51.64
C TYR E 196 1.81 -17.20 -53.03
N GLN E 197 1.12 -18.28 -53.40
CA GLN E 197 1.15 -18.88 -54.74
C GLN E 197 2.48 -19.59 -55.05
N ASN E 198 3.55 -19.22 -54.36
CA ASN E 198 4.85 -19.84 -54.58
C ASN E 198 5.07 -20.93 -53.53
N GLU E 199 5.38 -22.15 -53.98
CA GLU E 199 5.56 -23.25 -53.04
C GLU E 199 6.91 -23.15 -52.33
N ASN E 200 7.99 -23.20 -53.09
CA ASN E 200 9.32 -22.93 -52.55
C ASN E 200 9.53 -21.43 -52.60
N ALA E 201 9.50 -20.79 -51.43
CA ALA E 201 9.64 -19.36 -51.33
C ALA E 201 10.70 -19.05 -50.29
N TYR E 202 11.32 -17.89 -50.41
CA TYR E 202 12.38 -17.50 -49.50
C TYR E 202 12.20 -16.04 -49.09
N VAL E 203 12.76 -15.70 -47.94
CA VAL E 203 12.81 -14.34 -47.43
C VAL E 203 14.27 -14.00 -47.16
N SER E 204 14.72 -12.87 -47.70
CA SER E 204 16.10 -12.42 -47.54
C SER E 204 16.10 -11.01 -47.01
N VAL E 205 16.77 -10.81 -45.87
CA VAL E 205 16.96 -9.48 -45.29
C VAL E 205 18.46 -9.29 -45.13
N VAL E 206 19.02 -8.35 -45.86
CA VAL E 206 20.47 -8.13 -45.90
C VAL E 206 20.75 -6.65 -45.71
N SER E 207 21.72 -6.34 -44.85
CA SER E 207 22.22 -4.98 -44.70
C SER E 207 23.74 -5.01 -44.77
N SER E 208 24.39 -3.89 -44.46
CA SER E 208 25.85 -3.87 -44.46
C SER E 208 26.42 -4.72 -43.33
N ASN E 209 25.73 -4.78 -42.19
CA ASN E 209 26.22 -5.55 -41.05
C ASN E 209 25.39 -6.79 -40.73
N TYR E 210 24.28 -7.02 -41.43
CA TYR E 210 23.40 -8.14 -41.12
C TYR E 210 22.92 -8.76 -42.43
N ASN E 211 23.07 -10.07 -42.56
CA ASN E 211 22.56 -10.79 -43.72
C ASN E 211 22.04 -12.15 -43.26
N ARG E 212 20.77 -12.41 -43.48
CA ARG E 212 20.14 -13.66 -43.06
C ARG E 212 19.05 -14.02 -44.05
N ARG E 213 18.93 -15.32 -44.33
CA ARG E 213 17.90 -15.83 -45.22
C ARG E 213 17.01 -16.81 -44.46
N PHE E 214 15.70 -16.68 -44.65
CA PHE E 214 14.72 -17.48 -43.94
C PHE E 214 13.96 -18.34 -44.94
N THR E 215 13.89 -19.64 -44.66
CA THR E 215 13.15 -20.57 -45.50
C THR E 215 11.95 -21.10 -44.71
N PRO E 216 10.73 -20.83 -45.17
CA PRO E 216 9.55 -21.32 -44.43
C PRO E 216 9.53 -22.83 -44.34
N GLU E 217 9.07 -23.33 -43.19
CA GLU E 217 8.95 -24.74 -42.92
C GLU E 217 7.46 -25.08 -42.80
N ILE E 218 7.02 -26.11 -43.52
CA ILE E 218 5.61 -26.50 -43.56
C ILE E 218 5.48 -27.86 -42.89
N ALA E 219 4.66 -27.93 -41.86
CA ALA E 219 4.45 -29.17 -41.13
C ALA E 219 3.17 -29.06 -40.32
N GLU E 220 2.66 -30.23 -39.90
CA GLU E 220 1.50 -30.27 -39.01
C GLU E 220 1.90 -29.82 -37.62
N ARG E 221 1.19 -28.82 -37.08
CA ARG E 221 1.54 -28.24 -35.80
C ARG E 221 0.32 -28.16 -34.90
N PRO E 222 0.52 -28.26 -33.58
CA PRO E 222 -0.60 -28.06 -32.66
C PRO E 222 -1.09 -26.62 -32.70
N LYS E 223 -2.39 -26.45 -32.46
CA LYS E 223 -3.01 -25.13 -32.54
C LYS E 223 -2.70 -24.32 -31.29
N VAL E 224 -2.10 -23.15 -31.49
CA VAL E 224 -1.89 -22.17 -30.43
C VAL E 224 -2.71 -20.94 -30.79
N ARG E 225 -3.64 -20.57 -29.91
CA ARG E 225 -4.60 -19.50 -30.19
C ARG E 225 -5.35 -19.76 -31.49
N GLY E 226 -5.70 -21.03 -31.71
CA GLY E 226 -6.42 -21.42 -32.90
C GLY E 226 -5.66 -21.19 -34.19
N GLN E 227 -4.34 -21.36 -34.17
CA GLN E 227 -3.51 -21.14 -35.35
C GLN E 227 -2.50 -22.26 -35.46
N ALA E 228 -2.57 -23.03 -36.54
CA ALA E 228 -1.59 -24.06 -36.79
C ALA E 228 -0.32 -23.51 -37.42
N GLY E 229 -0.40 -22.35 -38.08
CA GLY E 229 0.78 -21.71 -38.63
C GLY E 229 1.58 -20.99 -37.58
N ARG E 230 2.80 -20.60 -37.96
CA ARG E 230 3.71 -19.90 -37.06
C ARG E 230 4.33 -18.71 -37.77
N MET E 231 4.55 -17.65 -37.01
CA MET E 231 5.26 -16.46 -37.47
C MET E 231 6.49 -16.24 -36.59
N ASN E 232 7.67 -16.26 -37.21
CA ASN E 232 8.92 -15.98 -36.51
C ASN E 232 9.26 -14.51 -36.70
N TYR E 233 9.43 -13.80 -35.59
CA TYR E 233 9.67 -12.36 -35.60
C TYR E 233 11.15 -12.07 -35.43
N TYR E 234 11.67 -11.16 -36.26
CA TYR E 234 13.08 -10.82 -36.28
C TYR E 234 13.24 -9.31 -36.14
N TRP E 235 14.45 -8.89 -35.78
CA TRP E 235 14.74 -7.48 -35.62
C TRP E 235 16.21 -7.22 -35.97
N THR E 236 16.51 -5.97 -36.28
CA THR E 236 17.88 -5.56 -36.54
C THR E 236 18.00 -4.05 -36.29
N LEU E 237 19.24 -3.62 -36.11
CA LEU E 237 19.56 -2.20 -35.91
C LEU E 237 20.26 -1.68 -37.15
N LEU E 238 19.69 -0.63 -37.74
CA LEU E 238 20.22 -0.04 -38.97
C LEU E 238 21.12 1.13 -38.62
N GLU E 239 22.39 1.02 -39.00
CA GLU E 239 23.34 2.09 -38.72
C GLU E 239 23.00 3.33 -39.56
N PRO E 240 23.38 4.52 -39.09
CA PRO E 240 23.13 5.73 -39.88
C PRO E 240 23.80 5.64 -41.25
N GLY E 241 23.05 5.98 -42.29
CA GLY E 241 23.56 5.92 -43.64
C GLY E 241 23.49 4.57 -44.30
N ASP E 242 23.20 3.51 -43.53
CA ASP E 242 23.16 2.16 -44.07
C ASP E 242 21.84 1.91 -44.80
N THR E 243 21.88 0.94 -45.71
CA THR E 243 20.72 0.55 -46.51
C THR E 243 20.38 -0.90 -46.20
N ILE E 244 19.10 -1.17 -45.96
CA ILE E 244 18.59 -2.52 -45.72
C ILE E 244 17.66 -2.88 -46.87
N ILE E 245 17.81 -4.10 -47.39
CA ILE E 245 17.06 -4.56 -48.56
C ILE E 245 16.26 -5.79 -48.17
N PHE E 246 14.97 -5.78 -48.47
CA PHE E 246 14.08 -6.91 -48.23
C PHE E 246 13.77 -7.58 -49.56
N GLU E 247 14.20 -8.83 -49.71
CA GLU E 247 13.96 -9.62 -50.91
C GLU E 247 13.21 -10.88 -50.52
N ALA E 248 12.02 -11.06 -51.07
CA ALA E 248 11.19 -12.20 -50.70
C ALA E 248 10.27 -12.56 -51.86
N THR E 249 9.95 -13.84 -51.95
CA THR E 249 8.97 -14.36 -52.89
C THR E 249 7.70 -14.83 -52.19
N GLY E 250 7.55 -14.53 -50.92
CA GLY E 250 6.38 -14.93 -50.15
C GLY E 250 6.74 -15.14 -48.70
N ASN E 251 5.70 -15.30 -47.89
CA ASN E 251 5.82 -15.58 -46.46
C ASN E 251 6.54 -14.46 -45.71
N LEU E 252 6.56 -13.25 -46.25
CA LEU E 252 7.24 -12.13 -45.62
C LEU E 252 6.23 -11.22 -44.96
N ILE E 253 6.49 -10.86 -43.70
CA ILE E 253 5.69 -9.88 -42.98
C ILE E 253 6.51 -8.59 -42.98
N ALA E 254 6.16 -7.67 -43.88
CA ALA E 254 7.00 -6.52 -44.14
C ALA E 254 6.92 -5.51 -43.01
N PRO E 255 8.00 -4.76 -42.78
CA PRO E 255 7.95 -3.70 -41.76
C PRO E 255 7.15 -2.48 -42.20
N TRP E 256 5.98 -2.28 -41.59
CA TRP E 256 5.18 -1.10 -41.91
C TRP E 256 5.71 0.12 -41.17
N TYR E 257 6.09 -0.03 -39.91
CA TYR E 257 6.58 1.07 -39.10
C TYR E 257 7.88 0.65 -38.42
N ALA E 258 8.76 1.62 -38.21
CA ALA E 258 10.04 1.42 -37.57
C ALA E 258 10.26 2.48 -36.50
N PHE E 259 11.35 2.32 -35.74
CA PHE E 259 11.65 3.21 -34.64
C PHE E 259 13.07 3.73 -34.76
N ALA E 260 13.24 5.05 -34.63
CA ALA E 260 14.54 5.69 -34.60
C ALA E 260 14.96 5.89 -33.15
N LEU E 261 16.03 5.21 -32.74
CA LEU E 261 16.40 5.12 -31.33
C LEU E 261 17.34 6.25 -30.92
N SER E 262 17.09 6.80 -29.74
CA SER E 262 17.98 7.77 -29.09
C SER E 262 18.44 7.17 -27.76
N ARG E 263 19.75 6.94 -27.65
CA ARG E 263 20.28 6.20 -26.50
C ARG E 263 20.43 7.12 -25.29
N GLY E 264 20.16 6.57 -24.11
CA GLY E 264 20.36 7.27 -22.87
C GLY E 264 21.03 6.41 -21.81
N SER E 265 21.12 6.92 -20.59
CA SER E 265 21.71 6.18 -19.49
C SER E 265 20.79 6.24 -18.28
N GLY E 266 20.81 5.18 -17.48
CA GLY E 266 20.02 5.11 -16.28
C GLY E 266 18.63 4.53 -16.47
N SER E 267 18.23 4.19 -17.70
CA SER E 267 16.93 3.60 -17.92
C SER E 267 16.99 2.09 -17.66
N GLY E 268 15.81 1.49 -17.57
CA GLY E 268 15.73 0.06 -17.33
C GLY E 268 14.29 -0.40 -17.42
N ILE E 269 14.13 -1.72 -17.35
CA ILE E 269 12.83 -2.37 -17.47
C ILE E 269 12.57 -3.14 -16.20
N ILE E 270 11.51 -2.78 -15.48
CA ILE E 270 11.19 -3.40 -14.20
C ILE E 270 9.76 -3.91 -14.22
N THR E 271 9.48 -4.88 -13.36
CA THR E 271 8.14 -5.43 -13.20
C THR E 271 7.59 -4.98 -11.85
N SER E 272 6.56 -4.14 -11.89
CA SER E 272 5.93 -3.61 -10.69
C SER E 272 4.43 -3.56 -10.90
N ASN E 273 3.67 -3.89 -9.86
CA ASN E 273 2.22 -3.75 -9.88
C ASN E 273 1.75 -2.50 -9.14
N ALA E 274 2.68 -1.59 -8.80
CA ALA E 274 2.31 -0.37 -8.11
C ALA E 274 1.70 0.62 -9.11
N SER E 275 1.04 1.64 -8.56
CA SER E 275 0.28 2.58 -9.37
C SER E 275 1.03 3.89 -9.57
N MET E 276 0.90 4.46 -10.76
CA MET E 276 1.55 5.71 -11.10
C MET E 276 0.86 6.88 -10.40
N HIS E 277 1.65 7.73 -9.75
CA HIS E 277 1.16 8.93 -9.09
C HIS E 277 2.01 10.10 -9.51
N GLU E 278 1.44 11.31 -9.41
CA GLU E 278 2.13 12.53 -9.80
C GLU E 278 3.13 12.90 -8.71
N CYS E 279 4.26 12.18 -8.72
CA CYS E 279 5.35 12.42 -7.78
C CYS E 279 6.68 12.31 -8.52
N ASN E 280 7.69 12.96 -7.97
CA ASN E 280 9.04 12.94 -8.53
C ASN E 280 10.02 12.42 -7.49
N THR E 281 10.94 11.57 -7.93
CA THR E 281 11.91 10.94 -7.05
C THR E 281 13.24 10.80 -7.76
N LYS E 282 14.29 10.61 -6.97
CA LYS E 282 15.62 10.30 -7.49
C LYS E 282 15.94 8.82 -7.40
N CYS E 283 15.09 8.04 -6.73
CA CYS E 283 15.29 6.61 -6.57
C CYS E 283 13.94 5.92 -6.69
N GLN E 284 13.84 4.96 -7.61
CA GLN E 284 12.60 4.24 -7.85
C GLN E 284 12.86 2.74 -7.77
N THR E 285 11.99 2.04 -7.05
CA THR E 285 12.04 0.59 -6.89
C THR E 285 10.69 0.02 -7.29
N PRO E 286 10.63 -1.27 -7.62
CA PRO E 286 9.34 -1.88 -7.98
C PRO E 286 8.30 -1.78 -6.88
N GLN E 287 8.72 -1.69 -5.62
CA GLN E 287 7.78 -1.54 -4.52
C GLN E 287 7.40 -0.09 -4.26
N GLY E 288 8.27 0.86 -4.55
CA GLY E 288 7.97 2.26 -4.36
C GLY E 288 9.21 3.11 -4.46
N ALA E 289 8.98 4.42 -4.46
CA ALA E 289 10.07 5.38 -4.54
C ALA E 289 10.67 5.62 -3.16
N ILE E 290 11.95 5.98 -3.15
CA ILE E 290 12.71 6.21 -1.92
C ILE E 290 13.29 7.61 -1.95
N ASN E 291 13.07 8.37 -0.88
CA ASN E 291 13.69 9.68 -0.68
C ASN E 291 14.54 9.60 0.59
N SER E 292 15.80 9.22 0.42
CA SER E 292 16.69 9.01 1.55
C SER E 292 18.12 9.28 1.14
N SER E 293 18.89 9.85 2.07
CA SER E 293 20.33 10.02 1.91
C SER E 293 21.11 8.96 2.66
N LEU E 294 20.43 7.94 3.17
CA LEU E 294 21.09 6.88 3.91
C LEU E 294 21.88 5.99 2.97
N PRO E 295 22.95 5.36 3.46
CA PRO E 295 23.80 4.53 2.58
C PRO E 295 23.18 3.18 2.21
N PHE E 296 22.29 2.64 3.05
CA PHE E 296 21.77 1.30 2.85
C PHE E 296 20.25 1.31 2.87
N GLN E 297 19.66 0.37 2.14
CA GLN E 297 18.23 0.13 2.13
C GLN E 297 17.96 -1.35 1.98
N ASN E 298 16.82 -1.79 2.51
CA ASN E 298 16.40 -3.19 2.41
C ASN E 298 15.04 -3.30 1.73
N ILE E 299 14.71 -2.35 0.87
CA ILE E 299 13.40 -2.34 0.23
C ILE E 299 13.36 -3.31 -0.95
N HIS E 300 14.26 -3.13 -1.91
CA HIS E 300 14.26 -3.97 -3.10
C HIS E 300 15.62 -3.94 -3.75
N PRO E 301 16.13 -5.06 -4.27
CA PRO E 301 17.42 -5.02 -4.96
C PRO E 301 17.38 -4.27 -6.28
N VAL E 302 16.24 -4.24 -6.95
CA VAL E 302 16.11 -3.54 -8.23
C VAL E 302 15.94 -2.05 -7.97
N THR E 303 16.82 -1.25 -8.57
CA THR E 303 16.83 0.19 -8.35
C THR E 303 17.00 0.92 -9.68
N ILE E 304 16.45 2.13 -9.74
CA ILE E 304 16.61 3.00 -10.91
C ILE E 304 17.00 4.38 -10.40
N GLY E 305 18.14 4.88 -10.86
CA GLY E 305 18.67 6.16 -10.41
C GLY E 305 19.68 6.02 -9.30
N GLU E 306 19.84 7.11 -8.55
CA GLU E 306 20.75 7.13 -7.40
C GLU E 306 20.01 6.58 -6.19
N CYS E 307 20.47 5.43 -5.69
CA CYS E 307 19.77 4.70 -4.64
C CYS E 307 20.77 4.21 -3.61
N PRO E 308 20.34 3.98 -2.39
CA PRO E 308 21.21 3.30 -1.40
C PRO E 308 21.43 1.85 -1.78
N LYS E 309 22.57 1.32 -1.33
CA LYS E 309 22.91 -0.06 -1.63
C LYS E 309 21.97 -1.01 -0.90
N TYR E 310 21.53 -2.05 -1.61
CA TYR E 310 20.61 -3.03 -1.04
C TYR E 310 21.38 -4.02 -0.17
N VAL E 311 20.84 -4.29 1.02
CA VAL E 311 21.41 -5.27 1.93
C VAL E 311 20.28 -6.10 2.55
N ARG E 312 20.65 -7.26 3.09
CA ARG E 312 19.71 -8.15 3.75
C ARG E 312 19.59 -7.89 5.24
N SER E 313 20.27 -6.87 5.76
CA SER E 313 20.28 -6.61 7.19
C SER E 313 18.90 -6.17 7.67
N THR E 314 18.51 -6.69 8.84
CA THR E 314 17.26 -6.26 9.46
C THR E 314 17.41 -4.91 10.15
N LYS E 315 18.57 -4.63 10.73
CA LYS E 315 18.81 -3.36 11.39
C LYS E 315 20.30 -3.01 11.27
N LEU E 316 20.57 -1.72 11.05
CA LEU E 316 21.93 -1.18 11.00
C LEU E 316 21.93 0.14 11.77
N ARG E 317 22.20 0.07 13.06
CA ARG E 317 22.18 1.23 13.93
C ARG E 317 23.59 1.50 14.44
N MET E 318 24.07 2.72 14.24
CA MET E 318 25.42 3.11 14.62
C MET E 318 25.37 4.06 15.81
N VAL E 319 26.33 3.88 16.73
CA VAL E 319 26.37 4.67 17.95
C VAL E 319 26.95 6.04 17.64
N THR E 320 26.27 7.09 18.10
CA THR E 320 26.80 8.44 18.06
C THR E 320 26.86 9.10 19.44
N GLY E 321 26.33 8.45 20.47
CA GLY E 321 26.31 9.03 21.80
C GLY E 321 26.89 8.16 22.88
N LEU E 322 26.49 8.41 24.12
CA LEU E 322 27.02 7.72 25.29
C LEU E 322 26.11 6.57 25.71
N ARG E 323 26.59 5.79 26.68
CA ARG E 323 25.77 4.77 27.32
C ARG E 323 24.73 5.45 28.19
N ASN E 324 23.51 4.92 28.19
CA ASN E 324 22.39 5.51 28.92
C ASN E 324 22.27 4.98 30.34
N ILE E 325 23.35 4.48 30.93
CA ILE E 325 23.33 4.00 32.31
C ILE E 325 23.82 5.10 33.25
N GLU E 342 28.46 5.79 38.13
CA GLU E 342 28.48 7.20 37.76
C GLU E 342 27.85 7.41 36.38
N GLY E 343 27.80 8.66 35.94
CA GLY E 343 27.31 9.00 34.62
C GLY E 343 25.81 8.94 34.44
N GLY E 344 25.05 8.74 35.51
CA GLY E 344 23.61 8.74 35.39
C GLY E 344 23.04 10.13 35.57
N TRP E 345 23.65 11.12 34.92
CA TRP E 345 23.23 12.51 35.07
C TRP E 345 22.17 12.82 34.02
N THR E 346 20.91 12.78 34.43
CA THR E 346 19.83 13.24 33.56
C THR E 346 19.80 14.75 33.45
N GLY E 347 20.28 15.44 34.49
CA GLY E 347 20.22 16.90 34.51
C GLY E 347 21.18 17.57 33.55
N MET E 348 22.35 16.97 33.32
CA MET E 348 23.32 17.57 32.42
C MET E 348 22.84 17.33 31.00
N ILE E 349 22.03 18.26 30.50
CA ILE E 349 21.46 18.17 29.16
C ILE E 349 22.26 18.97 28.14
N ASP E 350 23.23 19.78 28.58
CA ASP E 350 23.95 20.68 27.69
C ASP E 350 24.98 19.95 26.85
N GLY E 351 25.61 18.90 27.39
CA GLY E 351 26.65 18.21 26.66
C GLY E 351 26.87 16.81 27.20
N TRP E 352 27.78 16.09 26.53
CA TRP E 352 28.07 14.71 26.91
C TRP E 352 28.94 14.64 28.17
N TYR E 353 29.94 15.50 28.29
CA TYR E 353 30.84 15.51 29.43
C TYR E 353 30.71 16.83 30.17
N GLY E 354 30.80 16.77 31.48
CA GLY E 354 30.71 17.98 32.29
C GLY E 354 31.00 17.69 33.74
N TYR E 355 30.72 18.69 34.57
CA TYR E 355 31.01 18.61 35.99
C TYR E 355 29.77 18.96 36.81
N HIS E 356 29.78 18.52 38.06
CA HIS E 356 28.78 18.89 39.06
C HIS E 356 29.52 19.51 40.23
N HIS E 357 28.86 20.42 40.94
CA HIS E 357 29.56 21.16 41.99
C HIS E 357 28.59 21.50 43.10
N GLN E 358 29.02 21.20 44.33
CA GLN E 358 28.20 21.42 45.52
C GLN E 358 28.79 22.56 46.36
N TYR E 365 24.78 21.49 37.80
CA TYR E 365 25.19 20.70 36.64
C TYR E 365 25.70 21.59 35.52
N ALA E 366 26.95 21.40 35.12
CA ALA E 366 27.54 22.15 34.02
C ALA E 366 28.20 21.17 33.05
N ALA E 367 28.43 21.64 31.83
CA ALA E 367 28.98 20.82 30.76
C ALA E 367 30.27 21.46 30.24
N ASP E 368 31.25 20.62 29.94
CA ASP E 368 32.50 21.08 29.34
C ASP E 368 32.32 21.09 27.83
N GLN E 369 32.04 22.27 27.27
CA GLN E 369 31.76 22.37 25.84
C GLN E 369 33.02 22.08 25.02
N LYS E 370 34.17 22.53 25.49
CA LYS E 370 35.41 22.36 24.71
C LYS E 370 35.74 20.89 24.54
N SER E 371 35.56 20.08 25.58
CA SER E 371 35.81 18.65 25.46
C SER E 371 34.71 17.96 24.65
N THR E 372 33.45 18.40 24.82
CA THR E 372 32.35 17.78 24.11
C THR E 372 32.41 18.09 22.61
N GLN E 373 32.75 19.33 22.25
CA GLN E 373 32.78 19.71 20.84
C GLN E 373 33.85 18.93 20.08
N ASN E 374 34.99 18.68 20.71
CA ASN E 374 36.02 17.85 20.08
C ASN E 374 35.56 16.42 19.91
N ALA E 375 34.83 15.88 20.90
CA ALA E 375 34.30 14.53 20.78
C ALA E 375 33.21 14.45 19.73
N ILE E 376 32.37 15.50 19.63
CA ILE E 376 31.31 15.52 18.63
C ILE E 376 31.91 15.51 17.22
N ASN E 377 32.97 16.29 17.01
CA ASN E 377 33.60 16.34 15.69
C ASN E 377 34.20 14.99 15.32
N GLY E 378 34.80 14.29 16.28
CA GLY E 378 35.37 12.98 15.99
C GLY E 378 34.31 11.96 15.61
N ILE E 379 33.17 11.97 16.33
CA ILE E 379 32.09 11.05 16.01
C ILE E 379 31.44 11.42 14.67
N THR E 380 31.26 12.72 14.42
CA THR E 380 30.66 13.15 13.16
C THR E 380 31.53 12.76 11.97
N ASN E 381 32.85 12.87 12.10
CA ASN E 381 33.74 12.46 11.02
C ASN E 381 33.66 10.95 10.78
N LYS E 382 33.46 10.17 11.84
CA LYS E 382 33.34 8.72 11.68
C LYS E 382 32.12 8.35 10.86
N VAL E 383 30.98 8.98 11.14
CA VAL E 383 29.75 8.69 10.41
C VAL E 383 29.90 9.11 8.95
N ASN E 384 30.50 10.27 8.70
CA ASN E 384 30.70 10.73 7.33
C ASN E 384 31.65 9.81 6.57
N SER E 385 32.64 9.24 7.25
CA SER E 385 33.56 8.32 6.59
C SER E 385 32.83 7.07 6.10
N VAL E 386 31.88 6.57 6.89
CA VAL E 386 31.11 5.40 6.48
C VAL E 386 30.27 5.72 5.25
N ILE E 387 29.61 6.88 5.25
CA ILE E 387 28.80 7.27 4.10
C ILE E 387 29.68 7.51 2.88
N GLU E 388 30.87 8.06 3.08
CA GLU E 388 31.77 8.31 1.97
C GLU E 388 32.21 7.01 1.30
N LYS E 389 32.49 5.98 2.10
CA LYS E 389 32.92 4.70 1.53
C LYS E 389 31.83 4.05 0.70
N MET E 390 30.58 4.11 1.19
CA MET E 390 29.45 3.51 0.48
C MET E 390 29.01 4.46 -0.63
N ASN E 391 29.35 4.12 -1.87
CA ASN E 391 28.95 4.93 -3.01
C ASN E 391 27.47 4.71 -3.31
N THR E 392 26.87 5.70 -3.97
CA THR E 392 25.46 5.58 -4.33
C THR E 392 25.29 4.54 -5.43
N GLN E 393 24.34 3.64 -5.23
CA GLN E 393 24.05 2.61 -6.23
C GLN E 393 23.23 3.19 -7.37
N PHE E 394 23.70 2.98 -8.59
CA PHE E 394 23.02 3.47 -9.77
C PHE E 394 22.03 2.41 -10.27
N THR E 395 21.53 2.58 -11.49
CA THR E 395 20.49 1.70 -12.00
C THR E 395 20.97 0.25 -12.03
N ALA E 396 20.24 -0.63 -11.35
CA ALA E 396 20.50 -2.05 -11.36
C ALA E 396 19.19 -2.73 -11.74
N VAL E 397 19.16 -3.33 -12.93
CA VAL E 397 17.95 -3.87 -13.52
C VAL E 397 18.15 -5.35 -13.80
N GLY E 398 17.11 -6.15 -13.57
CA GLY E 398 17.20 -7.57 -13.83
C GLY E 398 17.25 -7.88 -15.30
N LYS E 399 17.81 -9.05 -15.60
CA LYS E 399 17.96 -9.54 -16.96
C LYS E 399 17.09 -10.77 -17.16
N GLU E 400 16.65 -10.99 -18.39
CA GLU E 400 15.80 -12.12 -18.72
C GLU E 400 16.56 -13.06 -19.66
N PHE E 401 16.24 -14.36 -19.55
CA PHE E 401 16.92 -15.40 -20.31
C PHE E 401 15.91 -16.39 -20.85
N ASN E 402 16.21 -16.97 -22.00
CA ASN E 402 15.31 -17.94 -22.61
C ASN E 402 15.54 -19.32 -21.99
N ASN E 403 14.80 -20.31 -22.50
CA ASN E 403 14.84 -21.65 -21.91
C ASN E 403 16.17 -22.39 -22.14
N LEU E 404 16.98 -21.96 -23.11
CA LEU E 404 18.29 -22.55 -23.34
C LEU E 404 19.42 -21.69 -22.77
N GLU E 405 19.12 -20.85 -21.78
CA GLU E 405 20.11 -19.98 -21.17
C GLU E 405 20.10 -20.11 -19.65
N LYS E 406 19.81 -21.32 -19.15
CA LYS E 406 19.75 -21.52 -17.71
C LYS E 406 21.12 -21.35 -17.06
N ARG E 407 22.17 -21.79 -17.74
CA ARG E 407 23.51 -21.67 -17.17
C ARG E 407 23.88 -20.21 -16.96
N MET E 408 23.64 -19.36 -17.96
CA MET E 408 23.88 -17.93 -17.80
C MET E 408 22.93 -17.33 -16.77
N GLU E 409 21.67 -17.79 -16.76
CA GLU E 409 20.72 -17.29 -15.76
C GLU E 409 21.19 -17.61 -14.35
N ASN E 410 21.70 -18.83 -14.14
CA ASN E 410 22.21 -19.20 -12.82
C ASN E 410 23.50 -18.43 -12.51
N LEU E 411 24.35 -18.22 -13.52
CA LEU E 411 25.56 -17.44 -13.32
C LEU E 411 25.21 -16.00 -12.94
N ASN E 412 24.21 -15.42 -13.60
CA ASN E 412 23.75 -14.09 -13.24
C ASN E 412 23.21 -14.06 -11.82
N LYS E 413 22.45 -15.09 -11.43
CA LYS E 413 21.93 -15.16 -10.07
C LYS E 413 23.05 -15.32 -9.05
N LYS E 414 24.07 -16.10 -9.38
CA LYS E 414 25.20 -16.28 -8.48
C LYS E 414 25.94 -14.96 -8.27
N VAL E 415 26.10 -14.18 -9.34
CA VAL E 415 26.80 -12.90 -9.22
C VAL E 415 26.03 -11.94 -8.33
N ASP E 416 24.71 -11.84 -8.55
CA ASP E 416 23.90 -10.93 -7.75
C ASP E 416 23.88 -11.35 -6.28
N ASP E 417 23.73 -12.64 -6.02
CA ASP E 417 23.71 -13.11 -4.63
C ASP E 417 25.08 -12.98 -3.99
N GLY E 418 26.15 -13.21 -4.75
CA GLY E 418 27.48 -13.13 -4.17
C GLY E 418 27.84 -11.72 -3.73
N PHE E 419 27.55 -10.73 -4.57
CA PHE E 419 27.82 -9.35 -4.19
C PHE E 419 26.92 -8.90 -3.06
N LEU E 420 25.64 -9.32 -3.08
CA LEU E 420 24.73 -8.99 -1.99
C LEU E 420 25.17 -9.63 -0.69
N ASP E 421 25.67 -10.87 -0.77
CA ASP E 421 26.16 -11.55 0.44
C ASP E 421 27.35 -10.83 1.05
N ILE E 422 28.27 -10.36 0.21
CA ILE E 422 29.47 -9.69 0.70
C ILE E 422 29.12 -8.33 1.31
N TRP E 423 28.29 -7.55 0.62
CA TRP E 423 27.98 -6.21 1.09
C TRP E 423 27.17 -6.24 2.38
N THR E 424 26.25 -7.20 2.50
CA THR E 424 25.54 -7.37 3.76
C THR E 424 26.50 -7.72 4.89
N TYR E 425 27.46 -8.60 4.61
CA TYR E 425 28.46 -8.94 5.62
C TYR E 425 29.32 -7.73 5.99
N ASN E 426 29.74 -6.95 4.98
CA ASN E 426 30.58 -5.80 5.25
C ASN E 426 29.84 -4.72 6.04
N ALA E 427 28.56 -4.49 5.72
CA ALA E 427 27.80 -3.46 6.41
C ALA E 427 27.58 -3.84 7.87
N GLU E 428 27.17 -5.09 8.13
CA GLU E 428 26.91 -5.51 9.50
C GLU E 428 28.20 -5.56 10.31
N LEU E 429 29.29 -6.04 9.72
CA LEU E 429 30.55 -6.15 10.46
C LEU E 429 31.09 -4.77 10.83
N LEU E 430 31.04 -3.83 9.90
CA LEU E 430 31.56 -2.48 10.17
C LEU E 430 30.78 -1.80 11.28
N VAL E 431 29.45 -1.96 11.29
CA VAL E 431 28.64 -1.32 12.32
C VAL E 431 28.96 -1.90 13.69
N LEU E 432 29.06 -3.22 13.78
CA LEU E 432 29.36 -3.86 15.06
C LEU E 432 30.75 -3.49 15.56
N LEU E 433 31.73 -3.46 14.66
CA LEU E 433 33.10 -3.12 15.07
C LEU E 433 33.20 -1.68 15.53
N GLU E 434 32.55 -0.75 14.81
CA GLU E 434 32.61 0.65 15.19
C GLU E 434 31.81 0.93 16.45
N ASN E 435 30.76 0.15 16.71
CA ASN E 435 29.98 0.33 17.93
C ASN E 435 30.84 0.06 19.16
N GLU E 436 31.65 -1.00 19.12
CA GLU E 436 32.58 -1.26 20.22
C GLU E 436 33.65 -0.17 20.31
N ARG E 437 34.13 0.32 19.17
CA ARG E 437 35.14 1.38 19.18
C ARG E 437 34.56 2.69 19.69
N THR E 438 33.31 3.00 19.32
CA THR E 438 32.69 4.25 19.76
C THR E 438 32.50 4.27 21.27
N LEU E 439 32.05 3.16 21.85
CA LEU E 439 31.85 3.10 23.29
C LEU E 439 33.17 3.23 24.05
N ASP E 440 34.23 2.59 23.54
CA ASP E 440 35.54 2.73 24.16
C ASP E 440 36.10 4.14 23.97
N PHE E 441 35.74 4.81 22.88
CA PHE E 441 36.18 6.18 22.66
C PHE E 441 35.63 7.13 23.71
N HIS E 442 34.37 6.93 24.11
CA HIS E 442 33.75 7.80 25.11
C HIS E 442 34.33 7.56 26.49
N ASP E 443 34.57 6.29 26.86
CA ASP E 443 35.14 6.00 28.17
C ASP E 443 36.54 6.60 28.33
N SER E 444 37.32 6.60 27.24
CA SER E 444 38.65 7.20 27.32
C SER E 444 38.57 8.70 27.52
N ASN E 445 37.62 9.37 26.86
CA ASN E 445 37.51 10.82 27.00
C ASN E 445 37.06 11.21 28.40
N VAL E 446 36.09 10.48 28.97
CA VAL E 446 35.61 10.81 30.30
C VAL E 446 36.67 10.48 31.35
N LYS E 447 37.46 9.43 31.12
CA LYS E 447 38.55 9.10 32.04
C LYS E 447 39.65 10.16 31.99
N ASN E 448 39.97 10.65 30.79
CA ASN E 448 40.99 11.68 30.66
C ASN E 448 40.54 12.98 31.29
N LEU E 449 39.25 13.31 31.18
CA LEU E 449 38.73 14.51 31.83
C LEU E 449 38.82 14.41 33.34
N TYR E 450 38.52 13.22 33.89
CA TYR E 450 38.67 13.02 35.34
C TYR E 450 40.13 13.14 35.75
N GLU E 451 41.04 12.58 34.97
CA GLU E 451 42.46 12.68 35.30
C GLU E 451 42.95 14.12 35.16
N LYS E 452 42.35 14.90 34.26
CA LYS E 452 42.73 16.29 34.12
C LYS E 452 42.46 17.06 35.41
N VAL E 453 41.32 16.81 36.06
CA VAL E 453 41.04 17.45 37.34
C VAL E 453 42.00 16.95 38.41
N LYS E 454 42.30 15.65 38.41
CA LYS E 454 43.21 15.10 39.41
C LYS E 454 44.60 15.72 39.30
N SER E 455 45.11 15.86 38.07
CA SER E 455 46.41 16.50 37.88
C SER E 455 46.36 17.98 38.25
N GLN E 456 45.28 18.67 37.89
CA GLN E 456 45.18 20.11 38.17
C GLN E 456 45.30 20.39 39.66
N LEU E 457 44.53 19.68 40.46
CA LEU E 457 44.52 19.87 41.91
C LEU E 457 45.08 18.62 42.58
N ARG E 458 46.29 18.74 43.11
CA ARG E 458 46.94 17.69 43.88
C ARG E 458 47.05 18.13 45.32
N ASN E 459 46.75 17.23 46.26
CA ASN E 459 46.84 17.52 47.69
C ASN E 459 46.05 18.77 48.06
N ASN E 460 44.91 18.94 47.42
CA ASN E 460 43.98 20.03 47.74
C ASN E 460 42.58 19.53 48.03
N ALA E 461 42.14 18.47 47.34
CA ALA E 461 40.87 17.82 47.61
C ALA E 461 41.11 16.32 47.75
N LYS E 462 40.13 15.65 48.38
CA LYS E 462 40.21 14.22 48.61
C LYS E 462 39.66 13.47 47.41
N GLU E 463 40.42 12.49 46.91
CA GLU E 463 39.96 11.64 45.82
C GLU E 463 39.08 10.55 46.42
N ILE E 464 37.76 10.73 46.30
CA ILE E 464 36.83 9.75 46.85
C ILE E 464 36.90 8.45 46.07
N GLY E 465 37.11 8.52 44.76
CA GLY E 465 37.18 7.35 43.92
C GLY E 465 35.90 7.02 43.19
N ASN E 466 34.81 7.73 43.47
CA ASN E 466 33.53 7.53 42.81
C ASN E 466 33.29 8.54 41.69
N GLY E 467 34.35 9.21 41.24
CA GLY E 467 34.23 10.27 40.26
C GLY E 467 34.10 11.66 40.85
N CYS E 468 34.04 11.79 42.17
CA CYS E 468 33.92 13.07 42.84
C CYS E 468 35.18 13.37 43.66
N PHE E 469 35.37 14.65 43.95
CA PHE E 469 36.46 15.13 44.78
C PHE E 469 35.86 15.92 45.93
N GLU E 470 36.29 15.61 47.15
CA GLU E 470 35.82 16.29 48.34
C GLU E 470 36.88 17.29 48.81
N PHE E 471 36.56 18.58 48.67
CA PHE E 471 37.49 19.62 49.10
C PHE E 471 37.40 19.78 50.61
N TYR E 472 38.51 19.57 51.32
CA TYR E 472 38.56 19.90 52.73
C TYR E 472 38.72 21.40 52.97
N HIS E 473 39.18 22.14 51.97
CA HIS E 473 39.36 23.57 52.06
C HIS E 473 38.18 24.28 51.38
N LYS E 474 38.18 25.61 51.43
CA LYS E 474 37.08 26.40 50.90
C LYS E 474 37.33 26.70 49.42
N CYS E 475 36.40 26.27 48.58
CA CYS E 475 36.47 26.44 47.12
C CYS E 475 35.25 27.23 46.68
N ASP E 476 35.44 28.48 46.31
CA ASP E 476 34.34 29.34 45.90
C ASP E 476 33.90 29.01 44.47
N ASN E 477 32.93 29.79 43.96
CA ASN E 477 32.44 29.58 42.61
C ASN E 477 33.54 29.76 41.57
N GLU E 478 34.35 30.82 41.72
CA GLU E 478 35.46 31.01 40.81
C GLU E 478 36.49 29.89 40.93
N CYS E 479 36.67 29.36 42.15
CA CYS E 479 37.54 28.20 42.31
C CYS E 479 37.05 27.02 41.49
N MET E 480 35.74 26.76 41.53
CA MET E 480 35.18 25.68 40.71
C MET E 480 35.31 26.00 39.23
N GLU E 481 34.99 27.24 38.85
CA GLU E 481 35.10 27.65 37.45
C GLU E 481 36.53 27.58 36.94
N SER E 482 37.51 27.85 37.81
CA SER E 482 38.91 27.81 37.41
C SER E 482 39.32 26.42 36.95
N VAL E 483 38.86 25.38 37.66
CA VAL E 483 39.19 24.02 37.24
C VAL E 483 38.59 23.71 35.88
N LYS E 484 37.33 24.11 35.65
CA LYS E 484 36.69 23.86 34.36
C LYS E 484 37.39 24.57 33.21
N ASN E 485 37.75 25.84 33.41
CA ASN E 485 38.49 26.55 32.37
C ASN E 485 39.94 26.08 32.26
N GLY E 486 40.43 25.34 33.26
CA GLY E 486 41.80 24.85 33.29
C GLY E 486 42.78 25.68 34.10
N THR E 487 42.40 26.88 34.53
CA THR E 487 43.32 27.77 35.24
C THR E 487 43.12 27.67 36.76
N TYR E 488 43.43 26.50 37.30
CA TYR E 488 43.37 26.29 38.75
C TYR E 488 44.76 26.51 39.32
N ASP E 489 44.85 27.40 40.29
CA ASP E 489 46.11 27.73 40.95
C ASP E 489 46.17 26.91 42.22
N TYR E 490 47.01 25.88 42.22
CA TYR E 490 47.19 25.09 43.44
C TYR E 490 47.76 25.90 44.59
N PRO E 491 48.81 26.71 44.43
CA PRO E 491 49.27 27.52 45.58
C PRO E 491 48.22 28.47 46.12
N LYS E 492 47.35 29.02 45.27
CA LYS E 492 46.38 30.01 45.72
C LYS E 492 45.42 29.44 46.76
N TYR E 493 45.06 28.16 46.64
CA TYR E 493 44.12 27.55 47.58
C TYR E 493 44.73 26.40 48.37
N SER E 494 46.05 26.28 48.39
CA SER E 494 46.74 25.27 49.20
C SER E 494 47.13 25.91 50.52
N GLU E 495 46.26 25.75 51.53
CA GLU E 495 46.51 26.30 52.87
C GLU E 495 46.29 25.20 53.90
N GLU E 496 47.32 24.38 54.11
CA GLU E 496 47.38 23.37 55.18
C GLU E 496 46.07 22.63 55.38
N SER E 497 45.41 22.90 56.52
CA SER E 497 44.11 22.35 56.90
C SER E 497 44.21 20.87 57.27
N LYS E 498 43.13 20.34 57.83
CA LYS E 498 43.05 18.96 58.30
C LYS E 498 44.16 18.63 59.30
N CYS F 8 48.54 -10.63 45.66
CA CYS F 8 49.03 -10.48 44.30
C CYS F 8 47.89 -10.56 43.29
N ILE F 9 48.13 -10.03 42.09
CA ILE F 9 47.18 -10.10 41.00
C ILE F 9 47.90 -10.64 39.77
N GLY F 10 47.34 -11.67 39.15
CA GLY F 10 47.95 -12.29 37.99
C GLY F 10 46.95 -12.94 37.06
N TYR F 11 47.42 -13.67 36.06
CA TYR F 11 46.54 -14.28 35.08
C TYR F 11 46.84 -15.78 34.97
N HIS F 12 45.94 -16.47 34.28
CA HIS F 12 45.96 -17.92 34.22
C HIS F 12 46.99 -18.41 33.20
N ALA F 13 47.53 -19.60 33.45
CA ALA F 13 48.43 -20.26 32.52
C ALA F 13 48.25 -21.77 32.65
N ASN F 14 48.56 -22.49 31.57
CA ASN F 14 48.39 -23.93 31.56
C ASN F 14 49.39 -24.55 30.58
N ASN F 15 49.17 -25.82 30.25
CA ASN F 15 50.03 -26.56 29.33
C ASN F 15 49.40 -26.63 27.94
N SER F 16 49.17 -25.46 27.36
CA SER F 16 48.48 -25.34 26.08
C SER F 16 49.47 -24.80 25.06
N THR F 17 49.67 -25.54 23.97
CA THR F 17 50.61 -25.18 22.93
C THR F 17 49.96 -24.49 21.74
N ASP F 18 48.68 -24.12 21.86
CA ASP F 18 47.99 -23.46 20.76
C ASP F 18 48.64 -22.11 20.45
N THR F 19 48.89 -21.86 19.17
CA THR F 19 49.51 -20.63 18.71
C THR F 19 48.55 -19.90 17.77
N VAL F 20 48.54 -18.57 17.88
CA VAL F 20 47.68 -17.71 17.08
C VAL F 20 48.52 -16.61 16.46
N ASP F 21 47.96 -15.95 15.45
CA ASP F 21 48.62 -14.87 14.74
C ASP F 21 47.81 -13.58 14.89
N THR F 22 48.52 -12.47 15.03
CA THR F 22 47.94 -11.13 15.05
C THR F 22 48.63 -10.28 13.99
N VAL F 23 48.20 -9.03 13.87
CA VAL F 23 48.82 -8.13 12.91
C VAL F 23 50.22 -7.74 13.37
N LEU F 24 50.39 -7.51 14.68
CA LEU F 24 51.67 -7.02 15.18
C LEU F 24 52.69 -8.14 15.37
N GLU F 25 52.25 -9.31 15.80
CA GLU F 25 53.16 -10.41 16.11
C GLU F 25 52.53 -11.72 15.67
N LYS F 26 53.39 -12.74 15.50
CA LYS F 26 52.99 -14.04 15.00
C LYS F 26 53.30 -15.11 16.04
N ASN F 27 52.59 -16.24 15.92
CA ASN F 27 52.80 -17.43 16.77
C ASN F 27 52.78 -17.08 18.25
N VAL F 28 51.73 -16.38 18.67
CA VAL F 28 51.53 -16.06 20.07
C VAL F 28 50.87 -17.24 20.75
N THR F 29 51.55 -17.85 21.72
CA THR F 29 50.98 -18.95 22.45
C THR F 29 49.93 -18.43 23.43
N VAL F 30 48.75 -19.05 23.43
CA VAL F 30 47.62 -18.63 24.24
C VAL F 30 47.13 -19.79 25.08
N THR F 31 46.43 -19.45 26.17
CA THR F 31 45.90 -20.48 27.06
C THR F 31 44.72 -21.21 26.43
N HIS F 32 43.84 -20.48 25.76
CA HIS F 32 42.64 -21.06 25.16
C HIS F 32 42.47 -20.51 23.75
N SER F 33 41.99 -21.35 22.85
CA SER F 33 41.75 -20.94 21.47
C SER F 33 40.71 -21.88 20.85
N VAL F 34 40.11 -21.42 19.76
CA VAL F 34 39.10 -22.18 19.02
C VAL F 34 39.46 -22.18 17.54
N ASN F 35 39.26 -23.32 16.89
CA ASN F 35 39.53 -23.47 15.46
C ASN F 35 38.22 -23.26 14.69
N LEU F 36 38.23 -22.29 13.77
CA LEU F 36 37.07 -22.00 12.93
C LEU F 36 37.13 -22.70 11.58
N LEU F 37 38.21 -23.43 11.29
CA LEU F 37 38.40 -24.09 10.00
C LEU F 37 38.25 -25.60 10.17
N GLU F 38 37.39 -26.20 9.35
CA GLU F 38 37.17 -27.63 9.35
C GLU F 38 37.99 -28.26 8.22
N ASP F 39 38.83 -29.24 8.57
CA ASP F 39 39.70 -29.89 7.60
C ASP F 39 39.55 -31.41 7.60
N SER F 40 38.51 -31.94 8.25
CA SER F 40 38.32 -33.38 8.37
C SER F 40 37.04 -33.79 7.66
N HIS F 41 37.13 -34.86 6.87
CA HIS F 41 35.97 -35.42 6.19
C HIS F 41 36.04 -36.94 6.27
N ASN F 42 34.88 -37.58 6.16
CA ASN F 42 34.82 -39.04 6.28
C ASN F 42 35.38 -39.75 5.05
N GLY F 43 35.47 -39.06 3.91
CA GLY F 43 36.01 -39.67 2.71
C GLY F 43 35.09 -40.62 2.00
N LYS F 44 33.80 -40.60 2.29
CA LYS F 44 32.83 -41.50 1.69
C LYS F 44 31.65 -40.71 1.15
N LEU F 45 30.98 -41.28 0.16
CA LEU F 45 29.75 -40.70 -0.38
C LEU F 45 28.58 -41.14 0.51
N CYS F 46 28.00 -40.18 1.21
CA CYS F 46 26.93 -40.45 2.17
C CYS F 46 25.58 -40.05 1.60
N LYS F 47 24.53 -40.57 2.21
CA LYS F 47 23.17 -40.17 1.85
C LYS F 47 22.89 -38.78 2.39
N LEU F 48 22.14 -37.99 1.62
CA LEU F 48 21.74 -36.65 2.03
C LEU F 48 20.25 -36.69 2.35
N LYS F 49 19.90 -36.29 3.58
CA LYS F 49 18.52 -36.32 4.05
C LYS F 49 17.91 -37.71 3.94
N GLY F 50 18.74 -38.74 4.09
CA GLY F 50 18.28 -40.11 3.96
C GLY F 50 17.98 -40.58 2.55
N ILE F 51 18.39 -39.83 1.53
CA ILE F 51 18.14 -40.19 0.14
C ILE F 51 19.47 -40.49 -0.53
N ALA F 52 19.57 -41.67 -1.13
CA ALA F 52 20.82 -42.09 -1.75
C ALA F 52 21.06 -41.32 -3.05
N PRO F 53 22.30 -40.94 -3.33
CA PRO F 53 22.62 -40.30 -4.60
C PRO F 53 22.65 -41.29 -5.75
N LEU F 54 22.47 -40.76 -6.96
CA LEU F 54 22.51 -41.57 -8.17
C LEU F 54 23.94 -41.59 -8.71
N GLN F 55 24.56 -42.77 -8.71
CA GLN F 55 25.93 -42.93 -9.16
C GLN F 55 25.91 -43.46 -10.59
N LEU F 56 26.41 -42.65 -11.53
CA LEU F 56 26.41 -43.06 -12.93
C LEU F 56 27.47 -44.12 -13.21
N GLY F 57 28.53 -44.15 -12.41
CA GLY F 57 29.56 -45.15 -12.62
C GLY F 57 30.35 -44.87 -13.88
N LYS F 58 30.47 -45.89 -14.73
CA LYS F 58 31.22 -45.78 -15.97
C LYS F 58 30.44 -45.08 -17.07
N CYS F 59 29.37 -44.37 -16.71
CA CYS F 59 28.50 -43.69 -17.66
C CYS F 59 28.49 -42.20 -17.39
N ASN F 60 28.33 -41.42 -18.45
CA ASN F 60 28.12 -39.99 -18.32
C ASN F 60 26.61 -39.71 -18.37
N ILE F 61 26.26 -38.43 -18.27
CA ILE F 61 24.85 -38.04 -18.29
C ILE F 61 24.21 -38.41 -19.62
N ALA F 62 24.94 -38.20 -20.73
CA ALA F 62 24.38 -38.50 -22.05
C ALA F 62 24.01 -39.97 -22.16
N GLY F 63 24.91 -40.87 -21.76
CA GLY F 63 24.61 -42.29 -21.83
C GLY F 63 23.49 -42.71 -20.92
N TRP F 64 23.32 -42.02 -19.79
CA TRP F 64 22.26 -42.39 -18.85
C TRP F 64 20.88 -42.09 -19.42
N LEU F 65 20.69 -40.88 -19.96
CA LEU F 65 19.38 -40.53 -20.50
C LEU F 65 19.14 -41.17 -21.86
N LEU F 66 20.18 -41.25 -22.70
CA LEU F 66 20.00 -41.82 -24.04
C LEU F 66 19.73 -43.32 -23.98
N GLY F 67 20.12 -43.98 -22.91
CA GLY F 67 19.91 -45.42 -22.79
C GLY F 67 21.04 -46.23 -23.39
N ASN F 68 22.28 -45.84 -23.09
CA ASN F 68 23.43 -46.57 -23.58
C ASN F 68 23.40 -48.00 -23.03
N PRO F 69 23.72 -49.00 -23.85
CA PRO F 69 23.61 -50.39 -23.38
C PRO F 69 24.45 -50.67 -22.14
N GLU F 70 25.60 -50.00 -21.98
CA GLU F 70 26.40 -50.16 -20.78
C GLU F 70 25.78 -49.48 -19.57
N CYS F 71 24.76 -48.64 -19.77
CA CYS F 71 24.11 -47.90 -18.69
C CYS F 71 22.73 -48.45 -18.37
N GLU F 72 22.50 -49.75 -18.60
CA GLU F 72 21.18 -50.31 -18.36
C GLU F 72 20.89 -50.47 -16.88
N SER F 73 21.93 -50.49 -16.03
CA SER F 73 21.70 -50.54 -14.59
C SER F 73 21.11 -49.24 -14.06
N LEU F 74 21.32 -48.13 -14.76
CA LEU F 74 20.81 -46.84 -14.35
C LEU F 74 19.35 -46.62 -14.74
N LEU F 75 18.77 -47.52 -15.53
CA LEU F 75 17.39 -47.35 -15.98
C LEU F 75 16.38 -47.51 -14.85
N SER F 76 16.71 -48.30 -13.83
CA SER F 76 15.81 -48.62 -12.71
C SER F 76 15.93 -47.62 -11.57
N ALA F 77 16.26 -46.37 -11.91
CA ALA F 77 16.43 -45.29 -10.95
C ALA F 77 15.20 -44.39 -11.00
N ARG F 78 14.68 -44.04 -9.82
CA ARG F 78 13.50 -43.20 -9.71
C ARG F 78 13.71 -41.95 -8.86
N SER F 79 14.57 -42.00 -7.84
CA SER F 79 14.77 -40.85 -6.96
C SER F 79 16.22 -40.81 -6.49
N TRP F 80 16.71 -39.60 -6.26
CA TRP F 80 18.07 -39.40 -5.78
C TRP F 80 18.16 -38.01 -5.15
N SER F 81 19.18 -37.82 -4.33
CA SER F 81 19.45 -36.52 -3.72
C SER F 81 20.39 -35.67 -4.58
N TYR F 82 21.36 -36.31 -5.22
CA TYR F 82 22.28 -35.63 -6.14
C TYR F 82 22.88 -36.68 -7.06
N ILE F 83 23.53 -36.21 -8.12
CA ILE F 83 24.08 -37.07 -9.16
C ILE F 83 25.58 -37.10 -9.04
N VAL F 84 26.16 -38.29 -9.02
CA VAL F 84 27.60 -38.49 -8.93
C VAL F 84 28.07 -39.17 -10.20
N GLU F 85 29.09 -38.60 -10.83
CA GLU F 85 29.73 -39.20 -11.98
C GLU F 85 31.21 -39.41 -11.68
N THR F 86 31.72 -40.58 -12.06
CA THR F 86 33.10 -40.94 -11.80
C THR F 86 34.01 -40.33 -12.85
N PRO F 87 35.30 -40.16 -12.53
CA PRO F 87 36.22 -39.65 -13.55
C PRO F 87 36.26 -40.51 -14.80
N ASN F 88 35.97 -41.81 -14.67
CA ASN F 88 35.88 -42.69 -15.84
C ASN F 88 34.42 -42.76 -16.29
N SER F 89 33.95 -41.63 -16.80
CA SER F 89 32.60 -41.42 -17.33
C SER F 89 32.53 -41.65 -18.84
N GLU F 90 33.20 -42.70 -19.33
CA GLU F 90 33.45 -42.81 -20.76
C GLU F 90 32.23 -43.22 -21.58
N ASN F 91 31.25 -43.89 -20.97
CA ASN F 91 30.17 -44.49 -21.76
C ASN F 91 28.99 -43.54 -21.93
N GLY F 92 28.97 -42.86 -23.08
CA GLY F 92 27.82 -42.14 -23.58
C GLY F 92 27.95 -42.10 -25.08
N THR F 93 26.92 -41.57 -25.75
CA THR F 93 26.88 -41.37 -27.20
C THR F 93 27.67 -42.43 -27.96
N CYS F 94 27.27 -43.70 -27.86
CA CYS F 94 28.04 -44.76 -28.50
C CYS F 94 28.13 -44.57 -30.01
N TYR F 95 27.04 -44.13 -30.63
CA TYR F 95 27.10 -43.75 -32.03
C TYR F 95 27.63 -42.31 -32.17
N PRO F 96 28.67 -42.09 -32.97
CA PRO F 96 29.27 -40.76 -33.04
C PRO F 96 28.29 -39.70 -33.52
N GLY F 97 28.45 -38.50 -32.98
CA GLY F 97 27.57 -37.40 -33.32
C GLY F 97 27.73 -36.27 -32.32
N ASP F 98 26.84 -35.30 -32.44
CA ASP F 98 26.86 -34.10 -31.60
C ASP F 98 25.58 -34.02 -30.79
N PHE F 99 25.71 -33.82 -29.48
CA PHE F 99 24.58 -33.65 -28.58
C PHE F 99 24.32 -32.16 -28.43
N ILE F 100 23.29 -31.66 -29.12
CA ILE F 100 23.02 -30.23 -29.13
C ILE F 100 22.51 -29.80 -27.76
N ASP F 101 23.07 -28.71 -27.25
CA ASP F 101 22.71 -28.16 -25.94
C ASP F 101 22.87 -29.20 -24.83
N TYR F 102 23.94 -30.00 -24.93
CA TYR F 102 24.18 -31.03 -23.94
C TYR F 102 24.49 -30.43 -22.57
N GLU F 103 25.33 -29.39 -22.53
CA GLU F 103 25.65 -28.76 -21.26
C GLU F 103 24.42 -28.10 -20.65
N GLU F 104 23.55 -27.55 -21.49
CA GLU F 104 22.31 -26.94 -21.00
C GLU F 104 21.38 -28.00 -20.40
N LEU F 105 21.35 -29.20 -21.00
CA LEU F 105 20.55 -30.27 -20.44
C LEU F 105 21.07 -30.71 -19.08
N ARG F 106 22.39 -30.69 -18.89
CA ARG F 106 22.95 -31.01 -17.58
C ARG F 106 22.47 -30.04 -16.52
N GLU F 107 22.36 -28.76 -16.87
CA GLU F 107 21.86 -27.77 -15.92
C GLU F 107 20.43 -28.07 -15.51
N GLN F 108 19.60 -28.50 -16.46
CA GLN F 108 18.22 -28.83 -16.14
C GLN F 108 18.13 -30.00 -15.16
N LEU F 109 18.97 -31.01 -15.35
CA LEU F 109 18.91 -32.18 -14.46
C LEU F 109 19.39 -31.85 -13.05
N SER F 110 20.26 -30.86 -12.91
CA SER F 110 20.74 -30.48 -11.59
C SER F 110 19.61 -29.92 -10.72
N SER F 111 18.51 -29.49 -11.32
CA SER F 111 17.33 -29.04 -10.59
C SER F 111 16.22 -30.09 -10.58
N VAL F 112 16.52 -31.32 -10.99
CA VAL F 112 15.54 -32.41 -11.02
C VAL F 112 15.81 -33.33 -9.84
N SER F 113 14.80 -33.52 -9.00
CA SER F 113 14.92 -34.39 -7.83
C SER F 113 14.52 -35.84 -8.12
N SER F 114 13.61 -36.06 -9.06
CA SER F 114 13.14 -37.40 -9.39
C SER F 114 12.42 -37.36 -10.72
N PHE F 115 12.56 -38.44 -11.49
CA PHE F 115 11.86 -38.59 -12.75
C PHE F 115 11.24 -39.98 -12.84
N GLU F 116 10.22 -40.08 -13.70
CA GLU F 116 9.54 -41.34 -13.98
C GLU F 116 9.78 -41.71 -15.43
N ARG F 117 10.40 -42.86 -15.66
CA ARG F 117 10.71 -43.32 -17.00
C ARG F 117 9.52 -44.09 -17.57
N PHE F 118 9.02 -43.65 -18.72
CA PHE F 118 7.84 -44.26 -19.33
C PHE F 118 8.05 -44.40 -20.83
N GLU F 119 7.32 -45.35 -21.41
CA GLU F 119 7.35 -45.61 -22.85
C GLU F 119 6.41 -44.62 -23.54
N ILE F 120 6.97 -43.51 -24.00
CA ILE F 120 6.14 -42.49 -24.66
C ILE F 120 5.55 -43.02 -25.96
N PHE F 121 6.35 -43.73 -26.75
CA PHE F 121 5.89 -44.34 -28.00
C PHE F 121 6.27 -45.82 -27.93
N PRO F 122 5.30 -46.70 -27.68
CA PRO F 122 5.61 -48.14 -27.64
C PRO F 122 6.19 -48.63 -28.94
N LYS F 123 7.21 -49.49 -28.84
CA LYS F 123 7.92 -49.98 -30.02
C LYS F 123 7.00 -50.82 -30.89
N GLU F 124 6.16 -51.66 -30.26
CA GLU F 124 5.36 -52.62 -31.01
C GLU F 124 4.10 -51.98 -31.60
N SER F 125 3.56 -50.94 -30.96
CA SER F 125 2.28 -50.36 -31.37
C SER F 125 2.41 -49.12 -32.24
N SER F 126 3.42 -48.27 -31.97
CA SER F 126 3.43 -46.93 -32.56
C SER F 126 3.71 -46.94 -34.06
N TRP F 127 4.58 -47.83 -34.53
CA TRP F 127 5.04 -47.80 -35.91
C TRP F 127 4.74 -49.11 -36.62
N PRO F 128 3.56 -49.25 -37.23
CA PRO F 128 3.25 -50.47 -37.98
C PRO F 128 3.77 -50.47 -39.42
N ASN F 129 3.99 -49.30 -40.00
CA ASN F 129 4.40 -49.16 -41.38
C ASN F 129 5.90 -48.98 -41.56
N HIS F 130 6.68 -49.15 -40.48
CA HIS F 130 8.11 -48.93 -40.52
C HIS F 130 8.82 -50.11 -39.87
N ASN F 131 10.10 -50.28 -40.19
CA ASN F 131 10.85 -51.42 -39.70
C ASN F 131 11.33 -51.12 -38.28
N THR F 132 10.74 -51.81 -37.30
CA THR F 132 11.14 -51.69 -35.91
C THR F 132 12.29 -52.62 -35.56
N THR F 133 12.62 -53.53 -36.46
CA THR F 133 13.74 -54.43 -36.30
C THR F 133 14.96 -53.77 -36.93
N LYS F 134 16.05 -54.51 -37.11
CA LYS F 134 17.32 -53.95 -37.57
C LYS F 134 17.68 -52.85 -36.58
N GLY F 135 17.88 -51.60 -37.01
CA GLY F 135 18.23 -50.49 -36.16
C GLY F 135 19.19 -50.85 -35.03
N VAL F 136 20.25 -51.56 -35.40
CA VAL F 136 21.32 -51.93 -34.48
C VAL F 136 22.64 -51.59 -35.15
N THR F 137 23.57 -51.05 -34.38
CA THR F 137 24.86 -50.66 -34.91
C THR F 137 25.98 -51.33 -34.12
N ALA F 138 27.13 -51.48 -34.78
CA ALA F 138 28.26 -52.14 -34.14
C ALA F 138 28.86 -51.28 -33.03
N ALA F 139 28.73 -49.96 -33.15
CA ALA F 139 29.29 -49.07 -32.13
C ALA F 139 28.58 -49.24 -30.80
N CYS F 140 27.26 -49.42 -30.83
CA CYS F 140 26.47 -49.61 -29.61
C CYS F 140 26.23 -51.10 -29.38
N SER F 141 27.31 -51.79 -29.03
CA SER F 141 27.31 -53.24 -28.89
C SER F 141 27.16 -53.64 -27.43
N HIS F 142 26.28 -54.62 -27.17
CA HIS F 142 26.09 -55.18 -25.84
C HIS F 142 26.15 -56.70 -25.95
N ALA F 143 26.92 -57.31 -25.04
CA ALA F 143 27.09 -58.76 -24.99
C ALA F 143 27.58 -59.32 -26.32
N GLY F 144 28.50 -58.61 -26.97
CA GLY F 144 29.07 -59.06 -28.22
C GLY F 144 28.19 -58.87 -29.42
N LYS F 145 26.91 -58.56 -29.24
CA LYS F 145 25.96 -58.40 -30.33
C LYS F 145 25.67 -56.93 -30.57
N SER F 146 25.39 -56.60 -31.83
CA SER F 146 25.03 -55.23 -32.18
C SER F 146 23.71 -54.87 -31.52
N SER F 147 23.66 -53.68 -30.91
CA SER F 147 22.48 -53.21 -30.20
C SER F 147 22.30 -51.73 -30.49
N PHE F 148 21.44 -51.08 -29.70
CA PHE F 148 21.15 -49.67 -29.86
C PHE F 148 20.80 -49.10 -28.50
N TYR F 149 20.51 -47.80 -28.47
CA TYR F 149 20.11 -47.15 -27.23
C TYR F 149 18.81 -47.75 -26.70
N ARG F 150 18.72 -47.86 -25.38
CA ARG F 150 17.54 -48.45 -24.76
C ARG F 150 16.35 -47.51 -24.73
N ASN F 151 16.57 -46.20 -24.85
CA ASN F 151 15.50 -45.22 -24.81
C ASN F 151 15.16 -44.64 -26.18
N LEU F 152 15.85 -45.06 -27.24
CA LEU F 152 15.62 -44.57 -28.59
C LEU F 152 15.37 -45.76 -29.51
N LEU F 153 14.60 -45.51 -30.57
CA LEU F 153 14.27 -46.52 -31.56
C LEU F 153 14.67 -46.05 -32.95
N TRP F 154 15.47 -46.86 -33.63
CA TRP F 154 15.94 -46.55 -34.98
C TRP F 154 14.92 -47.07 -35.99
N LEU F 155 14.22 -46.16 -36.65
CA LEU F 155 13.22 -46.52 -37.65
C LEU F 155 13.86 -46.51 -39.03
N THR F 156 13.68 -47.60 -39.77
CA THR F 156 14.19 -47.73 -41.13
C THR F 156 13.05 -48.15 -42.05
N LYS F 157 13.35 -48.26 -43.34
CA LYS F 157 12.34 -48.57 -44.33
C LYS F 157 11.81 -49.98 -44.15
N LYS F 158 10.51 -50.16 -44.39
CA LYS F 158 9.84 -51.45 -44.29
C LYS F 158 9.45 -51.91 -45.68
N GLY F 159 9.96 -53.07 -46.09
CA GLY F 159 9.67 -53.59 -47.41
C GLY F 159 10.14 -52.71 -48.54
N GLY F 160 11.26 -52.02 -48.36
CA GLY F 160 11.75 -51.12 -49.38
C GLY F 160 10.94 -49.85 -49.54
N SER F 161 10.12 -49.51 -48.54
CA SER F 161 9.28 -48.32 -48.61
C SER F 161 9.27 -47.65 -47.24
N TYR F 162 9.45 -46.33 -47.23
CA TYR F 162 9.39 -45.52 -46.01
C TYR F 162 8.25 -44.51 -46.15
N PRO F 163 7.07 -44.84 -45.66
CA PRO F 163 5.96 -43.89 -45.75
C PRO F 163 6.20 -42.69 -44.83
N LYS F 164 5.52 -41.60 -45.14
CA LYS F 164 5.62 -40.41 -44.31
C LYS F 164 5.08 -40.71 -42.92
N LEU F 165 5.83 -40.31 -41.89
CA LEU F 165 5.50 -40.62 -40.51
C LEU F 165 5.00 -39.35 -39.84
N SER F 166 3.90 -39.47 -39.12
CA SER F 166 3.30 -38.36 -38.37
C SER F 166 2.82 -38.95 -37.05
N LYS F 167 3.59 -38.70 -35.99
CA LYS F 167 3.31 -39.23 -34.68
C LYS F 167 3.17 -38.08 -33.70
N SER F 168 2.11 -38.12 -32.88
CA SER F 168 1.84 -37.08 -31.91
C SER F 168 1.72 -37.69 -30.52
N TYR F 169 2.06 -36.89 -29.52
CA TYR F 169 1.96 -37.30 -28.12
C TYR F 169 1.39 -36.15 -27.32
N VAL F 170 0.41 -36.44 -26.47
CA VAL F 170 -0.22 -35.45 -25.61
C VAL F 170 0.28 -35.66 -24.20
N ASN F 171 0.76 -34.58 -23.57
CA ASN F 171 1.31 -34.66 -22.24
C ASN F 171 0.18 -34.71 -21.23
N ASN F 172 -0.20 -35.93 -20.83
CA ASN F 172 -1.21 -36.15 -19.81
C ASN F 172 -0.61 -36.35 -18.43
N LYS F 173 0.71 -36.30 -18.31
CA LYS F 173 1.37 -36.57 -17.04
C LYS F 173 1.28 -35.40 -16.06
N GLY F 174 0.84 -34.23 -16.52
CA GLY F 174 0.76 -33.07 -15.65
C GLY F 174 2.09 -32.56 -15.14
N LYS F 175 3.19 -32.95 -15.78
CA LYS F 175 4.53 -32.54 -15.39
C LYS F 175 5.36 -32.32 -16.65
N GLU F 176 6.53 -31.73 -16.47
CA GLU F 176 7.46 -31.59 -17.58
C GLU F 176 7.89 -32.97 -18.06
N VAL F 177 7.85 -33.17 -19.37
CA VAL F 177 8.24 -34.43 -19.99
C VAL F 177 9.47 -34.16 -20.85
N LEU F 178 10.57 -34.85 -20.56
CA LEU F 178 11.79 -34.72 -21.33
C LEU F 178 11.76 -35.73 -22.49
N VAL F 179 11.77 -35.23 -23.71
CA VAL F 179 11.72 -36.06 -24.91
C VAL F 179 13.06 -35.96 -25.62
N LEU F 180 13.62 -37.10 -25.98
CA LEU F 180 14.92 -37.18 -26.64
C LEU F 180 14.76 -37.86 -27.99
N TRP F 181 15.41 -37.32 -29.01
CA TRP F 181 15.36 -37.91 -30.35
C TRP F 181 16.69 -37.63 -31.04
N GLY F 182 16.91 -38.34 -32.15
CA GLY F 182 18.13 -38.19 -32.90
C GLY F 182 17.86 -38.14 -34.39
N VAL F 183 18.81 -37.55 -35.12
CA VAL F 183 18.77 -37.46 -36.57
C VAL F 183 20.02 -38.12 -37.11
N HIS F 184 19.85 -39.12 -37.96
CA HIS F 184 20.96 -39.88 -38.49
C HIS F 184 21.42 -39.31 -39.83
N HIS F 185 22.72 -39.18 -40.00
CA HIS F 185 23.32 -38.66 -41.23
C HIS F 185 24.17 -39.74 -41.88
N PRO F 186 23.68 -40.38 -42.95
CA PRO F 186 24.43 -41.47 -43.56
C PRO F 186 25.70 -40.97 -44.26
N SER F 187 26.63 -41.91 -44.44
CA SER F 187 27.93 -41.58 -45.02
C SER F 187 27.85 -41.39 -46.53
N THR F 188 27.02 -42.20 -47.21
CA THR F 188 26.92 -42.14 -48.66
C THR F 188 25.45 -42.19 -49.07
N SER F 189 25.18 -41.68 -50.27
CA SER F 189 23.81 -41.67 -50.76
C SER F 189 23.25 -43.07 -50.93
N THR F 190 24.11 -44.04 -51.27
CA THR F 190 23.66 -45.42 -51.36
C THR F 190 23.21 -45.95 -49.99
N ASP F 191 23.95 -45.60 -48.93
CA ASP F 191 23.53 -46.00 -47.59
C ASP F 191 22.26 -45.29 -47.16
N GLN F 192 22.07 -44.04 -47.61
CA GLN F 192 20.84 -43.33 -47.31
C GLN F 192 19.64 -44.02 -47.95
N GLN F 193 19.76 -44.38 -49.24
CA GLN F 193 18.67 -45.07 -49.91
C GLN F 193 18.46 -46.46 -49.34
N SER F 194 19.54 -47.12 -48.92
CA SER F 194 19.42 -48.47 -48.35
C SER F 194 18.66 -48.46 -47.04
N LEU F 195 18.79 -47.39 -46.24
CA LEU F 195 18.18 -47.34 -44.92
C LEU F 195 16.79 -46.72 -44.91
N TYR F 196 16.53 -45.69 -45.74
CA TYR F 196 15.26 -44.98 -45.68
C TYR F 196 14.56 -44.85 -47.03
N GLN F 197 15.19 -45.28 -48.12
CA GLN F 197 14.63 -45.33 -49.47
C GLN F 197 14.40 -43.97 -50.11
N ASN F 198 14.23 -42.92 -49.31
CA ASN F 198 14.05 -41.58 -49.83
C ASN F 198 15.37 -40.83 -49.77
N GLU F 199 15.78 -40.26 -50.90
CA GLU F 199 17.06 -39.55 -50.92
C GLU F 199 16.95 -38.20 -50.22
N ASN F 200 16.02 -37.36 -50.68
CA ASN F 200 15.71 -36.12 -49.98
C ASN F 200 14.69 -36.40 -48.88
N ALA F 201 15.10 -36.28 -47.63
CA ALA F 201 14.24 -36.57 -46.49
C ALA F 201 14.35 -35.44 -45.48
N TYR F 202 13.33 -35.32 -44.64
CA TYR F 202 13.30 -34.31 -43.58
C TYR F 202 12.73 -34.92 -42.30
N VAL F 203 13.11 -34.32 -41.17
CA VAL F 203 12.56 -34.67 -39.86
C VAL F 203 12.05 -33.38 -39.21
N SER F 204 10.81 -33.42 -38.72
CA SER F 204 10.18 -32.24 -38.12
C SER F 204 9.69 -32.58 -36.72
N VAL F 205 10.09 -31.77 -35.75
CA VAL F 205 9.62 -31.87 -34.36
C VAL F 205 9.04 -30.52 -33.97
N VAL F 206 7.73 -30.49 -33.70
CA VAL F 206 7.02 -29.26 -33.43
C VAL F 206 6.19 -29.41 -32.17
N SER F 207 6.26 -28.42 -31.29
CA SER F 207 5.38 -28.31 -30.13
C SER F 207 4.81 -26.90 -30.07
N SER F 208 4.13 -26.55 -28.97
CA SER F 208 3.60 -25.19 -28.84
C SER F 208 4.70 -24.16 -28.68
N ASN F 209 5.80 -24.52 -28.01
CA ASN F 209 6.91 -23.61 -27.77
C ASN F 209 8.18 -23.99 -28.52
N TYR F 210 8.14 -25.07 -29.32
CA TYR F 210 9.32 -25.55 -30.00
C TYR F 210 8.99 -25.89 -31.45
N ASN F 211 9.85 -25.43 -32.37
CA ASN F 211 9.64 -25.66 -33.79
C ASN F 211 11.01 -25.76 -34.46
N ARG F 212 11.31 -26.92 -35.02
CA ARG F 212 12.60 -27.12 -35.69
C ARG F 212 12.47 -28.24 -36.72
N ARG F 213 13.12 -28.05 -37.86
CA ARG F 213 13.17 -29.03 -38.93
C ARG F 213 14.62 -29.41 -39.21
N PHE F 214 14.87 -30.71 -39.40
CA PHE F 214 16.20 -31.24 -39.59
C PHE F 214 16.34 -31.83 -40.98
N THR F 215 17.40 -31.45 -41.68
CA THR F 215 17.70 -31.96 -43.01
C THR F 215 18.96 -32.81 -42.97
N PRO F 216 18.88 -34.10 -43.26
CA PRO F 216 20.08 -34.95 -43.24
C PRO F 216 21.13 -34.47 -44.24
N GLU F 217 22.39 -34.55 -43.81
CA GLU F 217 23.53 -34.16 -44.62
C GLU F 217 24.39 -35.38 -44.90
N ILE F 218 24.74 -35.58 -46.17
CA ILE F 218 25.51 -36.73 -46.62
C ILE F 218 26.86 -36.25 -47.11
N ALA F 219 27.93 -36.77 -46.50
CA ALA F 219 29.28 -36.37 -46.87
C ALA F 219 30.27 -37.42 -46.37
N GLU F 220 31.47 -37.39 -46.95
CA GLU F 220 32.56 -38.25 -46.50
C GLU F 220 33.10 -37.76 -45.17
N ARG F 221 33.12 -38.63 -44.17
CA ARG F 221 33.54 -38.26 -42.83
C ARG F 221 34.55 -39.27 -42.30
N PRO F 222 35.46 -38.84 -41.44
CA PRO F 222 36.37 -39.80 -40.79
C PRO F 222 35.60 -40.74 -39.85
N LYS F 223 36.10 -41.96 -39.75
CA LYS F 223 35.43 -42.99 -38.97
C LYS F 223 35.70 -42.78 -37.49
N VAL F 224 34.63 -42.64 -36.71
CA VAL F 224 34.70 -42.61 -35.26
C VAL F 224 33.98 -43.86 -34.75
N ARG F 225 34.70 -44.70 -34.01
CA ARG F 225 34.20 -46.01 -33.58
C ARG F 225 33.74 -46.83 -34.79
N GLY F 226 34.50 -46.74 -35.87
CA GLY F 226 34.19 -47.47 -37.09
C GLY F 226 32.90 -47.06 -37.75
N GLN F 227 32.53 -45.78 -37.65
CA GLN F 227 31.29 -45.29 -38.23
C GLN F 227 31.55 -43.96 -38.92
N ALA F 228 31.32 -43.92 -40.23
CA ALA F 228 31.44 -42.67 -40.98
C ALA F 228 30.20 -41.79 -40.84
N GLY F 229 29.05 -42.39 -40.51
CA GLY F 229 27.85 -41.62 -40.28
C GLY F 229 27.83 -40.95 -38.92
N ARG F 230 26.88 -40.04 -38.75
CA ARG F 230 26.73 -39.29 -37.51
C ARG F 230 25.27 -39.26 -37.09
N MET F 231 25.04 -39.28 -35.78
CA MET F 231 23.73 -39.10 -35.19
C MET F 231 23.77 -37.88 -34.27
N ASN F 232 22.95 -36.89 -34.58
CA ASN F 232 22.82 -35.70 -33.75
C ASN F 232 21.63 -35.87 -32.82
N TYR F 233 21.88 -35.76 -31.52
CA TYR F 233 20.87 -35.98 -30.51
C TYR F 233 20.29 -34.65 -30.04
N TYR F 234 18.97 -34.58 -29.95
CA TYR F 234 18.26 -33.37 -29.57
C TYR F 234 17.31 -33.68 -28.43
N TRP F 235 16.90 -32.64 -27.72
CA TRP F 235 15.99 -32.81 -26.60
C TRP F 235 15.13 -31.57 -26.46
N THR F 236 13.98 -31.74 -25.80
CA THR F 236 13.10 -30.63 -25.48
C THR F 236 12.25 -31.02 -24.28
N LEU F 237 11.69 -30.01 -23.63
CA LEU F 237 10.81 -30.20 -22.48
C LEU F 237 9.39 -29.86 -22.90
N LEU F 238 8.48 -30.83 -22.76
CA LEU F 238 7.08 -30.66 -23.10
C LEU F 238 6.31 -30.28 -21.85
N GLU F 239 5.76 -29.07 -21.83
CA GLU F 239 4.99 -28.59 -20.68
C GLU F 239 3.67 -29.35 -20.58
N PRO F 240 3.09 -29.41 -19.38
CA PRO F 240 1.82 -30.13 -19.21
C PRO F 240 0.73 -29.59 -20.13
N GLY F 241 0.00 -30.51 -20.75
CA GLY F 241 -1.05 -30.18 -21.68
C GLY F 241 -0.60 -29.91 -23.10
N ASP F 242 0.69 -29.77 -23.34
CA ASP F 242 1.19 -29.50 -24.68
C ASP F 242 1.28 -30.79 -25.49
N THR F 243 1.22 -30.63 -26.81
CA THR F 243 1.31 -31.75 -27.74
C THR F 243 2.54 -31.57 -28.62
N ILE F 244 3.30 -32.65 -28.78
CA ILE F 244 4.49 -32.65 -29.63
C ILE F 244 4.22 -33.60 -30.80
N ILE F 245 4.57 -33.16 -32.00
CA ILE F 245 4.29 -33.90 -33.23
C ILE F 245 5.61 -34.18 -33.94
N PHE F 246 5.82 -35.45 -34.29
CA PHE F 246 7.00 -35.89 -35.02
C PHE F 246 6.58 -36.20 -36.45
N GLU F 247 7.12 -35.44 -37.40
CA GLU F 247 6.87 -35.64 -38.82
C GLU F 247 8.20 -35.88 -39.51
N ALA F 248 8.34 -37.04 -40.15
CA ALA F 248 9.61 -37.38 -40.77
C ALA F 248 9.36 -38.32 -41.95
N THR F 249 10.24 -38.22 -42.95
CA THR F 249 10.26 -39.13 -44.09
C THR F 249 11.49 -40.03 -44.09
N GLY F 250 12.24 -40.05 -43.00
CA GLY F 250 13.43 -40.87 -42.90
C GLY F 250 14.47 -40.22 -42.02
N ASN F 251 15.50 -40.99 -41.70
CA ASN F 251 16.65 -40.55 -40.91
C ASN F 251 16.27 -40.10 -39.51
N LEU F 252 15.12 -40.55 -39.00
CA LEU F 252 14.65 -40.14 -37.68
C LEU F 252 14.92 -41.25 -36.67
N ILE F 253 15.50 -40.89 -35.53
CA ILE F 253 15.70 -41.79 -34.42
C ILE F 253 14.61 -41.47 -33.41
N ALA F 254 13.57 -42.29 -33.41
CA ALA F 254 12.35 -41.95 -32.69
C ALA F 254 12.54 -42.10 -31.18
N PRO F 255 11.83 -41.30 -30.38
CA PRO F 255 11.90 -41.45 -28.93
C PRO F 255 11.13 -42.68 -28.46
N TRP F 256 11.86 -43.70 -28.00
CA TRP F 256 11.21 -44.90 -27.50
C TRP F 256 10.72 -44.70 -26.06
N TYR F 257 11.53 -44.06 -25.22
CA TYR F 257 11.17 -43.84 -23.83
C TYR F 257 11.41 -42.39 -23.48
N ALA F 258 10.59 -41.87 -22.57
CA ALA F 258 10.70 -40.49 -22.10
C ALA F 258 10.63 -40.47 -20.58
N PHE F 259 10.87 -39.29 -20.01
CA PHE F 259 10.93 -39.11 -18.58
C PHE F 259 10.04 -37.95 -18.17
N ALA F 260 9.20 -38.16 -17.15
CA ALA F 260 8.37 -37.12 -16.56
C ALA F 260 9.11 -36.56 -15.35
N LEU F 261 9.48 -35.28 -15.44
CA LEU F 261 10.39 -34.67 -14.48
C LEU F 261 9.63 -34.06 -13.31
N SER F 262 10.15 -34.27 -12.10
CA SER F 262 9.68 -33.61 -10.89
C SER F 262 10.85 -32.79 -10.33
N ARG F 263 10.70 -31.48 -10.32
CA ARG F 263 11.80 -30.59 -9.99
C ARG F 263 11.96 -30.44 -8.48
N GLY F 264 13.21 -30.33 -8.04
CA GLY F 264 13.52 -30.07 -6.65
C GLY F 264 14.58 -29.00 -6.51
N SER F 265 15.08 -28.79 -5.30
CA SER F 265 16.10 -27.79 -5.04
C SER F 265 17.23 -28.39 -4.22
N GLY F 266 18.44 -27.88 -4.43
CA GLY F 266 19.61 -28.33 -3.71
C GLY F 266 20.36 -29.49 -4.33
N SER F 267 19.88 -30.04 -5.44
CA SER F 267 20.57 -31.13 -6.10
C SER F 267 21.68 -30.59 -7.00
N GLY F 268 22.54 -31.49 -7.46
CA GLY F 268 23.64 -31.09 -8.30
C GLY F 268 24.40 -32.29 -8.84
N ILE F 269 25.35 -31.99 -9.72
CA ILE F 269 26.15 -33.00 -10.39
C ILE F 269 27.60 -32.76 -10.02
N ILE F 270 28.24 -33.77 -9.43
CA ILE F 270 29.61 -33.67 -8.98
C ILE F 270 30.41 -34.83 -9.56
N THR F 271 31.73 -34.64 -9.66
CA THR F 271 32.66 -35.67 -10.12
C THR F 271 33.49 -36.09 -8.91
N SER F 272 33.32 -37.34 -8.48
CA SER F 272 33.99 -37.85 -7.30
C SER F 272 34.49 -39.27 -7.57
N ASN F 273 35.66 -39.58 -7.01
CA ASN F 273 36.21 -40.92 -7.06
C ASN F 273 35.95 -41.71 -5.78
N ALA F 274 35.15 -41.17 -4.88
CA ALA F 274 34.84 -41.84 -3.62
C ALA F 274 33.77 -42.90 -3.83
N SER F 275 33.67 -43.80 -2.85
CA SER F 275 32.74 -44.93 -2.90
C SER F 275 31.57 -44.67 -1.97
N MET F 276 30.39 -45.10 -2.39
CA MET F 276 29.18 -44.91 -1.59
C MET F 276 29.18 -45.83 -0.38
N HIS F 277 28.90 -45.25 0.79
CA HIS F 277 28.82 -45.99 2.04
C HIS F 277 27.51 -45.67 2.73
N GLU F 278 27.05 -46.60 3.58
CA GLU F 278 25.77 -46.45 4.28
C GLU F 278 25.94 -45.45 5.41
N CYS F 279 25.94 -44.17 5.04
CA CYS F 279 26.04 -43.08 6.00
C CYS F 279 25.12 -41.94 5.56
N ASN F 280 24.75 -41.11 6.53
CA ASN F 280 23.91 -39.94 6.29
C ASN F 280 24.66 -38.69 6.73
N THR F 281 24.58 -37.65 5.92
CA THR F 281 25.31 -36.42 6.19
C THR F 281 24.47 -35.22 5.79
N LYS F 282 24.84 -34.06 6.33
CA LYS F 282 24.25 -32.79 5.95
C LYS F 282 25.12 -32.00 4.98
N CYS F 283 26.35 -32.43 4.74
CA CYS F 283 27.27 -31.76 3.84
C CYS F 283 28.07 -32.80 3.07
N GLN F 284 28.02 -32.76 1.74
CA GLN F 284 28.73 -33.72 0.91
C GLN F 284 29.62 -32.98 -0.08
N THR F 285 30.87 -33.44 -0.19
CA THR F 285 31.85 -32.93 -1.12
C THR F 285 32.40 -34.08 -1.95
N PRO F 286 33.00 -33.79 -3.11
CA PRO F 286 33.59 -34.89 -3.91
C PRO F 286 34.65 -35.68 -3.17
N GLN F 287 35.32 -35.07 -2.18
CA GLN F 287 36.33 -35.80 -1.42
C GLN F 287 35.71 -36.60 -0.27
N GLY F 288 34.59 -36.14 0.26
CA GLY F 288 33.94 -36.85 1.35
C GLY F 288 32.88 -35.98 1.99
N ALA F 289 32.12 -36.60 2.88
CA ALA F 289 31.07 -35.90 3.61
C ALA F 289 31.64 -35.16 4.80
N ILE F 290 30.97 -34.09 5.20
CA ILE F 290 31.39 -33.25 6.32
C ILE F 290 30.27 -33.19 7.34
N ASN F 291 30.59 -33.51 8.59
CA ASN F 291 29.69 -33.35 9.73
C ASN F 291 30.36 -32.37 10.68
N SER F 292 30.10 -31.08 10.47
CA SER F 292 30.76 -30.04 11.24
C SER F 292 29.85 -28.82 11.33
N SER F 293 29.89 -28.14 12.46
CA SER F 293 29.19 -26.88 12.67
C SER F 293 30.11 -25.67 12.53
N LEU F 294 31.33 -25.87 12.06
CA LEU F 294 32.27 -24.78 11.91
C LEU F 294 31.87 -23.88 10.74
N PRO F 295 32.23 -22.59 10.79
CA PRO F 295 31.83 -21.69 9.70
C PRO F 295 32.63 -21.88 8.41
N PHE F 296 33.86 -22.37 8.49
CA PHE F 296 34.74 -22.46 7.33
C PHE F 296 35.29 -23.86 7.18
N GLN F 297 35.56 -24.23 5.92
CA GLN F 297 36.22 -25.48 5.59
C GLN F 297 37.14 -25.26 4.39
N ASN F 298 38.21 -26.06 4.32
CA ASN F 298 39.15 -25.97 3.20
C ASN F 298 39.28 -27.31 2.48
N ILE F 299 38.24 -28.12 2.52
CA ILE F 299 38.30 -29.45 1.91
C ILE F 299 38.05 -29.36 0.41
N HIS F 300 36.91 -28.81 0.01
CA HIS F 300 36.57 -28.75 -1.41
C HIS F 300 35.58 -27.63 -1.67
N PRO F 301 35.71 -26.89 -2.76
CA PRO F 301 34.73 -25.83 -3.05
C PRO F 301 33.35 -26.35 -3.42
N VAL F 302 33.25 -27.56 -3.98
CA VAL F 302 31.96 -28.11 -4.38
C VAL F 302 31.27 -28.65 -3.14
N THR F 303 30.05 -28.18 -2.87
CA THR F 303 29.32 -28.55 -1.69
C THR F 303 27.87 -28.85 -2.05
N ILE F 304 27.25 -29.74 -1.28
CA ILE F 304 25.83 -30.08 -1.42
C ILE F 304 25.21 -30.06 -0.03
N GLY F 305 24.19 -29.23 0.14
CA GLY F 305 23.54 -29.08 1.43
C GLY F 305 24.07 -27.89 2.21
N GLU F 306 23.90 -27.97 3.53
CA GLU F 306 24.41 -26.93 4.43
C GLU F 306 25.87 -27.25 4.74
N CYS F 307 26.77 -26.38 4.30
CA CYS F 307 28.20 -26.62 4.40
C CYS F 307 28.89 -25.35 4.85
N PRO F 308 30.06 -25.48 5.47
CA PRO F 308 30.88 -24.28 5.75
C PRO F 308 31.43 -23.69 4.46
N LYS F 309 31.68 -22.38 4.49
CA LYS F 309 32.23 -21.71 3.32
C LYS F 309 33.64 -22.20 3.03
N TYR F 310 33.92 -22.45 1.75
CA TYR F 310 35.23 -22.91 1.34
C TYR F 310 36.21 -21.74 1.30
N VAL F 311 37.40 -21.94 1.87
CA VAL F 311 38.46 -20.95 1.86
C VAL F 311 39.78 -21.64 1.59
N ARG F 312 40.76 -20.86 1.14
CA ARG F 312 42.10 -21.37 0.89
C ARG F 312 43.02 -21.25 2.10
N SER F 313 42.50 -20.79 3.23
CA SER F 313 43.34 -20.58 4.41
C SER F 313 43.87 -21.89 4.96
N THR F 314 45.15 -21.89 5.35
CA THR F 314 45.75 -23.06 5.99
C THR F 314 45.36 -23.17 7.46
N LYS F 315 45.17 -22.04 8.14
CA LYS F 315 44.83 -22.05 9.55
C LYS F 315 43.94 -20.86 9.87
N LEU F 316 42.92 -21.10 10.70
CA LEU F 316 42.02 -20.05 11.18
C LEU F 316 41.76 -20.33 12.66
N ARG F 317 42.62 -19.77 13.53
CA ARG F 317 42.52 -19.97 14.97
C ARG F 317 42.23 -18.62 15.62
N MET F 318 41.15 -18.56 16.39
CA MET F 318 40.73 -17.33 17.06
C MET F 318 40.98 -17.43 18.55
N VAL F 319 41.42 -16.33 19.15
CA VAL F 319 41.75 -16.32 20.57
C VAL F 319 40.47 -16.25 21.38
N THR F 320 40.35 -17.13 22.37
CA THR F 320 39.29 -17.05 23.36
C THR F 320 39.81 -16.93 24.78
N GLY F 321 41.12 -17.02 24.98
CA GLY F 321 41.70 -16.95 26.30
C GLY F 321 42.84 -15.95 26.41
N LEU F 322 43.70 -16.16 27.38
CA LEU F 322 44.82 -15.28 27.68
C LEU F 322 46.11 -15.79 27.09
N ARG F 323 47.13 -14.94 27.18
CA ARG F 323 48.48 -15.34 26.78
C ARG F 323 49.05 -16.32 27.78
N ASN F 324 49.76 -17.32 27.28
CA ASN F 324 50.35 -18.33 28.17
C ASN F 324 51.74 -17.92 28.62
N ILE F 325 52.44 -17.11 27.84
CA ILE F 325 53.73 -16.58 28.21
C ILE F 325 53.60 -15.18 28.80
N ILE F 341 53.16 -6.52 35.76
CA ILE F 341 52.50 -7.75 36.17
C ILE F 341 53.43 -8.93 35.95
N GLU F 342 53.26 -9.97 36.77
CA GLU F 342 54.13 -11.15 36.72
C GLU F 342 53.70 -12.05 35.55
N GLY F 343 54.23 -13.26 35.53
CA GLY F 343 53.88 -14.25 34.52
C GLY F 343 52.51 -14.84 34.77
N GLY F 344 52.30 -16.02 34.16
CA GLY F 344 51.04 -16.73 34.31
C GLY F 344 51.07 -17.68 35.49
N TRP F 345 50.01 -17.65 36.29
CA TRP F 345 49.93 -18.50 37.47
C TRP F 345 49.41 -19.84 37.00
N THR F 346 50.31 -20.84 36.92
CA THR F 346 49.89 -22.18 36.53
C THR F 346 49.04 -22.83 37.62
N GLY F 347 49.22 -22.43 38.87
CA GLY F 347 48.43 -23.02 39.94
C GLY F 347 47.00 -22.55 39.97
N MET F 348 46.75 -21.30 39.55
CA MET F 348 45.40 -20.76 39.56
C MET F 348 44.59 -21.34 38.41
N ILE F 349 43.90 -22.46 38.66
CA ILE F 349 43.13 -23.14 37.64
C ILE F 349 41.65 -22.76 37.67
N ASP F 350 41.22 -22.01 38.69
CA ASP F 350 39.79 -21.73 38.84
C ASP F 350 39.28 -20.69 37.85
N GLY F 351 40.11 -19.71 37.49
CA GLY F 351 39.64 -18.67 36.60
C GLY F 351 40.78 -17.96 35.90
N TRP F 352 40.41 -17.03 35.03
CA TRP F 352 41.38 -16.27 34.26
C TRP F 352 42.06 -15.20 35.10
N TYR F 353 41.31 -14.51 35.95
CA TYR F 353 41.82 -13.46 36.82
C TYR F 353 41.62 -13.86 38.28
N GLY F 354 42.56 -13.50 39.14
CA GLY F 354 42.42 -13.86 40.53
C GLY F 354 43.45 -13.19 41.41
N TYR F 355 43.49 -13.67 42.65
CA TYR F 355 44.32 -13.10 43.70
C TYR F 355 45.14 -14.18 44.38
N HIS F 356 46.17 -13.76 45.09
CA HIS F 356 46.96 -14.65 45.93
C HIS F 356 46.86 -14.21 47.38
N HIS F 357 46.93 -15.17 48.29
CA HIS F 357 46.71 -14.93 49.71
C HIS F 357 48.04 -14.94 50.44
N GLN F 358 48.31 -13.86 51.18
CA GLN F 358 49.56 -13.77 51.94
C GLN F 358 49.57 -14.78 53.09
N ASN F 359 48.46 -14.89 53.82
CA ASN F 359 48.36 -15.81 54.95
C ASN F 359 47.07 -16.63 54.88
N TYR F 365 46.29 -19.50 46.22
CA TYR F 365 45.85 -19.00 44.92
C TYR F 365 44.33 -19.04 44.81
N ALA F 366 43.74 -17.88 44.56
CA ALA F 366 42.29 -17.76 44.38
C ALA F 366 42.00 -17.03 43.08
N ALA F 367 40.77 -17.17 42.59
CA ALA F 367 40.36 -16.61 41.32
C ALA F 367 39.19 -15.65 41.53
N ASP F 368 39.20 -14.54 40.80
CA ASP F 368 38.10 -13.58 40.83
C ASP F 368 37.07 -14.03 39.80
N GLN F 369 36.01 -14.68 40.28
CA GLN F 369 35.01 -15.21 39.37
C GLN F 369 34.20 -14.10 38.71
N LYS F 370 33.91 -13.04 39.46
CA LYS F 370 33.05 -11.97 38.95
C LYS F 370 33.70 -11.28 37.75
N SER F 371 35.02 -11.05 37.80
CA SER F 371 35.69 -10.44 36.67
C SER F 371 35.86 -11.45 35.52
N THR F 372 36.10 -12.72 35.85
CA THR F 372 36.27 -13.74 34.83
C THR F 372 34.96 -14.03 34.11
N GLN F 373 33.85 -14.10 34.85
CA GLN F 373 32.57 -14.41 34.23
C GLN F 373 32.15 -13.33 33.24
N ASN F 374 32.45 -12.06 33.56
CA ASN F 374 32.14 -10.98 32.63
C ASN F 374 32.99 -11.08 31.36
N ALA F 375 34.25 -11.47 31.50
CA ALA F 375 35.11 -11.63 30.33
C ALA F 375 34.69 -12.82 29.48
N ILE F 376 34.27 -13.91 30.10
CA ILE F 376 33.85 -15.09 29.36
C ILE F 376 32.60 -14.78 28.53
N ASN F 377 31.64 -14.06 29.12
CA ASN F 377 30.42 -13.73 28.39
C ASN F 377 30.71 -12.84 27.20
N GLY F 378 31.63 -11.87 27.36
CA GLY F 378 31.98 -11.01 26.25
C GLY F 378 32.69 -11.76 25.13
N ILE F 379 33.58 -12.67 25.49
CA ILE F 379 34.29 -13.46 24.49
C ILE F 379 33.34 -14.44 23.80
N THR F 380 32.43 -15.05 24.57
CA THR F 380 31.49 -16.00 23.98
C THR F 380 30.60 -15.31 22.95
N ASN F 381 30.16 -14.08 23.24
CA ASN F 381 29.38 -13.33 22.26
C ASN F 381 30.23 -12.96 21.04
N LYS F 382 31.53 -12.70 21.25
CA LYS F 382 32.41 -12.36 20.14
C LYS F 382 32.55 -13.53 19.17
N VAL F 383 32.75 -14.75 19.70
CA VAL F 383 32.88 -15.91 18.83
C VAL F 383 31.57 -16.20 18.11
N ASN F 384 30.44 -16.10 18.82
CA ASN F 384 29.15 -16.34 18.21
C ASN F 384 28.80 -15.27 17.16
N SER F 385 29.22 -14.03 17.38
CA SER F 385 28.92 -12.97 16.43
C SER F 385 29.63 -13.22 15.09
N VAL F 386 30.87 -13.69 15.13
CA VAL F 386 31.59 -13.96 13.88
C VAL F 386 30.93 -15.10 13.13
N ILE F 387 30.57 -16.18 13.84
CA ILE F 387 29.90 -17.31 13.19
C ILE F 387 28.54 -16.91 12.66
N GLU F 388 27.84 -16.03 13.38
CA GLU F 388 26.53 -15.56 12.93
C GLU F 388 26.63 -14.81 11.60
N LYS F 389 27.68 -13.99 11.45
CA LYS F 389 27.83 -13.22 10.23
C LYS F 389 28.12 -14.11 9.02
N MET F 390 28.92 -15.16 9.20
CA MET F 390 29.27 -16.06 8.11
C MET F 390 28.12 -17.03 7.85
N ASN F 391 27.39 -16.80 6.76
CA ASN F 391 26.26 -17.65 6.42
C ASN F 391 26.73 -19.00 5.88
N THR F 392 25.86 -20.00 5.99
CA THR F 392 26.16 -21.34 5.53
C THR F 392 26.14 -21.41 4.00
N GLN F 393 27.16 -22.05 3.43
CA GLN F 393 27.21 -22.25 2.00
C GLN F 393 26.27 -23.38 1.58
N PHE F 394 25.38 -23.09 0.64
CA PHE F 394 24.44 -24.07 0.13
C PHE F 394 25.07 -24.75 -1.09
N THR F 395 24.27 -25.46 -1.87
CA THR F 395 24.82 -26.27 -2.96
C THR F 395 25.57 -25.40 -3.97
N ALA F 396 26.84 -25.75 -4.21
CA ALA F 396 27.67 -25.10 -5.20
C ALA F 396 28.27 -26.18 -6.10
N VAL F 397 27.85 -26.19 -7.37
CA VAL F 397 28.22 -27.25 -8.31
C VAL F 397 28.87 -26.63 -9.53
N GLY F 398 29.89 -27.30 -10.06
CA GLY F 398 30.53 -26.82 -11.26
C GLY F 398 29.67 -26.98 -12.50
N LYS F 399 29.95 -26.14 -13.48
CA LYS F 399 29.22 -26.11 -14.74
C LYS F 399 30.14 -26.51 -15.89
N GLU F 400 29.55 -27.04 -16.95
CA GLU F 400 30.30 -27.48 -18.12
C GLU F 400 30.02 -26.58 -19.32
N PHE F 401 31.02 -26.43 -20.18
CA PHE F 401 30.95 -25.57 -21.35
C PHE F 401 31.57 -26.28 -22.54
N ASN F 402 31.06 -26.00 -23.74
CA ASN F 402 31.60 -26.62 -24.95
C ASN F 402 32.81 -25.82 -25.44
N ASN F 403 33.37 -26.26 -26.57
CA ASN F 403 34.60 -25.67 -27.09
C ASN F 403 34.39 -24.26 -27.64
N LEU F 404 33.16 -23.88 -27.93
CA LEU F 404 32.85 -22.53 -28.38
C LEU F 404 32.26 -21.67 -27.27
N GLU F 405 32.53 -22.02 -26.00
CA GLU F 405 32.04 -21.28 -24.85
C GLU F 405 33.18 -20.97 -23.88
N LYS F 406 34.38 -20.73 -24.42
CA LYS F 406 35.53 -20.43 -23.56
C LYS F 406 35.36 -19.11 -22.82
N ARG F 407 34.74 -18.12 -23.47
CA ARG F 407 34.50 -16.84 -22.81
C ARG F 407 33.58 -17.02 -21.61
N MET F 408 32.50 -17.78 -21.78
CA MET F 408 31.61 -18.07 -20.65
C MET F 408 32.33 -18.90 -19.59
N GLU F 409 33.15 -19.87 -20.02
CA GLU F 409 33.91 -20.68 -19.07
C GLU F 409 34.87 -19.82 -18.25
N ASN F 410 35.56 -18.89 -18.91
CA ASN F 410 36.49 -18.03 -18.19
C ASN F 410 35.75 -17.03 -17.31
N LEU F 411 34.61 -16.52 -17.77
CA LEU F 411 33.81 -15.61 -16.94
C LEU F 411 33.32 -16.31 -15.67
N ASN F 412 32.87 -17.56 -15.81
CA ASN F 412 32.47 -18.34 -14.64
C ASN F 412 33.66 -18.58 -13.72
N LYS F 413 34.84 -18.86 -14.30
CA LYS F 413 36.03 -19.08 -13.49
C LYS F 413 36.45 -17.79 -12.78
N LYS F 414 36.32 -16.64 -13.46
CA LYS F 414 36.64 -15.38 -12.82
C LYS F 414 35.73 -15.10 -11.64
N VAL F 415 34.43 -15.41 -11.79
CA VAL F 415 33.48 -15.18 -10.71
C VAL F 415 33.80 -16.09 -9.53
N ASP F 416 34.02 -17.38 -9.79
CA ASP F 416 34.31 -18.32 -8.71
C ASP F 416 35.61 -17.98 -8.00
N ASP F 417 36.66 -17.65 -8.76
CA ASP F 417 37.94 -17.32 -8.14
C ASP F 417 37.87 -15.99 -7.41
N GLY F 418 37.13 -15.02 -7.96
CA GLY F 418 37.03 -13.72 -7.31
C GLY F 418 36.32 -13.78 -5.97
N PHE F 419 35.20 -14.49 -5.92
CA PHE F 419 34.48 -14.62 -4.65
C PHE F 419 35.26 -15.44 -3.65
N LEU F 420 35.94 -16.50 -4.11
CA LEU F 420 36.78 -17.28 -3.21
C LEU F 420 37.94 -16.44 -2.67
N ASP F 421 38.50 -15.58 -3.51
CA ASP F 421 39.59 -14.71 -3.09
C ASP F 421 39.14 -13.74 -2.00
N ILE F 422 37.95 -13.17 -2.15
CA ILE F 422 37.47 -12.18 -1.19
C ILE F 422 37.14 -12.84 0.15
N TRP F 423 36.44 -13.96 0.12
CA TRP F 423 36.03 -14.60 1.37
C TRP F 423 37.22 -15.14 2.14
N THR F 424 38.23 -15.66 1.44
CA THR F 424 39.46 -16.06 2.11
C THR F 424 40.14 -14.86 2.76
N TYR F 425 40.16 -13.72 2.06
CA TYR F 425 40.71 -12.50 2.62
C TYR F 425 39.90 -12.04 3.83
N ASN F 426 38.57 -12.10 3.74
CA ASN F 426 37.73 -11.64 4.85
C ASN F 426 37.88 -12.53 6.07
N ALA F 427 37.96 -13.84 5.88
CA ALA F 427 38.06 -14.77 7.01
C ALA F 427 39.38 -14.59 7.74
N GLU F 428 40.49 -14.53 6.99
CA GLU F 428 41.80 -14.40 7.63
C GLU F 428 41.95 -13.04 8.31
N LEU F 429 41.47 -11.98 7.67
CA LEU F 429 41.63 -10.63 8.23
C LEU F 429 40.83 -10.46 9.51
N LEU F 430 39.59 -10.97 9.54
CA LEU F 430 38.76 -10.84 10.73
C LEU F 430 39.39 -11.55 11.92
N VAL F 431 39.97 -12.73 11.68
CA VAL F 431 40.62 -13.47 12.76
C VAL F 431 41.82 -12.70 13.30
N LEU F 432 42.63 -12.13 12.40
CA LEU F 432 43.81 -11.39 12.84
C LEU F 432 43.43 -10.16 13.64
N LEU F 433 42.40 -9.42 13.21
CA LEU F 433 41.99 -8.21 13.91
C LEU F 433 41.40 -8.53 15.28
N GLU F 434 40.57 -9.57 15.36
CA GLU F 434 39.96 -9.92 16.64
C GLU F 434 40.97 -10.54 17.60
N ASN F 435 41.98 -11.23 17.07
CA ASN F 435 43.02 -11.79 17.94
C ASN F 435 43.80 -10.69 18.65
N GLU F 436 44.15 -9.62 17.92
CA GLU F 436 44.83 -8.50 18.54
C GLU F 436 43.90 -7.77 19.52
N ARG F 437 42.62 -7.64 19.17
CA ARG F 437 41.67 -6.97 20.05
C ARG F 437 41.42 -7.79 21.31
N THR F 438 41.33 -9.11 21.18
CA THR F 438 41.09 -9.96 22.35
C THR F 438 42.26 -9.90 23.32
N LEU F 439 43.50 -9.94 22.80
CA LEU F 439 44.66 -9.88 23.68
C LEU F 439 44.76 -8.54 24.39
N ASP F 440 44.45 -7.45 23.69
CA ASP F 440 44.43 -6.14 24.33
C ASP F 440 43.27 -6.02 25.32
N PHE F 441 42.16 -6.71 25.04
CA PHE F 441 41.03 -6.69 25.96
C PHE F 441 41.40 -7.36 27.29
N HIS F 442 42.18 -8.45 27.25
CA HIS F 442 42.55 -9.14 28.48
C HIS F 442 43.55 -8.33 29.29
N ASP F 443 44.52 -7.71 28.63
CA ASP F 443 45.52 -6.91 29.34
C ASP F 443 44.88 -5.72 30.04
N SER F 444 43.86 -5.12 29.42
CA SER F 444 43.16 -4.00 30.05
C SER F 444 42.39 -4.46 31.28
N ASN F 445 41.78 -5.65 31.21
CA ASN F 445 41.00 -6.15 32.34
C ASN F 445 41.89 -6.44 33.54
N VAL F 446 43.08 -7.03 33.30
CA VAL F 446 43.98 -7.30 34.40
C VAL F 446 44.52 -6.00 34.98
N LYS F 447 44.72 -4.99 34.13
CA LYS F 447 45.13 -3.68 34.62
C LYS F 447 44.01 -3.02 35.41
N ASN F 448 42.76 -3.17 34.96
CA ASN F 448 41.63 -2.59 35.68
C ASN F 448 41.45 -3.27 37.03
N LEU F 449 41.70 -4.58 37.10
CA LEU F 449 41.63 -5.29 38.37
C LEU F 449 42.70 -4.78 39.33
N TYR F 450 43.90 -4.52 38.81
CA TYR F 450 44.96 -3.97 39.66
C TYR F 450 44.61 -2.57 40.16
N GLU F 451 44.06 -1.73 39.30
CA GLU F 451 43.67 -0.38 39.71
C GLU F 451 42.49 -0.40 40.67
N LYS F 452 41.57 -1.37 40.51
CA LYS F 452 40.43 -1.47 41.40
C LYS F 452 40.88 -1.75 42.83
N VAL F 453 41.86 -2.64 43.01
CA VAL F 453 42.41 -2.90 44.33
C VAL F 453 43.13 -1.67 44.86
N LYS F 454 43.89 -0.99 43.99
CA LYS F 454 44.64 0.19 44.41
C LYS F 454 43.71 1.29 44.92
N SER F 455 42.59 1.51 44.24
CA SER F 455 41.62 2.51 44.65
C SER F 455 40.99 2.15 45.99
N GLU F 463 52.18 -0.40 47.70
CA GLU F 463 52.22 -0.76 46.28
C GLU F 463 53.63 -1.13 45.86
N ILE F 464 53.89 -2.44 45.73
CA ILE F 464 55.22 -2.89 45.33
C ILE F 464 55.50 -2.51 43.88
N GLY F 465 54.49 -2.56 43.02
CA GLY F 465 54.65 -2.21 41.62
C GLY F 465 54.84 -3.39 40.70
N ASN F 466 54.99 -4.61 41.24
CA ASN F 466 55.17 -5.81 40.44
C ASN F 466 53.88 -6.60 40.27
N GLY F 467 52.74 -5.96 40.51
CA GLY F 467 51.45 -6.62 40.48
C GLY F 467 50.98 -7.15 41.82
N CYS F 468 51.79 -7.03 42.87
CA CYS F 468 51.43 -7.49 44.20
C CYS F 468 51.29 -6.31 45.15
N PHE F 469 50.55 -6.53 46.23
CA PHE F 469 50.38 -5.53 47.28
C PHE F 469 50.79 -6.15 48.61
N GLU F 470 51.63 -5.44 49.36
CA GLU F 470 52.10 -5.88 50.67
C GLU F 470 51.32 -5.12 51.74
N PHE F 471 50.51 -5.84 52.51
CA PHE F 471 49.71 -5.23 53.55
C PHE F 471 50.56 -4.89 54.77
N TYR F 472 50.53 -3.62 55.18
CA TYR F 472 51.20 -3.22 56.41
C TYR F 472 50.45 -3.68 57.65
N HIS F 473 49.14 -3.94 57.53
CA HIS F 473 48.31 -4.39 58.63
C HIS F 473 48.00 -5.89 58.47
N LYS F 474 47.23 -6.41 59.41
CA LYS F 474 46.87 -7.82 59.41
C LYS F 474 45.64 -8.04 58.53
N CYS F 475 45.78 -8.88 57.51
CA CYS F 475 44.68 -9.22 56.62
C CYS F 475 44.49 -10.74 56.67
N ASP F 476 43.50 -11.18 57.44
CA ASP F 476 43.16 -12.60 57.57
C ASP F 476 42.28 -13.00 56.38
N ASN F 477 41.72 -14.21 56.43
CA ASN F 477 40.85 -14.67 55.35
C ASN F 477 39.65 -13.76 55.18
N GLU F 478 39.02 -13.36 56.28
CA GLU F 478 37.88 -12.44 56.18
C GLU F 478 38.30 -11.08 55.63
N CYS F 479 39.46 -10.59 56.05
CA CYS F 479 39.97 -9.33 55.51
C CYS F 479 40.24 -9.43 54.02
N MET F 480 40.89 -10.51 53.58
CA MET F 480 41.19 -10.69 52.17
C MET F 480 39.93 -10.90 51.34
N GLU F 481 38.98 -11.71 51.83
CA GLU F 481 37.76 -11.95 51.08
C GLU F 481 36.98 -10.66 50.84
N SER F 482 37.00 -9.76 51.82
CA SER F 482 36.37 -8.45 51.64
C SER F 482 37.08 -7.65 50.55
N VAL F 483 38.41 -7.70 50.55
CA VAL F 483 39.18 -7.03 49.51
C VAL F 483 38.88 -7.62 48.14
N LYS F 484 38.76 -8.96 48.07
CA LYS F 484 38.42 -9.60 46.81
C LYS F 484 37.05 -9.13 46.31
N ASN F 485 36.08 -9.00 47.22
CA ASN F 485 34.77 -8.48 46.85
C ASN F 485 34.79 -6.98 46.60
N GLY F 486 35.84 -6.28 47.05
CA GLY F 486 35.89 -4.83 46.94
C GLY F 486 35.42 -4.07 48.16
N THR F 487 34.87 -4.75 49.16
CA THR F 487 34.27 -4.09 50.33
C THR F 487 35.28 -4.00 51.47
N TYR F 488 36.36 -3.26 51.21
CA TYR F 488 37.42 -3.01 52.19
C TYR F 488 37.28 -1.62 52.79
N ASP F 489 37.31 -1.54 54.13
CA ASP F 489 37.20 -0.28 54.86
C ASP F 489 38.60 0.21 55.24
N TYR F 490 39.03 1.31 54.62
CA TYR F 490 40.32 1.90 54.96
C TYR F 490 40.43 2.34 56.41
N PRO F 491 39.46 3.04 57.01
CA PRO F 491 39.56 3.37 58.45
C PRO F 491 39.68 2.15 59.34
N LYS F 492 39.10 1.02 58.95
CA LYS F 492 39.09 -0.17 59.79
C LYS F 492 40.50 -0.62 60.13
N TYR F 493 41.45 -0.44 59.22
CA TYR F 493 42.84 -0.79 59.46
C TYR F 493 43.74 0.43 59.32
N SER F 494 43.26 1.58 59.79
CA SER F 494 44.05 2.80 59.78
C SER F 494 44.78 2.99 61.11
C1 NAG G . -64.14 -8.45 -0.06
C2 NAG G . -64.73 -8.75 -1.44
C3 NAG G . -65.03 -10.23 -1.58
C4 NAG G . -63.78 -11.06 -1.30
C5 NAG G . -63.21 -10.70 0.08
C6 NAG G . -61.89 -11.37 0.37
C7 NAG G . -65.92 -6.75 -2.22
C8 NAG G . -67.26 -6.08 -2.38
N2 NAG G . -65.94 -7.96 -1.66
O3 NAG G . -65.53 -10.49 -2.89
O4 NAG G . -64.10 -12.44 -1.33
O5 NAG G . -62.98 -9.28 0.15
O6 NAG G . -61.27 -10.83 1.53
O7 NAG G . -64.89 -6.22 -2.60
C1 NAG G . -63.32 -13.09 -2.36
C2 NAG G . -63.30 -14.59 -2.08
C3 NAG G . -62.50 -15.31 -3.17
C4 NAG G . -63.02 -14.94 -4.55
C5 NAG G . -63.11 -13.44 -4.72
C6 NAG G . -63.78 -13.01 -6.01
C7 NAG G . -63.52 -15.06 0.32
C8 NAG G . -62.79 -15.34 1.60
N2 NAG G . -62.76 -14.87 -0.76
O3 NAG G . -62.58 -16.71 -2.97
O4 NAG G . -62.12 -15.46 -5.53
O5 NAG G . -63.88 -12.86 -3.66
O6 NAG G . -65.17 -13.27 -5.99
O7 NAG G . -64.75 -14.99 0.27
C1 BMA G . -62.78 -16.41 -6.40
C2 BMA G . -61.83 -16.70 -7.57
C3 BMA G . -62.46 -17.71 -8.50
C4 BMA G . -62.89 -18.97 -7.73
C5 BMA G . -63.82 -18.59 -6.56
C6 BMA G . -64.22 -19.78 -5.69
O2 BMA G . -60.63 -17.27 -7.09
O3 BMA G . -61.58 -18.06 -9.58
O4 BMA G . -63.58 -19.86 -8.60
O5 BMA G . -63.13 -17.63 -5.73
O6 BMA G . -65.26 -19.36 -4.84
C1 MAN G . -62.27 -17.80 -10.82
C2 MAN G . -61.68 -18.78 -11.88
C3 MAN G . -60.25 -18.37 -12.25
C4 MAN G . -60.19 -16.89 -12.65
C5 MAN G . -60.77 -16.01 -11.55
C6 MAN G . -60.86 -14.55 -11.96
O2 MAN G . -62.41 -18.73 -13.10
O3 MAN G . -59.72 -19.18 -13.29
O4 MAN G . -58.83 -16.52 -12.89
O5 MAN G . -62.12 -16.45 -11.22
O6 MAN G . -61.59 -14.48 -13.18
C1 NAG H . -51.58 6.88 34.20
C2 NAG H . -53.08 6.77 34.51
C3 NAG H . -53.45 7.67 35.69
C4 NAG H . -52.52 7.43 36.88
C5 NAG H . -51.06 7.50 36.44
C6 NAG H . -50.09 7.13 37.53
C7 NAG H . -54.51 6.26 32.56
C8 NAG H . -55.25 6.84 31.40
N2 NAG H . -53.85 7.15 33.32
O3 NAG H . -54.79 7.40 36.09
O4 NAG H . -52.76 8.43 37.85
O5 NAG H . -50.85 6.56 35.37
O6 NAG H . -49.96 5.72 37.63
O7 NAG H . -54.48 5.06 32.78
C1 NAG H . -53.09 7.89 39.15
C2 NAG H . -53.12 9.08 40.11
C3 NAG H . -53.49 8.61 41.52
C4 NAG H . -54.79 7.81 41.49
C5 NAG H . -54.68 6.68 40.47
C6 NAG H . -55.96 5.89 40.31
C7 NAG H . -51.61 10.88 39.40
C8 NAG H . -50.23 11.46 39.52
N2 NAG H . -51.84 9.77 40.11
O3 NAG H . -53.64 9.74 42.37
O4 NAG H . -55.06 7.26 42.78
O5 NAG H . -54.36 7.22 39.18
O6 NAG H . -57.02 6.72 39.84
O7 NAG H . -52.46 11.38 38.68
C1 NAG I . -51.14 -9.18 13.02
C2 NAG I . -49.72 -8.76 13.38
C3 NAG I . -48.74 -9.19 12.30
C4 NAG I . -48.91 -10.66 11.96
C5 NAG I . -50.38 -10.97 11.64
C6 NAG I . -50.65 -12.43 11.40
C7 NAG I . -49.07 -6.76 14.66
C8 NAG I . -49.06 -5.26 14.68
N2 NAG I . -49.64 -7.33 13.60
O3 NAG I . -47.40 -8.96 12.74
O4 NAG I . -48.07 -11.01 10.86
O5 NAG I . -51.18 -10.58 12.76
O6 NAG I . -51.97 -12.63 10.89
O7 NAG I . -48.59 -7.42 15.58
C1 NAG I . -47.15 -12.06 11.25
C2 NAG I . -46.41 -12.42 9.97
C3 NAG I . -45.37 -13.52 10.22
C4 NAG I . -44.43 -13.11 11.35
C5 NAG I . -45.21 -12.71 12.59
C6 NAG I . -44.35 -12.17 13.72
C7 NAG I . -48.25 -13.65 8.68
C8 NAG I . -48.43 -14.65 9.80
N2 NAG I . -47.29 -12.71 8.83
O3 NAG I . -44.62 -13.68 9.02
O4 NAG I . -43.62 -14.23 11.68
O5 NAG I . -46.19 -11.69 12.29
O6 NAG I . -45.13 -11.62 14.78
O7 NAG I . -48.93 -13.72 7.66
C1 NAG J . 43.27 -0.94 -44.67
C2 NAG J . 42.57 -1.20 -46.00
C3 NAG J . 42.41 0.10 -46.79
C4 NAG J . 41.69 1.14 -45.93
C5 NAG J . 42.43 1.34 -44.62
C6 NAG J . 41.70 2.27 -43.67
C7 NAG J . 43.00 -3.49 -46.78
C8 NAG J . 43.86 -4.37 -47.65
N2 NAG J . 43.30 -2.19 -46.79
O3 NAG J . 41.69 -0.15 -47.98
O4 NAG J . 41.63 2.37 -46.64
O5 NAG J . 42.56 0.08 -43.95
O6 NAG J . 42.34 2.32 -42.39
O7 NAG J . 42.09 -3.94 -46.10
C1 NAG J . 40.24 2.72 -46.82
C2 NAG J . 40.16 4.22 -47.08
C3 NAG J . 38.71 4.65 -47.32
C4 NAG J . 38.06 3.79 -48.40
C5 NAG J . 38.27 2.30 -48.11
C6 NAG J . 37.80 1.39 -49.23
C7 NAG J . 41.99 5.44 -45.97
C8 NAG J . 42.42 6.19 -44.75
N2 NAG J . 40.74 4.96 -45.97
O3 NAG J . 38.66 6.02 -47.68
O4 NAG J . 36.68 4.08 -48.46
O5 NAG J . 39.67 2.02 -47.93
O6 NAG J . 38.64 1.50 -50.36
O7 NAG J . 42.74 5.27 -46.93
C1 BMA J . 36.23 4.34 -49.81
C2 BMA J . 34.77 4.85 -49.74
C3 BMA J . 34.27 5.05 -51.16
C4 BMA J . 35.21 5.97 -51.97
C5 BMA J . 36.68 5.46 -51.88
C6 BMA J . 37.67 6.41 -52.53
O2 BMA J . 34.71 6.11 -49.10
O3 BMA J . 32.95 5.57 -51.18
O4 BMA J . 34.82 5.99 -53.33
O5 BMA J . 37.04 5.31 -50.49
O6 BMA J . 38.97 5.83 -52.45
C1 NAG K . 63.29 -2.45 -10.89
C2 NAG K . 64.25 -2.93 -11.98
C3 NAG K . 65.66 -3.20 -11.40
C4 NAG K . 66.14 -2.02 -10.56
C5 NAG K . 65.07 -1.67 -9.53
C6 NAG K . 65.45 -0.46 -8.69
C7 NAG K . 63.10 -4.09 -13.82
C8 NAG K . 62.65 -5.43 -14.36
N2 NAG K . 63.74 -4.12 -12.65
O3 NAG K . 66.58 -3.41 -12.47
O4 NAG K . 67.34 -2.37 -9.88
O5 NAG K . 63.85 -1.34 -10.19
O6 NAG K . 64.46 -0.20 -7.71
O7 NAG K . 62.87 -3.05 -14.42
C1 NAG K . 68.46 -1.64 -10.40
C2 NAG K . 69.53 -1.46 -9.31
C3 NAG K . 70.76 -0.76 -9.89
C4 NAG K . 71.28 -1.52 -11.09
C5 NAG K . 70.18 -1.68 -12.13
C6 NAG K . 70.60 -2.54 -13.30
C7 NAG K . 68.54 -1.30 -7.07
C8 NAG K . 68.04 -0.38 -6.00
N2 NAG K . 69.01 -0.71 -8.18
O3 NAG K . 71.76 -0.67 -8.88
O4 NAG K . 72.36 -0.81 -11.70
O5 NAG K . 69.03 -2.33 -11.54
O6 NAG K . 71.74 -1.99 -13.96
O7 NAG K . 68.55 -2.53 -6.94
C1 NAG L . 44.55 5.86 -27.69
C2 NAG L . 43.97 5.85 -26.27
C3 NAG L . 42.46 6.06 -26.31
C4 NAG L . 42.11 7.31 -27.09
C5 NAG L . 42.73 7.22 -28.48
C6 NAG L . 42.51 8.46 -29.32
C7 NAG L . 44.70 4.52 -24.32
C8 NAG L . 44.98 3.13 -23.81
N2 NAG L . 44.29 4.60 -25.59
O3 NAG L . 41.94 6.17 -24.98
O4 NAG L . 40.70 7.47 -27.20
O5 NAG L . 44.15 7.07 -28.35
O6 NAG L . 43.18 9.58 -28.75
O7 NAG L . 44.85 5.51 -23.62
C1 NAG L . 40.29 8.71 -26.59
C2 NAG L . 38.85 9.00 -27.02
C3 NAG L . 38.30 10.25 -26.32
C4 NAG L . 38.57 10.21 -24.81
C5 NAG L . 40.04 9.89 -24.55
C6 NAG L . 40.37 9.75 -23.09
C7 NAG L . 38.59 8.15 -29.31
C8 NAG L . 38.52 8.50 -30.77
N2 NAG L . 38.75 9.17 -28.47
O3 NAG L . 36.90 10.35 -26.54
O4 NAG L . 38.24 11.47 -24.25
O5 NAG L . 40.36 8.65 -25.18
O6 NAG L . 39.63 8.69 -22.49
O7 NAG L . 38.52 6.99 -28.93
C1 BMA L . 37.29 11.31 -23.17
C2 BMA L . 37.69 12.27 -22.03
C3 BMA L . 36.70 12.12 -20.89
C4 BMA L . 35.26 12.31 -21.39
C5 BMA L . 34.97 11.36 -22.57
C6 BMA L . 33.58 11.54 -23.17
O2 BMA L . 37.63 13.61 -22.47
O3 BMA L . 36.99 13.03 -19.84
O4 BMA L . 34.35 12.05 -20.33
O5 BMA L . 35.94 11.58 -23.60
O6 BMA L . 32.63 11.14 -22.18
C1 NAG M . -47.92 40.83 -11.04
C2 NAG M . -49.02 40.71 -12.11
C3 NAG M . -50.17 41.67 -11.81
C4 NAG M . -50.70 41.43 -10.40
C5 NAG M . -49.57 41.60 -9.40
C6 NAG M . -49.99 41.35 -7.97
C7 NAG M . -47.95 40.01 -14.21
C8 NAG M . -47.43 40.44 -15.54
N2 NAG M . -48.48 40.97 -13.44
O3 NAG M . -51.20 41.49 -12.78
O4 NAG M . -51.73 42.37 -10.09
O5 NAG M . -48.52 40.67 -9.70
O6 NAG M . -49.38 42.27 -7.08
O7 NAG M . -47.89 38.84 -13.83
C1 NAG M . -52.96 41.67 -9.82
C2 NAG M . -53.86 42.51 -8.90
C3 NAG M . -55.19 41.78 -8.67
C4 NAG M . -55.86 41.49 -10.00
C5 NAG M . -54.92 40.66 -10.88
C6 NAG M . -55.50 40.43 -12.27
C7 NAG M . -52.45 43.88 -7.44
C8 NAG M . -51.86 44.03 -6.07
N2 NAG M . -53.22 42.80 -7.64
O3 NAG M . -56.03 42.58 -7.85
O4 NAG M . -57.08 40.79 -9.80
O5 NAG M . -53.67 41.35 -11.06
O6 NAG M . -56.53 39.46 -12.23
O7 NAG M . -52.27 44.71 -8.32
C1 BMA M . -58.19 41.64 -10.19
C2 BMA M . -59.50 40.84 -10.03
C3 BMA M . -60.66 41.73 -10.46
C4 BMA M . -60.66 43.07 -9.71
C5 BMA M . -59.29 43.76 -9.83
C6 BMA M . -59.19 45.02 -9.00
O2 BMA M . -59.74 40.52 -8.66
O3 BMA M . -61.92 41.07 -10.29
O4 BMA M . -61.67 43.92 -10.23
O5 BMA M . -58.25 42.84 -9.40
O6 BMA M . -58.06 45.75 -9.43
C1 NAG N . -19.89 -0.36 -27.13
C2 NAG N . -20.57 0.02 -28.45
C3 NAG N . -19.54 0.61 -29.40
C4 NAG N . -18.83 1.79 -28.76
C5 NAG N . -18.19 1.36 -27.44
C6 NAG N . -17.58 2.52 -26.67
C7 NAG N . -22.48 -1.49 -28.75
C8 NAG N . -23.00 -2.69 -29.47
N2 NAG N . -21.23 -1.12 -29.05
O3 NAG N . -20.19 1.01 -30.60
O4 NAG N . -17.83 2.28 -29.65
O5 NAG N . -19.19 0.79 -26.58
O6 NAG N . -17.13 2.11 -25.37
O7 NAG N . -23.14 -0.88 -27.92
C1 NAG N . -18.14 3.65 -29.96
C2 NAG N . -16.86 4.32 -30.42
C3 NAG N . -17.13 5.79 -30.75
C4 NAG N . -18.28 5.91 -31.73
C5 NAG N . -19.50 5.12 -31.25
C6 NAG N . -20.62 5.08 -32.28
C7 NAG N . -14.80 3.35 -29.51
C8 NAG N . -13.81 3.35 -28.38
N2 NAG N . -15.81 4.20 -29.41
O3 NAG N . -15.96 6.39 -31.30
O4 NAG N . -18.64 7.28 -31.89
O5 NAG N . -19.13 3.75 -31.00
O6 NAG N . -20.34 4.13 -33.30
O7 NAG N . -14.68 2.59 -30.47
C1 BMA N . -18.33 7.67 -33.24
C2 BMA N . -19.26 8.82 -33.66
C3 BMA N . -18.91 9.20 -35.09
C4 BMA N . -17.42 9.56 -35.21
C5 BMA N . -16.56 8.40 -34.69
C6 BMA N . -15.08 8.71 -34.66
O2 BMA N . -19.02 9.96 -32.87
O3 BMA N . -19.75 10.25 -35.58
O4 BMA N . -17.11 9.81 -36.57
O5 BMA N . -16.96 8.08 -33.35
O6 BMA N . -14.56 8.49 -35.96
C1 MAN N . -20.83 9.62 -36.32
C2 MAN N . -21.05 10.43 -37.63
C3 MAN N . -21.70 11.79 -37.31
C4 MAN N . -22.97 11.59 -36.46
C5 MAN N . -22.62 10.83 -35.18
C6 MAN N . -23.84 10.53 -34.32
O2 MAN N . -21.95 9.77 -38.50
O3 MAN N . -22.02 12.51 -38.50
O4 MAN N . -23.50 12.87 -36.12
O5 MAN N . -22.01 9.56 -35.53
O6 MAN N . -24.83 9.96 -35.18
C1 MAN N . -13.24 9.08 -36.02
C2 MAN N . -12.83 9.14 -37.50
C3 MAN N . -12.55 7.74 -38.05
C4 MAN N . -11.58 6.97 -37.14
C5 MAN N . -12.11 6.94 -35.69
C6 MAN N . -11.16 6.28 -34.71
O2 MAN N . -11.60 9.86 -37.66
O3 MAN N . -12.06 7.77 -39.38
O4 MAN N . -11.44 5.63 -37.61
O5 MAN N . -12.33 8.31 -35.23
O6 MAN N . -11.22 4.87 -34.90
C1 NAG O . -37.85 -10.88 -44.03
C2 NAG O . -37.96 -12.09 -44.97
C3 NAG O . -36.62 -12.31 -45.69
C4 NAG O . -36.22 -11.03 -46.44
C5 NAG O . -36.15 -9.86 -45.47
C6 NAG O . -35.88 -8.54 -46.16
C7 NAG O . -39.60 -13.79 -44.32
C8 NAG O . -39.84 -15.03 -43.51
N2 NAG O . -38.36 -13.29 -44.25
O3 NAG O . -36.72 -13.39 -46.60
O4 NAG O . -34.95 -11.18 -47.07
O5 NAG O . -37.41 -9.70 -44.77
O6 NAG O . -34.53 -8.49 -46.61
O7 NAG O . -40.47 -13.27 -45.00
C1 NAG O . -35.18 -11.27 -48.50
C2 NAG O . -33.89 -11.56 -49.31
C3 NAG O . -34.25 -11.66 -50.78
C4 NAG O . -35.31 -12.73 -51.00
C5 NAG O . -36.54 -12.49 -50.14
C6 NAG O . -37.51 -13.64 -50.18
C7 NAG O . -32.14 -10.48 -47.95
C8 NAG O . -31.10 -9.40 -47.93
N2 NAG O . -32.85 -10.56 -49.09
O3 NAG O . -33.07 -11.94 -51.52
O4 NAG O . -35.69 -12.81 -52.37
O5 NAG O . -36.16 -12.32 -48.75
O6 NAG O . -36.84 -14.87 -49.89
O7 NAG O . -32.31 -11.25 -47.02
C1 NAG P . -4.58 -10.35 -24.96
C2 NAG P . -5.09 -11.19 -26.13
C3 NAG P . -6.36 -11.94 -25.74
C4 NAG P . -6.13 -12.75 -24.47
C5 NAG P . -5.60 -11.86 -23.36
C6 NAG P . -5.23 -12.61 -22.10
C7 NAG P . -4.38 -10.06 -28.19
C8 NAG P . -4.81 -9.19 -29.34
N2 NAG P . -5.34 -10.37 -27.30
O3 NAG P . -6.77 -12.78 -26.81
O4 NAG P . -7.35 -13.34 -24.03
O5 NAG P . -4.41 -11.20 -23.81
O6 NAG P . -4.68 -11.76 -21.12
O7 NAG P . -3.23 -10.48 -28.08
C1 NAG P . -7.18 -14.78 -24.04
C2 NAG P . -8.16 -15.41 -23.05
C3 NAG P . -7.98 -16.92 -23.05
C4 NAG P . -8.13 -17.49 -24.46
C5 NAG P . -7.21 -16.76 -25.44
C6 NAG P . -7.49 -17.14 -26.88
C7 NAG P . -8.65 -13.79 -21.28
C8 NAG P . -8.35 -13.37 -19.87
N2 NAG P . -7.99 -14.87 -21.71
O3 NAG P . -8.93 -17.51 -22.18
O4 NAG P . -7.78 -18.87 -24.46
O5 NAG P . -7.40 -15.33 -25.35
O6 NAG P . -7.05 -18.47 -27.16
O7 NAG P . -9.47 -13.20 -21.98
C1 BMA P . -8.93 -19.66 -24.83
C2 BMA P . -8.49 -21.12 -24.92
C3 BMA P . -9.67 -21.95 -25.39
C4 BMA P . -10.89 -21.76 -24.46
C5 BMA P . -11.21 -20.25 -24.31
C6 BMA P . -12.34 -19.95 -23.34
O2 BMA P . -8.11 -21.63 -23.66
O3 BMA P . -9.31 -23.34 -25.54
O4 BMA P . -12.01 -22.44 -24.99
O5 BMA P . -10.02 -19.54 -23.89
O6 BMA P . -11.90 -20.31 -22.03
C1 MAN P . -8.21 -23.42 -26.46
C2 MAN P . -8.79 -23.43 -27.90
C3 MAN P . -9.40 -24.79 -28.24
C4 MAN P . -8.41 -25.93 -27.92
C5 MAN P . -7.96 -25.86 -26.46
C6 MAN P . -6.90 -26.89 -26.14
O2 MAN P . -7.76 -23.23 -28.88
O3 MAN P . -9.82 -24.86 -29.60
O4 MAN P . -9.05 -27.18 -28.16
O5 MAN P . -7.38 -24.56 -26.19
O6 MAN P . -5.87 -26.76 -27.11
C1 NAG Q . 12.28 12.68 26.06
C2 NAG Q . 10.81 13.09 25.93
C3 NAG Q . 10.65 14.20 24.88
C4 NAG Q . 11.63 15.34 25.15
C5 NAG Q . 13.04 14.80 25.33
C6 NAG Q . 14.06 15.87 25.68
C7 NAG Q . 9.43 11.12 26.48
C8 NAG Q . 8.61 9.99 25.93
N2 NAG Q . 9.98 11.93 25.58
O3 NAG Q . 9.32 14.68 24.91
O4 NAG Q . 11.66 16.21 24.02
O5 NAG Q . 13.06 13.83 26.37
O6 NAG Q . 15.38 15.48 25.34
O7 NAG Q . 9.59 11.28 27.68
C1 NAG Q . 10.92 17.44 24.24
C2 NAG Q . 11.44 18.47 23.22
C3 NAG Q . 10.66 19.77 23.33
C4 NAG Q . 9.16 19.51 23.22
C5 NAG Q . 8.74 18.48 24.26
C6 NAG Q . 7.28 18.11 24.16
C7 NAG Q . 13.81 18.04 22.73
C8 NAG Q . 15.23 18.43 23.04
N2 NAG Q . 12.87 18.71 23.40
O3 NAG Q . 11.07 20.65 22.28
O4 NAG Q . 8.43 20.71 23.42
O5 NAG Q . 9.50 17.28 24.08
O6 NAG Q . 6.44 19.25 24.25
O7 NAG Q . 13.55 17.17 21.91
C1 NAG R . 32.00 -48.12 -23.03
C2 NAG R . 32.00 -48.42 -24.53
C3 NAG R . 33.14 -49.37 -24.87
C4 NAG R . 34.47 -48.83 -24.36
C5 NAG R . 34.38 -48.54 -22.86
C6 NAG R . 35.62 -47.90 -22.29
C7 NAG R . 29.67 -48.25 -25.28
C8 NAG R . 28.44 -49.00 -25.68
N2 NAG R . 30.73 -48.99 -24.96
O3 NAG R . 33.19 -49.56 -26.28
O4 NAG R . 35.50 -49.78 -24.57
O5 NAG R . 33.29 -47.63 -22.63
O6 NAG R . 35.75 -48.11 -20.90
O7 NAG R . 29.69 -47.02 -25.24
C1 NAG R . 36.48 -49.15 -25.42
C2 NAG R . 37.82 -49.87 -25.22
C3 NAG R . 38.86 -49.28 -26.16
C4 NAG R . 38.36 -49.26 -27.59
C5 NAG R . 37.00 -48.58 -27.68
C6 NAG R . 36.37 -48.63 -29.06
C7 NAG R . 37.95 -50.68 -22.91
C8 NAG R . 38.49 -50.43 -21.54
N2 NAG R . 38.25 -49.78 -23.84
O3 NAG R . 40.06 -50.05 -26.08
O4 NAG R . 39.29 -48.55 -28.41
O5 NAG R . 36.08 -49.23 -26.79
O6 NAG R . 36.02 -49.96 -29.42
O7 NAG R . 37.27 -51.68 -23.17
C1 BMA R . 39.70 -49.37 -29.51
C2 BMA R . 40.68 -48.54 -30.32
C3 BMA R . 41.09 -49.33 -31.55
C4 BMA R . 41.64 -50.73 -31.15
C5 BMA R . 40.63 -51.46 -30.22
C6 BMA R . 41.15 -52.79 -29.68
O2 BMA R . 41.87 -48.31 -29.58
O3 BMA R . 42.02 -48.61 -32.34
O4 BMA R . 41.85 -51.52 -32.32
O5 BMA R . 40.32 -50.59 -29.10
O6 BMA R . 42.38 -52.56 -29.02
C1 MAN R . 41.32 -47.71 -33.22
C2 MAN R . 42.23 -47.46 -34.43
C3 MAN R . 43.44 -46.62 -33.99
C4 MAN R . 43.04 -45.36 -33.24
C5 MAN R . 42.11 -45.72 -32.09
C6 MAN R . 41.55 -44.50 -31.38
O2 MAN R . 41.57 -46.69 -35.45
O3 MAN R . 44.27 -46.30 -35.10
O4 MAN R . 44.20 -44.73 -32.71
O5 MAN R . 40.98 -46.48 -32.59
O6 MAN R . 42.62 -43.82 -30.74
C1 MAN R . 42.85 -53.83 -28.49
C2 MAN R . 43.82 -53.53 -27.31
C3 MAN R . 45.13 -52.95 -27.84
C4 MAN R . 45.72 -53.83 -28.95
C5 MAN R . 44.69 -54.03 -30.07
C6 MAN R . 45.17 -54.99 -31.16
O2 MAN R . 44.19 -54.73 -26.64
O3 MAN R . 46.09 -52.74 -26.81
O4 MAN R . 46.89 -53.23 -29.49
O5 MAN R . 43.47 -54.59 -29.51
O6 MAN R . 44.16 -55.08 -32.15
C1 NAG S . -81.42 2.13 -17.92
C2 NAG S . -82.87 2.46 -18.26
C3 NAG S . -83.81 1.41 -17.66
C4 NAG S . -83.38 0.01 -18.11
C5 NAG S . -81.90 -0.23 -17.80
C6 NAG S . -81.38 -1.53 -18.35
C7 NAG S . -83.29 4.87 -18.56
C8 NAG S . -83.68 6.15 -17.89
N2 NAG S . -83.23 3.79 -17.77
O3 NAG S . -85.13 1.67 -18.06
O4 NAG S . -84.16 -0.98 -17.44
O5 NAG S . -81.10 0.81 -18.38
O6 NAG S . -81.86 -1.79 -19.67
O7 NAG S . -83.03 4.81 -19.76
C1 NAG T . -36.74 -6.57 49.81
C2 NAG T . -37.59 -6.95 48.58
C3 NAG T . -38.82 -6.04 48.49
C4 NAG T . -39.59 -6.09 49.80
C5 NAG T . -38.69 -5.77 50.98
C6 NAG T . -39.37 -5.92 52.32
C7 NAG T . -36.24 -7.95 46.78
C8 NAG T . -35.50 -7.69 45.51
N2 NAG T . -36.82 -6.88 47.36
O3 NAG T . -39.63 -6.45 47.41
O4 NAG T . -40.66 -5.14 49.78
O5 NAG T . -37.55 -6.66 50.99
O6 NAG T . -40.47 -5.02 52.44
O7 NAG T . -36.33 -9.07 47.27
C1 NAG U . -24.78 -10.24 32.92
C2 NAG U . -23.81 -11.17 32.19
C3 NAG U . -24.39 -11.57 30.83
C4 NAG U . -25.79 -12.15 31.00
C5 NAG U . -26.67 -11.19 31.81
C6 NAG U . -28.03 -11.76 32.12
C7 NAG U . -21.42 -10.96 32.70
C8 NAG U . -20.15 -10.22 32.40
N2 NAG U . -22.50 -10.56 32.03
O3 NAG U . -23.54 -12.53 30.22
O4 NAG U . -26.38 -12.40 29.74
O5 NAG U . -26.05 -10.88 33.06
O6 NAG U . -27.93 -12.91 32.96
O7 NAG U . -21.45 -11.89 33.51
C1 NAG V . -25.10 19.70 66.87
C2 NAG V . -25.11 20.19 68.31
C3 NAG V . -26.35 21.04 68.56
C4 NAG V . -26.48 22.14 67.51
C5 NAG V . -26.38 21.55 66.10
C6 NAG V . -26.37 22.60 65.01
C7 NAG V . -23.92 18.75 69.90
C8 NAG V . -24.03 17.58 70.84
N2 NAG V . -25.04 19.09 69.24
O3 NAG V . -26.27 21.63 69.85
O4 NAG V . -27.72 22.82 67.66
O5 NAG V . -25.16 20.80 65.97
O6 NAG V . -26.50 22.00 63.73
O7 NAG V . -22.86 19.36 69.74
C1 NAG W . 63.62 17.31 5.09
C2 NAG W . 63.18 17.19 3.63
C3 NAG W . 64.09 16.20 2.90
C4 NAG W . 65.54 16.62 3.04
C5 NAG W . 65.91 16.78 4.52
C6 NAG W . 67.31 17.32 4.70
C7 NAG W . 60.77 17.65 3.35
C8 NAG W . 59.41 17.05 3.23
N2 NAG W . 61.79 16.78 3.52
O3 NAG W . 63.71 16.13 1.53
O4 NAG W . 66.40 15.64 2.47
O5 NAG W . 65.02 17.71 5.15
O6 NAG W . 68.27 16.46 4.10
O7 NAG W . 60.97 18.85 3.31
C1 NAG X . 41.79 -19.54 -64.77
C2 NAG X . 40.96 -18.33 -65.21
C3 NAG X . 41.55 -17.73 -66.49
C4 NAG X . 43.03 -17.40 -66.27
C5 NAG X . 43.79 -18.63 -65.82
C6 NAG X . 45.24 -18.34 -65.51
C7 NAG X . 38.64 -18.68 -64.48
C8 NAG X . 37.26 -19.09 -64.90
N2 NAG X . 39.57 -18.71 -65.44
O3 NAG X . 40.82 -16.56 -66.84
O4 NAG X . 43.62 -16.93 -67.49
O5 NAG X . 43.19 -19.14 -64.62
O6 NAG X . 45.87 -17.69 -66.60
O7 NAG X . 38.90 -18.30 -63.34
C1 NAG Y . 42.83 17.45 3.22
C2 NAG Y . 41.37 17.85 3.05
C3 NAG Y . 41.03 17.95 1.56
C4 NAG Y . 41.98 18.91 0.85
C5 NAG Y . 43.42 18.46 1.07
C6 NAG Y . 44.43 19.43 0.49
C7 NAG Y . 39.85 17.21 4.87
C8 NAG Y . 38.94 16.14 5.39
N2 NAG Y . 40.47 16.93 3.71
O3 NAG Y . 39.68 18.40 1.41
O4 NAG Y . 41.73 18.91 -0.54
O5 NAG Y . 43.70 18.37 2.48
O6 NAG Y . 44.17 19.67 -0.89
O7 NAG Y . 40.01 18.27 5.44
C1 NAG Z . 73.59 1.17 32.26
C2 NAG Z . 74.71 1.25 33.30
C3 NAG Z . 76.01 0.75 32.68
C4 NAG Z . 75.83 -0.65 32.10
C5 NAG Z . 74.67 -0.67 31.11
C6 NAG Z . 74.37 -2.05 30.59
C7 NAG Z . 74.25 3.07 34.88
C8 NAG Z . 74.55 4.49 35.25
N2 NAG Z . 74.88 2.60 33.79
O3 NAG Z . 77.04 0.75 33.67
O4 NAG Z . 77.01 -1.06 31.41
O5 NAG Z . 73.47 -0.18 31.76
O6 NAG Z . 75.47 -2.58 29.86
O7 NAG Z . 73.49 2.37 35.54
C1 NAG AA . -16.47 44.25 37.84
C2 NAG AA . -16.76 45.66 38.36
C3 NAG AA . -16.42 46.67 37.27
C4 NAG AA . -15.00 46.50 36.79
C5 NAG AA . -14.71 45.04 36.40
C6 NAG AA . -13.25 44.78 36.11
C7 NAG AA . -18.65 45.21 39.89
C8 NAG AA . -20.10 45.47 40.16
N2 NAG AA . -18.14 45.79 38.79
O3 NAG AA . -16.64 47.99 37.75
O4 NAG AA . -14.74 47.33 35.66
O5 NAG AA . -15.09 44.15 37.46
O6 NAG AA . -12.40 45.30 37.13
O7 NAG AA . -17.96 44.50 40.63
C1 NAG BA . -31.14 29.74 36.37
C2 NAG BA . -32.55 29.34 36.81
C3 NAG BA . -33.57 29.76 35.74
C4 NAG BA . -33.44 31.24 35.43
C5 NAG BA . -32.00 31.58 35.06
C6 NAG BA . -31.77 33.06 34.86
C7 NAG BA . -32.69 27.38 38.29
C8 NAG BA . -32.76 25.89 38.36
N2 NAG BA . -32.63 27.91 37.06
O3 NAG BA . -34.88 29.48 36.20
O4 NAG BA . -34.31 31.61 34.37
O5 NAG BA . -31.11 31.16 36.10
O6 NAG BA . -32.25 33.83 35.95
O7 NAG BA . -32.67 28.09 39.30
C1 NAG CA . -50.26 39.58 -37.70
C2 NAG CA . -49.68 40.48 -38.79
C3 NAG CA . -50.11 41.92 -38.56
C4 NAG CA . -51.64 42.01 -38.48
C5 NAG CA . -52.17 41.03 -37.43
C6 NAG CA . -53.68 40.97 -37.40
C7 NAG CA . -47.58 39.66 -39.76
C8 NAG CA . -46.08 39.67 -39.67
N2 NAG CA . -48.23 40.38 -38.84
O3 NAG CA . -49.63 42.74 -39.61
O4 NAG CA . -52.03 43.34 -38.15
O5 NAG CA . -51.70 39.71 -37.69
O6 NAG CA . -54.15 40.35 -36.20
O7 NAG CA . -48.17 39.03 -40.64
C1 NAG DA . -15.85 40.44 11.99
C2 NAG DA . -15.34 41.60 11.11
C3 NAG DA . -13.89 41.92 11.45
C4 NAG DA . -13.74 42.19 12.94
C5 NAG DA . -14.29 41.01 13.75
C6 NAG DA . -14.27 41.26 15.24
C7 NAG DA . -16.42 41.83 8.91
C8 NAG DA . -16.40 41.39 7.48
N2 NAG DA . -15.47 41.28 9.70
O3 NAG DA . -13.47 43.05 10.71
O4 NAG DA . -12.37 42.38 13.28
O5 NAG DA . -15.66 40.78 13.38
O6 NAG DA . -12.97 41.56 15.71
O7 NAG DA . -17.22 42.64 9.34
C1 NAG EA . 10.79 -2.70 21.31
C2 NAG EA . 11.43 -2.93 19.94
C3 NAG EA . 11.09 -4.31 19.41
C4 NAG EA . 11.37 -5.39 20.45
C5 NAG EA . 10.69 -5.03 21.77
C6 NAG EA . 10.97 -6.00 22.89
C7 NAG EA . 11.77 -0.82 18.71
C8 NAG EA . 11.18 0.15 17.72
N2 NAG EA . 11.02 -1.89 19.00
O3 NAG EA . 11.87 -4.58 18.24
O4 NAG EA . 10.90 -6.65 19.99
O5 NAG EA . 11.18 -3.75 22.20
O6 NAG EA . 10.21 -7.20 22.76
O7 NAG EA . 12.87 -0.62 19.22
C1 NAG FA . -6.64 -7.66 -51.44
C2 NAG FA . -7.35 -6.67 -52.36
C3 NAG FA . -8.78 -6.41 -51.89
C4 NAG FA . -9.53 -7.73 -51.69
C5 NAG FA . -8.72 -8.64 -50.77
C6 NAG FA . -9.36 -10.00 -50.59
C7 NAG FA . -5.85 -5.09 -53.51
C8 NAG FA . -5.16 -3.75 -53.42
N2 NAG FA . -6.60 -5.42 -52.46
O3 NAG FA . -9.46 -5.61 -52.85
O4 NAG FA . -10.81 -7.48 -51.12
O5 NAG FA . -7.42 -8.87 -51.35
O6 NAG FA . -9.19 -10.81 -51.75
O7 NAG FA . -5.72 -5.82 -54.48
C1 NAG GA . 1.34 -6.74 -5.99
C2 NAG GA . 0.00 -7.02 -5.35
C3 NAG GA . 0.19 -7.41 -3.88
C4 NAG GA . 1.17 -8.58 -3.79
C5 NAG GA . 2.47 -8.27 -4.55
C6 NAG GA . 3.40 -9.45 -4.64
C7 NAG GA . -2.08 -5.90 -6.07
C8 NAG GA . -2.85 -4.61 -6.08
N2 NAG GA . -0.89 -5.87 -5.45
O3 NAG GA . -1.06 -7.78 -3.31
O4 NAG GA . 1.47 -8.86 -2.43
O5 NAG GA . 2.16 -7.89 -5.90
O6 NAG GA . 3.98 -9.75 -3.38
O7 NAG GA . -2.50 -6.91 -6.60
C1 NAG HA . 48.14 -31.10 30.07
C2 NAG HA . 48.79 -32.44 30.42
C3 NAG HA . 47.74 -33.54 30.41
C4 NAG HA . 46.59 -33.18 31.32
C5 NAG HA . 46.03 -31.80 30.95
C6 NAG HA . 44.94 -31.32 31.88
C7 NAG HA . 51.16 -32.49 29.77
C8 NAG HA . 52.15 -32.88 28.70
N2 NAG HA . 49.87 -32.74 29.50
O3 NAG HA . 48.34 -34.76 30.85
O4 NAG HA . 45.55 -34.16 31.22
O5 NAG HA . 47.08 -30.82 31.00
O6 NAG HA . 45.37 -31.36 33.24
O7 NAG HA . 51.51 -31.96 30.82
C1 NAG IA . 55.18 -19.88 13.22
C2 NAG IA . 56.42 -19.54 12.38
C3 NAG IA . 56.44 -20.36 11.10
C4 NAG IA . 56.31 -21.84 11.40
C5 NAG IA . 55.08 -22.10 12.25
C6 NAG IA . 54.98 -23.55 12.71
C7 NAG IA . 57.11 -17.24 12.86
C8 NAG IA . 57.06 -15.81 12.42
N2 NAG IA . 56.48 -18.12 12.09
O3 NAG IA . 57.64 -20.09 10.39
O4 NAG IA . 56.22 -22.58 10.19
O5 NAG IA . 55.14 -21.30 13.45
O6 NAG IA . 56.14 -23.97 13.40
O7 NAG IA . 57.71 -17.57 13.89
C1 NAG JA . 13.36 -55.13 -41.69
C2 NAG JA . 14.82 -55.63 -41.82
C3 NAG JA . 14.82 -57.12 -42.17
C4 NAG JA . 14.03 -57.92 -41.15
C5 NAG JA . 12.60 -57.38 -41.05
C6 NAG JA . 11.78 -58.04 -39.97
C7 NAG JA . 15.92 -53.59 -42.66
C8 NAG JA . 16.73 -53.00 -43.77
N2 NAG JA . 15.58 -54.88 -42.80
O3 NAG JA . 16.18 -57.57 -42.25
O4 NAG JA . 13.98 -59.30 -41.52
O5 NAG JA . 12.64 -55.97 -40.75
O6 NAG JA . 10.47 -57.50 -39.90
O7 NAG JA . 15.61 -52.95 -41.66
C1 NAG KA . 28.15 -35.45 13.89
C2 NAG KA . 27.25 -36.68 14.06
C3 NAG KA . 26.66 -36.72 15.46
C4 NAG KA . 27.76 -36.60 16.51
C5 NAG KA . 28.60 -35.36 16.24
C6 NAG KA . 29.79 -35.23 17.17
C7 NAG KA . 26.14 -37.52 12.02
C8 NAG KA . 24.97 -37.39 11.11
N2 NAG KA . 26.18 -36.68 13.06
O3 NAG KA . 25.96 -37.95 15.65
O4 NAG KA . 27.21 -36.53 17.82
O5 NAG KA . 29.14 -35.44 14.92
O6 NAG KA . 30.82 -36.13 16.79
O7 NAG KA . 27.03 -38.34 11.82
#